data_2P5G
#
_entry.id   2P5G
#
_cell.length_a   131.628
_cell.length_b   122.272
_cell.length_c   163.871
_cell.angle_alpha   90.00
_cell.angle_beta   96.45
_cell.angle_gamma   90.00
#
_symmetry.space_group_name_H-M   'P 1 21 1'
#
loop_
_entity.id
_entity.type
_entity.pdbx_description
1 polymer 'Template DNA'
2 polymer 'Primer DNA'
3 polymer 'DNA polymerase'
4 water water
#
loop_
_entity_poly.entity_id
_entity_poly.type
_entity_poly.pdbx_seq_one_letter_code
_entity_poly.pdbx_strand_id
1 'polydeoxyribonucleotide'
;(DG)(DA)(DC)(DC)(DG)(3DR)(DC)(DT)(DT)(DA)(DT)(DG)(DA)(DC)(DA)(DG)(DC)(DC)(DG)
(DC)(DG)
;
E,G,I,K
2 'polydeoxyribonucleotide' (DG)(DC)(DG)(DG)(DC)(DT)(DG)(DT)(DC)(DA)(DT)(DA)(DA)(DG)(DA) F,H,J,L
3 'polypeptide(L)'
;(MSE)KEFYLTVEQIGDSIFERYIDSNGRERTREVEYKPSLFAHCPESQATKYFDIYGKPCTRKLFAN(MSE)RDASQWI
KR(MSE)EDIGLEALG(MSE)DDFKLAYLSDTYNYEIKYDHTKIRVANFDIEVTSPDGFPEPSQAKHPIDAITHYDSIDD
RFYVFDLLNSPYGNVEEWSIEIAAKLQEQGGDEVPSEIIDKIIY(MSE)PFDNEKELL(MSE)EYLNFWQQKTPVILTGW
NVESFAIPYVYNRIKNIFGESTAKRLSPHRKTRVKVIEN(MSE)YGSREIITLFGISVLDYIDLYKKFSFTNQPSYSLDY
ISEFELNVGKLKYDGPISKLRESNHQRYISYNIIAVYRVLQIDAKRQFINLSLD(MSE)GYYAKIQIQSVFSPIKTWDAI
IFNSLKEQNKVIPQGRSHPVQPYPGAFVKEPIPNRYKYV(MSE)SFDLTSLYPSIIRQVNISPETIAGTFKVAPLHDYIN
AVAERPSDVYSCSPNG(MSE)(MSE)YYKDRDGVVPTEITKVFNQRKEHKGY(MSE)LAAQRNGEIIKEALHNPNLSVDE
PLDVDYRFDFSDEIKEKIKKLSAKSLNE(MSE)LFRAQRTEVAG(MSE)TAQINRKLLINSLYGALGNVWFRYYDLRNAT
AITTFGQ(MSE)ALQWIERKVNEYLNEVCGTEGEAFVLYGDTDSIYVSADKIIDKVGESKFRDTNHWVDFLDKFARER
(MSE)EPAIDRGFRE(MSE)CEY(MSE)NNKQHL(MSE)F(MSE)DREAIAGPPLGSKGIGGFWTGKKRYALNVWD
(MSE)EGTRYAEPKLKI(MSE)GLETQKSSTPKAVQKALKECIRR(MSE)LQEGEESLQEYFKEFEKEFRQLNYISIASV
SSANNIAKYDVGGFPGPKCPFHIRGILTYNRAIKGNIDAPQVVEGEKVYVLPLREGNPFGDKCIAWPSGTEITDLIKDDV
LHW(MSE)DYTVLLEKTFIKPLEGFTSAAKLDYEKKASLFD(MSE)FDF
;
A,B,C,D
#
loop_
_chem_comp.id
_chem_comp.type
_chem_comp.name
_chem_comp.formula
3DR DNA linking 1',2'-DIDEOXYRIBOFURANOSE-5'-PHOSPHATE 'C5 H11 O6 P'
DA DNA linking 2'-DEOXYADENOSINE-5'-MONOPHOSPHATE 'C10 H14 N5 O6 P'
DC DNA linking 2'-DEOXYCYTIDINE-5'-MONOPHOSPHATE 'C9 H14 N3 O7 P'
DG DNA linking 2'-DEOXYGUANOSINE-5'-MONOPHOSPHATE 'C10 H14 N5 O7 P'
DT DNA linking THYMIDINE-5'-MONOPHOSPHATE 'C10 H15 N2 O8 P'
#
# COMPACT_ATOMS: atom_id res chain seq x y z
O5' 3DR E 6 -14.66 26.91 -30.90
P 3DR E 6 -13.37 26.03 -30.61
OP1 3DR E 6 -13.11 25.19 -31.80
OP2 3DR E 6 -12.32 26.92 -30.08
C2' 3DR E 6 -18.23 28.33 -31.22
C5' 3DR E 6 -15.96 26.31 -30.93
C4' 3DR E 6 -16.86 26.96 -29.90
O4' 3DR E 6 -16.45 28.33 -29.66
C1' 3DR E 6 -17.22 29.20 -30.48
C3' 3DR E 6 -18.32 27.11 -30.31
O3' 3DR E 6 -19.11 27.43 -29.17
N MSE I 1 14.71 -41.35 8.05
CA MSE I 1 13.34 -41.03 8.59
C MSE I 1 13.32 -40.89 10.12
O MSE I 1 14.17 -41.44 10.83
CB MSE I 1 12.33 -42.10 8.13
CG MSE I 1 12.61 -43.51 8.63
SE MSE I 1 11.03 -44.67 8.67
CE MSE I 1 11.00 -45.19 6.78
N LYS I 2 12.34 -40.13 10.61
CA LYS I 2 12.14 -39.93 12.04
C LYS I 2 11.54 -41.18 12.69
N GLU I 3 12.15 -41.63 13.79
CA GLU I 3 11.71 -42.85 14.49
C GLU I 3 10.29 -42.74 15.01
N PHE I 4 9.54 -43.83 14.91
CA PHE I 4 8.21 -43.93 15.50
C PHE I 4 7.93 -45.33 16.02
N TYR I 5 7.05 -45.42 17.00
CA TYR I 5 6.73 -46.68 17.65
C TYR I 5 5.66 -47.47 16.92
N LEU I 6 5.70 -48.79 17.09
CA LEU I 6 4.63 -49.65 16.57
C LEU I 6 3.69 -50.11 17.70
N THR I 7 4.22 -50.82 18.69
CA THR I 7 3.43 -51.24 19.86
C THR I 7 4.19 -50.99 21.15
N VAL I 8 3.46 -50.85 22.25
CA VAL I 8 4.08 -50.70 23.56
C VAL I 8 3.35 -51.53 24.61
N GLU I 9 4.12 -52.17 25.48
CA GLU I 9 3.57 -52.98 26.57
C GLU I 9 4.44 -52.88 27.82
N GLN I 10 3.81 -52.82 28.99
CA GLN I 10 4.52 -52.96 30.25
C GLN I 10 4.42 -54.39 30.75
N ILE I 11 5.56 -55.06 30.89
CA ILE I 11 5.61 -56.39 31.49
C ILE I 11 6.59 -56.35 32.68
N GLY I 12 6.04 -56.51 33.89
CA GLY I 12 6.83 -56.37 35.10
C GLY I 12 7.47 -54.98 35.16
N ASP I 13 8.80 -54.96 35.21
CA ASP I 13 9.54 -53.70 35.28
C ASP I 13 10.18 -53.31 33.94
N SER I 14 9.63 -53.85 32.86
CA SER I 14 10.12 -53.53 31.51
C SER I 14 9.04 -52.97 30.59
N ILE I 15 9.42 -51.98 29.78
CA ILE I 15 8.66 -51.61 28.61
C ILE I 15 9.17 -52.45 27.42
N PHE I 16 8.27 -53.21 26.80
CA PHE I 16 8.60 -53.86 25.55
C PHE I 16 7.95 -53.07 24.41
N GLU I 17 8.79 -52.43 23.63
CA GLU I 17 8.31 -51.63 22.51
C GLU I 17 8.79 -52.22 21.20
N ARG I 18 7.88 -52.31 20.23
CA ARG I 18 8.28 -52.55 18.86
C ARG I 18 8.22 -51.19 18.18
N TYR I 19 9.26 -50.87 17.42
CA TYR I 19 9.35 -49.57 16.78
C TYR I 19 10.09 -49.64 15.46
N ILE I 20 9.83 -48.68 14.59
CA ILE I 20 10.58 -48.52 13.35
C ILE I 20 11.79 -47.65 13.67
N ASP I 21 12.99 -48.16 13.37
CA ASP I 21 14.25 -47.48 13.60
C ASP I 21 14.45 -46.31 12.64
N SER I 22 15.56 -45.59 12.80
CA SER I 22 15.84 -44.42 11.96
C SER I 22 15.96 -44.75 10.46
N ASN I 23 16.36 -45.99 10.15
CA ASN I 23 16.45 -46.44 8.75
C ASN I 23 15.10 -46.85 8.15
N GLY I 24 14.32 -47.63 8.90
CA GLY I 24 13.01 -48.07 8.44
C GLY I 24 12.74 -49.53 8.75
N ARG I 25 13.64 -50.14 9.51
CA ARG I 25 13.53 -51.55 9.88
C ARG I 25 12.70 -51.70 11.15
N GLU I 26 11.90 -52.76 11.20
CA GLU I 26 11.16 -53.06 12.41
C GLU I 26 12.06 -53.78 13.38
N ARG I 27 12.10 -53.29 14.60
CA ARG I 27 12.83 -53.95 15.65
C ARG I 27 12.13 -53.78 16.99
N THR I 28 12.58 -54.56 17.96
CA THR I 28 11.99 -54.55 19.27
C THR I 28 13.07 -54.31 20.34
N ARG I 29 12.69 -53.69 21.44
CA ARG I 29 13.63 -53.33 22.50
C ARG I 29 12.99 -53.47 23.86
N GLU I 30 13.82 -53.73 24.87
CA GLU I 30 13.35 -53.79 26.25
C GLU I 30 14.04 -52.71 27.08
N VAL I 31 13.25 -51.75 27.55
CA VAL I 31 13.75 -50.64 28.36
C VAL I 31 13.28 -50.84 29.79
N GLU I 32 14.18 -50.64 30.76
CA GLU I 32 13.78 -50.63 32.16
C GLU I 32 13.50 -49.18 32.51
N TYR I 33 12.35 -48.71 32.04
CA TYR I 33 11.91 -47.33 32.17
C TYR I 33 11.82 -46.87 33.62
N LYS I 34 12.32 -45.66 33.86
CA LYS I 34 12.25 -45.01 35.16
C LYS I 34 11.19 -43.92 35.11
N PRO I 35 9.99 -44.18 35.67
CA PRO I 35 8.97 -43.15 35.62
C PRO I 35 9.17 -42.11 36.70
N SER I 36 8.64 -40.92 36.47
CA SER I 36 8.56 -39.90 37.50
C SER I 36 7.12 -39.74 37.91
N LEU I 37 6.90 -39.52 39.20
CA LEU I 37 5.63 -39.08 39.71
C LEU I 37 5.85 -37.91 40.66
N PHE I 38 4.77 -37.33 41.14
CA PHE I 38 4.87 -36.03 41.81
C PHE I 38 4.04 -35.98 43.07
N ALA I 39 4.58 -35.27 44.05
CA ALA I 39 3.86 -35.00 45.29
C ALA I 39 3.84 -33.50 45.54
N HIS I 40 2.86 -33.02 46.28
CA HIS I 40 2.89 -31.65 46.76
C HIS I 40 4.02 -31.46 47.77
N CYS I 41 4.65 -30.28 47.71
CA CYS I 41 5.77 -29.94 48.58
C CYS I 41 5.55 -28.56 49.20
N PRO I 42 6.44 -28.15 50.13
CA PRO I 42 6.30 -26.80 50.68
C PRO I 42 6.49 -25.73 49.61
N GLU I 43 5.87 -24.57 49.81
CA GLU I 43 6.12 -23.43 48.92
C GLU I 43 7.59 -22.99 49.04
N SER I 44 8.21 -23.36 50.16
CA SER I 44 9.66 -23.21 50.38
C SER I 44 10.52 -23.89 49.31
N GLN I 45 10.11 -25.07 48.88
CA GLN I 45 10.89 -25.79 47.86
C GLN I 45 10.57 -25.28 46.47
N ALA I 46 11.63 -25.10 45.67
CA ALA I 46 11.50 -24.60 44.31
C ALA I 46 11.55 -25.74 43.28
N THR I 47 10.53 -25.82 42.44
CA THR I 47 10.57 -26.73 41.31
C THR I 47 10.09 -25.98 40.08
N LYS I 48 10.16 -26.64 38.94
CA LYS I 48 9.53 -26.11 37.75
C LYS I 48 8.13 -26.70 37.61
N TYR I 49 7.81 -27.65 38.48
CA TYR I 49 6.59 -28.46 38.36
C TYR I 49 5.44 -27.94 39.22
N PHE I 50 4.32 -27.65 38.57
CA PHE I 50 3.11 -27.24 39.28
C PHE I 50 1.93 -28.07 38.82
N ASP I 51 0.98 -28.29 39.73
CA ASP I 51 -0.27 -28.93 39.33
C ASP I 51 -1.16 -27.89 38.63
N ILE I 52 -2.26 -28.35 38.05
CA ILE I 52 -3.13 -27.47 37.27
C ILE I 52 -3.78 -26.40 38.14
N TYR I 53 -3.64 -26.57 39.46
CA TYR I 53 -4.14 -25.63 40.47
C TYR I 53 -3.06 -24.63 40.90
N GLY I 54 -1.87 -24.76 40.31
CA GLY I 54 -0.76 -23.86 40.60
C GLY I 54 0.04 -24.21 41.83
N LYS I 55 -0.37 -25.23 42.57
CA LYS I 55 0.39 -25.70 43.72
C LYS I 55 1.67 -26.43 43.28
N PRO I 56 2.80 -26.20 43.99
CA PRO I 56 4.08 -26.77 43.56
C PRO I 56 4.26 -28.25 43.91
N CYS I 57 4.97 -28.98 43.04
CA CYS I 57 5.14 -30.42 43.18
C CYS I 57 6.59 -30.89 43.01
N THR I 58 6.97 -31.89 43.80
CA THR I 58 8.29 -32.52 43.72
C THR I 58 8.22 -33.62 42.70
N ARG I 59 9.18 -33.63 41.78
CA ARG I 59 9.35 -34.76 40.89
C ARG I 59 10.06 -35.89 41.63
N LYS I 60 9.49 -37.09 41.59
CA LYS I 60 10.04 -38.25 42.27
C LYS I 60 10.40 -39.28 41.22
N LEU I 61 11.69 -39.47 40.96
CA LEU I 61 12.15 -40.51 40.03
C LEU I 61 12.25 -41.87 40.74
N PHE I 62 11.84 -42.93 40.04
CA PHE I 62 11.79 -44.26 40.65
C PHE I 62 12.73 -45.21 39.92
N ALA I 63 13.32 -46.13 40.67
CA ALA I 63 14.32 -47.04 40.13
C ALA I 63 13.71 -47.92 39.04
N ASN I 64 12.42 -48.18 39.17
CA ASN I 64 11.63 -48.89 38.19
C ASN I 64 10.15 -48.63 38.45
N MSE I 65 9.29 -49.23 37.64
CA MSE I 65 7.86 -48.94 37.67
C MSE I 65 7.08 -49.57 38.81
O MSE I 65 6.01 -49.08 39.18
CB MSE I 65 7.22 -49.36 36.37
CG MSE I 65 7.66 -48.50 35.24
SE MSE I 65 6.93 -49.26 33.66
CE MSE I 65 8.22 -50.69 33.36
N ARG I 66 7.60 -50.66 39.36
CA ARG I 66 6.95 -51.32 40.48
C ARG I 66 7.11 -50.49 41.76
N ASP I 67 8.19 -49.70 41.81
CA ASP I 67 8.39 -48.74 42.88
C ASP I 67 7.38 -47.60 42.83
N ALA I 68 6.97 -47.24 41.61
CA ALA I 68 6.02 -46.16 41.41
C ALA I 68 4.62 -46.59 41.86
N SER I 69 4.18 -47.76 41.40
CA SER I 69 2.87 -48.29 41.77
C SER I 69 2.73 -48.48 43.28
N GLN I 70 3.77 -49.07 43.89
CA GLN I 70 3.79 -49.32 45.32
C GLN I 70 3.83 -48.02 46.13
N TRP I 71 4.38 -46.96 45.53
CA TRP I 71 4.31 -45.62 46.11
C TRP I 71 2.89 -45.04 46.05
N ILE I 72 2.22 -45.22 44.92
CA ILE I 72 0.84 -44.75 44.73
C ILE I 72 -0.12 -45.38 45.74
N LYS I 73 -0.03 -46.69 45.93
CA LYS I 73 -0.86 -47.40 46.90
C LYS I 73 -0.52 -46.91 48.32
N ARG I 74 0.76 -46.71 48.55
CA ARG I 74 1.29 -46.27 49.84
C ARG I 74 0.92 -44.83 50.10
N MSE I 75 0.82 -44.05 49.02
CA MSE I 75 0.39 -42.67 49.10
C MSE I 75 -1.12 -42.57 49.28
O MSE I 75 -1.62 -41.66 49.95
CB MSE I 75 0.83 -41.92 47.84
CG MSE I 75 1.03 -40.44 48.05
SE MSE I 75 2.59 -39.94 49.14
CE MSE I 75 2.61 -38.08 48.52
N GLU I 76 -1.86 -43.52 48.69
CA GLU I 76 -3.30 -43.64 48.89
C GLU I 76 -3.63 -43.97 50.34
N ASP I 77 -2.89 -44.91 50.92
CA ASP I 77 -3.10 -45.35 52.29
C ASP I 77 -2.87 -44.25 53.32
N ILE I 78 -1.94 -43.34 53.01
CA ILE I 78 -1.67 -42.17 53.87
C ILE I 78 -2.76 -41.11 53.72
N GLY I 79 -3.24 -40.93 52.49
CA GLY I 79 -4.31 -39.98 52.19
C GLY I 79 -3.80 -38.71 51.55
N LEU I 80 -2.85 -38.85 50.62
CA LEU I 80 -2.34 -37.70 49.90
C LEU I 80 -2.31 -37.95 48.39
N GLU I 81 -2.59 -36.91 47.62
CA GLU I 81 -2.59 -37.02 46.18
C GLU I 81 -1.21 -37.40 45.67
N ALA I 82 -1.19 -38.49 44.91
CA ALA I 82 -0.02 -38.90 44.15
C ALA I 82 -0.33 -38.59 42.70
N LEU I 83 0.36 -37.58 42.15
CA LEU I 83 0.00 -37.03 40.85
C LEU I 83 1.02 -37.30 39.75
N GLY I 84 0.56 -37.19 38.50
CA GLY I 84 1.36 -37.54 37.33
C GLY I 84 0.79 -38.73 36.59
N MSE I 85 1.35 -39.02 35.41
CA MSE I 85 0.88 -40.11 34.55
C MSE I 85 1.09 -41.49 35.17
O MSE I 85 2.19 -42.05 35.14
CB MSE I 85 1.54 -40.03 33.16
CG MSE I 85 0.99 -41.03 32.15
SE MSE I 85 -0.94 -40.90 32.22
CE MSE I 85 -1.58 -42.59 31.52
N ASP I 86 0.02 -42.04 35.74
CA ASP I 86 0.09 -43.34 36.39
C ASP I 86 0.23 -44.52 35.41
N ASP I 87 -0.27 -44.35 34.20
CA ASP I 87 -0.07 -45.33 33.13
C ASP I 87 1.29 -45.07 32.50
N PHE I 88 2.22 -45.98 32.74
CA PHE I 88 3.61 -45.78 32.36
C PHE I 88 3.92 -46.01 30.88
N LYS I 89 3.12 -46.83 30.19
CA LYS I 89 3.26 -47.00 28.74
C LYS I 89 3.17 -45.64 28.05
N LEU I 90 2.18 -44.86 28.46
CA LEU I 90 1.94 -43.55 27.90
C LEU I 90 3.07 -42.61 28.26
N ALA I 91 3.41 -42.55 29.54
CA ALA I 91 4.50 -41.71 30.02
C ALA I 91 5.80 -42.05 29.29
N TYR I 92 6.01 -43.33 29.00
CA TYR I 92 7.15 -43.77 28.19
C TYR I 92 7.09 -43.20 26.76
N LEU I 93 5.94 -43.31 26.12
CA LEU I 93 5.77 -42.81 24.76
C LEU I 93 6.01 -41.31 24.73
N SER I 94 5.51 -40.63 25.75
CA SER I 94 5.70 -39.19 25.89
C SER I 94 7.18 -38.83 26.00
N ASP I 95 7.94 -39.66 26.72
CA ASP I 95 9.37 -39.44 26.93
C ASP I 95 10.20 -39.72 25.68
N THR I 96 10.02 -40.91 25.12
CA THR I 96 10.80 -41.37 23.97
C THR I 96 10.46 -40.60 22.70
N TYR I 97 9.23 -40.10 22.61
CA TYR I 97 8.73 -39.45 21.39
C TYR I 97 8.22 -38.02 21.67
N ASN I 98 9.16 -37.18 22.08
CA ASN I 98 8.91 -35.79 22.42
C ASN I 98 8.90 -34.89 21.20
N TYR I 99 8.24 -35.33 20.14
CA TYR I 99 8.10 -34.58 18.91
C TYR I 99 6.80 -34.99 18.23
N GLU I 100 6.41 -34.24 17.21
CA GLU I 100 5.24 -34.58 16.40
C GLU I 100 5.56 -35.84 15.62
N ILE I 101 4.85 -36.92 15.89
CA ILE I 101 5.16 -38.20 15.25
C ILE I 101 4.75 -38.20 13.78
N LYS I 102 5.74 -38.35 12.91
CA LYS I 102 5.49 -38.65 11.52
C LYS I 102 5.68 -40.15 11.29
N TYR I 103 4.70 -40.79 10.66
CA TYR I 103 4.74 -42.24 10.48
C TYR I 103 4.60 -42.70 9.03
N ASP I 104 5.39 -43.67 8.63
CA ASP I 104 5.29 -44.21 7.30
C ASP I 104 4.53 -45.54 7.30
N HIS I 105 3.24 -45.47 6.96
CA HIS I 105 2.35 -46.64 6.98
C HIS I 105 2.94 -47.85 6.25
N THR I 106 3.83 -47.58 5.31
CA THR I 106 4.52 -48.59 4.51
C THR I 106 5.34 -49.55 5.38
N LYS I 107 5.74 -49.08 6.56
CA LYS I 107 6.62 -49.86 7.43
C LYS I 107 5.84 -50.50 8.59
N ILE I 108 4.52 -50.37 8.56
CA ILE I 108 3.65 -50.94 9.58
C ILE I 108 2.89 -52.16 9.06
N ARG I 109 3.17 -53.32 9.65
CA ARG I 109 2.54 -54.56 9.24
C ARG I 109 1.08 -54.58 9.69
N VAL I 110 0.18 -54.38 8.74
CA VAL I 110 -1.25 -54.44 9.02
C VAL I 110 -1.80 -55.77 8.50
N ALA I 111 -2.10 -56.68 9.44
CA ALA I 111 -2.59 -58.01 9.10
C ALA I 111 -4.10 -58.05 9.03
N ASN I 112 -4.61 -58.69 7.97
CA ASN I 112 -6.05 -58.85 7.76
C ASN I 112 -6.34 -60.32 7.57
N PHE I 113 -7.11 -60.88 8.50
CA PHE I 113 -7.34 -62.33 8.43
C PHE I 113 -8.74 -62.80 8.84
N ASP I 114 -9.09 -63.97 8.35
CA ASP I 114 -10.34 -64.61 8.68
C ASP I 114 -10.08 -66.11 8.64
N ILE I 115 -10.73 -66.86 9.51
CA ILE I 115 -10.55 -68.31 9.52
C ILE I 115 -11.85 -69.01 9.13
N GLU I 116 -11.77 -70.31 8.84
CA GLU I 116 -12.96 -71.11 8.63
C GLU I 116 -12.89 -72.32 9.54
N VAL I 117 -14.03 -72.67 10.14
CA VAL I 117 -14.12 -73.79 11.06
C VAL I 117 -15.39 -74.59 10.78
N THR I 118 -15.25 -75.74 10.13
CA THR I 118 -16.41 -76.55 9.82
C THR I 118 -17.00 -77.12 11.09
N SER I 119 -18.24 -76.73 11.39
CA SER I 119 -18.93 -77.22 12.57
C SER I 119 -20.31 -77.77 12.25
N PRO I 120 -20.50 -79.09 12.48
CA PRO I 120 -21.77 -79.78 12.20
C PRO I 120 -22.80 -79.65 13.32
N ASP I 121 -22.38 -79.13 14.48
CA ASP I 121 -23.26 -79.03 15.65
C ASP I 121 -23.41 -77.62 16.21
N GLY I 122 -23.58 -76.63 15.34
CA GLY I 122 -23.83 -75.25 15.80
C GLY I 122 -22.57 -74.39 15.90
N PHE I 123 -22.75 -73.13 16.29
CA PHE I 123 -21.67 -72.16 16.30
C PHE I 123 -20.47 -72.66 17.10
N PRO I 124 -19.32 -72.81 16.44
CA PRO I 124 -18.06 -73.19 17.07
C PRO I 124 -17.54 -72.16 18.08
N GLU I 125 -17.79 -72.41 19.36
CA GLU I 125 -17.37 -71.50 20.43
C GLU I 125 -15.86 -71.36 20.49
N PRO I 126 -15.35 -70.11 20.34
CA PRO I 126 -13.95 -69.75 20.43
C PRO I 126 -13.23 -70.20 21.70
N SER I 127 -13.90 -70.18 22.85
CA SER I 127 -13.25 -70.55 24.12
C SER I 127 -13.14 -72.07 24.29
N GLN I 128 -13.81 -72.81 23.42
CA GLN I 128 -13.70 -74.24 23.40
C GLN I 128 -12.75 -74.65 22.27
N ALA I 129 -13.03 -74.15 21.08
CA ALA I 129 -12.32 -74.55 19.86
C ALA I 129 -12.39 -76.07 19.66
N LYS I 130 -13.60 -76.60 19.79
CA LYS I 130 -13.87 -78.03 19.62
C LYS I 130 -13.41 -78.58 18.27
N HIS I 131 -13.61 -77.81 17.19
CA HIS I 131 -13.45 -78.31 15.83
C HIS I 131 -12.21 -77.75 15.14
N PRO I 132 -11.65 -78.51 14.19
CA PRO I 132 -10.47 -78.07 13.46
C PRO I 132 -10.64 -76.78 12.66
N ILE I 133 -9.58 -75.98 12.61
CA ILE I 133 -9.51 -74.83 11.71
C ILE I 133 -9.14 -75.36 10.34
N ASP I 134 -10.05 -75.23 9.37
CA ASP I 134 -9.78 -75.77 8.04
C ASP I 134 -9.41 -74.76 6.96
N ALA I 135 -9.54 -73.48 7.26
CA ALA I 135 -9.05 -72.46 6.34
C ALA I 135 -8.61 -71.21 7.07
N ILE I 136 -7.45 -70.71 6.70
CA ILE I 136 -7.00 -69.42 7.18
C ILE I 136 -6.54 -68.63 5.99
N THR I 137 -7.18 -67.49 5.74
CA THR I 137 -6.66 -66.53 4.78
C THR I 137 -6.14 -65.32 5.56
N HIS I 138 -4.85 -65.05 5.36
CA HIS I 138 -4.17 -64.01 6.10
C HIS I 138 -3.55 -63.05 5.09
N TYR I 139 -4.03 -61.81 5.08
CA TYR I 139 -3.46 -60.77 4.23
C TYR I 139 -2.44 -59.93 4.99
N ASP I 140 -1.26 -59.78 4.38
CA ASP I 140 -0.19 -58.98 4.96
C ASP I 140 0.01 -57.71 4.14
N SER I 141 -0.02 -56.55 4.80
CA SER I 141 0.07 -55.27 4.07
C SER I 141 1.47 -54.94 3.57
N ILE I 142 2.50 -55.58 4.14
CA ILE I 142 3.87 -55.32 3.68
C ILE I 142 4.21 -56.08 2.41
N ASP I 143 4.03 -57.41 2.42
CA ASP I 143 4.21 -58.21 1.21
C ASP I 143 3.09 -57.91 0.22
N ASP I 144 1.99 -57.35 0.73
CA ASP I 144 0.78 -57.13 -0.06
C ASP I 144 0.28 -58.44 -0.69
N ARG I 145 0.23 -59.48 0.13
CA ARG I 145 -0.15 -60.83 -0.33
C ARG I 145 -1.18 -61.53 0.57
N PHE I 146 -2.00 -62.36 -0.07
CA PHE I 146 -3.00 -63.15 0.63
C PHE I 146 -2.42 -64.53 0.83
N TYR I 147 -2.10 -64.84 2.07
CA TYR I 147 -1.56 -66.15 2.38
C TYR I 147 -2.71 -67.09 2.77
N VAL I 148 -2.96 -68.08 1.92
CA VAL I 148 -4.10 -68.98 2.11
C VAL I 148 -3.64 -70.33 2.61
N PHE I 149 -4.21 -70.76 3.74
CA PHE I 149 -3.87 -72.02 4.38
C PHE I 149 -5.11 -72.90 4.29
N ASP I 150 -4.96 -74.04 3.63
CA ASP I 150 -6.08 -74.89 3.28
C ASP I 150 -5.93 -76.25 3.96
N LEU I 151 -6.88 -76.64 4.79
CA LEU I 151 -6.85 -77.96 5.37
C LEU I 151 -7.46 -78.96 4.42
N LEU I 152 -6.64 -79.88 3.90
CA LEU I 152 -7.15 -80.92 3.00
C LEU I 152 -7.82 -82.10 3.72
N ASN I 153 -7.41 -82.37 4.96
CA ASN I 153 -7.96 -83.49 5.70
C ASN I 153 -8.45 -83.11 7.09
N SER I 154 -9.71 -83.48 7.39
CA SER I 154 -10.33 -83.18 8.68
C SER I 154 -11.37 -84.25 8.97
N PRO I 155 -11.88 -84.30 10.21
CA PRO I 155 -12.95 -85.26 10.45
C PRO I 155 -14.10 -85.12 9.43
N TYR I 156 -14.29 -83.92 8.89
CA TYR I 156 -15.47 -83.63 8.06
C TYR I 156 -15.26 -83.77 6.57
N GLY I 157 -14.04 -84.12 6.17
CA GLY I 157 -13.80 -84.46 4.78
C GLY I 157 -12.36 -84.42 4.31
N ASN I 158 -12.09 -85.19 3.26
CA ASN I 158 -10.90 -85.04 2.46
C ASN I 158 -11.30 -84.45 1.13
N VAL I 159 -10.67 -83.34 0.79
CA VAL I 159 -11.10 -82.53 -0.31
C VAL I 159 -9.93 -82.36 -1.26
N GLU I 160 -10.22 -82.01 -2.51
CA GLU I 160 -9.14 -81.73 -3.46
C GLU I 160 -8.48 -80.41 -3.08
N GLU I 161 -7.41 -80.04 -3.77
CA GLU I 161 -6.81 -78.72 -3.59
C GLU I 161 -7.68 -77.67 -4.25
N TRP I 162 -7.62 -76.47 -3.70
CA TRP I 162 -8.25 -75.30 -4.29
C TRP I 162 -7.49 -74.95 -5.57
N SER I 163 -8.22 -74.50 -6.59
CA SER I 163 -7.61 -74.13 -7.85
C SER I 163 -7.67 -72.62 -8.06
N ILE I 164 -6.51 -72.03 -8.33
CA ILE I 164 -6.43 -70.60 -8.64
C ILE I 164 -7.08 -70.37 -10.01
N GLU I 165 -6.91 -71.35 -10.90
CA GLU I 165 -7.45 -71.28 -12.26
C GLU I 165 -8.97 -71.15 -12.23
N ILE I 166 -9.62 -72.12 -11.57
CA ILE I 166 -11.07 -72.13 -11.43
C ILE I 166 -11.56 -70.88 -10.70
N ALA I 167 -10.87 -70.51 -9.63
CA ALA I 167 -11.25 -69.33 -8.84
C ALA I 167 -11.45 -68.08 -9.70
N ALA I 168 -10.53 -67.84 -10.64
CA ALA I 168 -10.59 -66.69 -11.52
C ALA I 168 -11.79 -66.71 -12.49
N LYS I 169 -12.24 -67.90 -12.88
CA LYS I 169 -13.34 -68.03 -13.84
C LYS I 169 -14.63 -67.37 -13.36
N LEU I 170 -15.49 -67.01 -14.32
CA LEU I 170 -16.80 -66.43 -14.03
C LEU I 170 -17.73 -67.44 -13.32
N GLN I 171 -18.68 -66.89 -12.56
CA GLN I 171 -19.74 -67.66 -11.91
C GLN I 171 -20.38 -68.69 -12.84
N GLU I 172 -20.80 -68.24 -14.03
CA GLU I 172 -21.47 -69.09 -15.02
C GLU I 172 -20.55 -70.12 -15.64
N GLN I 173 -19.25 -69.92 -15.50
CA GLN I 173 -18.24 -70.85 -16.00
C GLN I 173 -17.89 -71.96 -15.00
N GLY I 174 -18.46 -71.89 -13.81
CA GLY I 174 -18.16 -72.79 -12.71
C GLY I 174 -17.15 -72.17 -11.76
N GLY I 175 -16.90 -70.88 -11.94
CA GLY I 175 -15.84 -70.17 -11.22
C GLY I 175 -16.27 -69.38 -10.02
N ASP I 176 -15.31 -68.74 -9.37
CA ASP I 176 -15.55 -68.07 -8.10
C ASP I 176 -15.56 -66.55 -8.24
N GLU I 177 -15.26 -66.08 -9.44
CA GLU I 177 -15.16 -64.64 -9.71
C GLU I 177 -14.26 -63.92 -8.70
N VAL I 178 -13.13 -64.54 -8.40
CA VAL I 178 -12.11 -63.90 -7.59
C VAL I 178 -11.47 -62.77 -8.42
N PRO I 179 -11.57 -61.52 -7.91
CA PRO I 179 -11.12 -60.30 -8.60
C PRO I 179 -9.69 -60.35 -9.10
N SER I 180 -9.52 -60.00 -10.38
CA SER I 180 -8.23 -59.98 -11.05
C SER I 180 -7.19 -59.17 -10.29
N GLU I 181 -7.67 -58.21 -9.49
CA GLU I 181 -6.82 -57.38 -8.65
C GLU I 181 -6.05 -58.18 -7.61
N ILE I 182 -6.50 -59.39 -7.27
CA ILE I 182 -5.85 -60.17 -6.21
C ILE I 182 -5.33 -61.56 -6.63
N ILE I 183 -5.60 -61.94 -7.88
CA ILE I 183 -5.29 -63.29 -8.33
C ILE I 183 -3.78 -63.58 -8.34
N ASP I 184 -2.98 -62.58 -8.66
CA ASP I 184 -1.53 -62.69 -8.70
C ASP I 184 -0.94 -62.31 -7.33
N LYS I 185 -1.81 -62.21 -6.33
CA LYS I 185 -1.40 -61.84 -4.99
C LYS I 185 -1.73 -62.91 -3.95
N ILE I 186 -2.46 -63.94 -4.34
CA ILE I 186 -2.75 -65.06 -3.45
C ILE I 186 -1.54 -66.00 -3.41
N ILE I 187 -1.16 -66.43 -2.21
CA ILE I 187 -0.17 -67.47 -2.05
C ILE I 187 -0.85 -68.65 -1.36
N TYR I 188 -0.81 -69.81 -2.00
CA TYR I 188 -1.64 -70.92 -1.59
C TYR I 188 -0.85 -72.03 -0.90
N MSE I 189 -1.34 -72.45 0.27
CA MSE I 189 -0.72 -73.54 1.02
C MSE I 189 -1.74 -74.60 1.47
O MSE I 189 -2.47 -74.41 2.43
CB MSE I 189 0.04 -73.00 2.24
CG MSE I 189 1.22 -72.12 1.91
SE MSE I 189 1.62 -70.78 3.29
CE MSE I 189 3.23 -71.56 4.05
N PRO I 190 -1.80 -75.73 0.75
CA PRO I 190 -2.59 -76.87 1.24
C PRO I 190 -1.84 -77.57 2.37
N PHE I 191 -2.56 -78.29 3.23
CA PHE I 191 -1.92 -79.06 4.31
C PHE I 191 -2.58 -80.39 4.44
N ASP I 192 -1.85 -81.40 4.92
CA ASP I 192 -2.40 -82.75 5.04
C ASP I 192 -3.13 -82.99 6.35
N ASN I 193 -2.82 -82.18 7.36
CA ASN I 193 -3.47 -82.25 8.67
C ASN I 193 -3.45 -80.91 9.41
N GLU I 194 -4.36 -80.75 10.37
CA GLU I 194 -4.51 -79.50 11.12
C GLU I 194 -3.25 -79.04 11.88
N LYS I 195 -2.51 -80.00 12.43
CA LYS I 195 -1.29 -79.74 13.18
C LYS I 195 -0.22 -79.04 12.32
N GLU I 196 -0.07 -79.52 11.09
CA GLU I 196 0.89 -78.93 10.16
C GLU I 196 0.50 -77.51 9.77
N LEU I 197 -0.79 -77.32 9.48
CA LEU I 197 -1.34 -76.01 9.12
C LEU I 197 -1.11 -75.02 10.25
N LEU I 198 -1.50 -75.42 11.46
CA LEU I 198 -1.41 -74.55 12.63
C LEU I 198 0.03 -74.14 12.95
N MSE I 199 0.96 -75.11 12.89
CA MSE I 199 2.37 -74.83 13.18
C MSE I 199 3.02 -74.02 12.07
O MSE I 199 3.85 -73.16 12.35
CB MSE I 199 3.16 -76.09 13.49
CG MSE I 199 2.79 -76.77 14.81
SE MSE I 199 2.80 -75.67 16.46
CE MSE I 199 1.06 -74.79 16.30
N GLU I 200 2.61 -74.25 10.84
CA GLU I 200 3.10 -73.44 9.74
C GLU I 200 2.51 -72.03 9.82
N TYR I 201 1.26 -71.90 10.24
CA TYR I 201 0.69 -70.58 10.46
C TYR I 201 1.42 -69.84 11.56
N LEU I 202 1.70 -70.54 12.67
CA LEU I 202 2.39 -69.95 13.82
C LEU I 202 3.82 -69.54 13.49
N ASN I 203 4.47 -70.31 12.62
CA ASN I 203 5.81 -70.02 12.16
C ASN I 203 5.76 -68.87 11.15
N PHE I 204 4.65 -68.78 10.44
CA PHE I 204 4.38 -67.66 9.53
C PHE I 204 4.19 -66.38 10.35
N TRP I 205 3.48 -66.52 11.47
CA TRP I 205 3.19 -65.43 12.40
C TRP I 205 4.44 -64.82 13.04
N GLN I 206 5.46 -65.65 13.31
CA GLN I 206 6.69 -65.15 13.94
C GLN I 206 7.53 -64.36 12.95
N GLN I 207 7.55 -64.81 11.70
CA GLN I 207 8.31 -64.15 10.65
C GLN I 207 7.65 -62.85 10.24
N LYS I 208 6.33 -62.87 10.16
CA LYS I 208 5.56 -61.74 9.72
C LYS I 208 4.56 -61.32 10.80
N THR I 209 5.08 -60.99 11.96
CA THR I 209 4.27 -60.60 13.12
C THR I 209 3.52 -59.28 12.97
N PRO I 210 2.18 -59.34 13.01
CA PRO I 210 1.35 -58.14 12.90
C PRO I 210 1.65 -57.06 13.94
N VAL I 211 1.59 -55.81 13.49
CA VAL I 211 1.59 -54.66 14.38
C VAL I 211 0.14 -54.34 14.64
N ILE I 212 -0.58 -54.01 13.57
CA ILE I 212 -2.03 -53.86 13.60
C ILE I 212 -2.65 -55.13 13.07
N LEU I 213 -3.48 -55.77 13.89
CA LEU I 213 -4.17 -56.98 13.50
C LEU I 213 -5.64 -56.69 13.42
N THR I 214 -6.19 -56.81 12.22
CA THR I 214 -7.58 -56.42 11.97
C THR I 214 -8.38 -57.52 11.23
N GLY I 215 -9.52 -57.16 10.63
CA GLY I 215 -10.40 -58.14 10.00
C GLY I 215 -11.76 -58.19 10.68
N TRP I 216 -12.76 -58.73 9.99
CA TRP I 216 -14.14 -58.69 10.49
C TRP I 216 -14.40 -59.73 11.59
N ASN I 217 -14.77 -59.23 12.77
CA ASN I 217 -15.09 -60.06 13.96
C ASN I 217 -13.89 -60.85 14.54
N VAL I 218 -12.68 -60.38 14.25
CA VAL I 218 -11.47 -61.12 14.63
C VAL I 218 -11.26 -61.17 16.15
N GLU I 219 -11.72 -60.14 16.84
CA GLU I 219 -11.48 -60.00 18.26
C GLU I 219 -12.42 -60.87 19.08
N SER I 220 -13.58 -61.18 18.53
CA SER I 220 -14.53 -62.06 19.21
C SER I 220 -14.43 -63.49 18.73
N PHE I 221 -13.93 -63.71 17.51
CA PHE I 221 -13.92 -65.07 16.98
C PHE I 221 -12.57 -65.59 16.49
N ALA I 222 -12.07 -65.03 15.39
CA ALA I 222 -10.87 -65.55 14.78
C ALA I 222 -9.74 -65.67 15.81
N ILE I 223 -9.45 -64.59 16.54
CA ILE I 223 -8.34 -64.63 17.50
C ILE I 223 -8.56 -65.63 18.64
N PRO I 224 -9.66 -65.48 19.43
CA PRO I 224 -9.79 -66.52 20.45
C PRO I 224 -9.84 -67.94 19.89
N TYR I 225 -10.37 -68.11 18.67
CA TYR I 225 -10.42 -69.47 18.13
C TYR I 225 -9.03 -70.05 17.88
N VAL I 226 -8.18 -69.29 17.20
CA VAL I 226 -6.83 -69.72 16.90
C VAL I 226 -6.08 -70.00 18.20
N TYR I 227 -6.10 -69.04 19.11
CA TYR I 227 -5.37 -69.17 20.38
C TYR I 227 -5.78 -70.45 21.07
N ASN I 228 -7.07 -70.61 21.32
CA ASN I 228 -7.59 -71.77 22.01
C ASN I 228 -7.36 -73.09 21.29
N ARG I 229 -7.55 -73.08 19.98
CA ARG I 229 -7.24 -74.27 19.18
C ARG I 229 -5.77 -74.65 19.36
N ILE I 230 -4.88 -73.67 19.31
CA ILE I 230 -3.46 -73.97 19.44
C ILE I 230 -3.16 -74.37 20.88
N LYS I 231 -3.74 -73.63 21.83
CA LYS I 231 -3.59 -73.92 23.26
C LYS I 231 -3.97 -75.37 23.54
N ASN I 232 -5.18 -75.74 23.14
CA ASN I 232 -5.74 -77.05 23.46
C ASN I 232 -5.03 -78.23 22.82
N ILE I 233 -4.37 -77.99 21.69
CA ILE I 233 -3.69 -79.04 20.97
C ILE I 233 -2.22 -79.10 21.35
N PHE I 234 -1.53 -77.97 21.31
CA PHE I 234 -0.09 -77.95 21.46
C PHE I 234 0.39 -77.53 22.85
N GLY I 235 -0.54 -77.09 23.69
CA GLY I 235 -0.18 -76.52 24.98
C GLY I 235 -0.21 -75.00 24.93
N GLU I 236 -0.53 -74.39 26.07
CA GLU I 236 -0.57 -72.93 26.23
C GLU I 236 0.75 -72.26 25.84
N SER I 237 1.87 -72.95 26.09
CA SER I 237 3.20 -72.46 25.79
C SER I 237 3.45 -72.24 24.29
N THR I 238 2.76 -73.02 23.46
CA THR I 238 2.84 -72.87 22.00
C THR I 238 1.90 -71.78 21.52
N ALA I 239 0.72 -71.69 22.14
CA ALA I 239 -0.29 -70.70 21.80
C ALA I 239 0.19 -69.30 22.10
N LYS I 240 1.05 -69.15 23.10
CA LYS I 240 1.57 -67.85 23.47
C LYS I 240 2.60 -67.32 22.48
N ARG I 241 3.10 -68.20 21.61
CA ARG I 241 4.04 -67.78 20.56
C ARG I 241 3.37 -66.75 19.64
N LEU I 242 2.05 -66.75 19.64
CA LEU I 242 1.20 -65.81 18.91
C LEU I 242 1.38 -64.36 19.39
N SER I 243 2.12 -64.18 20.48
CA SER I 243 2.51 -62.88 20.99
C SER I 243 4.03 -62.69 20.83
N PRO I 244 4.44 -61.57 20.22
CA PRO I 244 5.87 -61.30 20.05
C PRO I 244 6.62 -61.14 21.39
N HIS I 245 5.90 -61.19 22.50
CA HIS I 245 6.51 -61.12 23.82
C HIS I 245 6.07 -62.29 24.67
N ARG I 246 5.26 -63.17 24.07
CA ARG I 246 4.84 -64.43 24.67
C ARG I 246 4.04 -64.28 25.96
N LYS I 247 3.31 -63.16 26.04
CA LYS I 247 2.41 -62.88 27.15
C LYS I 247 1.00 -62.64 26.63
N THR I 248 0.04 -63.36 27.21
CA THR I 248 -1.35 -63.25 26.81
C THR I 248 -2.28 -63.20 28.01
N ARG I 249 -3.17 -62.22 28.01
CA ARG I 249 -4.19 -62.13 29.04
C ARG I 249 -5.50 -62.70 28.49
N VAL I 250 -6.09 -63.63 29.22
CA VAL I 250 -7.42 -64.17 28.90
C VAL I 250 -8.48 -63.41 29.69
N LYS I 251 -9.34 -62.71 28.96
CA LYS I 251 -10.34 -61.80 29.53
C LYS I 251 -11.75 -62.23 29.13
N VAL I 252 -12.65 -62.28 30.11
CA VAL I 252 -14.06 -62.64 29.87
C VAL I 252 -15.01 -61.47 30.19
N ILE I 253 -15.40 -60.72 29.16
CA ILE I 253 -16.27 -59.54 29.32
C ILE I 253 -17.75 -59.93 29.51
N GLU I 254 -18.48 -59.16 30.33
CA GLU I 254 -19.90 -59.42 30.60
C GLU I 254 -20.84 -58.53 29.76
N ASN I 255 -22.08 -59.00 29.58
CA ASN I 255 -23.02 -58.39 28.63
C ASN I 255 -24.31 -57.84 29.27
N MSE I 256 -25.39 -57.81 28.48
CA MSE I 256 -26.71 -57.48 28.99
C MSE I 256 -27.46 -58.76 29.42
O MSE I 256 -28.60 -58.68 29.91
CB MSE I 256 -27.52 -56.70 27.94
N TYR I 257 -26.82 -59.91 29.22
CA TYR I 257 -27.37 -61.21 29.66
C TYR I 257 -26.27 -62.25 29.91
N GLY I 258 -25.20 -62.22 29.11
CA GLY I 258 -24.13 -63.23 29.20
C GLY I 258 -22.72 -62.67 29.32
N SER I 259 -21.79 -63.29 28.59
CA SER I 259 -20.36 -62.92 28.61
C SER I 259 -19.66 -63.18 27.26
N ARG I 260 -18.36 -62.86 27.20
CA ARG I 260 -17.55 -63.03 25.98
C ARG I 260 -16.05 -63.19 26.28
N GLU I 261 -15.37 -64.01 25.48
CA GLU I 261 -13.92 -64.22 25.62
C GLU I 261 -13.08 -63.36 24.65
N ILE I 262 -12.14 -62.59 25.19
CA ILE I 262 -11.16 -61.89 24.38
C ILE I 262 -9.74 -62.20 24.85
N ILE I 263 -8.82 -62.32 23.90
CA ILE I 263 -7.42 -62.66 24.18
C ILE I 263 -6.56 -61.44 23.94
N THR I 264 -5.88 -60.97 24.97
CA THR I 264 -4.94 -59.87 24.76
C THR I 264 -3.61 -60.46 24.36
N LEU I 265 -3.16 -60.13 23.15
CA LEU I 265 -1.87 -60.58 22.66
C LEU I 265 -0.85 -59.48 22.86
N PHE I 266 -0.14 -59.50 23.98
CA PHE I 266 0.87 -58.49 24.25
C PHE I 266 1.79 -58.30 23.05
N GLY I 267 1.97 -57.04 22.66
CA GLY I 267 2.87 -56.69 21.58
C GLY I 267 2.19 -56.54 20.24
N ILE I 268 0.86 -56.69 20.23
CA ILE I 268 0.04 -56.51 19.03
C ILE I 268 -1.15 -55.59 19.30
N SER I 269 -1.52 -54.80 18.29
CA SER I 269 -2.71 -53.93 18.39
C SER I 269 -3.89 -54.49 17.60
N VAL I 270 -4.88 -54.99 18.32
CA VAL I 270 -6.03 -55.58 17.67
C VAL I 270 -7.04 -54.50 17.38
N LEU I 271 -7.28 -54.26 16.10
CA LEU I 271 -8.31 -53.30 15.70
C LEU I 271 -9.30 -54.02 14.82
N ASP I 272 -10.21 -54.76 15.46
CA ASP I 272 -11.27 -55.49 14.80
C ASP I 272 -12.01 -54.51 13.93
N TYR I 273 -12.31 -54.89 12.70
CA TYR I 273 -12.92 -53.95 11.76
C TYR I 273 -14.39 -53.65 12.09
N ILE I 274 -15.08 -54.63 12.66
CA ILE I 274 -16.46 -54.49 13.10
C ILE I 274 -16.56 -53.41 14.19
N ASP I 275 -15.43 -53.13 14.86
CA ASP I 275 -15.35 -52.05 15.84
C ASP I 275 -14.89 -50.75 15.19
N LEU I 276 -13.92 -50.84 14.28
CA LEU I 276 -13.44 -49.68 13.52
C LEU I 276 -14.54 -49.05 12.66
N TYR I 277 -15.61 -49.79 12.45
CA TYR I 277 -16.71 -49.32 11.62
C TYR I 277 -17.72 -48.63 12.52
N LYS I 278 -18.28 -49.39 13.46
CA LYS I 278 -19.19 -48.86 14.48
C LYS I 278 -18.66 -47.57 15.08
N LYS I 279 -17.35 -47.48 15.25
CA LYS I 279 -16.78 -46.31 15.89
C LYS I 279 -16.76 -45.12 14.96
N PHE I 280 -16.26 -45.29 13.74
CA PHE I 280 -15.89 -44.14 12.92
C PHE I 280 -16.46 -44.05 11.49
N SER I 281 -17.55 -44.77 11.25
CA SER I 281 -18.33 -44.60 10.01
C SER I 281 -19.48 -43.65 10.27
N PHE I 282 -20.04 -43.77 11.46
CA PHE I 282 -21.25 -43.06 11.87
C PHE I 282 -22.41 -43.27 10.90
N THR I 283 -23.08 -44.41 11.07
CA THR I 283 -24.25 -44.83 10.30
C THR I 283 -24.90 -45.96 11.11
N ASN I 284 -26.03 -45.68 11.74
CA ASN I 284 -26.73 -46.69 12.53
C ASN I 284 -27.29 -47.80 11.63
N GLN I 285 -26.42 -48.73 11.24
CA GLN I 285 -26.77 -49.84 10.37
C GLN I 285 -27.61 -50.89 11.12
N PRO I 286 -28.65 -51.44 10.46
CA PRO I 286 -29.54 -52.42 11.11
C PRO I 286 -28.85 -53.76 11.42
N SER I 287 -27.89 -54.14 10.57
CA SER I 287 -27.10 -55.35 10.75
C SER I 287 -25.63 -55.00 10.57
N TYR I 288 -24.77 -55.60 11.38
CA TYR I 288 -23.35 -55.31 11.31
C TYR I 288 -22.50 -56.46 10.75
N SER I 289 -23.18 -57.46 10.19
CA SER I 289 -22.53 -58.56 9.51
C SER I 289 -21.82 -58.05 8.26
N LEU I 290 -20.89 -58.84 7.74
CA LEU I 290 -20.05 -58.41 6.63
C LEU I 290 -20.79 -58.40 5.30
N ASP I 291 -21.75 -59.31 5.15
CA ASP I 291 -22.63 -59.31 3.98
C ASP I 291 -23.26 -57.94 3.79
N TYR I 292 -23.98 -57.48 4.82
CA TYR I 292 -24.69 -56.23 4.76
C TYR I 292 -23.74 -55.06 4.53
N ILE I 293 -22.82 -54.85 5.47
CA ILE I 293 -21.87 -53.74 5.42
C ILE I 293 -21.13 -53.68 4.09
N SER I 294 -20.77 -54.84 3.56
CA SER I 294 -20.05 -54.92 2.29
C SER I 294 -20.96 -54.52 1.13
N GLU I 295 -22.18 -55.07 1.11
CA GLU I 295 -23.20 -54.65 0.15
C GLU I 295 -23.41 -53.14 0.24
N PHE I 296 -23.61 -52.63 1.46
CA PHE I 296 -23.73 -51.19 1.68
C PHE I 296 -22.58 -50.42 1.05
N GLU I 297 -21.34 -50.78 1.42
CA GLU I 297 -20.17 -49.98 1.10
C GLU I 297 -19.66 -50.19 -0.32
N LEU I 298 -19.94 -51.36 -0.89
CA LEU I 298 -19.30 -51.76 -2.15
C LEU I 298 -20.29 -52.28 -3.18
N ASN I 299 -21.54 -52.50 -2.76
CA ASN I 299 -22.58 -53.09 -3.62
C ASN I 299 -22.07 -54.38 -4.27
N VAL I 300 -21.59 -55.30 -3.45
CA VAL I 300 -20.96 -56.52 -3.95
C VAL I 300 -21.04 -57.68 -2.94
N GLY I 301 -20.92 -57.34 -1.65
CA GLY I 301 -21.06 -58.32 -0.57
C GLY I 301 -20.16 -59.55 -0.60
N LYS I 302 -20.54 -60.55 0.19
CA LYS I 302 -19.78 -61.79 0.28
C LYS I 302 -20.22 -62.82 -0.76
N LEU I 303 -19.32 -63.73 -1.10
CA LEU I 303 -19.54 -64.75 -2.12
C LEU I 303 -20.73 -65.65 -1.76
N LYS I 304 -21.63 -65.84 -2.74
CA LYS I 304 -22.82 -66.67 -2.56
C LYS I 304 -22.43 -68.14 -2.66
N TYR I 305 -23.19 -69.00 -1.98
CA TYR I 305 -22.94 -70.44 -1.97
C TYR I 305 -24.21 -71.19 -1.65
N ASP I 306 -24.41 -72.31 -2.31
CA ASP I 306 -25.62 -73.10 -2.09
C ASP I 306 -25.45 -73.95 -0.82
N GLY I 307 -26.52 -74.04 -0.03
CA GLY I 307 -26.54 -74.92 1.16
C GLY I 307 -25.98 -74.30 2.41
N PRO I 308 -26.08 -75.00 3.56
CA PRO I 308 -25.59 -74.48 4.85
C PRO I 308 -24.06 -74.43 4.93
N ILE I 309 -23.52 -73.35 5.50
CA ILE I 309 -22.07 -73.18 5.65
C ILE I 309 -21.35 -74.42 6.22
N SER I 310 -22.05 -75.15 7.08
CA SER I 310 -21.50 -76.32 7.74
C SER I 310 -21.35 -77.52 6.80
N LYS I 311 -21.97 -77.46 5.62
CA LYS I 311 -21.78 -78.52 4.63
C LYS I 311 -21.03 -78.02 3.40
N LEU I 312 -20.63 -76.75 3.42
CA LEU I 312 -19.99 -76.15 2.26
C LEU I 312 -18.65 -76.80 1.87
N ARG I 313 -17.76 -77.00 2.84
CA ARG I 313 -16.44 -77.57 2.59
C ARG I 313 -16.45 -78.94 1.89
N GLU I 314 -17.37 -79.82 2.26
CA GLU I 314 -17.42 -81.13 1.63
C GLU I 314 -18.10 -81.08 0.27
N SER I 315 -19.15 -80.27 0.17
CA SER I 315 -19.93 -80.16 -1.06
C SER I 315 -19.25 -79.29 -2.10
N ASN I 316 -18.47 -78.30 -1.65
CA ASN I 316 -17.87 -77.32 -2.57
C ASN I 316 -16.62 -76.62 -2.03
N HIS I 317 -15.63 -77.41 -1.61
CA HIS I 317 -14.38 -76.88 -1.08
C HIS I 317 -13.81 -75.70 -1.89
N GLN I 318 -14.06 -75.69 -3.19
CA GLN I 318 -13.58 -74.64 -4.09
C GLN I 318 -14.23 -73.31 -3.74
N ARG I 319 -15.56 -73.32 -3.63
CA ARG I 319 -16.29 -72.13 -3.20
C ARG I 319 -15.84 -71.73 -1.80
N TYR I 320 -15.76 -72.72 -0.91
CA TYR I 320 -15.35 -72.55 0.47
C TYR I 320 -14.09 -71.70 0.69
N ILE I 321 -13.04 -72.00 -0.07
CA ILE I 321 -11.76 -71.36 0.14
C ILE I 321 -11.82 -69.97 -0.45
N SER I 322 -12.46 -69.86 -1.61
CA SER I 322 -12.57 -68.58 -2.29
C SER I 322 -13.49 -67.67 -1.52
N TYR I 323 -14.52 -68.26 -0.91
CA TYR I 323 -15.39 -67.54 0.00
C TYR I 323 -14.59 -66.85 1.11
N ASN I 324 -13.56 -67.55 1.58
CA ASN I 324 -12.72 -67.09 2.66
C ASN I 324 -11.71 -66.06 2.17
N ILE I 325 -11.34 -66.16 0.89
CA ILE I 325 -10.45 -65.20 0.29
C ILE I 325 -11.20 -63.88 0.10
N ILE I 326 -12.38 -63.96 -0.51
CA ILE I 326 -13.23 -62.80 -0.74
C ILE I 326 -13.61 -62.08 0.55
N ALA I 327 -13.97 -62.82 1.59
CA ALA I 327 -14.28 -62.26 2.91
C ALA I 327 -13.21 -61.28 3.39
N VAL I 328 -11.95 -61.73 3.37
CA VAL I 328 -10.82 -60.90 3.77
C VAL I 328 -10.72 -59.70 2.84
N TYR I 329 -10.85 -59.94 1.53
CA TYR I 329 -10.72 -58.91 0.52
C TYR I 329 -11.79 -57.84 0.63
N ARG I 330 -13.02 -58.28 0.92
CA ARG I 330 -14.16 -57.38 1.16
C ARG I 330 -13.79 -56.36 2.23
N VAL I 331 -13.30 -56.87 3.37
CA VAL I 331 -12.82 -56.03 4.46
C VAL I 331 -11.78 -55.02 3.97
N LEU I 332 -10.81 -55.50 3.20
CA LEU I 332 -9.76 -54.64 2.66
C LEU I 332 -10.30 -53.55 1.72
N GLN I 333 -11.38 -53.88 1.01
CA GLN I 333 -12.01 -52.94 0.09
C GLN I 333 -12.69 -51.81 0.84
N ILE I 334 -13.49 -52.17 1.84
CA ILE I 334 -14.14 -51.21 2.72
C ILE I 334 -13.14 -50.22 3.30
N ASP I 335 -11.98 -50.73 3.73
CA ASP I 335 -10.92 -49.89 4.26
C ASP I 335 -10.21 -49.06 3.18
N ALA I 336 -10.31 -49.51 1.93
CA ALA I 336 -9.75 -48.75 0.80
C ALA I 336 -10.68 -47.56 0.51
N LYS I 337 -11.93 -47.72 0.92
CA LYS I 337 -12.93 -46.69 0.79
C LYS I 337 -12.86 -45.71 1.96
N ARG I 338 -12.95 -46.22 3.18
CA ARG I 338 -13.07 -45.38 4.39
C ARG I 338 -11.75 -44.95 5.03
N GLN I 339 -10.68 -45.72 4.82
CA GLN I 339 -9.38 -45.47 5.44
C GLN I 339 -9.43 -45.44 6.99
N PHE I 340 -10.24 -46.31 7.59
CA PHE I 340 -10.40 -46.36 9.06
C PHE I 340 -9.15 -46.75 9.83
N ILE I 341 -8.27 -47.54 9.21
CA ILE I 341 -7.03 -47.95 9.84
C ILE I 341 -6.08 -46.76 9.87
N ASN I 342 -5.87 -46.13 8.72
CA ASN I 342 -4.99 -44.95 8.67
C ASN I 342 -5.50 -43.84 9.58
N LEU I 343 -6.82 -43.73 9.66
CA LEU I 343 -7.48 -42.82 10.59
C LEU I 343 -7.04 -43.15 12.01
N SER I 344 -6.94 -44.44 12.31
CA SER I 344 -6.59 -44.93 13.64
C SER I 344 -5.12 -44.68 13.96
N LEU I 345 -4.27 -44.94 12.98
CA LEU I 345 -2.85 -44.67 13.12
C LEU I 345 -2.60 -43.20 13.40
N ASP I 346 -3.24 -42.33 12.60
CA ASP I 346 -3.13 -40.88 12.76
C ASP I 346 -3.57 -40.41 14.17
N MSE I 347 -4.74 -40.87 14.61
CA MSE I 347 -5.23 -40.54 15.95
C MSE I 347 -4.29 -41.07 17.04
O MSE I 347 -3.96 -40.37 17.99
CB MSE I 347 -6.64 -41.06 16.17
CG MSE I 347 -7.20 -40.73 17.53
SE MSE I 347 -7.77 -38.86 17.70
CE MSE I 347 -9.60 -39.13 17.04
N GLY I 348 -3.87 -42.32 16.89
CA GLY I 348 -3.03 -42.98 17.87
C GLY I 348 -1.68 -42.32 18.01
N TYR I 349 -1.13 -41.87 16.88
CA TYR I 349 0.17 -41.18 16.90
C TYR I 349 0.04 -39.73 17.32
N TYR I 350 -1.12 -39.12 17.04
CA TYR I 350 -1.36 -37.76 17.45
C TYR I 350 -1.38 -37.71 18.98
N ALA I 351 -2.26 -38.50 19.60
CA ALA I 351 -2.39 -38.54 21.05
C ALA I 351 -1.22 -39.26 21.74
N LYS I 352 -0.39 -39.93 20.94
CA LYS I 352 0.73 -40.75 21.42
C LYS I 352 0.26 -41.91 22.31
N ILE I 353 -0.74 -42.64 21.84
CA ILE I 353 -1.28 -43.77 22.60
C ILE I 353 -1.02 -45.08 21.88
N GLN I 354 -1.26 -46.21 22.55
CA GLN I 354 -1.40 -47.48 21.87
C GLN I 354 -2.57 -47.35 20.91
N ILE I 355 -2.36 -47.76 19.66
CA ILE I 355 -3.34 -47.54 18.60
C ILE I 355 -4.74 -48.06 18.93
N GLN I 356 -4.82 -49.11 19.75
CA GLN I 356 -6.12 -49.67 20.13
C GLN I 356 -6.88 -48.81 21.15
N SER I 357 -6.22 -47.79 21.67
CA SER I 357 -6.87 -46.92 22.64
C SER I 357 -7.66 -45.83 21.94
N VAL I 358 -7.68 -45.88 20.62
CA VAL I 358 -8.48 -44.98 19.81
C VAL I 358 -9.96 -45.20 20.09
N PHE I 359 -10.30 -46.39 20.58
CA PHE I 359 -11.68 -46.72 20.93
C PHE I 359 -12.02 -46.21 22.32
N SER I 360 -11.06 -45.54 22.94
CA SER I 360 -11.27 -44.94 24.25
C SER I 360 -11.03 -43.43 24.27
N PRO I 361 -12.11 -42.63 24.30
CA PRO I 361 -12.05 -41.17 24.45
C PRO I 361 -11.32 -40.74 25.72
N ILE I 362 -11.57 -41.46 26.83
CA ILE I 362 -10.86 -41.26 28.10
C ILE I 362 -9.36 -41.37 27.87
N LYS I 363 -8.93 -42.50 27.33
CA LYS I 363 -7.50 -42.72 27.17
C LYS I 363 -6.90 -41.72 26.22
N THR I 364 -7.58 -41.46 25.12
CA THR I 364 -7.10 -40.53 24.11
C THR I 364 -6.99 -39.10 24.65
N TRP I 365 -8.02 -38.65 25.35
CA TRP I 365 -8.00 -37.29 25.88
C TRP I 365 -6.97 -37.11 26.99
N ASP I 366 -6.94 -38.05 27.94
CA ASP I 366 -5.98 -38.07 29.04
C ASP I 366 -4.55 -37.85 28.53
N ALA I 367 -4.21 -38.54 27.45
CA ALA I 367 -2.87 -38.47 26.86
C ALA I 367 -2.62 -37.13 26.14
N ILE I 368 -3.61 -36.67 25.39
CA ILE I 368 -3.52 -35.39 24.71
C ILE I 368 -3.29 -34.29 25.74
N ILE I 369 -4.10 -34.30 26.79
CA ILE I 369 -3.96 -33.35 27.89
C ILE I 369 -2.65 -33.55 28.68
N PHE I 370 -2.20 -34.80 28.80
CA PHE I 370 -0.97 -35.11 29.53
C PHE I 370 0.24 -34.53 28.82
N ASN I 371 0.36 -34.84 27.52
CA ASN I 371 1.50 -34.38 26.73
C ASN I 371 1.54 -32.87 26.69
N SER I 372 0.36 -32.28 26.55
CA SER I 372 0.22 -30.84 26.48
C SER I 372 0.70 -30.16 27.76
N LEU I 373 0.28 -30.67 28.90
CA LEU I 373 0.61 -30.11 30.19
C LEU I 373 2.07 -30.39 30.56
N LYS I 374 2.58 -31.53 30.10
CA LYS I 374 3.96 -31.90 30.36
C LYS I 374 4.88 -30.86 29.71
N GLU I 375 4.53 -30.48 28.47
CA GLU I 375 5.32 -29.52 27.71
C GLU I 375 5.49 -28.19 28.43
N GLN I 376 4.54 -27.86 29.30
CA GLN I 376 4.64 -26.64 30.13
C GLN I 376 4.96 -26.91 31.59
N ASN I 377 5.68 -28.02 31.84
CA ASN I 377 6.12 -28.43 33.16
C ASN I 377 5.00 -28.53 34.16
N LYS I 378 3.78 -28.79 33.69
CA LYS I 378 2.68 -28.97 34.63
C LYS I 378 2.45 -30.43 34.97
N VAL I 379 1.80 -30.68 36.08
CA VAL I 379 1.53 -32.03 36.58
C VAL I 379 0.02 -32.27 36.61
N ILE I 380 -0.41 -33.36 35.96
CA ILE I 380 -1.82 -33.75 35.90
C ILE I 380 -2.32 -34.30 37.24
N PRO I 381 -3.63 -34.21 37.51
CA PRO I 381 -4.18 -34.77 38.75
C PRO I 381 -4.14 -36.30 38.81
N GLN I 382 -4.19 -36.82 40.03
CA GLN I 382 -4.40 -38.23 40.24
C GLN I 382 -5.84 -38.57 39.86
N GLY I 383 -6.01 -39.71 39.19
CA GLY I 383 -7.32 -40.26 38.99
C GLY I 383 -7.96 -40.46 40.35
N ARG I 384 -9.03 -39.72 40.60
CA ARG I 384 -9.80 -39.88 41.82
C ARG I 384 -10.93 -40.85 41.46
N SER I 385 -11.38 -41.62 42.44
CA SER I 385 -12.56 -42.46 42.29
C SER I 385 -13.83 -41.65 42.54
N HIS I 386 -14.90 -41.95 41.81
CA HIS I 386 -16.17 -41.21 41.98
C HIS I 386 -17.42 -42.08 41.86
N PRO I 387 -18.41 -41.83 42.73
CA PRO I 387 -19.66 -42.58 42.61
C PRO I 387 -20.37 -42.21 41.30
N VAL I 388 -20.86 -43.22 40.59
CA VAL I 388 -21.58 -43.01 39.34
C VAL I 388 -22.94 -42.46 39.70
N GLN I 389 -23.14 -41.20 39.38
CA GLN I 389 -24.29 -40.43 39.81
C GLN I 389 -24.94 -39.77 38.60
N PRO I 390 -26.15 -40.23 38.23
CA PRO I 390 -26.80 -39.64 37.07
C PRO I 390 -27.07 -38.17 37.30
N TYR I 391 -26.71 -37.34 36.31
CA TYR I 391 -27.05 -35.92 36.33
C TYR I 391 -27.99 -35.64 35.16
N PRO I 392 -28.69 -34.47 35.19
CA PRO I 392 -29.55 -34.09 34.05
C PRO I 392 -28.82 -33.99 32.70
N GLY I 393 -29.50 -34.44 31.64
CA GLY I 393 -29.00 -34.36 30.27
C GLY I 393 -29.79 -33.43 29.36
N ALA I 394 -29.76 -33.72 28.06
CA ALA I 394 -30.29 -32.84 27.02
C ALA I 394 -31.74 -32.48 27.21
N PHE I 395 -32.09 -31.24 26.89
CA PHE I 395 -33.48 -30.83 26.85
C PHE I 395 -34.13 -31.24 25.54
N VAL I 396 -35.35 -31.77 25.66
CA VAL I 396 -36.21 -32.02 24.51
C VAL I 396 -37.60 -31.51 24.82
N LYS I 397 -38.16 -30.76 23.88
CA LYS I 397 -39.49 -30.17 24.00
C LYS I 397 -40.58 -31.19 23.69
N GLU I 398 -41.72 -31.09 24.38
CA GLU I 398 -42.95 -31.77 23.96
C GLU I 398 -43.54 -31.00 22.78
N PRO I 399 -43.60 -31.65 21.60
CA PRO I 399 -44.24 -30.96 20.51
C PRO I 399 -45.74 -31.18 20.61
N ILE I 400 -46.53 -30.16 20.29
CA ILE I 400 -47.94 -30.39 20.07
C ILE I 400 -48.02 -31.21 18.78
N PRO I 401 -48.58 -32.44 18.86
CA PRO I 401 -48.69 -33.36 17.73
C PRO I 401 -49.55 -32.74 16.65
N ASN I 402 -49.00 -32.49 15.48
CA ASN I 402 -49.75 -31.83 14.42
C ASN I 402 -49.10 -32.02 13.07
N ARG I 403 -49.84 -31.72 12.01
CA ARG I 403 -49.22 -31.42 10.73
C ARG I 403 -48.55 -30.05 10.88
N TYR I 404 -47.46 -29.84 10.15
CA TYR I 404 -46.73 -28.57 10.15
C TYR I 404 -46.32 -28.28 8.73
N LYS I 405 -46.87 -27.21 8.17
CA LYS I 405 -46.80 -26.97 6.73
C LYS I 405 -45.43 -26.49 6.29
N TYR I 406 -44.86 -25.54 7.01
CA TYR I 406 -43.54 -25.04 6.64
C TYR I 406 -42.66 -25.03 7.85
N VAL I 407 -41.49 -25.62 7.72
CA VAL I 407 -40.57 -25.72 8.83
C VAL I 407 -39.15 -25.40 8.36
N MSE I 408 -38.47 -24.61 9.17
CA MSE I 408 -37.03 -24.44 9.05
C MSE I 408 -36.41 -24.90 10.36
O MSE I 408 -36.94 -24.58 11.44
CB MSE I 408 -36.69 -22.98 8.87
CG MSE I 408 -37.77 -22.18 8.25
SE MSE I 408 -37.08 -20.38 8.03
CE MSE I 408 -35.46 -20.88 7.00
N SER I 409 -35.31 -25.63 10.27
CA SER I 409 -34.59 -26.00 11.47
C SER I 409 -33.25 -25.27 11.57
N PHE I 410 -32.77 -25.08 12.80
CA PHE I 410 -31.48 -24.46 13.09
C PHE I 410 -30.73 -25.33 14.09
N ASP I 411 -29.40 -25.34 13.99
CA ASP I 411 -28.55 -26.15 14.87
C ASP I 411 -27.44 -25.31 15.46
N LEU I 412 -27.32 -25.34 16.78
CA LEU I 412 -26.10 -24.88 17.45
C LEU I 412 -24.95 -25.82 17.09
N THR I 413 -23.79 -25.26 16.78
CA THR I 413 -22.68 -26.09 16.36
C THR I 413 -21.81 -26.47 17.54
N SER I 414 -21.38 -27.73 17.59
CA SER I 414 -20.57 -28.27 18.69
C SER I 414 -21.04 -27.78 20.06
N LEU I 415 -22.35 -27.77 20.29
CA LEU I 415 -22.91 -27.21 21.53
C LEU I 415 -22.04 -27.44 22.78
N TYR I 416 -21.80 -28.70 23.12
CA TYR I 416 -21.16 -29.03 24.40
C TYR I 416 -19.70 -28.57 24.48
N PRO I 417 -18.88 -28.90 23.47
CA PRO I 417 -17.52 -28.36 23.46
C PRO I 417 -17.53 -26.84 23.45
N SER I 418 -18.47 -26.25 22.70
CA SER I 418 -18.66 -24.80 22.67
C SER I 418 -19.01 -24.20 24.04
N ILE I 419 -19.92 -24.87 24.75
CA ILE I 419 -20.29 -24.48 26.11
C ILE I 419 -19.10 -24.52 27.07
N ILE I 420 -18.22 -25.50 26.91
CA ILE I 420 -17.05 -25.63 27.77
C ILE I 420 -16.14 -24.41 27.66
N ARG I 421 -15.87 -24.02 26.42
CA ARG I 421 -15.01 -22.88 26.14
C ARG I 421 -15.69 -21.56 26.51
N GLN I 422 -17.02 -21.50 26.32
CA GLN I 422 -17.76 -20.29 26.59
C GLN I 422 -17.79 -19.99 28.06
N VAL I 423 -18.06 -21.01 28.86
CA VAL I 423 -18.23 -20.81 30.29
C VAL I 423 -16.89 -20.98 31.01
N ASN I 424 -15.92 -21.55 30.29
CA ASN I 424 -14.58 -21.80 30.82
C ASN I 424 -14.61 -22.90 31.89
N ILE I 425 -15.34 -23.98 31.62
CA ILE I 425 -15.49 -25.10 32.55
C ILE I 425 -14.24 -26.00 32.58
N SER I 426 -13.66 -26.17 33.75
CA SER I 426 -12.42 -26.92 33.92
C SER I 426 -12.28 -27.22 35.42
N PRO I 427 -11.69 -28.37 35.78
CA PRO I 427 -11.66 -28.68 37.22
C PRO I 427 -11.13 -27.51 38.02
N GLU I 428 -9.99 -26.96 37.58
CA GLU I 428 -9.19 -25.99 38.33
C GLU I 428 -9.74 -24.56 38.21
N THR I 429 -10.76 -24.41 37.39
CA THR I 429 -11.27 -23.11 37.08
C THR I 429 -12.55 -22.80 37.88
N ILE I 430 -12.92 -23.72 38.75
CA ILE I 430 -14.11 -23.58 39.61
C ILE I 430 -13.95 -22.42 40.61
N ALA I 431 -14.72 -21.36 40.40
CA ALA I 431 -14.61 -20.14 41.21
C ALA I 431 -15.51 -20.18 42.43
N GLY I 432 -16.64 -20.87 42.34
CA GLY I 432 -17.56 -20.92 43.45
C GLY I 432 -19.01 -21.18 43.10
N THR I 433 -19.89 -20.77 44.00
CA THR I 433 -21.28 -21.10 43.92
C THR I 433 -22.13 -19.84 43.97
N PHE I 434 -23.31 -19.91 43.37
CA PHE I 434 -24.33 -18.87 43.54
C PHE I 434 -25.68 -19.52 43.73
N LYS I 435 -26.59 -18.79 44.39
CA LYS I 435 -27.96 -19.23 44.60
C LYS I 435 -28.63 -19.54 43.27
N VAL I 436 -29.27 -20.69 43.17
CA VAL I 436 -29.93 -21.09 41.93
C VAL I 436 -31.42 -20.76 41.97
N ALA I 437 -31.84 -19.91 41.05
CA ALA I 437 -33.25 -19.69 40.75
C ALA I 437 -33.70 -20.85 39.87
N PRO I 438 -35.03 -21.07 39.76
CA PRO I 438 -35.49 -22.09 38.81
C PRO I 438 -35.01 -21.80 37.38
N LEU I 439 -34.72 -22.86 36.62
CA LEU I 439 -34.16 -22.70 35.28
C LEU I 439 -34.99 -21.79 34.39
N HIS I 440 -36.32 -21.88 34.53
CA HIS I 440 -37.22 -21.07 33.73
C HIS I 440 -37.03 -19.58 33.97
N ASP I 441 -36.67 -19.24 35.21
CA ASP I 441 -36.39 -17.86 35.57
C ASP I 441 -35.20 -17.31 34.79
N TYR I 442 -34.12 -18.09 34.71
CA TYR I 442 -32.97 -17.76 33.88
C TYR I 442 -33.32 -17.78 32.39
N ILE I 443 -34.19 -18.70 32.01
CA ILE I 443 -34.66 -18.78 30.63
C ILE I 443 -35.45 -17.54 30.20
N ASN I 444 -36.15 -16.91 31.14
CA ASN I 444 -36.94 -15.72 30.83
C ASN I 444 -36.32 -14.39 31.25
N ALA I 445 -35.05 -14.42 31.64
CA ALA I 445 -34.31 -13.22 32.10
C ALA I 445 -34.85 -12.64 33.41
N VAL I 446 -35.92 -13.25 33.92
CA VAL I 446 -36.56 -12.84 35.15
C VAL I 446 -35.66 -13.00 36.38
N ALA I 447 -34.72 -13.95 36.32
CA ALA I 447 -33.86 -14.25 37.46
C ALA I 447 -32.78 -13.19 37.64
N GLU I 448 -32.17 -13.19 38.82
CA GLU I 448 -31.14 -12.22 39.14
C GLU I 448 -29.79 -12.65 38.57
N ARG I 449 -29.08 -11.69 37.96
CA ARG I 449 -27.76 -11.93 37.40
C ARG I 449 -26.84 -12.62 38.41
N PRO I 450 -26.40 -13.86 38.10
CA PRO I 450 -25.64 -14.67 39.05
C PRO I 450 -24.37 -14.00 39.55
N SER I 451 -23.59 -13.43 38.64
CA SER I 451 -22.32 -12.81 38.98
C SER I 451 -21.91 -11.77 37.95
N ASP I 452 -21.19 -10.75 38.39
CA ASP I 452 -20.57 -9.81 37.46
C ASP I 452 -19.07 -9.98 37.53
N VAL I 453 -18.65 -11.02 38.25
CA VAL I 453 -17.23 -11.32 38.42
C VAL I 453 -16.88 -12.58 37.62
N TYR I 454 -17.66 -13.63 37.82
CA TYR I 454 -17.34 -14.95 37.30
C TYR I 454 -18.26 -15.41 36.18
N SER I 455 -17.72 -16.27 35.30
CA SER I 455 -18.50 -16.94 34.25
C SER I 455 -19.40 -18.01 34.88
N CYS I 456 -20.61 -18.16 34.36
CA CYS I 456 -21.65 -18.93 35.06
C CYS I 456 -22.51 -19.84 34.21
N SER I 457 -22.89 -20.97 34.80
CA SER I 457 -23.88 -21.86 34.21
C SER I 457 -25.06 -21.92 35.18
N PRO I 458 -26.28 -21.98 34.64
CA PRO I 458 -27.46 -21.83 35.52
C PRO I 458 -27.66 -22.98 36.52
N ASN I 459 -26.72 -23.92 36.57
CA ASN I 459 -26.80 -24.98 37.56
C ASN I 459 -26.27 -24.54 38.92
N GLY I 460 -25.74 -23.32 38.99
CA GLY I 460 -25.28 -22.73 40.24
C GLY I 460 -23.77 -22.53 40.32
N MSE I 461 -23.08 -22.85 39.24
CA MSE I 461 -21.62 -22.89 39.25
C MSE I 461 -20.98 -21.63 38.67
O MSE I 461 -21.48 -21.04 37.71
CB MSE I 461 -21.12 -24.13 38.53
CG MSE I 461 -21.44 -25.45 39.24
SE MSE I 461 -20.45 -25.69 40.91
CE MSE I 461 -18.64 -25.60 40.22
N MSE I 462 -19.86 -21.24 39.27
CA MSE I 462 -19.14 -20.05 38.86
C MSE I 462 -17.72 -20.42 38.46
O MSE I 462 -17.07 -21.22 39.13
CB MSE I 462 -19.10 -19.04 40.00
CG MSE I 462 -20.45 -18.80 40.63
SE MSE I 462 -20.53 -17.05 41.48
CE MSE I 462 -19.30 -17.40 42.96
N TYR I 463 -17.24 -19.81 37.39
CA TYR I 463 -15.91 -20.12 36.89
C TYR I 463 -15.05 -18.88 36.73
N TYR I 464 -13.73 -19.04 36.90
CA TYR I 464 -12.80 -17.94 36.70
C TYR I 464 -12.82 -17.52 35.24
N LYS I 465 -12.87 -16.21 35.01
CA LYS I 465 -13.01 -15.61 33.68
C LYS I 465 -11.68 -15.21 33.07
N ASP I 466 -10.75 -14.80 33.91
CA ASP I 466 -9.46 -14.34 33.42
C ASP I 466 -8.63 -15.53 32.96
N ARG I 467 -8.51 -16.53 33.85
CA ARG I 467 -7.67 -17.72 33.64
C ARG I 467 -7.97 -18.48 32.36
N ASP I 468 -6.97 -19.22 31.89
CA ASP I 468 -7.15 -20.18 30.82
C ASP I 468 -7.23 -21.59 31.39
N GLY I 469 -8.42 -22.18 31.29
CA GLY I 469 -8.63 -23.54 31.80
C GLY I 469 -7.93 -24.61 30.98
N VAL I 470 -7.55 -25.69 31.63
CA VAL I 470 -6.95 -26.83 30.93
C VAL I 470 -7.88 -27.36 29.84
N VAL I 471 -9.09 -27.75 30.22
CA VAL I 471 -10.02 -28.39 29.30
C VAL I 471 -10.43 -27.45 28.17
N PRO I 472 -10.94 -26.24 28.49
CA PRO I 472 -11.26 -25.26 27.45
C PRO I 472 -10.07 -24.99 26.52
N THR I 473 -8.88 -24.82 27.07
CA THR I 473 -7.71 -24.59 26.23
C THR I 473 -7.49 -25.75 25.26
N GLU I 474 -7.37 -26.96 25.80
CA GLU I 474 -7.06 -28.14 24.98
C GLU I 474 -8.10 -28.43 23.88
N ILE I 475 -9.36 -28.04 24.09
CA ILE I 475 -10.38 -28.24 23.06
C ILE I 475 -10.35 -27.12 22.01
N THR I 476 -10.15 -25.89 22.46
CA THR I 476 -9.95 -24.76 21.57
C THR I 476 -8.82 -25.10 20.61
N LYS I 477 -7.72 -25.63 21.17
CA LYS I 477 -6.59 -26.06 20.39
C LYS I 477 -6.99 -27.02 19.26
N VAL I 478 -7.92 -27.93 19.56
CA VAL I 478 -8.35 -28.95 18.60
C VAL I 478 -9.26 -28.32 17.54
N PHE I 479 -10.11 -27.39 17.95
CA PHE I 479 -10.91 -26.56 17.04
C PHE I 479 -10.03 -25.81 16.04
N ASN I 480 -9.01 -25.13 16.57
CA ASN I 480 -8.03 -24.41 15.77
C ASN I 480 -7.32 -25.31 14.77
N GLN I 481 -6.86 -26.47 15.24
CA GLN I 481 -6.18 -27.45 14.40
C GLN I 481 -7.11 -27.95 13.30
N ARG I 482 -8.38 -28.11 13.64
CA ARG I 482 -9.41 -28.52 12.71
C ARG I 482 -9.51 -27.52 11.56
N LYS I 483 -9.73 -26.24 11.89
CA LYS I 483 -9.76 -25.14 10.92
C LYS I 483 -8.49 -25.12 10.08
N GLU I 484 -7.34 -25.23 10.76
CA GLU I 484 -6.04 -25.24 10.10
C GLU I 484 -5.97 -26.34 9.05
N HIS I 485 -6.22 -27.58 9.46
CA HIS I 485 -6.10 -28.73 8.56
C HIS I 485 -7.22 -28.80 7.52
N LYS I 486 -8.35 -28.16 7.82
CA LYS I 486 -9.39 -27.95 6.82
C LYS I 486 -8.99 -26.80 5.92
N GLY I 487 -7.95 -26.07 6.33
CA GLY I 487 -7.38 -24.97 5.56
C GLY I 487 -6.50 -25.49 4.45
N TYR I 488 -5.63 -26.45 4.78
CA TYR I 488 -4.79 -27.13 3.79
C TYR I 488 -5.67 -28.02 2.91
N MSE I 489 -6.65 -28.65 3.54
CA MSE I 489 -7.72 -29.38 2.89
C MSE I 489 -8.32 -28.56 1.74
O MSE I 489 -8.06 -28.84 0.57
CB MSE I 489 -8.79 -29.71 3.94
CG MSE I 489 -10.20 -30.03 3.44
SE MSE I 489 -10.54 -31.92 3.53
CE MSE I 489 -9.52 -32.47 1.95
N LEU I 490 -9.09 -27.51 2.08
CA LEU I 490 -9.75 -26.67 1.09
C LEU I 490 -8.76 -25.84 0.27
N ALA I 491 -7.48 -26.20 0.34
CA ALA I 491 -6.46 -25.60 -0.51
C ALA I 491 -5.97 -26.63 -1.53
N ALA I 492 -5.36 -27.70 -1.05
CA ALA I 492 -4.90 -28.79 -1.92
C ALA I 492 -6.05 -29.41 -2.70
N GLN I 493 -7.26 -29.36 -2.13
CA GLN I 493 -8.48 -29.86 -2.77
C GLN I 493 -9.09 -28.85 -3.73
N ARG I 494 -8.98 -27.56 -3.39
CA ARG I 494 -9.54 -26.48 -4.19
C ARG I 494 -8.56 -25.96 -5.23
N ASN I 495 -7.42 -25.42 -4.79
CA ASN I 495 -6.42 -24.88 -5.72
C ASN I 495 -5.81 -25.96 -6.63
N GLY I 496 -5.84 -27.20 -6.15
CA GLY I 496 -5.29 -28.34 -6.87
C GLY I 496 -5.89 -28.51 -8.25
N GLU I 497 -7.21 -28.42 -8.34
CA GLU I 497 -7.94 -28.62 -9.61
C GLU I 497 -7.54 -27.68 -10.75
N ILE I 498 -6.88 -26.57 -10.40
CA ILE I 498 -6.33 -25.65 -11.39
C ILE I 498 -5.26 -26.32 -12.23
N ILE I 499 -4.47 -27.19 -11.59
CA ILE I 499 -3.45 -27.99 -12.28
C ILE I 499 -4.07 -29.11 -13.11
N LYS I 500 -5.15 -29.70 -12.58
CA LYS I 500 -5.83 -30.82 -13.24
C LYS I 500 -6.62 -30.41 -14.48
N GLU I 501 -7.41 -29.35 -14.37
CA GLU I 501 -8.23 -28.84 -15.48
C GLU I 501 -7.40 -28.25 -16.64
N ALA I 502 -6.18 -27.81 -16.32
CA ALA I 502 -5.25 -27.23 -17.31
C ALA I 502 -4.74 -28.25 -18.33
N LEU I 503 -4.47 -29.47 -17.85
CA LEU I 503 -3.97 -30.57 -18.70
C LEU I 503 -4.97 -30.94 -19.81
N HIS I 504 -6.24 -30.66 -19.57
CA HIS I 504 -7.35 -31.00 -20.47
C HIS I 504 -7.65 -32.49 -20.44
N TYR I 518 1.70 -26.74 -1.27
CA TYR I 518 0.36 -27.17 -1.66
C TYR I 518 -0.66 -26.95 -0.53
N ARG I 519 -0.15 -26.68 0.68
CA ARG I 519 -0.97 -26.42 1.86
C ARG I 519 -1.68 -25.07 1.75
N PHE I 520 -0.97 -24.09 1.20
CA PHE I 520 -1.56 -22.78 0.90
C PHE I 520 -1.27 -22.49 -0.56
N ASP I 521 -2.30 -22.07 -1.29
CA ASP I 521 -2.16 -21.73 -2.71
C ASP I 521 -1.02 -20.73 -2.93
N PHE I 522 0.15 -21.27 -3.28
CA PHE I 522 1.41 -20.52 -3.37
C PHE I 522 1.35 -19.32 -4.32
N SER I 523 2.25 -18.37 -4.09
CA SER I 523 2.32 -17.11 -4.84
C SER I 523 2.27 -17.30 -6.35
N ASP I 524 1.69 -16.32 -7.05
CA ASP I 524 1.59 -16.34 -8.51
C ASP I 524 2.97 -16.14 -9.19
N GLU I 525 3.97 -16.84 -8.66
CA GLU I 525 5.29 -16.98 -9.29
C GLU I 525 5.62 -18.47 -9.36
N ILE I 526 5.18 -19.22 -8.34
CA ILE I 526 5.26 -20.68 -8.33
C ILE I 526 4.16 -21.27 -9.22
N LYS I 527 2.98 -20.65 -9.19
CA LYS I 527 1.87 -21.01 -10.06
C LYS I 527 2.08 -20.51 -11.49
N GLU I 528 2.89 -19.46 -11.64
CA GLU I 528 3.23 -18.90 -12.94
C GLU I 528 4.25 -19.73 -13.70
N LYS I 529 5.41 -19.96 -13.05
CA LYS I 529 6.49 -20.77 -13.61
C LYS I 529 6.07 -22.22 -13.86
N ILE I 530 4.77 -22.49 -13.74
CA ILE I 530 4.19 -23.80 -14.01
C ILE I 530 3.06 -23.69 -15.03
N LYS I 531 3.36 -24.07 -16.27
CA LYS I 531 2.37 -24.02 -17.37
C LYS I 531 2.75 -24.93 -18.54
N LYS I 532 3.90 -25.59 -18.43
CA LYS I 532 4.39 -26.46 -19.51
C LYS I 532 3.81 -27.89 -19.44
N LEU I 533 2.85 -28.15 -20.33
CA LEU I 533 2.23 -29.46 -20.50
C LEU I 533 3.26 -30.59 -20.39
N SER I 534 3.05 -31.49 -19.43
CA SER I 534 4.01 -32.55 -19.14
C SER I 534 3.33 -33.87 -18.74
N ALA I 535 4.04 -34.98 -18.99
CA ALA I 535 3.65 -36.30 -18.51
C ALA I 535 4.39 -36.63 -17.22
N LYS I 536 5.56 -36.01 -17.03
CA LYS I 536 6.35 -36.17 -15.81
C LYS I 536 5.89 -35.20 -14.72
N SER I 537 5.34 -34.05 -15.12
CA SER I 537 4.97 -32.98 -14.19
C SER I 537 3.47 -32.86 -13.90
N LEU I 538 2.77 -32.04 -14.69
CA LEU I 538 1.38 -31.63 -14.41
C LEU I 538 0.40 -32.76 -14.04
N ASN I 539 0.60 -33.95 -14.61
CA ASN I 539 -0.26 -35.11 -14.35
C ASN I 539 0.28 -36.05 -13.27
N GLU I 540 1.56 -35.92 -12.93
CA GLU I 540 2.19 -36.69 -11.85
C GLU I 540 2.47 -35.83 -10.61
N MSE I 541 2.22 -34.53 -10.72
CA MSE I 541 2.31 -33.60 -9.59
C MSE I 541 0.92 -33.28 -9.04
O MSE I 541 0.77 -32.65 -7.99
CB MSE I 541 3.03 -32.31 -9.98
N LEU I 542 -0.12 -33.71 -9.78
CA LEU I 542 -1.49 -33.66 -9.31
C LEU I 542 -1.75 -34.86 -8.38
N PHE I 543 -0.92 -35.90 -8.53
CA PHE I 543 -0.91 -37.02 -7.61
C PHE I 543 -0.46 -36.56 -6.22
N ARG I 544 0.40 -35.55 -6.20
CA ARG I 544 0.90 -34.93 -4.97
C ARG I 544 -0.17 -34.08 -4.27
N ALA I 545 -0.80 -33.20 -5.03
CA ALA I 545 -1.84 -32.30 -4.51
C ALA I 545 -3.06 -33.05 -3.95
N GLN I 546 -3.44 -34.14 -4.62
CA GLN I 546 -4.53 -35.01 -4.17
C GLN I 546 -4.10 -35.88 -2.98
N ARG I 547 -2.83 -36.27 -2.93
CA ARG I 547 -2.30 -37.03 -1.80
C ARG I 547 -2.13 -36.14 -0.58
N THR I 548 -1.97 -34.84 -0.83
CA THR I 548 -1.85 -33.85 0.24
C THR I 548 -3.21 -33.65 0.92
N GLU I 549 -4.26 -33.51 0.12
CA GLU I 549 -5.61 -33.33 0.65
C GLU I 549 -6.10 -34.56 1.39
N VAL I 550 -5.61 -35.74 0.98
CA VAL I 550 -5.85 -36.98 1.70
C VAL I 550 -5.41 -36.83 3.17
N ALA I 551 -4.24 -36.23 3.37
CA ALA I 551 -3.71 -35.97 4.72
C ALA I 551 -4.56 -34.93 5.45
N GLY I 552 -5.07 -33.95 4.70
CA GLY I 552 -5.93 -32.91 5.25
C GLY I 552 -7.22 -33.48 5.82
N MSE I 553 -7.92 -34.26 5.01
CA MSE I 553 -9.14 -34.95 5.44
C MSE I 553 -8.95 -35.67 6.75
O MSE I 553 -9.62 -35.36 7.73
CB MSE I 553 -9.62 -35.95 4.37
CG MSE I 553 -10.78 -35.45 3.53
SE MSE I 553 -12.35 -34.98 4.60
CE MSE I 553 -13.39 -36.62 4.42
N THR I 554 -8.03 -36.63 6.77
CA THR I 554 -7.84 -37.51 7.93
C THR I 554 -7.51 -36.73 9.21
N ALA I 555 -6.69 -35.70 9.08
CA ALA I 555 -6.34 -34.84 10.20
C ALA I 555 -7.54 -34.04 10.71
N GLN I 556 -8.45 -33.73 9.79
CA GLN I 556 -9.64 -32.95 10.12
C GLN I 556 -10.74 -33.84 10.70
N ILE I 557 -10.89 -35.04 10.16
CA ILE I 557 -11.84 -36.04 10.67
C ILE I 557 -11.47 -36.43 12.09
N ASN I 558 -10.18 -36.53 12.34
CA ASN I 558 -9.68 -36.92 13.64
C ASN I 558 -9.86 -35.84 14.70
N ARG I 559 -9.83 -34.58 14.28
CA ARG I 559 -10.10 -33.46 15.18
C ARG I 559 -11.58 -33.41 15.54
N LYS I 560 -12.42 -33.62 14.53
CA LYS I 560 -13.87 -33.70 14.70
C LYS I 560 -14.22 -34.78 15.71
N LEU I 561 -13.55 -35.92 15.58
CA LEU I 561 -13.78 -37.06 16.47
C LEU I 561 -13.41 -36.78 17.92
N LEU I 562 -12.31 -36.06 18.11
CA LEU I 562 -11.90 -35.60 19.44
C LEU I 562 -12.91 -34.62 20.05
N ILE I 563 -13.32 -33.63 19.25
CA ILE I 563 -14.25 -32.59 19.70
C ILE I 563 -15.55 -33.18 20.21
N ASN I 564 -16.07 -34.17 19.50
CA ASN I 564 -17.36 -34.74 19.85
C ASN I 564 -17.27 -35.76 20.97
N SER I 565 -16.09 -36.36 21.11
CA SER I 565 -15.86 -37.35 22.15
C SER I 565 -15.15 -36.73 23.33
N LEU I 566 -15.47 -35.49 23.65
CA LEU I 566 -14.90 -34.84 24.82
C LEU I 566 -15.86 -34.85 25.99
N TYR I 567 -17.12 -34.52 25.72
CA TYR I 567 -18.13 -34.53 26.76
C TYR I 567 -18.25 -35.93 27.34
N GLY I 568 -18.29 -36.95 26.47
CA GLY I 568 -18.30 -38.35 26.87
C GLY I 568 -17.24 -38.69 27.90
N ALA I 569 -16.01 -38.27 27.61
CA ALA I 569 -14.90 -38.42 28.55
C ALA I 569 -15.11 -37.54 29.79
N LEU I 570 -15.52 -36.29 29.59
CA LEU I 570 -15.81 -35.38 30.71
C LEU I 570 -16.92 -35.89 31.63
N GLY I 571 -17.85 -36.65 31.07
CA GLY I 571 -18.99 -37.14 31.83
C GLY I 571 -18.73 -38.50 32.45
N ASN I 572 -17.50 -38.98 32.29
CA ASN I 572 -17.12 -40.30 32.74
C ASN I 572 -16.30 -40.24 34.02
N VAL I 573 -16.84 -40.84 35.09
CA VAL I 573 -16.19 -40.84 36.41
C VAL I 573 -14.77 -41.40 36.38
N TRP I 574 -14.46 -42.16 35.33
CA TRP I 574 -13.15 -42.76 35.18
C TRP I 574 -12.14 -41.84 34.51
N PHE I 575 -12.56 -40.61 34.24
CA PHE I 575 -11.72 -39.62 33.60
C PHE I 575 -11.04 -38.75 34.64
N ARG I 576 -9.74 -38.58 34.47
CA ARG I 576 -8.91 -37.73 35.32
C ARG I 576 -9.56 -36.40 35.67
N TYR I 577 -10.23 -35.79 34.70
CA TYR I 577 -10.74 -34.44 34.82
C TYR I 577 -12.25 -34.37 35.01
N TYR I 578 -12.87 -35.53 35.20
CA TYR I 578 -14.31 -35.60 35.50
C TYR I 578 -14.63 -34.80 36.74
N ASP I 579 -15.80 -34.17 36.74
CA ASP I 579 -16.28 -33.42 37.90
C ASP I 579 -17.76 -33.20 37.71
N LEU I 580 -18.56 -33.86 38.54
CA LEU I 580 -20.01 -33.84 38.46
C LEU I 580 -20.60 -32.45 38.33
N ARG I 581 -20.05 -31.47 39.04
CA ARG I 581 -20.64 -30.13 38.99
C ARG I 581 -20.46 -29.47 37.61
N ASN I 582 -19.39 -29.87 36.92
CA ASN I 582 -19.05 -29.37 35.60
C ASN I 582 -19.87 -30.02 34.48
N ALA I 583 -19.99 -31.35 34.55
CA ALA I 583 -20.87 -32.08 33.64
C ALA I 583 -22.28 -31.47 33.71
N THR I 584 -22.77 -31.32 34.94
CA THR I 584 -24.08 -30.71 35.17
C THR I 584 -24.10 -29.26 34.70
N ALA I 585 -22.96 -28.57 34.79
CA ALA I 585 -22.86 -27.20 34.32
C ALA I 585 -23.07 -27.16 32.82
N ILE I 586 -22.32 -28.00 32.12
CA ILE I 586 -22.39 -28.12 30.66
C ILE I 586 -23.82 -28.34 30.20
N THR I 587 -24.44 -29.42 30.67
CA THR I 587 -25.73 -29.82 30.14
C THR I 587 -26.82 -28.87 30.56
N THR I 588 -26.78 -28.39 31.81
CA THR I 588 -27.75 -27.41 32.28
C THR I 588 -27.65 -26.11 31.48
N PHE I 589 -26.42 -25.65 31.24
CA PHE I 589 -26.21 -24.50 30.36
C PHE I 589 -26.87 -24.71 28.99
N GLY I 590 -26.69 -25.90 28.40
CA GLY I 590 -27.31 -26.23 27.11
C GLY I 590 -28.83 -26.19 27.21
N GLN I 591 -29.34 -26.82 28.26
CA GLN I 591 -30.76 -26.78 28.57
C GLN I 591 -31.34 -25.36 28.55
N MSE I 592 -30.64 -24.38 29.14
CA MSE I 592 -31.12 -22.98 29.14
C MSE I 592 -30.91 -22.31 27.78
O MSE I 592 -31.70 -21.46 27.38
CB MSE I 592 -30.52 -22.14 30.29
CG MSE I 592 -29.25 -21.33 29.96
SE MSE I 592 -28.90 -19.82 31.20
CE MSE I 592 -30.45 -18.73 30.75
N ALA I 593 -29.86 -22.70 27.08
CA ALA I 593 -29.51 -22.05 25.83
C ALA I 593 -30.50 -22.38 24.71
N LEU I 594 -30.92 -23.63 24.60
CA LEU I 594 -31.90 -23.98 23.59
C LEU I 594 -33.26 -23.32 23.85
N GLN I 595 -33.61 -23.19 25.12
CA GLN I 595 -34.90 -22.64 25.54
C GLN I 595 -34.93 -21.10 25.60
N TRP I 596 -33.77 -20.51 25.89
CA TRP I 596 -33.60 -19.06 25.85
C TRP I 596 -33.72 -18.59 24.41
N ILE I 597 -33.26 -19.41 23.48
CA ILE I 597 -33.33 -19.06 22.07
C ILE I 597 -34.67 -19.44 21.45
N GLU I 598 -35.39 -20.37 22.08
CA GLU I 598 -36.79 -20.59 21.72
C GLU I 598 -37.54 -19.30 22.04
N ARG I 599 -37.26 -18.73 23.21
CA ARG I 599 -37.84 -17.47 23.63
C ARG I 599 -37.48 -16.34 22.67
N LYS I 600 -36.18 -16.19 22.42
CA LYS I 600 -35.70 -15.15 21.53
C LYS I 600 -36.25 -15.22 20.09
N VAL I 601 -36.34 -16.44 19.56
CA VAL I 601 -36.90 -16.68 18.21
C VAL I 601 -38.40 -16.41 18.20
N ASN I 602 -39.12 -16.92 19.19
CA ASN I 602 -40.54 -16.65 19.33
C ASN I 602 -40.83 -15.16 19.43
N GLU I 603 -39.98 -14.44 20.14
CA GLU I 603 -40.23 -13.02 20.36
C GLU I 603 -39.98 -12.24 19.09
N TYR I 604 -38.84 -12.53 18.45
CA TYR I 604 -38.50 -11.91 17.19
C TYR I 604 -39.57 -12.17 16.13
N LEU I 605 -40.04 -13.40 16.04
CA LEU I 605 -40.98 -13.77 14.98
C LEU I 605 -42.39 -13.24 15.22
N ASN I 606 -42.70 -12.93 16.47
CA ASN I 606 -43.97 -12.32 16.81
C ASN I 606 -43.99 -10.83 16.45
N GLU I 607 -42.91 -10.14 16.82
CA GLU I 607 -42.67 -8.75 16.45
C GLU I 607 -42.79 -8.58 14.93
N VAL I 608 -41.93 -9.28 14.20
CA VAL I 608 -41.88 -9.23 12.73
C VAL I 608 -43.21 -9.56 12.02
N CYS I 609 -43.96 -10.52 12.56
CA CYS I 609 -45.19 -10.96 11.93
C CYS I 609 -46.39 -10.19 12.40
N GLY I 610 -46.20 -9.34 13.41
CA GLY I 610 -47.27 -8.54 13.96
C GLY I 610 -48.24 -9.34 14.82
N THR I 611 -47.92 -10.62 15.04
CA THR I 611 -48.66 -11.46 15.96
C THR I 611 -48.21 -11.14 17.38
N GLU I 612 -48.86 -11.75 18.37
CA GLU I 612 -48.34 -11.75 19.76
C GLU I 612 -48.67 -13.07 20.48
N GLY I 613 -47.65 -13.63 21.11
CA GLY I 613 -47.79 -14.87 21.87
C GLY I 613 -48.02 -16.10 21.01
N GLU I 614 -47.42 -16.12 19.82
CA GLU I 614 -47.52 -17.25 18.91
C GLU I 614 -46.32 -18.19 19.06
N ALA I 615 -46.60 -19.49 19.20
CA ALA I 615 -45.55 -20.50 19.31
C ALA I 615 -44.97 -20.86 17.94
N PHE I 616 -43.88 -20.17 17.58
CA PHE I 616 -43.20 -20.42 16.31
C PHE I 616 -42.31 -21.65 16.34
N VAL I 617 -41.48 -21.73 17.38
CA VAL I 617 -40.70 -22.93 17.65
C VAL I 617 -41.68 -24.02 18.02
N LEU I 618 -41.74 -25.04 17.18
CA LEU I 618 -42.70 -26.10 17.36
C LEU I 618 -42.07 -27.33 17.99
N TYR I 619 -40.74 -27.34 18.00
CA TYR I 619 -39.97 -28.45 18.54
C TYR I 619 -38.52 -28.02 18.74
N GLY I 620 -37.89 -28.58 19.76
CA GLY I 620 -36.47 -28.37 20.05
C GLY I 620 -35.91 -29.64 20.65
N ASP I 621 -34.73 -30.04 20.22
CA ASP I 621 -34.13 -31.29 20.65
C ASP I 621 -32.62 -31.16 20.75
N THR I 622 -32.16 -31.26 22.00
CA THR I 622 -30.75 -31.11 22.39
C THR I 622 -29.98 -29.86 21.94
N ASP I 623 -29.65 -29.77 20.65
CA ASP I 623 -28.87 -28.63 20.15
C ASP I 623 -29.53 -27.88 19.00
N SER I 624 -30.80 -28.20 18.72
CA SER I 624 -31.45 -27.69 17.53
C SER I 624 -32.91 -27.34 17.76
N ILE I 625 -33.40 -26.34 17.02
CA ILE I 625 -34.80 -25.95 17.06
C ILE I 625 -35.48 -26.12 15.71
N TYR I 626 -36.79 -26.32 15.75
CA TYR I 626 -37.60 -26.42 14.55
C TYR I 626 -38.64 -25.32 14.58
N VAL I 627 -38.69 -24.54 13.52
CA VAL I 627 -39.48 -23.31 13.52
C VAL I 627 -40.52 -23.34 12.42
N SER I 628 -41.77 -23.02 12.77
CA SER I 628 -42.82 -22.95 11.77
C SER I 628 -42.64 -21.70 10.95
N ALA I 629 -42.69 -21.87 9.63
CA ALA I 629 -42.51 -20.78 8.70
C ALA I 629 -43.86 -20.38 8.12
N ASP I 630 -44.93 -20.93 8.71
CA ASP I 630 -46.28 -20.71 8.23
C ASP I 630 -46.61 -19.24 7.98
N LYS I 631 -46.59 -18.44 9.03
CA LYS I 631 -46.98 -17.02 8.96
C LYS I 631 -46.01 -16.16 8.15
N ILE I 632 -44.74 -16.56 8.09
CA ILE I 632 -43.76 -15.88 7.26
C ILE I 632 -44.13 -16.01 5.78
N ILE I 633 -44.58 -17.19 5.38
CA ILE I 633 -45.11 -17.41 4.02
C ILE I 633 -46.39 -16.59 3.83
N ASP I 634 -47.24 -16.60 4.84
CA ASP I 634 -48.51 -15.90 4.78
C ASP I 634 -48.31 -14.40 4.57
N LYS I 635 -47.19 -13.88 5.04
CA LYS I 635 -46.88 -12.46 4.88
C LYS I 635 -46.73 -12.08 3.42
N VAL I 636 -45.94 -12.84 2.68
CA VAL I 636 -45.88 -12.72 1.23
C VAL I 636 -47.20 -13.20 0.61
N GLY I 637 -47.81 -14.21 1.24
CA GLY I 637 -48.97 -14.88 0.67
C GLY I 637 -48.51 -15.90 -0.35
N GLU I 638 -48.93 -17.16 -0.16
CA GLU I 638 -48.53 -18.30 -1.00
C GLU I 638 -48.59 -18.03 -2.51
N SER I 639 -49.43 -17.08 -2.90
CA SER I 639 -49.79 -16.88 -4.31
C SER I 639 -48.82 -16.03 -5.12
N LYS I 640 -47.76 -15.50 -4.49
CA LYS I 640 -46.80 -14.67 -5.22
C LYS I 640 -45.52 -15.44 -5.62
N PHE I 641 -45.55 -16.75 -5.47
CA PHE I 641 -44.38 -17.58 -5.77
C PHE I 641 -44.54 -18.31 -7.09
N ARG I 642 -43.59 -18.10 -8.00
CA ARG I 642 -43.69 -18.68 -9.36
C ARG I 642 -43.43 -20.19 -9.40
N ASP I 643 -42.96 -20.74 -8.27
CA ASP I 643 -42.71 -22.18 -8.10
C ASP I 643 -42.26 -22.48 -6.66
N THR I 644 -42.12 -23.76 -6.35
CA THR I 644 -41.59 -24.21 -5.06
C THR I 644 -40.28 -23.52 -4.73
N ASN I 645 -39.36 -23.49 -5.69
CA ASN I 645 -38.04 -22.97 -5.45
C ASN I 645 -38.02 -21.51 -5.03
N HIS I 646 -39.10 -20.79 -5.34
CA HIS I 646 -39.21 -19.37 -5.00
C HIS I 646 -39.39 -19.16 -3.49
N TRP I 647 -40.29 -19.92 -2.88
CA TRP I 647 -40.46 -19.81 -1.42
C TRP I 647 -39.29 -20.38 -0.62
N VAL I 648 -38.66 -21.45 -1.12
CA VAL I 648 -37.45 -21.99 -0.50
C VAL I 648 -36.34 -20.94 -0.52
N ASP I 649 -36.31 -20.14 -1.58
CA ASP I 649 -35.40 -18.97 -1.68
C ASP I 649 -35.75 -17.94 -0.63
N PHE I 650 -37.05 -17.63 -0.55
CA PHE I 650 -37.54 -16.62 0.37
C PHE I 650 -37.15 -16.98 1.79
N LEU I 651 -37.54 -18.18 2.22
CA LEU I 651 -37.30 -18.63 3.57
C LEU I 651 -35.80 -18.69 3.89
N ASP I 652 -35.01 -19.16 2.93
CA ASP I 652 -33.54 -19.18 3.07
C ASP I 652 -32.95 -17.79 3.30
N LYS I 653 -33.42 -16.81 2.52
CA LYS I 653 -32.94 -15.43 2.64
C LYS I 653 -33.36 -14.85 3.98
N PHE I 654 -34.63 -15.02 4.32
CA PHE I 654 -35.17 -14.60 5.59
C PHE I 654 -34.37 -15.15 6.76
N ALA I 655 -33.95 -16.41 6.66
CA ALA I 655 -33.16 -17.06 7.70
C ALA I 655 -31.82 -16.37 7.86
N ARG I 656 -31.07 -16.30 6.77
CA ARG I 656 -29.73 -15.73 6.76
C ARG I 656 -29.71 -14.22 7.05
N GLU I 657 -30.78 -13.53 6.67
CA GLU I 657 -30.81 -12.07 6.75
C GLU I 657 -31.53 -11.50 7.97
N ARG I 658 -32.64 -12.10 8.33
CA ARG I 658 -33.48 -11.56 9.38
C ARG I 658 -33.36 -12.34 10.68
N MSE I 659 -33.26 -13.65 10.54
CA MSE I 659 -33.39 -14.55 11.68
C MSE I 659 -32.09 -14.79 12.41
O MSE I 659 -32.08 -14.83 13.64
CB MSE I 659 -33.95 -15.89 11.21
CG MSE I 659 -35.39 -15.84 10.83
SE MSE I 659 -36.30 -17.40 11.55
CE MSE I 659 -36.12 -16.96 13.45
N GLU I 660 -31.01 -14.95 11.68
CA GLU I 660 -29.72 -15.27 12.29
C GLU I 660 -29.05 -14.12 13.06
N PRO I 661 -29.20 -12.86 12.58
CA PRO I 661 -28.72 -11.77 13.42
C PRO I 661 -29.54 -11.64 14.70
N ALA I 662 -30.83 -11.97 14.61
CA ALA I 662 -31.71 -11.93 15.77
C ALA I 662 -31.36 -13.05 16.74
N ILE I 663 -30.87 -14.16 16.18
CA ILE I 663 -30.41 -15.30 16.94
C ILE I 663 -29.11 -14.95 17.64
N ASP I 664 -28.21 -14.31 16.90
CA ASP I 664 -26.93 -13.89 17.46
C ASP I 664 -27.11 -12.81 18.54
N ARG I 665 -27.93 -11.80 18.23
CA ARG I 665 -28.29 -10.79 19.23
C ARG I 665 -28.83 -11.42 20.49
N GLY I 666 -29.67 -12.44 20.32
CA GLY I 666 -30.24 -13.20 21.44
C GLY I 666 -29.18 -13.88 22.31
N PHE I 667 -28.35 -14.71 21.70
CA PHE I 667 -27.30 -15.43 22.40
C PHE I 667 -26.23 -14.53 23.02
N ARG I 668 -25.90 -13.42 22.35
CA ARG I 668 -24.98 -12.43 22.90
C ARG I 668 -25.53 -11.86 24.19
N GLU I 669 -26.86 -11.77 24.25
CA GLU I 669 -27.51 -11.26 25.44
C GLU I 669 -27.40 -12.27 26.56
N MSE I 670 -27.51 -13.56 26.23
CA MSE I 670 -27.40 -14.61 27.22
C MSE I 670 -25.99 -14.69 27.77
O MSE I 670 -25.80 -14.95 28.95
CB MSE I 670 -27.77 -15.95 26.62
CG MSE I 670 -27.98 -17.02 27.66
SE MSE I 670 -28.29 -18.71 26.80
CE MSE I 670 -26.54 -19.00 25.96
N CYS I 671 -25.02 -14.48 26.89
CA CYS I 671 -23.63 -14.52 27.28
C CYS I 671 -23.30 -13.45 28.31
N GLU I 672 -23.88 -12.27 28.13
CA GLU I 672 -23.68 -11.15 29.06
C GLU I 672 -24.41 -11.46 30.37
N TYR I 673 -25.57 -12.11 30.24
CA TYR I 673 -26.39 -12.54 31.38
C TYR I 673 -25.69 -13.56 32.28
N MSE I 674 -25.14 -14.61 31.68
CA MSE I 674 -24.40 -15.61 32.43
C MSE I 674 -22.97 -15.15 32.69
O MSE I 674 -22.23 -15.79 33.45
CB MSE I 674 -24.42 -16.97 31.69
CG MSE I 674 -25.67 -17.82 31.92
SE MSE I 674 -26.21 -18.08 33.81
CE MSE I 674 -27.60 -16.70 33.88
N ASN I 675 -22.58 -14.02 32.08
CA ASN I 675 -21.27 -13.39 32.29
C ASN I 675 -20.11 -14.24 31.76
N ASN I 676 -20.35 -14.95 30.65
CA ASN I 676 -19.41 -15.93 30.11
C ASN I 676 -18.13 -15.35 29.52
N LYS I 677 -17.07 -16.15 29.50
CA LYS I 677 -15.76 -15.75 29.03
C LYS I 677 -15.74 -15.30 27.57
N GLN I 678 -16.41 -16.03 26.70
CA GLN I 678 -16.65 -15.61 25.32
C GLN I 678 -17.93 -16.22 24.72
N HIS I 679 -18.50 -15.54 23.73
CA HIS I 679 -19.75 -15.95 23.07
C HIS I 679 -19.49 -16.90 21.91
N LEU I 680 -19.85 -18.16 22.11
CA LEU I 680 -19.62 -19.23 21.13
C LEU I 680 -20.88 -19.99 20.74
N MSE I 681 -22.05 -19.41 21.01
CA MSE I 681 -23.33 -19.98 20.63
C MSE I 681 -23.74 -19.54 19.22
O MSE I 681 -24.33 -18.47 19.05
CB MSE I 681 -24.43 -19.62 21.63
CG MSE I 681 -24.13 -19.93 23.10
SE MSE I 681 -23.86 -21.83 23.47
CE MSE I 681 -25.71 -22.40 23.53
N PHE I 682 -23.42 -20.36 18.22
CA PHE I 682 -23.72 -20.04 16.84
C PHE I 682 -24.63 -21.08 16.23
N MSE I 683 -25.71 -20.62 15.60
CA MSE I 683 -26.67 -21.52 14.93
C MSE I 683 -26.61 -21.44 13.41
O MSE I 683 -26.89 -20.39 12.83
CB MSE I 683 -28.12 -21.24 15.39
CG MSE I 683 -28.36 -21.41 16.88
SE MSE I 683 -30.25 -21.71 17.34
CE MSE I 683 -30.28 -23.65 17.22
N ASP I 684 -26.23 -22.55 12.76
CA ASP I 684 -26.45 -22.74 11.33
C ASP I 684 -27.92 -23.07 11.07
N ARG I 685 -28.42 -22.63 9.92
CA ARG I 685 -29.73 -23.02 9.44
C ARG I 685 -29.62 -24.34 8.75
N GLU I 686 -30.43 -25.31 9.16
CA GLU I 686 -30.38 -26.66 8.61
C GLU I 686 -31.36 -26.87 7.48
N ALA I 687 -32.52 -27.46 7.80
CA ALA I 687 -33.52 -27.86 6.83
C ALA I 687 -34.47 -26.73 6.50
N ILE I 688 -35.01 -26.77 5.29
CA ILE I 688 -36.21 -26.03 4.93
C ILE I 688 -37.16 -27.08 4.39
N ALA I 689 -38.36 -27.10 4.95
CA ALA I 689 -39.34 -28.13 4.62
C ALA I 689 -40.71 -27.51 4.38
N GLY I 690 -41.46 -28.13 3.48
CA GLY I 690 -42.82 -27.70 3.14
C GLY I 690 -43.33 -28.57 2.02
N PRO I 691 -44.59 -28.34 1.58
CA PRO I 691 -45.17 -29.11 0.48
C PRO I 691 -44.79 -28.54 -0.89
N PRO I 692 -44.88 -29.36 -1.96
CA PRO I 692 -44.60 -28.80 -3.28
C PRO I 692 -45.68 -27.78 -3.62
N LEU I 693 -45.29 -26.66 -4.21
CA LEU I 693 -46.24 -25.56 -4.45
C LEU I 693 -47.49 -25.98 -5.23
N GLY I 694 -48.64 -25.48 -4.77
CA GLY I 694 -49.91 -25.73 -5.41
C GLY I 694 -50.34 -27.17 -5.33
N SER I 695 -50.02 -27.82 -4.21
CA SER I 695 -50.35 -29.23 -3.96
C SER I 695 -51.09 -29.35 -2.64
N LYS I 696 -51.69 -30.53 -2.41
CA LYS I 696 -52.45 -30.75 -1.18
C LYS I 696 -51.61 -31.40 -0.06
N GLY I 697 -50.30 -31.49 -0.31
CA GLY I 697 -49.37 -32.08 0.66
C GLY I 697 -49.30 -31.25 1.92
N ILE I 698 -48.89 -31.89 3.02
CA ILE I 698 -48.90 -31.24 4.34
C ILE I 698 -47.54 -30.73 4.78
N GLY I 699 -46.51 -31.13 4.05
CA GLY I 699 -45.14 -30.68 4.31
C GLY I 699 -44.41 -31.51 5.36
N GLY I 700 -44.94 -31.53 6.57
CA GLY I 700 -44.32 -32.23 7.67
C GLY I 700 -45.32 -32.49 8.78
N PHE I 701 -44.91 -33.30 9.76
CA PHE I 701 -45.72 -33.54 10.94
C PHE I 701 -44.90 -34.08 12.10
N TRP I 702 -45.39 -33.83 13.31
CA TRP I 702 -44.84 -34.39 14.52
C TRP I 702 -45.89 -35.23 15.20
N THR I 703 -45.50 -36.38 15.76
CA THR I 703 -46.41 -37.17 16.56
C THR I 703 -46.02 -37.07 18.02
N GLY I 704 -44.73 -36.80 18.26
CA GLY I 704 -44.23 -36.59 19.61
C GLY I 704 -42.72 -36.33 19.59
N LYS I 705 -42.13 -36.33 20.78
CA LYS I 705 -40.68 -36.23 20.95
C LYS I 705 -39.96 -37.28 20.12
N LYS I 706 -39.00 -36.83 19.32
CA LYS I 706 -38.13 -37.70 18.53
C LYS I 706 -38.85 -38.47 17.43
N ARG I 707 -40.13 -38.18 17.20
CA ARG I 707 -40.88 -38.81 16.09
C ARG I 707 -41.49 -37.76 15.20
N TYR I 708 -41.06 -37.74 13.93
CA TYR I 708 -41.54 -36.80 12.93
C TYR I 708 -41.01 -37.08 11.54
N ALA I 709 -41.68 -36.51 10.55
CA ALA I 709 -41.29 -36.58 9.15
C ALA I 709 -41.34 -35.17 8.57
N LEU I 710 -40.44 -34.89 7.63
CA LEU I 710 -40.38 -33.60 6.98
C LEU I 710 -40.06 -33.73 5.50
N ASN I 711 -40.70 -32.90 4.68
CA ASN I 711 -40.41 -32.83 3.25
C ASN I 711 -39.38 -31.75 2.96
N VAL I 712 -38.14 -32.19 2.79
CA VAL I 712 -37.00 -31.27 2.79
C VAL I 712 -36.50 -30.91 1.40
N TRP I 713 -36.30 -29.61 1.19
CA TRP I 713 -35.85 -29.08 -0.10
C TRP I 713 -34.42 -28.60 -0.02
N ASP I 714 -34.05 -28.07 1.14
CA ASP I 714 -32.75 -27.47 1.31
C ASP I 714 -32.21 -27.79 2.68
N MSE I 715 -31.13 -28.58 2.72
CA MSE I 715 -30.38 -28.81 3.94
C MSE I 715 -29.11 -27.99 3.88
O MSE I 715 -28.20 -28.32 3.12
CB MSE I 715 -30.04 -30.30 4.08
CG MSE I 715 -29.23 -30.66 5.33
SE MSE I 715 -30.15 -30.28 7.01
CE MSE I 715 -31.58 -31.59 6.86
N GLU I 716 -29.06 -26.93 4.70
CA GLU I 716 -27.91 -26.00 4.78
C GLU I 716 -27.15 -25.83 3.47
N GLY I 717 -27.57 -24.85 2.68
CA GLY I 717 -26.96 -24.62 1.39
C GLY I 717 -27.55 -25.55 0.34
N THR I 718 -27.11 -26.81 0.34
CA THR I 718 -27.50 -27.77 -0.69
C THR I 718 -29.01 -27.77 -0.98
N ARG I 719 -29.36 -27.33 -2.18
CA ARG I 719 -30.74 -27.32 -2.67
C ARG I 719 -31.02 -28.56 -3.51
N TYR I 720 -31.88 -29.44 -3.00
CA TYR I 720 -32.08 -30.75 -3.65
C TYR I 720 -32.84 -30.69 -4.97
N ALA I 721 -32.53 -31.64 -5.86
CA ALA I 721 -33.21 -31.76 -7.15
C ALA I 721 -34.67 -32.09 -6.89
N GLU I 722 -34.90 -33.35 -6.52
CA GLU I 722 -36.18 -33.83 -6.06
C GLU I 722 -36.24 -33.60 -4.54
N PRO I 723 -37.45 -33.45 -3.98
CA PRO I 723 -37.52 -33.31 -2.52
C PRO I 723 -37.23 -34.65 -1.86
N LYS I 724 -36.60 -34.61 -0.69
CA LYS I 724 -36.34 -35.84 0.07
C LYS I 724 -36.86 -35.84 1.50
N LEU I 725 -37.45 -36.96 1.89
CA LEU I 725 -38.06 -37.10 3.21
C LEU I 725 -36.99 -37.21 4.30
N LYS I 726 -37.07 -36.32 5.28
CA LYS I 726 -36.35 -36.46 6.54
C LYS I 726 -37.33 -37.05 7.55
N ILE I 727 -37.25 -38.35 7.76
CA ILE I 727 -38.12 -39.05 8.70
C ILE I 727 -37.31 -39.49 9.92
N MSE I 728 -37.81 -39.17 11.11
CA MSE I 728 -37.10 -39.45 12.36
C MSE I 728 -37.99 -40.19 13.35
O MSE I 728 -39.12 -39.78 13.59
CB MSE I 728 -36.60 -38.17 13.01
CG MSE I 728 -35.54 -37.41 12.22
SE MSE I 728 -33.69 -37.91 12.62
CE MSE I 728 -33.49 -39.42 11.37
N GLY I 729 -37.49 -41.28 13.90
CA GLY I 729 -38.20 -42.02 14.93
C GLY I 729 -39.34 -42.92 14.46
N LEU I 730 -39.96 -42.57 13.35
CA LEU I 730 -41.11 -43.31 12.85
C LEU I 730 -40.80 -44.75 12.43
N GLU I 731 -41.83 -45.55 12.33
CA GLU I 731 -41.71 -46.98 12.03
C GLU I 731 -40.90 -47.31 10.78
N THR I 732 -40.85 -46.38 9.82
CA THR I 732 -40.05 -46.53 8.61
C THR I 732 -38.57 -46.67 8.94
N GLN I 733 -38.17 -46.07 10.05
CA GLN I 733 -36.76 -46.00 10.44
C GLN I 733 -36.37 -47.12 11.40
N LYS I 734 -37.21 -48.15 11.43
CA LYS I 734 -37.09 -49.22 12.42
C LYS I 734 -36.96 -50.57 11.74
N SER I 735 -35.80 -51.20 11.94
CA SER I 735 -35.48 -52.52 11.35
C SER I 735 -36.45 -53.62 11.77
N SER I 736 -37.14 -53.41 12.89
CA SER I 736 -38.14 -54.35 13.38
C SER I 736 -39.36 -54.40 12.46
N THR I 737 -39.51 -53.38 11.62
CA THR I 737 -40.62 -53.27 10.67
C THR I 737 -40.35 -54.10 9.41
N PRO I 738 -41.32 -54.93 8.99
CA PRO I 738 -41.25 -55.72 7.76
C PRO I 738 -40.77 -54.92 6.55
N LYS I 739 -40.09 -55.59 5.63
CA LYS I 739 -39.53 -54.90 4.47
C LYS I 739 -40.64 -54.23 3.67
N ALA I 740 -41.67 -54.99 3.32
CA ALA I 740 -42.80 -54.46 2.55
C ALA I 740 -43.44 -53.25 3.25
N VAL I 741 -43.56 -53.34 4.56
CA VAL I 741 -44.32 -52.39 5.35
C VAL I 741 -43.53 -51.10 5.59
N GLN I 742 -42.22 -51.20 5.72
CA GLN I 742 -41.37 -50.01 5.77
C GLN I 742 -41.58 -49.22 4.49
N LYS I 743 -41.68 -49.96 3.39
CA LYS I 743 -41.77 -49.39 2.07
C LYS I 743 -43.08 -48.63 1.92
N ALA I 744 -44.17 -49.27 2.32
CA ALA I 744 -45.51 -48.70 2.18
C ALA I 744 -45.73 -47.49 3.10
N LEU I 745 -45.21 -47.56 4.33
CA LEU I 745 -45.37 -46.48 5.30
C LEU I 745 -44.55 -45.27 4.89
N LYS I 746 -43.44 -45.52 4.21
CA LYS I 746 -42.62 -44.45 3.66
C LYS I 746 -43.43 -43.80 2.54
N GLU I 747 -44.07 -44.62 1.73
CA GLU I 747 -44.87 -44.08 0.64
C GLU I 747 -46.06 -43.32 1.22
N CYS I 748 -46.71 -43.93 2.22
CA CYS I 748 -47.78 -43.29 2.96
C CYS I 748 -47.38 -41.91 3.41
N ILE I 749 -46.14 -41.78 3.89
CA ILE I 749 -45.62 -40.52 4.37
C ILE I 749 -45.31 -39.59 3.19
N ARG I 750 -44.62 -40.11 2.17
CA ARG I 750 -44.31 -39.33 0.99
C ARG I 750 -45.59 -38.74 0.42
N ARG I 751 -46.62 -39.57 0.35
CA ARG I 751 -47.93 -39.17 -0.14
C ARG I 751 -48.62 -38.17 0.78
N MSE I 752 -48.47 -38.36 2.09
CA MSE I 752 -49.05 -37.44 3.08
C MSE I 752 -48.50 -36.03 2.90
O MSE I 752 -49.27 -35.07 2.84
CB MSE I 752 -48.79 -37.92 4.50
CG MSE I 752 -49.86 -38.84 5.09
SE MSE I 752 -49.28 -39.61 6.84
CE MSE I 752 -48.89 -37.96 7.78
N LEU I 753 -47.18 -35.93 2.77
CA LEU I 753 -46.44 -34.66 2.78
C LEU I 753 -46.42 -33.92 1.45
N GLN I 754 -46.35 -34.67 0.34
CA GLN I 754 -46.16 -34.10 -0.99
C GLN I 754 -47.45 -34.03 -1.78
N GLU I 755 -48.32 -35.02 -1.60
CA GLU I 755 -49.49 -35.15 -2.43
C GLU I 755 -50.79 -34.81 -1.69
N GLY I 756 -50.92 -35.31 -0.46
CA GLY I 756 -52.09 -35.00 0.34
C GLY I 756 -52.92 -36.20 0.71
N GLU I 757 -54.08 -35.93 1.27
CA GLU I 757 -54.90 -36.91 1.95
C GLU I 757 -55.54 -37.94 1.02
N GLU I 758 -55.99 -37.48 -0.15
CA GLU I 758 -56.68 -38.36 -1.08
C GLU I 758 -55.73 -39.40 -1.64
N SER I 759 -54.54 -38.95 -2.04
CA SER I 759 -53.46 -39.81 -2.48
C SER I 759 -53.30 -40.94 -1.48
N LEU I 760 -53.09 -40.57 -0.22
CA LEU I 760 -52.89 -41.51 0.88
C LEU I 760 -53.99 -42.55 0.95
N GLN I 761 -55.23 -42.11 0.87
CA GLN I 761 -56.37 -43.01 1.02
C GLN I 761 -56.39 -44.05 -0.09
N GLU I 762 -56.09 -43.59 -1.30
CA GLU I 762 -55.98 -44.46 -2.45
C GLU I 762 -54.88 -45.47 -2.24
N TYR I 763 -53.75 -45.03 -1.69
CA TYR I 763 -52.63 -45.92 -1.48
C TYR I 763 -52.97 -46.94 -0.42
N PHE I 764 -53.55 -46.47 0.68
CA PHE I 764 -53.94 -47.32 1.78
C PHE I 764 -54.91 -48.39 1.32
N LYS I 765 -56.00 -47.97 0.68
CA LYS I 765 -56.98 -48.91 0.14
C LYS I 765 -56.30 -49.96 -0.73
N GLU I 766 -55.41 -49.54 -1.62
CA GLU I 766 -54.79 -50.45 -2.57
C GLU I 766 -53.88 -51.49 -1.90
N PHE I 767 -53.04 -51.01 -0.98
CA PHE I 767 -52.15 -51.88 -0.21
C PHE I 767 -52.92 -52.91 0.62
N GLU I 768 -53.98 -52.45 1.27
CA GLU I 768 -54.85 -53.30 2.06
C GLU I 768 -55.44 -54.39 1.17
N LYS I 769 -55.90 -53.97 -0.01
CA LYS I 769 -56.45 -54.88 -1.02
C LYS I 769 -55.42 -55.89 -1.54
N GLU I 770 -54.15 -55.47 -1.53
CA GLU I 770 -53.07 -56.23 -2.14
C GLU I 770 -52.12 -56.91 -1.13
N PHE I 771 -52.46 -56.84 0.15
CA PHE I 771 -51.58 -57.32 1.22
C PHE I 771 -51.23 -58.80 1.10
N ARG I 772 -52.24 -59.64 0.90
CA ARG I 772 -52.10 -61.10 0.90
C ARG I 772 -51.28 -61.64 -0.27
N GLN I 773 -51.04 -60.79 -1.26
CA GLN I 773 -50.23 -61.14 -2.43
C GLN I 773 -48.76 -60.80 -2.25
N LEU I 774 -48.41 -60.29 -1.07
CA LEU I 774 -47.04 -59.93 -0.75
C LEU I 774 -46.29 -61.14 -0.22
N ASN I 775 -44.97 -61.13 -0.42
CA ASN I 775 -44.10 -62.17 0.09
C ASN I 775 -44.18 -62.25 1.61
N TYR I 776 -44.22 -63.47 2.16
CA TYR I 776 -44.34 -63.64 3.62
C TYR I 776 -43.11 -63.13 4.38
N ILE I 777 -41.94 -63.21 3.76
CA ILE I 777 -40.73 -62.70 4.39
C ILE I 777 -40.79 -61.18 4.43
N SER I 778 -41.30 -60.59 3.35
CA SER I 778 -41.43 -59.13 3.23
C SER I 778 -42.40 -58.52 4.25
N ILE I 779 -43.34 -59.32 4.74
CA ILE I 779 -44.34 -58.82 5.67
C ILE I 779 -44.17 -59.33 7.10
N ALA I 780 -43.13 -60.11 7.34
CA ALA I 780 -42.83 -60.58 8.68
C ALA I 780 -42.01 -59.52 9.42
N SER I 781 -42.37 -59.29 10.68
CA SER I 781 -41.61 -58.38 11.53
C SER I 781 -40.32 -59.05 11.95
N VAL I 782 -39.42 -58.27 12.54
CA VAL I 782 -38.10 -58.75 12.94
C VAL I 782 -37.80 -58.31 14.36
N SER I 783 -37.07 -59.13 15.13
CA SER I 783 -36.51 -58.70 16.41
C SER I 783 -35.40 -59.63 16.90
N SER I 784 -34.55 -59.10 17.77
CA SER I 784 -33.46 -59.86 18.34
C SER I 784 -33.95 -60.82 19.44
N ALA I 785 -33.32 -61.99 19.52
CA ALA I 785 -33.63 -63.01 20.52
C ALA I 785 -32.69 -62.89 21.72
N ASN I 786 -33.14 -62.17 22.74
CA ASN I 786 -32.37 -61.98 23.97
C ASN I 786 -33.11 -62.57 25.17
N ASN I 787 -32.35 -63.20 26.06
CA ASN I 787 -32.88 -63.95 27.20
C ASN I 787 -33.87 -65.04 26.77
N ILE I 788 -33.41 -65.91 25.87
CA ILE I 788 -34.22 -67.04 25.38
C ILE I 788 -34.51 -68.07 26.48
N ALA I 789 -33.51 -68.31 27.32
CA ALA I 789 -33.62 -69.24 28.44
C ALA I 789 -34.56 -68.69 29.50
N LYS I 790 -34.36 -67.43 29.87
CA LYS I 790 -35.07 -66.77 30.97
C LYS I 790 -36.58 -67.04 30.98
N TYR I 791 -37.17 -67.22 29.80
CA TYR I 791 -38.61 -67.36 29.67
C TYR I 791 -39.00 -68.73 29.13
N ASP I 792 -37.98 -69.57 28.95
CA ASP I 792 -38.16 -70.95 28.48
C ASP I 792 -38.49 -71.89 29.64
N VAL I 793 -39.79 -72.09 29.88
CA VAL I 793 -40.26 -73.02 30.91
C VAL I 793 -40.53 -74.40 30.29
N GLY I 794 -39.45 -75.12 30.01
CA GLY I 794 -39.51 -76.44 29.39
C GLY I 794 -40.00 -76.42 27.96
N GLY I 795 -39.68 -75.34 27.25
CA GLY I 795 -40.10 -75.19 25.84
C GLY I 795 -41.35 -74.37 25.67
N PHE I 796 -41.99 -74.02 26.80
CA PHE I 796 -43.20 -73.20 26.81
C PHE I 796 -42.97 -71.85 27.49
N PRO I 797 -43.77 -70.83 27.11
CA PRO I 797 -43.56 -69.47 27.63
C PRO I 797 -44.00 -69.32 29.07
N GLY I 798 -43.11 -68.78 29.90
CA GLY I 798 -43.41 -68.55 31.31
C GLY I 798 -43.86 -67.13 31.59
N PRO I 799 -43.91 -66.75 32.88
CA PRO I 799 -44.32 -65.41 33.29
C PRO I 799 -43.54 -64.30 32.58
N LYS I 800 -44.28 -63.29 32.12
CA LYS I 800 -43.73 -62.05 31.55
C LYS I 800 -43.03 -62.21 30.19
N CYS I 801 -43.16 -63.39 29.58
CA CYS I 801 -42.50 -63.71 28.31
C CYS I 801 -42.98 -62.81 27.16
N PRO I 802 -42.06 -62.02 26.60
CA PRO I 802 -42.28 -61.17 25.43
C PRO I 802 -42.78 -61.93 24.21
N PHE I 803 -43.47 -61.20 23.33
CA PHE I 803 -44.19 -61.78 22.19
C PHE I 803 -43.33 -62.61 21.23
N HIS I 804 -42.12 -62.14 20.96
CA HIS I 804 -41.25 -62.77 19.97
C HIS I 804 -40.61 -64.05 20.49
N ILE I 805 -40.34 -64.08 21.79
CA ILE I 805 -39.73 -65.25 22.44
C ILE I 805 -40.76 -66.38 22.54
N ARG I 806 -42.00 -66.05 22.87
CA ARG I 806 -43.12 -66.99 22.73
C ARG I 806 -43.16 -67.52 21.30
N GLY I 807 -42.87 -66.65 20.33
CA GLY I 807 -42.81 -67.01 18.93
C GLY I 807 -41.73 -68.03 18.65
N ILE I 808 -40.57 -67.87 19.28
CA ILE I 808 -39.47 -68.81 19.14
C ILE I 808 -39.80 -70.18 19.77
N LEU I 809 -40.36 -70.14 20.97
CA LEU I 809 -40.70 -71.36 21.71
C LEU I 809 -41.85 -72.11 21.05
N THR I 810 -42.42 -71.51 20.00
CA THR I 810 -43.44 -72.18 19.22
C THR I 810 -42.75 -72.91 18.06
N TYR I 811 -41.81 -72.21 17.43
CA TYR I 811 -40.96 -72.78 16.40
C TYR I 811 -40.19 -74.00 16.92
N ASN I 812 -39.63 -73.88 18.12
CA ASN I 812 -38.86 -74.95 18.74
C ASN I 812 -39.65 -76.25 18.92
N ARG I 813 -40.78 -76.16 19.62
CA ARG I 813 -41.65 -77.32 19.84
C ARG I 813 -42.07 -77.97 18.52
N ALA I 814 -42.40 -77.14 17.53
CA ALA I 814 -42.75 -77.61 16.20
C ALA I 814 -41.54 -78.14 15.43
N ILE I 815 -40.34 -77.87 15.94
CA ILE I 815 -39.09 -78.18 15.24
C ILE I 815 -38.16 -79.16 15.98
N LYS I 816 -38.45 -79.41 17.26
CA LYS I 816 -37.65 -80.33 18.08
C LYS I 816 -37.64 -81.74 17.50
N GLY I 817 -36.66 -82.02 16.64
CA GLY I 817 -36.53 -83.32 15.99
C GLY I 817 -35.89 -83.32 14.61
N ASN I 818 -35.65 -82.14 14.04
CA ASN I 818 -34.99 -82.04 12.73
C ASN I 818 -33.67 -81.27 12.79
N ILE I 819 -32.57 -81.95 12.44
CA ILE I 819 -31.25 -81.33 12.45
C ILE I 819 -31.02 -80.42 11.24
N ASP I 820 -31.76 -80.68 10.16
CA ASP I 820 -31.71 -79.85 8.96
C ASP I 820 -32.36 -78.49 9.21
N ALA I 821 -33.18 -78.43 10.25
CA ALA I 821 -33.86 -77.20 10.65
C ALA I 821 -32.90 -76.24 11.37
N PRO I 822 -32.85 -74.97 10.89
CA PRO I 822 -31.97 -73.96 11.50
C PRO I 822 -32.48 -73.57 12.88
N GLN I 823 -31.69 -73.85 13.91
CA GLN I 823 -32.05 -73.58 15.29
C GLN I 823 -31.97 -72.08 15.58
N VAL I 824 -32.82 -71.62 16.49
CA VAL I 824 -32.80 -70.22 16.92
C VAL I 824 -31.83 -70.09 18.09
N VAL I 825 -30.89 -69.14 17.96
CA VAL I 825 -29.82 -68.96 18.92
C VAL I 825 -30.00 -67.66 19.69
N GLU I 826 -29.66 -67.67 20.98
CA GLU I 826 -29.61 -66.45 21.79
C GLU I 826 -28.75 -65.38 21.07
N GLY I 827 -29.31 -64.18 20.94
CA GLY I 827 -28.63 -63.07 20.27
C GLY I 827 -29.11 -62.81 18.86
N GLU I 828 -29.45 -63.89 18.15
CA GLU I 828 -29.84 -63.84 16.74
C GLU I 828 -31.12 -63.04 16.47
N LYS I 829 -31.10 -62.22 15.42
CA LYS I 829 -32.31 -61.56 14.91
C LYS I 829 -33.28 -62.59 14.35
N VAL I 830 -34.59 -62.33 14.50
CA VAL I 830 -35.62 -63.32 14.21
C VAL I 830 -36.88 -62.76 13.51
N TYR I 831 -37.31 -63.41 12.43
CA TYR I 831 -38.60 -63.10 11.80
C TYR I 831 -39.70 -63.59 12.70
N VAL I 832 -40.71 -62.75 12.91
CA VAL I 832 -41.88 -63.11 13.71
C VAL I 832 -43.13 -63.04 12.84
N LEU I 833 -44.14 -63.86 13.16
CA LEU I 833 -45.43 -63.87 12.47
C LEU I 833 -46.56 -64.30 13.40
N PRO I 834 -47.68 -63.54 13.42
CA PRO I 834 -48.84 -63.98 14.20
C PRO I 834 -49.54 -65.18 13.55
N LEU I 835 -50.23 -65.97 14.37
CA LEU I 835 -50.91 -67.19 13.91
C LEU I 835 -52.37 -67.15 14.31
N ARG I 836 -53.23 -67.56 13.38
CA ARG I 836 -54.68 -67.49 13.58
C ARG I 836 -55.17 -68.54 14.59
N GLU I 837 -56.14 -68.16 15.42
CA GLU I 837 -56.65 -69.04 16.48
C GLU I 837 -57.10 -70.40 15.93
N GLY I 838 -56.74 -71.46 16.66
CA GLY I 838 -56.97 -72.84 16.22
C GLY I 838 -55.82 -73.42 15.41
N ASN I 839 -54.67 -72.76 15.42
CA ASN I 839 -53.52 -73.24 14.66
C ASN I 839 -52.83 -74.43 15.32
N PRO I 840 -52.43 -75.42 14.49
CA PRO I 840 -51.66 -76.58 14.94
C PRO I 840 -50.55 -76.22 15.91
N PHE I 841 -49.80 -75.17 15.59
CA PHE I 841 -48.61 -74.77 16.36
C PHE I 841 -48.92 -74.44 17.82
N GLY I 842 -50.22 -74.40 18.14
CA GLY I 842 -50.71 -74.29 19.51
C GLY I 842 -50.37 -73.01 20.25
N ASP I 843 -50.22 -71.91 19.51
CA ASP I 843 -49.87 -70.63 20.12
C ASP I 843 -50.26 -69.43 19.22
N LYS I 844 -50.19 -68.24 19.79
CA LYS I 844 -50.62 -67.02 19.09
C LYS I 844 -49.61 -66.50 18.05
N CYS I 845 -48.37 -67.00 18.06
CA CYS I 845 -47.36 -66.58 17.08
C CYS I 845 -46.28 -67.63 16.80
N ILE I 846 -45.53 -67.44 15.72
CA ILE I 846 -44.34 -68.23 15.42
C ILE I 846 -43.17 -67.35 14.96
N ALA I 847 -41.95 -67.80 15.21
CA ALA I 847 -40.76 -67.03 14.85
C ALA I 847 -39.65 -67.94 14.34
N TRP I 848 -38.87 -67.46 13.37
CA TRP I 848 -37.77 -68.22 12.81
C TRP I 848 -36.58 -67.32 12.48
N PRO I 849 -35.39 -67.92 12.24
CA PRO I 849 -34.17 -67.12 12.01
C PRO I 849 -34.34 -66.14 10.86
N SER I 850 -33.76 -64.94 11.01
CA SER I 850 -33.94 -63.89 10.03
C SER I 850 -33.07 -64.11 8.78
N GLY I 851 -33.41 -63.42 7.69
CA GLY I 851 -32.67 -63.53 6.45
C GLY I 851 -32.78 -64.90 5.80
N THR I 852 -33.61 -65.77 6.40
CA THR I 852 -33.77 -67.13 5.93
C THR I 852 -35.23 -67.43 5.60
N GLU I 853 -35.44 -68.27 4.58
CA GLU I 853 -36.73 -68.87 4.33
C GLU I 853 -37.00 -69.85 5.47
N ILE I 854 -38.26 -69.96 5.87
CA ILE I 854 -38.62 -70.89 6.95
C ILE I 854 -38.66 -72.31 6.42
N THR I 855 -38.07 -73.22 7.20
CA THR I 855 -37.92 -74.63 6.81
C THR I 855 -39.17 -75.25 6.19
N ASP I 856 -38.96 -76.03 5.13
CA ASP I 856 -40.04 -76.71 4.38
C ASP I 856 -40.93 -77.57 5.28
N LEU I 857 -40.35 -78.06 6.37
CA LEU I 857 -41.04 -78.91 7.34
C LEU I 857 -42.29 -78.26 7.96
N ILE I 858 -42.32 -76.93 7.98
CA ILE I 858 -43.50 -76.21 8.45
C ILE I 858 -43.96 -75.14 7.47
N LYS I 859 -43.03 -74.63 6.67
CA LYS I 859 -43.27 -73.50 5.74
C LYS I 859 -44.67 -73.48 5.15
N ASP I 860 -45.00 -74.48 4.34
CA ASP I 860 -46.27 -74.53 3.61
C ASP I 860 -47.49 -74.51 4.53
N ASP I 861 -47.26 -74.83 5.80
CA ASP I 861 -48.33 -74.88 6.81
C ASP I 861 -48.42 -73.57 7.61
N VAL I 862 -47.31 -72.84 7.66
CA VAL I 862 -47.23 -71.50 8.26
C VAL I 862 -47.95 -70.51 7.36
N LEU I 863 -47.57 -70.51 6.08
CA LEU I 863 -48.19 -69.70 5.03
C LEU I 863 -49.72 -69.84 4.98
N HIS I 864 -50.23 -70.90 5.62
CA HIS I 864 -51.65 -71.19 5.68
C HIS I 864 -52.29 -70.65 6.96
N TRP I 865 -51.54 -70.62 8.05
CA TRP I 865 -52.10 -70.33 9.37
C TRP I 865 -51.84 -68.92 9.91
N MSE I 866 -50.91 -68.20 9.30
CA MSE I 866 -50.61 -66.84 9.68
C MSE I 866 -51.83 -65.92 9.59
O MSE I 866 -52.65 -66.05 8.67
CB MSE I 866 -49.47 -66.28 8.83
CG MSE I 866 -49.69 -66.46 7.34
SE MSE I 866 -48.04 -66.06 6.42
CE MSE I 866 -48.08 -64.09 6.48
N ASP I 867 -51.93 -65.01 10.54
CA ASP I 867 -53.07 -64.11 10.64
C ASP I 867 -52.77 -62.78 9.94
N TYR I 868 -53.16 -62.68 8.67
CA TYR I 868 -52.98 -61.45 7.89
C TYR I 868 -53.65 -60.23 8.53
N THR I 869 -54.88 -60.42 9.01
CA THR I 869 -55.61 -59.36 9.68
C THR I 869 -54.76 -58.81 10.80
N VAL I 870 -54.38 -59.66 11.75
CA VAL I 870 -53.56 -59.24 12.90
C VAL I 870 -52.22 -58.64 12.45
N LEU I 871 -51.65 -59.19 11.37
CA LEU I 871 -50.35 -58.74 10.91
C LEU I 871 -50.42 -57.32 10.33
N LEU I 872 -51.36 -57.10 9.42
CA LEU I 872 -51.60 -55.80 8.84
C LEU I 872 -51.99 -54.75 9.88
N GLU I 873 -52.87 -55.14 10.80
CA GLU I 873 -53.28 -54.23 11.87
C GLU I 873 -52.08 -53.87 12.72
N LYS I 874 -51.38 -54.88 13.22
CA LYS I 874 -50.27 -54.71 14.15
C LYS I 874 -49.10 -53.88 13.58
N THR I 875 -48.68 -54.19 12.36
CA THR I 875 -47.48 -53.58 11.78
C THR I 875 -47.70 -52.39 10.83
N PHE I 876 -48.89 -52.29 10.24
CA PHE I 876 -49.17 -51.24 9.24
C PHE I 876 -50.23 -50.23 9.70
N ILE I 877 -51.48 -50.67 9.84
CA ILE I 877 -52.57 -49.76 10.17
C ILE I 877 -52.32 -49.02 11.48
N LYS I 878 -51.96 -49.76 12.53
CA LYS I 878 -51.79 -49.15 13.83
C LYS I 878 -50.76 -48.00 13.81
N PRO I 879 -49.49 -48.27 13.40
CA PRO I 879 -48.53 -47.15 13.28
C PRO I 879 -48.91 -46.07 12.27
N LEU I 880 -49.73 -46.41 11.28
CA LEU I 880 -50.23 -45.41 10.34
C LEU I 880 -51.21 -44.46 11.02
N GLU I 881 -52.17 -45.06 11.72
CA GLU I 881 -53.13 -44.35 12.57
C GLU I 881 -52.40 -43.35 13.46
N GLY I 882 -51.20 -43.73 13.91
CA GLY I 882 -50.32 -42.85 14.63
C GLY I 882 -50.02 -41.60 13.83
N PHE I 883 -49.55 -41.78 12.59
CA PHE I 883 -49.14 -40.66 11.75
C PHE I 883 -50.33 -39.78 11.40
N THR I 884 -51.40 -40.40 10.90
CA THR I 884 -52.58 -39.68 10.44
C THR I 884 -53.28 -38.95 11.58
N SER I 885 -53.34 -39.58 12.75
CA SER I 885 -53.93 -38.97 13.93
C SER I 885 -53.23 -37.65 14.26
N ALA I 886 -51.90 -37.70 14.31
CA ALA I 886 -51.11 -36.51 14.58
C ALA I 886 -51.23 -35.44 13.49
N ALA I 887 -51.26 -35.88 12.24
CA ALA I 887 -51.26 -34.94 11.11
C ALA I 887 -52.65 -34.45 10.76
N LYS I 888 -53.63 -34.90 11.54
CA LYS I 888 -55.04 -34.51 11.36
C LYS I 888 -55.56 -34.94 9.98
N LEU I 889 -55.27 -36.19 9.63
CA LEU I 889 -55.65 -36.78 8.34
C LEU I 889 -56.42 -38.07 8.55
N ASP I 890 -57.13 -38.51 7.50
CA ASP I 890 -57.71 -39.84 7.45
C ASP I 890 -57.08 -40.74 6.38
N TYR I 891 -56.82 -41.99 6.74
CA TYR I 891 -56.31 -42.96 5.76
C TYR I 891 -57.42 -43.73 5.05
N GLU I 892 -58.67 -43.48 5.46
CA GLU I 892 -59.84 -43.98 4.72
C GLU I 892 -61.05 -43.10 4.98
N LYS I 893 -61.99 -43.10 4.03
CA LYS I 893 -63.08 -42.13 4.05
C LYS I 893 -64.12 -42.34 5.15
N LYS I 894 -64.78 -41.23 5.51
CA LYS I 894 -65.90 -41.16 6.47
C LYS I 894 -65.59 -41.57 7.91
N ALA I 895 -64.34 -41.37 8.34
CA ALA I 895 -63.97 -41.64 9.73
C ALA I 895 -64.59 -40.62 10.69
N SER I 896 -65.50 -41.08 11.54
CA SER I 896 -66.23 -40.23 12.49
C SER I 896 -65.26 -39.41 13.34
N LEU I 897 -65.45 -38.11 13.34
CA LEU I 897 -64.50 -37.17 13.92
C LEU I 897 -64.42 -37.26 15.45
N PHE I 898 -65.39 -37.94 16.06
CA PHE I 898 -65.44 -38.06 17.52
C PHE I 898 -64.43 -39.05 18.09
N ASP I 899 -63.76 -39.78 17.20
CA ASP I 899 -62.66 -40.65 17.58
C ASP I 899 -61.52 -39.83 18.19
N MSE I 900 -61.37 -38.60 17.73
CA MSE I 900 -60.30 -37.69 18.18
C MSE I 900 -60.32 -37.37 19.68
O MSE I 900 -59.33 -36.89 20.23
CB MSE I 900 -60.35 -36.36 17.41
CG MSE I 900 -60.48 -36.45 15.87
SE MSE I 900 -59.25 -37.65 14.93
CE MSE I 900 -60.53 -38.96 14.22
N PHE I 901 -61.44 -37.67 20.35
CA PHE I 901 -61.66 -37.23 21.74
C PHE I 901 -61.62 -38.36 22.76
N ASP I 902 -60.94 -38.08 23.87
CA ASP I 902 -60.77 -39.04 24.96
C ASP I 902 -61.91 -38.85 25.97
N PHE I 903 -63.09 -39.38 25.63
CA PHE I 903 -64.29 -39.23 26.44
C PHE I 903 -64.16 -39.89 27.81
N MSE J 1 -51.71 29.38 18.97
CA MSE J 1 -50.33 29.62 19.48
C MSE J 1 -50.16 29.14 20.91
O MSE J 1 -50.95 29.52 21.79
CB MSE J 1 -49.99 31.12 19.40
CG MSE J 1 -48.50 31.42 19.52
SE MSE J 1 -48.10 33.34 19.57
CE MSE J 1 -48.97 33.89 17.88
N LYS J 2 -49.14 28.32 21.13
CA LYS J 2 -48.78 27.88 22.47
C LYS J 2 -47.89 28.93 23.14
N GLU J 3 -48.16 29.22 24.41
CA GLU J 3 -47.47 30.29 25.16
C GLU J 3 -45.97 30.04 25.34
N PHE J 4 -45.19 31.13 25.37
CA PHE J 4 -43.78 31.05 25.69
C PHE J 4 -43.29 32.29 26.42
N TYR J 5 -42.51 32.08 27.49
CA TYR J 5 -41.92 33.17 28.26
C TYR J 5 -40.96 34.00 27.42
N LEU J 6 -40.64 35.18 27.91
CA LEU J 6 -39.67 36.05 27.27
C LEU J 6 -38.50 36.32 28.23
N THR J 7 -38.82 36.90 29.38
CA THR J 7 -37.85 37.09 30.44
C THR J 7 -38.50 36.70 31.77
N VAL J 8 -37.68 36.18 32.67
CA VAL J 8 -38.14 35.83 34.00
C VAL J 8 -37.18 36.38 35.05
N GLU J 9 -37.73 37.01 36.09
CA GLU J 9 -36.92 37.64 37.11
C GLU J 9 -37.48 37.29 38.48
N GLN J 10 -36.61 37.11 39.47
CA GLN J 10 -37.06 36.92 40.85
C GLN J 10 -36.78 38.16 41.69
N ILE J 11 -37.84 38.71 42.27
CA ILE J 11 -37.69 39.82 43.22
C ILE J 11 -38.52 39.50 44.46
N GLY J 12 -37.85 39.34 45.60
CA GLY J 12 -38.52 39.03 46.85
C GLY J 12 -39.22 37.70 46.71
N ASP J 13 -40.50 37.65 47.11
CA ASP J 13 -41.32 36.46 46.98
C ASP J 13 -42.23 36.55 45.75
N SER J 14 -41.78 37.28 44.75
CA SER J 14 -42.55 37.42 43.53
C SER J 14 -41.71 37.14 42.30
N ILE J 15 -42.23 36.27 41.43
CA ILE J 15 -41.68 36.09 40.09
C ILE J 15 -42.34 37.09 39.16
N PHE J 16 -41.52 37.89 38.49
CA PHE J 16 -41.96 38.79 37.45
C PHE J 16 -41.65 38.16 36.10
N GLU J 17 -42.69 37.83 35.35
CA GLU J 17 -42.50 37.20 34.05
C GLU J 17 -43.05 38.04 32.92
N ARG J 18 -42.25 38.20 31.88
CA ARG J 18 -42.71 38.78 30.62
C ARG J 18 -42.85 37.66 29.61
N TYR J 19 -44.04 37.50 29.04
CA TYR J 19 -44.31 36.42 28.12
C TYR J 19 -45.19 36.81 26.94
N ILE J 20 -45.35 35.86 26.02
CA ILE J 20 -46.31 35.97 24.94
C ILE J 20 -47.44 35.00 25.25
N ASP J 21 -48.68 35.49 25.15
CA ASP J 21 -49.87 34.67 25.42
C ASP J 21 -50.35 33.87 24.21
N SER J 22 -51.56 33.33 24.32
CA SER J 22 -52.20 32.60 23.23
C SER J 22 -52.48 33.49 22.02
N ASN J 23 -52.73 34.77 22.26
CA ASN J 23 -53.07 35.72 21.18
C ASN J 23 -51.86 36.47 20.59
N GLY J 24 -50.66 36.01 20.90
CA GLY J 24 -49.43 36.61 20.36
C GLY J 24 -49.15 38.00 20.89
N ARG J 25 -49.73 38.29 22.04
CA ARG J 25 -49.59 39.62 22.63
C ARG J 25 -48.73 39.55 23.89
N GLU J 26 -47.93 40.59 24.11
CA GLU J 26 -46.98 40.60 25.23
C GLU J 26 -47.66 40.94 26.55
N ARG J 27 -47.57 40.04 27.52
CA ARG J 27 -48.16 40.29 28.82
C ARG J 27 -47.12 40.16 29.93
N THR J 28 -47.39 40.78 31.07
CA THR J 28 -46.53 40.65 32.24
C THR J 28 -47.37 40.20 33.41
N ARG J 29 -46.88 39.22 34.13
CA ARG J 29 -47.55 38.73 35.31
C ARG J 29 -46.60 38.72 36.48
N GLU J 30 -47.14 39.00 37.67
CA GLU J 30 -46.40 38.88 38.91
C GLU J 30 -46.97 37.66 39.63
N VAL J 31 -46.09 36.70 39.95
CA VAL J 31 -46.52 35.46 40.59
C VAL J 31 -45.81 35.25 41.93
N GLU J 32 -46.59 35.09 42.99
CA GLU J 32 -46.03 34.66 44.29
C GLU J 32 -45.83 33.15 44.22
N TYR J 33 -44.75 32.75 43.56
CA TYR J 33 -44.45 31.34 43.27
C TYR J 33 -44.11 30.56 44.52
N LYS J 34 -44.74 29.40 44.68
CA LYS J 34 -44.48 28.50 45.79
C LYS J 34 -43.48 27.44 45.35
N PRO J 35 -42.21 27.56 45.78
CA PRO J 35 -41.24 26.55 45.36
C PRO J 35 -41.30 25.28 46.18
N SER J 36 -40.82 24.20 45.57
CA SER J 36 -40.62 22.94 46.28
C SER J 36 -39.17 22.56 46.35
N LEU J 37 -38.75 22.10 47.53
CA LEU J 37 -37.47 21.43 47.70
C LEU J 37 -37.69 20.06 48.33
N PHE J 38 -36.61 19.33 48.59
CA PHE J 38 -36.74 17.95 49.04
C PHE J 38 -35.77 17.63 50.14
N ALA J 39 -36.13 16.62 50.94
CA ALA J 39 -35.32 16.13 52.05
C ALA J 39 -35.26 14.61 51.95
N HIS J 40 -34.25 14.03 52.59
CA HIS J 40 -34.17 12.58 52.65
C HIS J 40 -35.13 12.12 53.75
N CYS J 41 -35.99 11.17 53.40
CA CYS J 41 -37.00 10.64 54.32
C CYS J 41 -36.71 9.18 54.63
N PRO J 42 -37.20 8.69 55.79
CA PRO J 42 -37.12 7.26 56.10
C PRO J 42 -37.46 6.34 54.95
N GLU J 43 -36.66 5.28 54.81
CA GLU J 43 -36.82 4.26 53.78
C GLU J 43 -38.25 3.69 53.73
N SER J 44 -38.92 3.65 54.89
CA SER J 44 -40.29 3.16 55.00
C SER J 44 -41.30 4.14 54.41
N GLN J 45 -41.00 5.43 54.47
CA GLN J 45 -41.94 6.47 54.01
C GLN J 45 -42.11 6.42 52.49
N ALA J 46 -42.94 5.47 52.05
CA ALA J 46 -43.22 5.26 50.63
C ALA J 46 -43.49 6.59 49.96
N THR J 47 -42.68 6.91 48.96
CA THR J 47 -42.76 8.20 48.28
C THR J 47 -42.55 7.93 46.79
N LYS J 48 -42.72 8.94 45.94
CA LYS J 48 -42.43 8.75 44.52
C LYS J 48 -41.31 9.68 44.03
N TYR J 49 -40.50 10.16 44.96
CA TYR J 49 -39.36 11.00 44.64
C TYR J 49 -38.06 10.36 45.12
N PHE J 50 -37.06 10.30 44.24
CA PHE J 50 -35.77 9.72 44.58
C PHE J 50 -34.61 10.60 44.12
N ASP J 51 -33.55 10.66 44.92
CA ASP J 51 -32.34 11.32 44.46
C ASP J 51 -31.62 10.44 43.43
N ILE J 52 -30.57 10.96 42.82
CA ILE J 52 -29.84 10.24 41.78
C ILE J 52 -29.15 8.98 42.30
N TYR J 53 -28.92 8.93 43.61
CA TYR J 53 -28.33 7.75 44.24
C TYR J 53 -29.39 6.70 44.54
N GLY J 54 -30.63 6.97 44.12
CA GLY J 54 -31.76 6.10 44.37
C GLY J 54 -32.30 6.14 45.79
N LYS J 55 -31.87 7.12 46.59
CA LYS J 55 -32.39 7.29 47.95
C LYS J 55 -33.71 8.05 47.89
N PRO J 56 -34.70 7.64 48.70
CA PRO J 56 -36.03 8.24 48.59
C PRO J 56 -36.12 9.63 49.23
N CYS J 57 -36.93 10.50 48.64
CA CYS J 57 -37.05 11.89 49.06
C CYS J 57 -38.49 12.29 49.29
N THR J 58 -38.72 13.03 50.37
CA THR J 58 -40.00 13.67 50.62
C THR J 58 -39.99 15.09 50.05
N ARG J 59 -41.07 15.49 49.36
CA ARG J 59 -41.21 16.83 48.78
C ARG J 59 -41.78 17.85 49.76
N LYS J 60 -41.11 18.99 49.87
CA LYS J 60 -41.54 20.04 50.75
C LYS J 60 -42.00 21.26 49.96
N LEU J 61 -43.29 21.57 50.02
CA LEU J 61 -43.82 22.78 49.39
C LEU J 61 -43.67 23.98 50.33
N PHE J 62 -43.33 25.14 49.77
CA PHE J 62 -43.11 26.34 50.58
C PHE J 62 -44.13 27.40 50.27
N ALA J 63 -44.43 28.22 51.27
CA ALA J 63 -45.40 29.30 51.13
C ALA J 63 -44.91 30.37 50.15
N ASN J 64 -43.59 30.58 50.17
CA ASN J 64 -42.95 31.56 49.32
C ASN J 64 -41.48 31.24 49.18
N MSE J 65 -40.81 31.91 48.25
CA MSE J 65 -39.42 31.62 47.94
C MSE J 65 -38.42 31.90 49.08
O MSE J 65 -37.43 31.17 49.22
CB MSE J 65 -39.02 32.34 46.68
CG MSE J 65 -39.78 31.80 45.51
SE MSE J 65 -39.23 32.68 43.91
CE MSE J 65 -40.29 34.29 44.02
N ARG J 66 -38.65 32.94 49.87
CA ARG J 66 -37.72 33.24 50.95
C ARG J 66 -37.75 32.12 51.97
N ASP J 67 -38.95 31.62 52.27
CA ASP J 67 -39.11 30.48 53.16
C ASP J 67 -38.24 29.31 52.73
N ALA J 68 -38.28 29.01 51.43
CA ALA J 68 -37.43 27.98 50.83
C ALA J 68 -35.95 28.30 51.02
N SER J 69 -35.54 29.54 50.74
CA SER J 69 -34.15 29.95 50.90
C SER J 69 -33.70 29.82 52.34
N GLN J 70 -34.55 30.25 53.27
CA GLN J 70 -34.25 30.17 54.69
C GLN J 70 -34.08 28.72 55.14
N TRP J 71 -34.91 27.85 54.57
CA TRP J 71 -34.90 26.43 54.87
C TRP J 71 -33.58 25.80 54.45
N ILE J 72 -33.14 26.10 53.23
CA ILE J 72 -31.84 25.62 52.77
C ILE J 72 -30.75 26.00 53.77
N LYS J 73 -30.72 27.25 54.21
CA LYS J 73 -29.78 27.71 55.22
C LYS J 73 -29.80 26.88 56.52
N ARG J 74 -30.98 26.69 57.11
CA ARG J 74 -31.12 25.94 58.37
C ARG J 74 -30.74 24.47 58.20
N MSE J 75 -31.10 23.91 57.04
CA MSE J 75 -30.88 22.51 56.72
C MSE J 75 -29.40 22.21 56.57
O MSE J 75 -28.90 21.17 57.02
CB MSE J 75 -31.61 22.18 55.43
CG MSE J 75 -32.11 20.76 55.31
SE MSE J 75 -33.26 20.13 56.78
CE MSE J 75 -34.40 21.68 57.03
N GLU J 76 -28.69 23.13 55.92
CA GLU J 76 -27.25 23.03 55.77
C GLU J 76 -26.59 23.13 57.12
N ASP J 77 -27.01 24.12 57.92
CA ASP J 77 -26.41 24.37 59.22
C ASP J 77 -26.48 23.16 60.12
N ILE J 78 -27.63 22.48 60.11
CA ILE J 78 -27.84 21.31 60.93
C ILE J 78 -27.20 20.05 60.33
N GLY J 79 -26.79 20.14 59.07
CA GLY J 79 -26.06 19.07 58.38
C GLY J 79 -26.95 18.11 57.61
N LEU J 80 -28.05 18.62 57.06
CA LEU J 80 -28.91 17.80 56.21
C LEU J 80 -28.91 18.32 54.79
N GLU J 81 -29.13 17.41 53.84
CA GLU J 81 -29.14 17.79 52.44
C GLU J 81 -30.48 18.45 52.03
N ALA J 82 -30.40 19.72 51.66
CA ALA J 82 -31.52 20.40 51.03
C ALA J 82 -31.48 20.12 49.54
N LEU J 83 -32.17 19.07 49.10
CA LEU J 83 -32.18 18.71 47.68
C LEU J 83 -33.20 19.52 46.88
N GLY J 84 -33.10 19.45 45.56
CA GLY J 84 -34.07 20.11 44.68
C GLY J 84 -33.49 21.33 44.02
N MSE J 85 -34.26 21.93 43.10
CA MSE J 85 -33.80 23.09 42.35
C MSE J 85 -33.73 24.37 43.19
O MSE J 85 -34.77 24.94 43.55
CB MSE J 85 -34.65 23.28 41.08
CG MSE J 85 -34.28 24.48 40.23
SE MSE J 85 -32.34 24.81 40.09
CE MSE J 85 -31.91 23.51 38.69
N ASP J 86 -32.51 24.83 43.46
CA ASP J 86 -32.29 26.01 44.31
C ASP J 86 -32.50 27.34 43.58
N ASP J 87 -32.36 27.31 42.25
CA ASP J 87 -32.72 28.45 41.43
C ASP J 87 -34.20 28.38 41.04
N PHE J 88 -35.03 29.11 41.78
CA PHE J 88 -36.49 29.08 41.61
C PHE J 88 -36.99 29.66 40.29
N LYS J 89 -36.20 30.48 39.62
CA LYS J 89 -36.55 30.95 38.27
C LYS J 89 -36.63 29.76 37.32
N LEU J 90 -35.65 28.87 37.41
CA LEU J 90 -35.60 27.66 36.61
C LEU J 90 -36.72 26.73 37.01
N ALA J 91 -37.11 26.77 38.28
CA ALA J 91 -38.19 25.94 38.76
C ALA J 91 -39.53 26.47 38.24
N TYR J 92 -39.65 27.80 38.18
CA TYR J 92 -40.87 28.41 37.72
C TYR J 92 -41.04 28.21 36.22
N LEU J 93 -39.93 28.34 35.48
CA LEU J 93 -39.95 28.08 34.04
C LEU J 93 -40.23 26.61 33.74
N SER J 94 -39.67 25.73 34.56
CA SER J 94 -39.90 24.30 34.42
C SER J 94 -41.38 23.94 34.64
N ASP J 95 -41.95 24.49 35.73
CA ASP J 95 -43.34 24.22 36.09
C ASP J 95 -44.33 24.88 35.14
N THR J 96 -44.13 26.16 34.86
CA THR J 96 -45.02 26.91 33.98
C THR J 96 -44.96 26.42 32.54
N TYR J 97 -43.79 25.95 32.10
CA TYR J 97 -43.62 25.46 30.73
C TYR J 97 -43.23 23.99 30.67
N ASN J 98 -44.05 23.15 31.29
CA ASN J 98 -43.87 21.70 31.24
C ASN J 98 -44.22 21.13 29.87
N TYR J 99 -43.62 21.70 28.83
CA TYR J 99 -43.78 21.23 27.46
C TYR J 99 -42.66 21.78 26.59
N GLU J 100 -42.50 21.21 25.40
CA GLU J 100 -41.48 21.67 24.46
C GLU J 100 -41.89 23.05 23.94
N ILE J 101 -41.09 24.05 24.31
CA ILE J 101 -41.39 25.43 23.99
C ILE J 101 -41.27 25.70 22.50
N LYS J 102 -42.40 25.96 21.87
CA LYS J 102 -42.42 26.45 20.48
C LYS J 102 -42.59 27.95 20.54
N TYR J 103 -41.61 28.67 20.02
CA TYR J 103 -41.59 30.11 20.15
C TYR J 103 -41.64 30.79 18.81
N ASP J 104 -42.39 31.87 18.73
CA ASP J 104 -42.43 32.69 17.53
C ASP J 104 -41.48 33.87 17.74
N HIS J 105 -40.36 33.84 17.03
CA HIS J 105 -39.33 34.86 17.21
C HIS J 105 -39.83 36.28 16.90
N THR J 106 -40.78 36.40 15.96
CA THR J 106 -41.31 37.70 15.54
C THR J 106 -42.20 38.38 16.58
N LYS J 107 -42.40 37.74 17.72
CA LYS J 107 -43.11 38.36 18.83
C LYS J 107 -42.09 38.85 19.86
N ILE J 108 -40.85 38.38 19.73
CA ILE J 108 -39.78 38.75 20.66
C ILE J 108 -39.16 40.07 20.21
N ARG J 109 -39.36 41.11 21.02
CA ARG J 109 -38.74 42.40 20.74
C ARG J 109 -37.24 42.31 20.98
N VAL J 110 -36.48 42.25 19.88
CA VAL J 110 -35.02 42.29 19.93
C VAL J 110 -34.53 43.70 19.58
N ALA J 111 -34.14 44.44 20.62
CA ALA J 111 -33.55 45.77 20.46
C ALA J 111 -32.07 45.67 20.14
N ASN J 112 -31.66 46.45 19.14
CA ASN J 112 -30.29 46.42 18.66
C ASN J 112 -29.78 47.84 18.59
N PHE J 113 -29.47 48.41 19.75
CA PHE J 113 -29.06 49.80 19.81
C PHE J 113 -27.54 50.04 19.77
N ASP J 114 -27.19 51.30 19.94
CA ASP J 114 -25.82 51.79 19.94
C ASP J 114 -25.88 53.27 20.31
N ILE J 115 -24.83 53.76 20.96
CA ILE J 115 -24.72 55.18 21.25
C ILE J 115 -23.38 55.70 20.81
N GLU J 116 -23.30 57.02 20.64
CA GLU J 116 -22.03 57.68 20.45
C GLU J 116 -21.95 58.83 21.44
N VAL J 117 -20.76 59.00 22.02
CA VAL J 117 -20.49 60.07 22.97
C VAL J 117 -19.30 60.91 22.48
N THR J 118 -19.17 62.12 23.02
CA THR J 118 -18.05 62.99 22.70
C THR J 118 -17.44 63.55 23.98
N SER J 119 -16.17 63.21 24.21
CA SER J 119 -15.39 63.76 25.30
C SER J 119 -13.98 64.14 24.82
N PRO J 120 -13.74 65.44 24.56
CA PRO J 120 -12.41 65.95 24.18
C PRO J 120 -11.28 65.62 25.16
N ASP J 121 -11.60 64.96 26.27
CA ASP J 121 -10.60 64.52 27.24
C ASP J 121 -10.34 63.00 27.21
N GLY J 122 -10.35 62.42 26.00
CA GLY J 122 -9.89 61.05 25.79
C GLY J 122 -10.96 59.95 25.73
N PHE J 123 -11.35 59.46 26.90
CA PHE J 123 -12.22 58.29 27.02
C PHE J 123 -13.50 58.60 27.81
N PRO J 124 -14.66 58.21 27.26
CA PRO J 124 -15.94 58.35 27.94
C PRO J 124 -16.15 57.23 28.96
N GLU J 125 -16.06 57.60 30.24
CA GLU J 125 -16.14 56.65 31.35
C GLU J 125 -17.59 56.34 31.74
N PRO J 126 -18.03 55.09 31.50
CA PRO J 126 -19.40 54.66 31.77
C PRO J 126 -19.74 54.68 33.25
N SER J 127 -18.72 54.61 34.10
CA SER J 127 -18.87 54.58 35.56
C SER J 127 -19.41 55.88 36.14
N GLN J 128 -19.33 56.95 35.37
CA GLN J 128 -19.84 58.25 35.80
C GLN J 128 -20.37 59.03 34.60
N ALA J 129 -19.45 59.48 33.74
CA ALA J 129 -19.76 60.24 32.54
C ALA J 129 -20.57 61.52 32.80
N LYS J 130 -19.86 62.60 33.15
CA LYS J 130 -20.47 63.92 33.30
C LYS J 130 -20.78 64.54 31.94
N HIS J 131 -20.22 63.96 30.89
CA HIS J 131 -20.47 64.35 29.50
C HIS J 131 -21.73 63.71 28.91
N PRO J 132 -22.55 64.50 28.20
CA PRO J 132 -23.75 64.01 27.51
C PRO J 132 -23.50 63.04 26.35
N ILE J 133 -24.47 62.14 26.14
CA ILE J 133 -24.53 61.35 24.90
C ILE J 133 -25.20 62.22 23.85
N ASP J 134 -24.70 62.16 22.62
CA ASP J 134 -25.23 62.99 21.55
C ASP J 134 -26.07 62.24 20.51
N ALA J 135 -25.82 60.94 20.35
CA ALA J 135 -26.51 60.14 19.34
C ALA J 135 -26.90 58.73 19.79
N ILE J 136 -28.21 58.48 19.85
CA ILE J 136 -28.72 57.14 20.13
C ILE J 136 -29.44 56.61 18.89
N THR J 137 -29.00 55.46 18.41
CA THR J 137 -29.74 54.76 17.37
C THR J 137 -30.25 53.43 17.95
N HIS J 138 -31.57 53.29 18.00
CA HIS J 138 -32.22 52.18 18.67
C HIS J 138 -33.05 51.37 17.68
N TYR J 139 -32.48 50.31 17.14
CA TYR J 139 -33.24 49.42 16.26
C TYR J 139 -34.16 48.51 17.07
N ASP J 140 -35.23 48.04 16.42
CA ASP J 140 -36.29 47.28 17.06
C ASP J 140 -36.78 46.21 16.08
N SER J 141 -36.65 44.94 16.46
CA SER J 141 -37.02 43.81 15.59
C SER J 141 -38.51 43.76 15.19
N ILE J 142 -39.39 44.17 16.11
CA ILE J 142 -40.84 44.20 15.87
C ILE J 142 -41.19 45.25 14.83
N ASP J 143 -40.78 46.49 15.10
CA ASP J 143 -41.06 47.62 14.21
C ASP J 143 -40.25 47.59 12.93
N ASP J 144 -39.06 46.99 12.99
CA ASP J 144 -38.12 46.94 11.86
C ASP J 144 -37.79 48.36 11.36
N ARG J 145 -37.49 49.25 12.30
CA ARG J 145 -37.01 50.59 11.95
C ARG J 145 -36.05 51.20 12.96
N PHE J 146 -34.95 51.72 12.43
CA PHE J 146 -33.91 52.36 13.22
C PHE J 146 -34.44 53.67 13.80
N TYR J 147 -34.40 53.78 15.12
CA TYR J 147 -34.92 54.96 15.82
C TYR J 147 -33.79 55.88 16.26
N VAL J 148 -33.45 56.84 15.39
CA VAL J 148 -32.36 57.76 15.68
C VAL J 148 -32.80 58.92 16.58
N PHE J 149 -32.24 58.93 17.78
CA PHE J 149 -32.37 60.05 18.72
C PHE J 149 -31.11 60.88 18.60
N ASP J 150 -31.27 62.20 18.43
CA ASP J 150 -30.10 63.08 18.28
C ASP J 150 -30.15 64.36 19.11
N LEU J 151 -29.04 64.62 19.79
CA LEU J 151 -28.83 65.85 20.54
C LEU J 151 -28.33 66.95 19.60
N LEU J 152 -29.02 68.09 19.62
CA LEU J 152 -28.69 69.22 18.74
C LEU J 152 -27.93 70.34 19.46
N ASN J 153 -28.62 71.47 19.64
CA ASN J 153 -28.02 72.67 20.20
C ASN J 153 -27.81 72.56 21.70
N SER J 154 -26.71 71.92 22.07
CA SER J 154 -26.37 71.63 23.46
C SER J 154 -25.27 72.55 24.01
N PRO J 155 -25.29 72.83 25.33
CA PRO J 155 -24.18 73.51 26.00
C PRO J 155 -22.80 72.85 25.79
N TYR J 156 -22.80 71.66 25.18
CA TYR J 156 -21.56 70.96 24.83
C TYR J 156 -21.29 71.14 23.33
N GLY J 157 -21.75 72.26 22.77
CA GLY J 157 -21.55 72.57 21.36
C GLY J 157 -22.79 72.28 20.52
N ASN J 158 -23.22 73.29 19.76
CA ASN J 158 -24.36 73.14 18.84
C ASN J 158 -23.99 72.36 17.58
N VAL J 159 -25.00 71.93 16.84
CA VAL J 159 -24.83 71.20 15.57
C VAL J 159 -26.05 71.33 14.67
N GLU J 160 -25.84 71.10 13.37
CA GLU J 160 -26.91 71.17 12.38
C GLU J 160 -27.75 69.89 12.38
N GLU J 161 -28.96 69.99 11.82
CA GLU J 161 -29.89 68.87 11.79
C GLU J 161 -29.51 67.86 10.70
N TRP J 162 -29.52 66.59 11.06
CA TRP J 162 -29.16 65.49 10.16
C TRP J 162 -30.08 65.42 8.93
N SER J 163 -29.51 65.03 7.81
CA SER J 163 -30.24 65.00 6.55
C SER J 163 -30.21 63.63 5.88
N ILE J 164 -31.39 63.01 5.81
CA ILE J 164 -31.58 61.68 5.23
C ILE J 164 -31.24 61.64 3.73
N GLU J 165 -31.65 62.69 3.02
CA GLU J 165 -31.46 62.81 1.57
C GLU J 165 -30.00 62.83 1.15
N ILE J 166 -29.16 63.49 1.95
CA ILE J 166 -27.71 63.51 1.73
C ILE J 166 -27.13 62.08 1.79
N ALA J 167 -27.53 61.34 2.83
CA ALA J 167 -26.98 60.01 3.10
C ALA J 167 -27.41 58.93 2.11
N ALA J 168 -28.56 59.13 1.48
CA ALA J 168 -29.14 58.14 0.56
C ALA J 168 -28.40 58.02 -0.78
N LYS J 169 -27.71 59.08 -1.18
CA LYS J 169 -26.94 59.11 -2.43
C LYS J 169 -25.63 58.33 -2.31
N LEU J 170 -24.91 58.17 -3.42
CA LEU J 170 -23.65 57.44 -3.44
C LEU J 170 -22.48 58.20 -2.80
N GLN J 171 -21.25 57.81 -3.14
CA GLN J 171 -20.05 58.37 -2.52
C GLN J 171 -19.52 59.66 -3.17
N GLU J 172 -19.67 59.76 -4.49
CA GLU J 172 -19.05 60.83 -5.29
C GLU J 172 -19.66 62.25 -5.13
N GLN J 173 -20.17 62.55 -3.92
CA GLN J 173 -20.70 63.89 -3.60
C GLN J 173 -20.18 64.39 -2.26
N GLY J 174 -19.85 63.44 -1.39
CA GLY J 174 -19.59 63.73 0.02
C GLY J 174 -20.78 63.32 0.85
N GLY J 175 -21.47 62.27 0.41
CA GLY J 175 -22.66 61.74 1.10
C GLY J 175 -22.28 60.79 2.23
N ASP J 176 -22.98 59.67 2.30
CA ASP J 176 -22.74 58.65 3.33
C ASP J 176 -22.93 57.22 2.82
N GLU J 177 -23.73 57.08 1.76
CA GLU J 177 -23.97 55.79 1.09
C GLU J 177 -24.63 54.73 1.98
N VAL J 178 -25.56 55.17 2.84
CA VAL J 178 -26.29 54.25 3.72
C VAL J 178 -27.37 53.48 2.97
N PRO J 179 -27.26 52.14 2.93
CA PRO J 179 -28.06 51.19 2.13
C PRO J 179 -29.55 51.51 2.00
N SER J 180 -30.14 51.08 0.88
CA SER J 180 -31.53 51.39 0.53
C SER J 180 -32.58 50.63 1.34
N GLU J 181 -32.13 49.77 2.27
CA GLU J 181 -33.04 49.09 3.18
C GLU J 181 -33.15 49.83 4.51
N ILE J 182 -32.22 50.76 4.74
CA ILE J 182 -32.19 51.53 5.98
C ILE J 182 -32.88 52.89 5.84
N ILE J 183 -32.64 53.57 4.71
CA ILE J 183 -33.16 54.92 4.48
C ILE J 183 -34.69 55.01 4.60
N ASP J 184 -35.37 54.07 3.97
CA ASP J 184 -36.83 53.96 4.06
C ASP J 184 -37.29 53.54 5.47
N LYS J 185 -36.35 53.13 6.32
CA LYS J 185 -36.65 52.60 7.65
C LYS J 185 -36.05 53.39 8.82
N ILE J 186 -35.75 54.67 8.61
CA ILE J 186 -35.27 55.52 9.70
C ILE J 186 -36.38 56.46 10.13
N ILE J 187 -36.52 56.63 11.45
CA ILE J 187 -37.36 57.68 12.01
C ILE J 187 -36.46 58.58 12.85
N TYR J 188 -36.33 59.83 12.42
CA TYR J 188 -35.36 60.75 13.02
C TYR J 188 -35.97 61.63 14.10
N MSE J 189 -35.30 61.68 15.25
CA MSE J 189 -35.78 62.44 16.41
C MSE J 189 -34.72 63.36 17.00
O MSE J 189 -34.00 62.98 17.93
CB MSE J 189 -36.33 61.52 17.49
CG MSE J 189 -37.52 60.66 17.07
SE MSE J 189 -38.42 59.81 18.58
CE MSE J 189 -39.62 61.27 19.09
N PRO J 190 -34.60 64.59 16.45
CA PRO J 190 -33.70 65.63 16.98
C PRO J 190 -34.29 66.35 18.20
N PHE J 191 -33.42 66.69 19.15
CA PHE J 191 -33.83 67.42 20.35
C PHE J 191 -32.93 68.62 20.62
N ASP J 192 -33.55 69.77 20.86
CA ASP J 192 -32.82 70.98 21.26
C ASP J 192 -32.48 70.94 22.76
N ASN J 193 -32.25 69.74 23.27
CA ASN J 193 -32.06 69.51 24.70
C ASN J 193 -31.52 68.10 24.99
N GLU J 194 -30.78 67.97 26.08
CA GLU J 194 -30.36 66.65 26.57
C GLU J 194 -31.43 66.13 27.52
N LYS J 195 -31.88 67.00 28.41
CA LYS J 195 -32.94 66.68 29.39
C LYS J 195 -34.25 66.26 28.73
N GLU J 196 -34.29 66.32 27.40
CA GLU J 196 -35.45 65.88 26.63
C GLU J 196 -35.12 64.69 25.72
N LEU J 197 -33.89 64.65 25.22
CA LEU J 197 -33.41 63.54 24.39
C LEU J 197 -33.51 62.21 25.13
N LEU J 198 -33.20 62.24 26.42
CA LEU J 198 -33.23 61.03 27.26
C LEU J 198 -34.63 60.77 27.82
N MSE J 199 -35.34 61.83 28.18
CA MSE J 199 -36.70 61.77 28.71
C MSE J 199 -37.64 61.01 27.78
O MSE J 199 -38.34 60.09 28.20
CB MSE J 199 -37.23 63.18 28.96
CG MSE J 199 -38.65 63.25 29.49
SE MSE J 199 -38.73 63.56 31.42
CE MSE J 199 -38.23 65.46 31.47
N GLU J 200 -37.68 61.43 26.52
CA GLU J 200 -38.53 60.80 25.51
C GLU J 200 -38.01 59.44 25.09
N TYR J 201 -36.72 59.20 25.34
CA TYR J 201 -36.14 57.87 25.13
C TYR J 201 -36.67 56.87 26.15
N LEU J 202 -36.94 57.33 27.37
CA LEU J 202 -37.56 56.51 28.40
C LEU J 202 -39.04 56.26 28.13
N ASN J 203 -39.74 57.29 27.65
CA ASN J 203 -41.12 57.12 27.19
C ASN J 203 -41.17 56.16 26.00
N PHE J 204 -40.18 56.29 25.12
CA PHE J 204 -40.00 55.37 24.00
C PHE J 204 -39.64 53.96 24.51
N TRP J 205 -38.81 53.92 25.54
CA TRP J 205 -38.39 52.65 26.13
C TRP J 205 -39.61 51.93 26.70
N GLN J 206 -40.41 52.64 27.49
CA GLN J 206 -41.61 52.08 28.10
C GLN J 206 -42.58 51.49 27.08
N GLN J 207 -42.70 52.14 25.94
CA GLN J 207 -43.66 51.69 24.92
C GLN J 207 -43.03 50.67 23.98
N LYS J 208 -41.70 50.51 24.08
CA LYS J 208 -40.98 49.52 23.27
C LYS J 208 -39.89 48.84 24.10
N THR J 209 -40.28 48.29 25.25
CA THR J 209 -39.35 47.64 26.17
C THR J 209 -38.75 46.39 25.54
N PRO J 210 -37.40 46.37 25.40
CA PRO J 210 -36.68 45.28 24.74
C PRO J 210 -36.72 44.00 25.55
N VAL J 211 -36.63 42.87 24.85
CA VAL J 211 -36.57 41.57 25.52
C VAL J 211 -35.17 41.01 25.37
N ILE J 212 -34.66 40.98 24.14
CA ILE J 212 -33.24 40.80 23.93
C ILE J 212 -32.62 42.14 23.55
N LEU J 213 -31.78 42.68 24.43
CA LEU J 213 -31.06 43.92 24.16
C LEU J 213 -29.66 43.61 23.69
N THR J 214 -29.39 43.86 22.42
CA THR J 214 -28.10 43.53 21.81
C THR J 214 -27.39 44.76 21.25
N GLY J 215 -26.39 44.54 20.40
CA GLY J 215 -25.52 45.59 19.87
C GLY J 215 -24.08 45.12 19.88
N TRP J 216 -23.14 46.07 19.93
CA TRP J 216 -21.73 45.71 20.00
C TRP J 216 -21.06 46.30 21.23
N ASN J 217 -20.42 45.42 22.01
CA ASN J 217 -19.77 45.78 23.27
C ASN J 217 -20.68 46.66 24.12
N VAL J 218 -21.97 46.33 24.10
CA VAL J 218 -23.01 47.18 24.69
C VAL J 218 -23.14 46.97 26.18
N GLU J 219 -22.76 45.79 26.66
CA GLU J 219 -22.85 45.49 28.08
C GLU J 219 -21.76 46.21 28.86
N SER J 220 -20.70 46.59 28.16
CA SER J 220 -19.54 47.24 28.77
C SER J 220 -19.48 48.74 28.46
N PHE J 221 -20.06 49.15 27.34
CA PHE J 221 -20.11 50.57 26.96
C PHE J 221 -21.53 51.15 26.90
N ALA J 222 -22.27 50.81 25.85
CA ALA J 222 -23.57 51.42 25.56
C ALA J 222 -24.56 51.37 26.74
N ILE J 223 -24.97 50.17 27.14
CA ILE J 223 -25.93 50.02 28.24
C ILE J 223 -25.50 50.75 29.52
N PRO J 224 -24.32 50.42 30.09
CA PRO J 224 -23.95 51.04 31.36
C PRO J 224 -23.82 52.56 31.28
N TYR J 225 -23.32 53.07 30.16
CA TYR J 225 -23.26 54.51 29.94
C TYR J 225 -24.66 55.11 29.94
N VAL J 226 -25.49 54.67 28.99
CA VAL J 226 -26.87 55.15 28.88
C VAL J 226 -27.52 55.19 30.25
N TYR J 227 -27.44 54.06 30.96
CA TYR J 227 -28.01 53.94 32.30
C TYR J 227 -27.51 55.04 33.24
N ASN J 228 -26.19 55.18 33.34
CA ASN J 228 -25.58 56.14 34.26
C ASN J 228 -25.80 57.59 33.87
N ARG J 229 -25.50 57.92 32.61
CA ARG J 229 -25.80 59.25 32.07
C ARG J 229 -27.20 59.71 32.49
N ILE J 230 -28.16 58.80 32.48
CA ILE J 230 -29.53 59.08 32.91
C ILE J 230 -29.65 59.17 34.43
N LYS J 231 -28.98 58.25 35.13
CA LYS J 231 -29.09 58.12 36.58
C LYS J 231 -28.98 59.45 37.33
N ASN J 232 -27.90 60.17 37.09
CA ASN J 232 -27.61 61.41 37.82
C ASN J 232 -27.99 62.69 37.08
N ILE J 233 -29.26 62.76 36.67
CA ILE J 233 -29.86 63.99 36.14
C ILE J 233 -31.28 64.15 36.68
N PHE J 234 -32.12 63.14 36.48
CA PHE J 234 -33.56 63.23 36.75
C PHE J 234 -33.97 62.77 38.16
N GLY J 235 -33.25 61.77 38.68
CA GLY J 235 -33.54 61.22 40.01
C GLY J 235 -33.16 59.75 40.13
N GLU J 236 -33.45 59.16 41.28
CA GLU J 236 -33.14 57.76 41.52
C GLU J 236 -34.10 56.85 40.74
N SER J 237 -35.39 56.98 41.01
CA SER J 237 -36.42 56.12 40.41
C SER J 237 -36.49 56.22 38.88
N THR J 238 -35.95 57.31 38.33
CA THR J 238 -36.00 57.56 36.88
C THR J 238 -35.03 56.67 36.13
N ALA J 239 -33.90 56.34 36.74
CA ALA J 239 -32.93 55.42 36.13
C ALA J 239 -33.49 53.99 36.10
N LYS J 240 -34.42 53.71 37.01
CA LYS J 240 -35.02 52.39 37.16
C LYS J 240 -36.07 52.12 36.08
N ARG J 241 -36.41 53.16 35.32
CA ARG J 241 -37.40 53.07 34.25
C ARG J 241 -36.88 52.27 33.06
N LEU J 242 -35.58 52.00 33.06
CA LEU J 242 -34.96 51.17 32.02
C LEU J 242 -35.13 49.69 32.29
N SER J 243 -35.93 49.36 33.32
CA SER J 243 -36.21 48.00 33.72
C SER J 243 -37.70 47.89 34.06
N PRO J 244 -38.45 47.13 33.26
CA PRO J 244 -39.90 46.99 33.39
C PRO J 244 -40.42 46.64 34.79
N HIS J 245 -39.52 46.34 35.72
CA HIS J 245 -39.93 45.96 37.08
C HIS J 245 -39.38 46.89 38.16
N ARG J 246 -38.66 47.92 37.70
CA ARG J 246 -38.12 48.98 38.55
C ARG J 246 -37.13 48.47 39.60
N LYS J 247 -36.42 47.39 39.27
CA LYS J 247 -35.26 46.94 40.06
C LYS J 247 -34.03 46.92 39.18
N THR J 248 -32.97 47.55 39.68
CA THR J 248 -31.68 47.54 38.98
C THR J 248 -30.57 47.00 39.88
N ARG J 249 -29.48 46.56 39.26
CA ARG J 249 -28.39 45.95 40.00
C ARG J 249 -27.04 46.50 39.57
N VAL J 250 -26.50 47.35 40.44
CA VAL J 250 -25.15 47.90 40.27
C VAL J 250 -24.10 46.80 40.49
N LYS J 251 -23.44 46.41 39.40
CA LYS J 251 -22.41 45.37 39.46
C LYS J 251 -21.07 45.87 38.92
N VAL J 252 -20.05 45.81 39.76
CA VAL J 252 -18.67 46.17 39.36
C VAL J 252 -17.81 44.91 39.15
N ILE J 253 -18.32 44.01 38.33
CA ILE J 253 -17.70 42.70 38.05
C ILE J 253 -16.26 42.83 37.54
N GLU J 254 -15.40 41.95 38.05
CA GLU J 254 -13.98 41.92 37.68
C GLU J 254 -13.59 40.61 37.03
N ASN J 255 -13.01 40.71 35.83
CA ASN J 255 -12.48 39.57 35.09
C ASN J 255 -11.35 40.01 34.17
N MSE J 256 -11.09 41.32 34.15
CA MSE J 256 -10.06 41.91 33.33
C MSE J 256 -8.94 42.57 34.15
O MSE J 256 -7.78 42.16 34.06
CB MSE J 256 -10.65 42.90 32.33
N TYR J 257 -9.30 43.56 34.96
CA TYR J 257 -8.30 44.40 35.66
C TYR J 257 -8.58 44.72 37.16
N GLY J 258 -9.72 44.26 37.67
CA GLY J 258 -10.10 44.54 39.06
C GLY J 258 -11.45 45.21 39.20
N SER J 259 -11.86 45.93 38.15
CA SER J 259 -13.18 46.58 38.08
C SER J 259 -13.63 46.85 36.64
N ARG J 260 -14.92 46.60 36.38
CA ARG J 260 -15.58 46.94 35.12
C ARG J 260 -17.07 47.18 35.40
N GLU J 261 -17.64 48.19 34.76
CA GLU J 261 -19.05 48.52 34.93
C GLU J 261 -19.92 47.62 34.04
N ILE J 262 -20.87 46.92 34.65
CA ILE J 262 -21.82 46.06 33.93
C ILE J 262 -23.08 45.81 34.77
N ILE J 263 -24.06 46.69 34.62
CA ILE J 263 -25.31 46.62 35.41
C ILE J 263 -26.37 45.66 34.85
N THR J 264 -27.15 45.06 35.75
CA THR J 264 -28.21 44.13 35.39
C THR J 264 -29.57 44.83 35.38
N LEU J 265 -30.27 44.74 34.25
CA LEU J 265 -31.61 45.29 34.12
C LEU J 265 -32.65 44.18 34.31
N PHE J 266 -33.46 44.32 35.35
CA PHE J 266 -34.41 43.28 35.74
C PHE J 266 -35.65 43.30 34.86
N GLY J 267 -35.67 42.39 33.89
CA GLY J 267 -36.75 42.30 32.93
C GLY J 267 -36.21 42.25 31.52
N ILE J 268 -34.93 42.52 31.36
CA ILE J 268 -34.27 42.53 30.06
C ILE J 268 -33.22 41.41 30.00
N SER J 269 -32.94 40.93 28.80
CA SER J 269 -31.88 39.95 28.60
C SER J 269 -30.81 40.55 27.70
N VAL J 270 -29.62 40.76 28.26
CA VAL J 270 -28.50 41.36 27.52
C VAL J 270 -27.64 40.28 26.87
N LEU J 271 -27.93 39.97 25.62
CA LEU J 271 -27.10 39.11 24.82
C LEU J 271 -26.23 39.98 23.93
N ASP J 272 -25.12 40.46 24.49
CA ASP J 272 -24.18 41.29 23.73
C ASP J 272 -23.62 40.51 22.55
N TYR J 273 -23.56 41.16 21.38
CA TYR J 273 -23.16 40.45 20.19
C TYR J 273 -21.66 40.16 20.14
N ILE J 274 -20.85 41.04 20.72
CA ILE J 274 -19.41 40.77 20.81
C ILE J 274 -19.22 39.42 21.50
N ASP J 275 -19.94 39.24 22.61
CA ASP J 275 -19.87 38.03 23.39
C ASP J 275 -20.53 36.87 22.66
N LEU J 276 -21.66 37.17 22.02
CA LEU J 276 -22.41 36.17 21.27
C LEU J 276 -21.48 35.51 20.25
N TYR J 277 -20.91 36.34 19.37
CA TYR J 277 -19.97 35.90 18.33
C TYR J 277 -18.72 35.25 18.92
N LYS J 278 -18.20 35.86 19.99
CA LYS J 278 -17.00 35.40 20.68
C LYS J 278 -17.09 33.91 21.01
N LYS J 279 -18.23 33.47 21.53
CA LYS J 279 -18.38 32.11 22.01
C LYS J 279 -19.10 31.15 21.05
N PHE J 280 -19.71 31.69 19.99
CA PHE J 280 -20.60 30.90 19.11
C PHE J 280 -20.12 30.78 17.65
N SER J 281 -19.08 31.53 17.29
CA SER J 281 -18.63 31.60 15.90
C SER J 281 -17.93 30.35 15.38
N PHE J 282 -17.42 29.54 16.32
CA PHE J 282 -16.53 28.42 16.00
C PHE J 282 -15.28 28.89 15.24
N THR J 283 -14.90 30.15 15.48
CA THR J 283 -13.71 30.75 14.86
C THR J 283 -12.85 31.47 15.90
N ASN J 284 -11.54 31.25 15.82
CA ASN J 284 -10.60 31.92 16.71
C ASN J 284 -9.99 33.15 16.03
N GLN J 285 -10.46 34.33 16.45
CA GLN J 285 -10.10 35.58 15.80
C GLN J 285 -9.07 36.37 16.59
N PRO J 286 -8.13 37.04 15.90
CA PRO J 286 -7.17 37.93 16.57
C PRO J 286 -7.82 39.22 17.06
N SER J 287 -8.84 39.68 16.34
CA SER J 287 -9.58 40.89 16.68
C SER J 287 -11.07 40.59 16.73
N TYR J 288 -11.73 41.04 17.79
CA TYR J 288 -13.18 40.88 17.94
C TYR J 288 -13.92 42.23 17.92
N SER J 289 -13.43 43.15 17.10
CA SER J 289 -14.08 44.44 16.86
C SER J 289 -15.06 44.32 15.70
N LEU J 290 -16.00 45.25 15.61
CA LEU J 290 -16.84 45.36 14.43
C LEU J 290 -15.97 45.56 13.20
N ASP J 291 -15.12 46.60 13.27
CA ASP J 291 -14.18 46.92 12.19
C ASP J 291 -13.62 45.70 11.47
N TYR J 292 -12.99 44.80 12.23
CA TYR J 292 -12.37 43.60 11.69
C TYR J 292 -13.40 42.61 11.13
N ILE J 293 -14.27 42.10 12.01
CA ILE J 293 -15.22 41.04 11.66
C ILE J 293 -16.22 41.47 10.58
N SER J 294 -16.64 42.73 10.62
CA SER J 294 -17.54 43.28 9.60
C SER J 294 -16.90 43.20 8.22
N GLU J 295 -15.57 43.16 8.21
CA GLU J 295 -14.81 42.95 6.97
C GLU J 295 -14.62 41.46 6.70
N PHE J 296 -14.49 40.67 7.76
CA PHE J 296 -14.33 39.22 7.62
C PHE J 296 -15.58 38.58 7.05
N GLU J 297 -16.68 38.59 7.82
CA GLU J 297 -17.90 37.91 7.43
C GLU J 297 -18.87 38.74 6.61
N LEU J 298 -18.94 40.04 6.91
CA LEU J 298 -19.88 40.92 6.21
C LEU J 298 -19.27 41.60 4.99
N ASN J 299 -17.93 41.68 4.97
CA ASN J 299 -17.17 42.39 3.93
C ASN J 299 -17.54 43.86 3.68
N VAL J 300 -18.45 44.40 4.50
CA VAL J 300 -18.89 45.78 4.35
C VAL J 300 -18.05 46.76 5.20
N GLY J 301 -17.76 46.36 6.43
CA GLY J 301 -16.98 47.18 7.36
C GLY J 301 -17.66 48.48 7.78
N LYS J 302 -17.09 49.13 8.81
CA LYS J 302 -17.53 50.46 9.20
C LYS J 302 -17.07 51.47 8.15
N LEU J 303 -17.95 52.38 7.77
CA LEU J 303 -17.60 53.43 6.81
C LEU J 303 -16.59 54.41 7.41
N LYS J 304 -15.65 54.86 6.58
CA LYS J 304 -14.56 55.74 7.01
C LYS J 304 -15.04 56.99 7.74
N TYR J 305 -14.31 57.38 8.78
CA TYR J 305 -14.56 58.62 9.52
C TYR J 305 -13.45 59.64 9.21
N ASP J 306 -13.29 60.66 10.07
CA ASP J 306 -12.20 61.62 9.95
C ASP J 306 -11.72 62.14 11.30
N GLY J 307 -10.40 62.09 11.51
CA GLY J 307 -9.78 62.54 12.76
C GLY J 307 -10.24 61.75 13.98
N PRO J 308 -10.38 62.41 15.13
CA PRO J 308 -10.89 61.78 16.36
C PRO J 308 -12.42 61.75 16.45
N ILE J 309 -12.94 60.65 17.00
CA ILE J 309 -14.39 60.46 17.14
C ILE J 309 -15.05 61.46 18.10
N SER J 310 -14.31 61.84 19.16
CA SER J 310 -14.78 62.86 20.10
C SER J 310 -14.57 64.27 19.54
N LYS J 311 -14.33 64.32 18.23
CA LYS J 311 -14.33 65.57 17.46
C LYS J 311 -14.83 65.23 16.06
N LEU J 312 -15.78 64.30 16.00
CA LEU J 312 -16.47 63.92 14.77
C LEU J 312 -17.88 64.53 14.78
N ARG J 313 -18.47 64.61 15.97
CA ARG J 313 -19.75 65.28 16.19
C ARG J 313 -19.61 66.75 15.80
N GLU J 314 -18.78 67.47 16.54
CA GLU J 314 -18.56 68.89 16.31
C GLU J 314 -17.59 69.13 15.15
N SER J 315 -17.94 68.59 13.99
CA SER J 315 -17.18 68.78 12.74
C SER J 315 -18.01 68.34 11.54
N ASN J 316 -18.33 67.06 11.47
CA ASN J 316 -19.12 66.49 10.38
C ASN J 316 -20.33 65.72 10.93
N HIS J 317 -21.27 66.46 11.50
CA HIS J 317 -22.43 65.91 12.22
C HIS J 317 -23.28 64.96 11.38
N GLN J 318 -23.34 65.20 10.07
CA GLN J 318 -24.04 64.34 9.14
C GLN J 318 -23.43 62.95 9.11
N ARG J 319 -22.10 62.89 9.02
CA ARG J 319 -21.38 61.63 8.98
C ARG J 319 -21.45 60.91 10.34
N TYR J 320 -21.34 61.70 11.41
CA TYR J 320 -21.41 61.20 12.78
C TYR J 320 -22.61 60.28 12.96
N ILE J 321 -23.80 60.86 12.80
CA ILE J 321 -25.05 60.13 12.96
C ILE J 321 -25.15 58.98 11.95
N SER J 322 -24.75 59.24 10.71
CA SER J 322 -24.89 58.26 9.63
C SER J 322 -24.01 57.04 9.87
N TYR J 323 -22.82 57.26 10.43
CA TYR J 323 -21.90 56.19 10.78
C TYR J 323 -22.51 55.35 11.91
N ASN J 324 -23.08 56.05 12.89
CA ASN J 324 -23.80 55.43 14.00
C ASN J 324 -24.90 54.48 13.54
N ILE J 325 -25.53 54.81 12.41
CA ILE J 325 -26.61 54.01 11.84
C ILE J 325 -26.12 52.67 11.28
N ILE J 326 -25.10 52.71 10.44
CA ILE J 326 -24.54 51.49 9.83
C ILE J 326 -23.97 50.56 10.90
N ALA J 327 -23.43 51.14 11.97
CA ALA J 327 -22.88 50.39 13.10
C ALA J 327 -23.87 49.32 13.55
N VAL J 328 -25.07 49.76 13.91
CA VAL J 328 -26.18 48.89 14.25
C VAL J 328 -26.47 47.96 13.07
N TYR J 329 -26.43 48.51 11.86
CA TYR J 329 -26.84 47.76 10.69
C TYR J 329 -25.87 46.63 10.32
N ARG J 330 -24.57 46.92 10.39
CA ARG J 330 -23.56 45.90 10.11
C ARG J 330 -23.66 44.73 11.10
N VAL J 331 -23.80 45.05 12.39
CA VAL J 331 -23.99 44.02 13.42
C VAL J 331 -25.24 43.17 13.13
N LEU J 332 -26.27 43.83 12.62
CA LEU J 332 -27.53 43.17 12.28
C LEU J 332 -27.37 42.18 11.12
N GLN J 333 -26.40 42.43 10.25
CA GLN J 333 -26.12 41.55 9.12
C GLN J 333 -25.29 40.34 9.54
N ILE J 334 -24.40 40.55 10.52
CA ILE J 334 -23.65 39.46 11.13
C ILE J 334 -24.67 38.50 11.70
N ASP J 335 -25.71 39.07 12.30
CA ASP J 335 -26.83 38.34 12.84
C ASP J 335 -27.65 37.66 11.74
N ALA J 336 -27.75 38.32 10.58
CA ALA J 336 -28.49 37.80 9.45
C ALA J 336 -27.71 36.68 8.76
N LYS J 337 -26.39 36.74 8.83
CA LYS J 337 -25.53 35.70 8.26
C LYS J 337 -25.38 34.53 9.22
N ARG J 338 -24.71 34.79 10.36
CA ARG J 338 -24.39 33.75 11.33
C ARG J 338 -25.60 33.25 12.12
N GLN J 339 -26.61 34.12 12.24
CA GLN J 339 -27.87 33.82 12.96
C GLN J 339 -27.65 33.36 14.41
N PHE J 340 -27.03 34.21 15.21
CA PHE J 340 -26.70 33.87 16.60
C PHE J 340 -27.82 34.16 17.60
N ILE J 341 -28.46 35.33 17.46
CA ILE J 341 -29.53 35.73 18.37
C ILE J 341 -30.62 34.66 18.40
N ASN J 342 -31.00 34.17 17.23
CA ASN J 342 -31.97 33.08 17.17
C ASN J 342 -31.44 31.78 17.76
N LEU J 343 -30.13 31.56 17.59
CA LEU J 343 -29.48 30.39 18.16
C LEU J 343 -29.58 30.41 19.70
N SER J 344 -29.37 31.60 20.29
CA SER J 344 -29.50 31.80 21.74
C SER J 344 -30.90 31.47 22.22
N LEU J 345 -31.89 31.97 21.47
CA LEU J 345 -33.29 31.74 21.79
C LEU J 345 -33.60 30.24 21.81
N ASP J 346 -33.27 29.55 20.72
CA ASP J 346 -33.46 28.10 20.62
C ASP J 346 -32.76 27.35 21.78
N MSE J 347 -31.62 27.86 22.20
CA MSE J 347 -30.89 27.31 23.32
C MSE J 347 -31.68 27.55 24.61
O MSE J 347 -32.11 26.60 25.28
CB MSE J 347 -29.50 27.93 23.41
CG MSE J 347 -28.68 27.45 24.58
SE MSE J 347 -28.17 25.58 24.43
CE MSE J 347 -26.48 25.85 23.45
N GLY J 348 -31.87 28.82 24.94
CA GLY J 348 -32.63 29.25 26.12
C GLY J 348 -33.93 28.50 26.31
N TYR J 349 -34.69 28.35 25.22
CA TYR J 349 -36.00 27.72 25.31
C TYR J 349 -35.90 26.19 25.42
N TYR J 350 -34.79 25.65 24.94
CA TYR J 350 -34.57 24.21 24.99
C TYR J 350 -34.26 23.78 26.44
N ALA J 351 -33.34 24.51 27.06
CA ALA J 351 -32.91 24.25 28.42
C ALA J 351 -33.95 24.74 29.43
N LYS J 352 -34.59 25.87 29.12
CA LYS J 352 -35.59 26.56 29.97
C LYS J 352 -34.94 27.45 31.00
N ILE J 353 -34.27 28.47 30.49
CA ILE J 353 -33.44 29.39 31.28
C ILE J 353 -33.59 30.81 30.78
N GLN J 354 -33.26 31.77 31.63
CA GLN J 354 -33.15 33.14 31.20
C GLN J 354 -32.29 33.08 29.96
N ILE J 355 -32.69 33.82 28.93
CA ILE J 355 -32.00 33.74 27.66
C ILE J 355 -30.50 34.05 27.84
N GLN J 356 -30.18 35.06 28.67
CA GLN J 356 -28.76 35.40 28.92
C GLN J 356 -27.93 34.26 29.51
N SER J 357 -28.58 33.29 30.14
CA SER J 357 -27.87 32.15 30.74
C SER J 357 -27.30 31.14 29.70
N VAL J 358 -27.39 31.49 28.43
CA VAL J 358 -26.74 30.69 27.39
C VAL J 358 -25.24 30.97 27.38
N PHE J 359 -24.84 32.01 28.12
CA PHE J 359 -23.44 32.31 28.33
C PHE J 359 -22.84 31.45 29.43
N SER J 360 -23.71 30.98 30.34
CA SER J 360 -23.31 30.10 31.45
C SER J 360 -23.55 28.62 31.15
N PRO J 361 -22.49 27.89 30.75
CA PRO J 361 -22.55 26.45 30.63
C PRO J 361 -22.96 25.80 31.94
N ILE J 362 -22.61 26.46 33.05
CA ILE J 362 -22.98 25.96 34.39
C ILE J 362 -24.48 25.98 34.57
N LYS J 363 -25.13 27.08 34.20
CA LYS J 363 -26.58 27.22 34.29
C LYS J 363 -27.31 26.33 33.31
N THR J 364 -26.90 26.43 32.05
CA THR J 364 -27.55 25.72 30.96
C THR J 364 -27.68 24.24 31.25
N TRP J 365 -26.59 23.63 31.70
CA TRP J 365 -26.53 22.20 31.95
C TRP J 365 -27.24 21.79 33.23
N ASP J 366 -27.24 22.69 34.21
CA ASP J 366 -27.97 22.44 35.43
C ASP J 366 -29.45 22.30 35.07
N ALA J 367 -29.92 23.27 34.29
CA ALA J 367 -31.29 23.33 33.81
C ALA J 367 -31.67 22.10 32.99
N ILE J 368 -30.86 21.74 32.00
CA ILE J 368 -31.15 20.60 31.15
C ILE J 368 -31.36 19.33 31.96
N ILE J 369 -30.51 19.14 32.96
CA ILE J 369 -30.49 17.91 33.74
C ILE J 369 -31.65 17.89 34.71
N PHE J 370 -31.87 19.03 35.36
CA PHE J 370 -32.99 19.20 36.29
C PHE J 370 -34.33 18.92 35.58
N ASN J 371 -34.50 19.53 34.42
CA ASN J 371 -35.67 19.29 33.63
C ASN J 371 -35.82 17.82 33.28
N SER J 372 -34.75 17.22 32.79
CA SER J 372 -34.80 15.80 32.46
C SER J 372 -35.12 14.89 33.66
N LEU J 373 -34.50 15.16 34.82
CA LEU J 373 -34.71 14.34 36.01
C LEU J 373 -36.11 14.52 36.65
N LYS J 374 -36.69 15.70 36.49
CA LYS J 374 -38.06 15.98 36.94
C LYS J 374 -39.04 15.03 36.24
N GLU J 375 -38.91 14.91 34.92
CA GLU J 375 -39.70 14.01 34.12
C GLU J 375 -39.71 12.59 34.68
N GLN J 376 -38.64 12.20 35.36
CA GLN J 376 -38.51 10.86 35.93
C GLN J 376 -38.78 10.88 37.43
N ASN J 377 -39.22 12.05 37.91
CA ASN J 377 -39.54 12.26 39.32
C ASN J 377 -38.31 12.18 40.20
N LYS J 378 -37.13 12.31 39.58
CA LYS J 378 -35.86 12.27 40.32
C LYS J 378 -35.60 13.62 40.98
N VAL J 379 -34.73 13.60 41.98
CA VAL J 379 -34.43 14.81 42.75
C VAL J 379 -32.95 15.12 42.64
N ILE J 380 -32.65 16.29 42.08
CA ILE J 380 -31.28 16.74 41.88
C ILE J 380 -30.57 16.98 43.23
N PRO J 381 -29.23 16.82 43.26
CA PRO J 381 -28.45 17.06 44.48
C PRO J 381 -28.32 18.54 44.88
N GLN J 382 -27.97 18.74 46.14
CA GLN J 382 -27.71 20.07 46.66
C GLN J 382 -26.33 20.52 46.21
N GLY J 383 -26.24 21.77 45.76
CA GLY J 383 -24.96 22.38 45.50
C GLY J 383 -24.13 22.33 46.76
N ARG J 384 -22.95 21.73 46.68
CA ARG J 384 -22.01 21.72 47.81
C ARG J 384 -20.82 22.58 47.41
N SER J 385 -20.15 23.18 48.38
CA SER J 385 -18.96 23.97 48.07
C SER J 385 -17.68 23.12 48.07
N HIS J 386 -16.83 23.36 47.07
CA HIS J 386 -15.56 22.66 46.98
C HIS J 386 -14.46 23.69 46.78
N PRO J 387 -13.28 23.44 47.38
CA PRO J 387 -12.09 24.24 47.08
C PRO J 387 -11.70 24.15 45.61
N VAL J 388 -11.26 25.27 45.03
CA VAL J 388 -10.78 25.29 43.65
C VAL J 388 -9.41 24.62 43.64
N GLN J 389 -9.32 23.48 42.96
CA GLN J 389 -8.10 22.70 42.99
C GLN J 389 -7.61 22.44 41.59
N PRO J 390 -6.42 22.98 41.25
CA PRO J 390 -5.74 22.66 39.99
C PRO J 390 -5.47 21.15 39.88
N TYR J 391 -5.80 20.58 38.71
CA TYR J 391 -5.62 19.16 38.46
C TYR J 391 -5.16 18.96 37.01
N PRO J 392 -4.55 17.78 36.70
CA PRO J 392 -3.97 17.54 35.38
C PRO J 392 -4.92 17.87 34.24
N GLY J 393 -4.42 18.64 33.26
CA GLY J 393 -5.19 18.98 32.08
C GLY J 393 -4.83 18.10 30.90
N ALA J 394 -4.68 18.74 29.74
CA ALA J 394 -4.42 18.05 28.48
C ALA J 394 -2.99 17.59 28.38
N PHE J 395 -2.72 16.63 27.51
CA PHE J 395 -1.36 16.23 27.21
C PHE J 395 -0.89 16.94 25.94
N VAL J 396 0.30 17.53 26.02
CA VAL J 396 0.93 18.13 24.85
C VAL J 396 2.35 17.57 24.68
N LYS J 397 2.55 16.84 23.58
CA LYS J 397 3.85 16.30 23.23
C LYS J 397 4.75 17.43 22.78
N GLU J 398 5.96 17.49 23.33
CA GLU J 398 6.99 18.42 22.87
C GLU J 398 7.48 18.04 21.46
N PRO J 399 7.20 18.89 20.45
CA PRO J 399 7.73 18.61 19.13
C PRO J 399 9.21 18.93 19.04
N ILE J 400 9.94 18.16 18.23
CA ILE J 400 11.28 18.51 17.84
C ILE J 400 11.15 19.65 16.82
N PRO J 401 11.71 20.83 17.13
CA PRO J 401 11.51 22.01 16.28
C PRO J 401 12.20 21.80 14.95
N ASN J 402 11.44 21.33 13.97
CA ASN J 402 12.00 20.98 12.67
C ASN J 402 10.95 21.26 11.61
N ARG J 403 11.31 21.08 10.35
CA ARG J 403 10.34 21.09 9.27
C ARG J 403 9.88 19.65 9.09
N TYR J 404 8.71 19.51 8.46
CA TYR J 404 8.08 18.21 8.21
C TYR J 404 7.40 18.30 6.85
N LYS J 405 7.79 17.42 5.95
CA LYS J 405 7.41 17.51 4.53
C LYS J 405 5.92 17.20 4.34
N TYR J 406 5.51 15.99 4.73
CA TYR J 406 4.12 15.55 4.63
C TYR J 406 3.57 15.24 6.02
N VAL J 407 2.41 15.81 6.31
CA VAL J 407 1.77 15.63 7.60
C VAL J 407 0.30 15.22 7.43
N MSE J 408 -0.16 14.35 8.33
CA MSE J 408 -1.57 14.03 8.44
C MSE J 408 -2.05 14.17 9.87
O MSE J 408 -1.48 13.56 10.79
CB MSE J 408 -1.82 12.61 7.97
CG MSE J 408 -2.15 12.51 6.51
SE MSE J 408 -3.12 10.85 6.18
CE MSE J 408 -1.77 9.56 6.83
N SER J 409 -3.10 14.96 10.07
CA SER J 409 -3.68 15.13 11.39
C SER J 409 -4.88 14.21 11.62
N PHE J 410 -5.05 13.84 12.88
CA PHE J 410 -6.16 13.00 13.31
C PHE J 410 -6.68 13.56 14.61
N ASP J 411 -7.95 13.92 14.64
CA ASP J 411 -8.59 14.41 15.86
C ASP J 411 -9.59 13.40 16.43
N LEU J 412 -9.76 13.42 17.74
CA LEU J 412 -10.74 12.59 18.41
C LEU J 412 -12.09 13.32 18.49
N THR J 413 -13.17 12.63 18.16
CA THR J 413 -14.51 13.21 18.15
C THR J 413 -14.95 13.50 19.58
N SER J 414 -15.14 14.79 19.88
CA SER J 414 -15.68 15.21 21.17
C SER J 414 -15.08 14.38 22.30
N LEU J 415 -13.77 14.54 22.52
CA LEU J 415 -13.01 13.67 23.41
C LEU J 415 -13.59 13.54 24.83
N TYR J 416 -13.67 14.66 25.55
CA TYR J 416 -14.13 14.62 26.93
C TYR J 416 -15.57 14.14 27.13
N PRO J 417 -16.54 14.66 26.34
CA PRO J 417 -17.89 14.09 26.43
C PRO J 417 -17.90 12.60 26.12
N SER J 418 -17.09 12.19 25.13
CA SER J 418 -17.00 10.79 24.75
C SER J 418 -16.38 9.95 25.84
N ILE J 419 -15.42 10.51 26.57
CA ILE J 419 -14.82 9.81 27.72
C ILE J 419 -15.89 9.57 28.78
N ILE J 420 -16.60 10.64 29.14
CA ILE J 420 -17.68 10.58 30.12
C ILE J 420 -18.61 9.42 29.78
N ARG J 421 -18.99 9.36 28.51
CA ARG J 421 -19.84 8.29 28.01
C ARG J 421 -19.17 6.92 28.07
N GLN J 422 -17.98 6.81 27.48
CA GLN J 422 -17.26 5.55 27.39
C GLN J 422 -16.97 4.90 28.75
N VAL J 423 -16.54 5.71 29.72
CA VAL J 423 -16.16 5.20 31.04
C VAL J 423 -17.38 5.18 31.95
N ASN J 424 -18.37 5.99 31.59
CA ASN J 424 -19.63 6.09 32.36
C ASN J 424 -19.44 6.90 33.65
N ILE J 425 -18.76 8.04 33.52
CA ILE J 425 -18.40 8.88 34.66
C ILE J 425 -19.52 9.84 35.06
N SER J 426 -20.06 9.60 36.26
CA SER J 426 -21.10 10.42 36.86
C SER J 426 -20.96 10.28 38.37
N PRO J 427 -21.33 11.31 39.14
CA PRO J 427 -21.25 11.26 40.60
C PRO J 427 -21.79 9.97 41.22
N GLU J 428 -22.95 9.50 40.77
CA GLU J 428 -23.58 8.33 41.39
C GLU J 428 -23.15 6.98 40.79
N THR J 429 -22.17 7.02 39.88
CA THR J 429 -21.70 5.81 39.25
C THR J 429 -20.31 5.43 39.75
N ILE J 430 -19.73 6.27 40.59
CA ILE J 430 -18.46 5.99 41.25
C ILE J 430 -18.63 4.69 42.01
N ALA J 431 -17.85 3.67 41.62
CA ALA J 431 -17.96 2.32 42.19
C ALA J 431 -16.87 2.03 43.22
N GLY J 432 -15.71 2.65 43.04
CA GLY J 432 -14.55 2.46 43.92
C GLY J 432 -13.24 2.84 43.26
N THR J 433 -12.13 2.36 43.82
CA THR J 433 -10.80 2.69 43.31
C THR J 433 -9.92 1.47 43.16
N PHE J 434 -8.94 1.55 42.25
CA PHE J 434 -7.92 0.54 42.13
C PHE J 434 -6.55 1.16 42.36
N LYS J 435 -5.62 0.36 42.86
CA LYS J 435 -4.23 0.81 43.08
C LYS J 435 -3.62 1.17 41.73
N VAL J 436 -3.22 2.43 41.62
CA VAL J 436 -2.83 3.02 40.36
C VAL J 436 -1.33 2.92 40.09
N ALA J 437 -0.98 2.24 39.00
CA ALA J 437 0.37 2.20 38.47
C ALA J 437 0.72 3.57 37.85
N PRO J 438 2.02 3.84 37.61
CA PRO J 438 2.32 5.10 36.92
C PRO J 438 1.71 5.13 35.51
N LEU J 439 1.18 6.28 35.11
CA LEU J 439 0.44 6.45 33.86
C LEU J 439 1.16 5.92 32.62
N HIS J 440 2.49 5.86 32.71
CA HIS J 440 3.35 5.32 31.67
C HIS J 440 3.01 3.85 31.38
N ASP J 441 2.74 3.09 32.44
CA ASP J 441 2.45 1.65 32.36
C ASP J 441 1.13 1.32 31.67
N TYR J 442 0.16 2.22 31.77
CA TYR J 442 -1.13 2.04 31.12
C TYR J 442 -1.06 2.39 29.64
N ILE J 443 -0.27 3.41 29.31
CA ILE J 443 -0.07 3.78 27.91
C ILE J 443 0.60 2.62 27.16
N ASN J 444 1.65 2.06 27.76
CA ASN J 444 2.39 0.94 27.17
C ASN J 444 1.71 -0.41 27.39
N ALA J 445 0.51 -0.39 27.95
CA ALA J 445 -0.29 -1.61 28.20
C ALA J 445 0.42 -2.67 29.02
N VAL J 446 1.48 -2.30 29.71
CA VAL J 446 2.22 -3.23 30.57
C VAL J 446 1.61 -3.37 31.98
N ALA J 447 0.90 -2.34 32.42
CA ALA J 447 0.35 -2.30 33.77
C ALA J 447 -0.75 -3.33 34.02
N GLU J 448 -0.84 -3.76 35.28
CA GLU J 448 -1.92 -4.60 35.77
C GLU J 448 -3.26 -4.02 35.33
N ARG J 449 -4.04 -4.79 34.59
CA ARG J 449 -5.40 -4.43 34.19
C ARG J 449 -6.26 -4.13 35.42
N PRO J 450 -6.82 -2.90 35.50
CA PRO J 450 -7.44 -2.40 36.72
C PRO J 450 -8.64 -3.19 37.23
N SER J 451 -9.55 -3.57 36.33
CA SER J 451 -10.74 -4.33 36.73
C SER J 451 -11.39 -5.14 35.60
N ASP J 452 -11.93 -6.30 35.96
CA ASP J 452 -12.76 -7.09 35.06
C ASP J 452 -14.22 -6.91 35.42
N VAL J 453 -14.48 -6.14 36.47
CA VAL J 453 -15.84 -5.87 36.92
C VAL J 453 -16.33 -4.45 36.60
N TYR J 454 -15.48 -3.44 36.80
CA TYR J 454 -15.89 -2.05 36.61
C TYR J 454 -15.24 -1.36 35.40
N SER J 455 -15.85 -0.26 34.98
CA SER J 455 -15.31 0.60 33.94
C SER J 455 -14.33 1.57 34.59
N CYS J 456 -13.09 1.60 34.11
CA CYS J 456 -11.99 2.27 34.81
C CYS J 456 -11.39 3.47 34.09
N SER J 457 -10.75 4.33 34.87
CA SER J 457 -9.89 5.41 34.34
C SER J 457 -8.53 5.36 35.04
N PRO J 458 -7.44 5.56 34.28
CA PRO J 458 -6.04 5.50 34.72
C PRO J 458 -5.71 6.25 36.00
N ASN J 459 -6.53 7.22 36.39
CA ASN J 459 -6.33 7.96 37.63
C ASN J 459 -6.68 7.16 38.89
N GLY J 460 -7.33 6.01 38.70
CA GLY J 460 -7.61 5.10 39.79
C GLY J 460 -9.08 4.87 40.06
N MSE J 461 -9.93 5.67 39.42
CA MSE J 461 -11.36 5.62 39.65
C MSE J 461 -12.02 4.48 38.88
O MSE J 461 -11.65 4.17 37.75
CB MSE J 461 -12.00 6.96 39.30
CG MSE J 461 -11.59 8.09 40.24
SE MSE J 461 -12.10 7.79 42.10
CE MSE J 461 -10.44 8.46 42.93
N MSE J 462 -13.01 3.87 39.53
CA MSE J 462 -13.81 2.78 38.94
C MSE J 462 -15.27 3.16 38.91
O MSE J 462 -15.80 3.68 39.89
CB MSE J 462 -13.65 1.48 39.75
CG MSE J 462 -12.25 0.94 39.85
SE MSE J 462 -12.18 -0.86 40.65
CE MSE J 462 -12.87 -0.49 42.45
N TYR J 463 -15.93 2.89 37.80
CA TYR J 463 -17.35 3.22 37.66
C TYR J 463 -18.23 2.02 37.31
N TYR J 464 -19.52 2.14 37.61
CA TYR J 464 -20.48 1.06 37.34
C TYR J 464 -20.79 0.91 35.86
N LYS J 465 -20.86 -0.33 35.42
CA LYS J 465 -21.18 -0.65 34.02
C LYS J 465 -22.66 -0.98 33.86
N ASP J 466 -23.26 -1.51 34.93
CA ASP J 466 -24.65 -1.95 34.92
C ASP J 466 -25.62 -0.76 34.84
N ARG J 467 -25.32 0.30 35.58
CA ARG J 467 -26.21 1.46 35.69
C ARG J 467 -25.96 2.51 34.62
N ASP J 468 -27.01 3.24 34.27
CA ASP J 468 -26.84 4.46 33.49
C ASP J 468 -26.51 5.57 34.48
N GLY J 469 -25.47 6.32 34.20
CA GLY J 469 -25.17 7.51 34.98
C GLY J 469 -25.96 8.69 34.43
N VAL J 470 -26.35 9.62 35.31
CA VAL J 470 -27.11 10.78 34.89
C VAL J 470 -26.38 11.55 33.80
N VAL J 471 -25.11 11.89 34.07
CA VAL J 471 -24.34 12.75 33.18
C VAL J 471 -24.11 12.11 31.80
N PRO J 472 -23.60 10.86 31.76
CA PRO J 472 -23.50 10.23 30.44
C PRO J 472 -24.85 10.00 29.75
N THR J 473 -25.88 9.66 30.52
CA THR J 473 -27.24 9.51 29.97
C THR J 473 -27.69 10.83 29.34
N GLU J 474 -27.53 11.92 30.07
CA GLU J 474 -27.94 13.22 29.58
C GLU J 474 -27.14 13.65 28.38
N ILE J 475 -25.84 13.33 28.36
CA ILE J 475 -25.00 13.71 27.22
C ILE J 475 -25.29 12.84 25.99
N THR J 476 -25.53 11.54 26.23
CA THR J 476 -25.94 10.61 25.17
C THR J 476 -27.21 11.12 24.50
N LYS J 477 -28.17 11.62 25.30
CA LYS J 477 -29.39 12.21 24.75
C LYS J 477 -29.02 13.32 23.78
N VAL J 478 -28.27 14.32 24.26
CA VAL J 478 -27.87 15.44 23.43
C VAL J 478 -27.12 14.97 22.17
N PHE J 479 -26.28 13.93 22.31
CA PHE J 479 -25.62 13.29 21.17
C PHE J 479 -26.63 12.77 20.15
N ASN J 480 -27.67 12.11 20.63
CA ASN J 480 -28.72 11.53 19.78
C ASN J 480 -29.56 12.61 19.11
N GLN J 481 -29.80 13.69 19.85
CA GLN J 481 -30.64 14.78 19.37
C GLN J 481 -30.01 15.52 18.19
N ARG J 482 -28.67 15.62 18.21
CA ARG J 482 -27.96 16.23 17.10
C ARG J 482 -28.16 15.40 15.83
N LYS J 483 -28.15 14.08 15.98
CA LYS J 483 -28.41 13.15 14.89
C LYS J 483 -29.81 13.37 14.35
N GLU J 484 -30.82 13.17 15.21
CA GLU J 484 -32.22 13.41 14.86
C GLU J 484 -32.37 14.69 14.05
N HIS J 485 -31.86 15.79 14.59
CA HIS J 485 -32.11 17.11 14.03
C HIS J 485 -31.26 17.43 12.81
N LYS J 486 -30.03 16.91 12.75
CA LYS J 486 -29.21 17.03 11.54
C LYS J 486 -29.75 16.11 10.45
N GLY J 487 -30.44 15.05 10.88
CA GLY J 487 -31.14 14.14 9.99
C GLY J 487 -32.30 14.83 9.30
N TYR J 488 -33.01 15.69 10.05
CA TYR J 488 -34.09 16.50 9.50
C TYR J 488 -33.57 17.47 8.44
N MSE J 489 -32.42 18.08 8.74
CA MSE J 489 -31.78 19.08 7.87
C MSE J 489 -31.77 18.68 6.39
O MSE J 489 -31.83 19.55 5.52
CB MSE J 489 -30.35 19.36 8.37
CG MSE J 489 -29.75 20.68 7.88
SE MSE J 489 -28.01 21.10 8.70
CE MSE J 489 -27.04 19.46 8.24
N LEU J 490 -31.69 17.37 6.13
CA LEU J 490 -31.67 16.82 4.78
C LEU J 490 -33.03 16.95 4.09
N ARG J 547 -36.40 27.03 4.05
CA ARG J 547 -37.15 25.96 4.70
C ARG J 547 -36.76 25.79 6.17
N THR J 548 -37.39 24.83 6.85
CA THR J 548 -37.01 24.46 8.21
C THR J 548 -35.73 23.63 8.24
N GLU J 549 -35.01 23.62 7.11
CA GLU J 549 -33.66 23.06 7.05
C GLU J 549 -32.67 23.99 7.78
N VAL J 550 -33.22 25.02 8.41
CA VAL J 550 -32.46 25.88 9.32
C VAL J 550 -32.92 25.63 10.77
N ALA J 551 -34.09 25.03 10.93
CA ALA J 551 -34.63 24.66 12.24
C ALA J 551 -33.88 23.46 12.82
N GLY J 552 -33.38 22.60 11.94
CA GLY J 552 -32.50 21.50 12.33
C GLY J 552 -31.04 21.93 12.39
N MSE J 553 -30.67 22.86 11.53
CA MSE J 553 -29.36 23.49 11.53
C MSE J 553 -29.06 24.08 12.90
O MSE J 553 -28.02 23.80 13.51
CB MSE J 553 -29.31 24.59 10.46
CG MSE J 553 -28.03 25.42 10.44
SE MSE J 553 -26.55 24.45 9.61
CE MSE J 553 -27.06 24.66 7.72
N THR J 554 -30.01 24.90 13.37
CA THR J 554 -29.91 25.59 14.65
C THR J 554 -29.90 24.58 15.79
N ALA J 555 -30.78 23.58 15.70
CA ALA J 555 -30.86 22.55 16.72
C ALA J 555 -29.59 21.72 16.79
N GLN J 556 -29.00 21.44 15.63
CA GLN J 556 -27.74 20.69 15.54
C GLN J 556 -26.56 21.47 16.10
N ILE J 557 -26.52 22.76 15.80
CA ILE J 557 -25.47 23.64 16.34
C ILE J 557 -25.52 23.70 17.87
N ASN J 558 -26.72 23.89 18.43
CA ASN J 558 -26.88 23.98 19.88
C ASN J 558 -26.51 22.72 20.63
N ARG J 559 -26.81 21.57 20.04
CA ARG J 559 -26.40 20.28 20.59
C ARG J 559 -24.88 20.13 20.61
N LYS J 560 -24.21 20.67 19.60
CA LYS J 560 -22.76 20.75 19.55
C LYS J 560 -22.25 21.63 20.69
N LEU J 561 -22.78 22.86 20.78
CA LEU J 561 -22.34 23.81 21.80
C LEU J 561 -22.44 23.22 23.20
N LEU J 562 -23.59 22.61 23.49
CA LEU J 562 -23.83 21.91 24.76
C LEU J 562 -22.79 20.82 25.02
N ILE J 563 -22.51 20.01 24.00
CA ILE J 563 -21.51 18.96 24.05
C ILE J 563 -20.13 19.53 24.39
N ASN J 564 -19.74 20.59 23.70
CA ASN J 564 -18.43 21.18 23.91
C ASN J 564 -18.31 21.99 25.21
N SER J 565 -19.43 22.26 25.86
CA SER J 565 -19.40 23.04 27.07
C SER J 565 -19.61 22.20 28.32
N LEU J 566 -19.96 20.93 28.15
CA LEU J 566 -20.22 20.07 29.30
C LEU J 566 -19.00 19.95 30.19
N TYR J 567 -17.88 19.48 29.64
CA TYR J 567 -16.68 19.34 30.44
C TYR J 567 -16.43 20.60 31.27
N GLY J 568 -16.52 21.76 30.63
CA GLY J 568 -16.34 23.05 31.31
C GLY J 568 -17.15 23.12 32.60
N ALA J 569 -18.43 22.80 32.50
CA ALA J 569 -19.33 22.78 33.64
C ALA J 569 -18.89 21.73 34.67
N LEU J 570 -18.64 20.52 34.19
CA LEU J 570 -18.20 19.41 35.06
C LEU J 570 -16.88 19.69 35.74
N GLY J 571 -16.05 20.51 35.11
CA GLY J 571 -14.75 20.87 35.67
C GLY J 571 -14.87 21.98 36.69
N ASN J 572 -15.98 22.70 36.65
CA ASN J 572 -16.23 23.86 37.48
C ASN J 572 -16.82 23.50 38.85
N VAL J 573 -16.24 24.04 39.92
CA VAL J 573 -16.64 23.69 41.30
C VAL J 573 -17.99 24.23 41.76
N TRP J 574 -18.54 25.17 41.01
CA TRP J 574 -19.87 25.70 41.26
C TRP J 574 -20.98 24.84 40.64
N PHE J 575 -20.59 23.88 39.80
CA PHE J 575 -21.51 22.94 39.16
C PHE J 575 -21.99 21.89 40.15
N ARG J 576 -23.29 21.64 40.12
CA ARG J 576 -23.95 20.70 41.03
C ARG J 576 -23.39 19.28 40.96
N TYR J 577 -22.85 18.91 39.81
CA TYR J 577 -22.43 17.52 39.55
C TYR J 577 -20.90 17.40 39.48
N TYR J 578 -20.22 18.51 39.75
CA TYR J 578 -18.77 18.50 39.85
C TYR J 578 -18.32 17.53 40.91
N ASP J 579 -17.25 16.81 40.59
CA ASP J 579 -16.57 15.95 41.54
C ASP J 579 -15.10 15.88 41.12
N LEU J 580 -14.20 16.16 42.06
CA LEU J 580 -12.79 16.25 41.72
C LEU J 580 -12.22 14.96 41.13
N ARG J 581 -12.56 13.81 41.72
CA ARG J 581 -12.10 12.52 41.21
C ARG J 581 -12.60 12.32 39.78
N ASN J 582 -13.85 12.71 39.52
CA ASN J 582 -14.46 12.59 38.19
C ASN J 582 -13.74 13.42 37.13
N ALA J 583 -13.42 14.66 37.45
CA ALA J 583 -12.74 15.54 36.51
C ALA J 583 -11.33 15.02 36.21
N THR J 584 -10.60 14.63 37.25
CA THR J 584 -9.31 13.99 37.09
C THR J 584 -9.44 12.70 36.28
N ALA J 585 -10.48 11.92 36.55
CA ALA J 585 -10.77 10.71 35.78
C ALA J 585 -10.92 11.00 34.30
N ILE J 586 -11.61 12.10 33.98
CA ILE J 586 -11.81 12.47 32.58
C ILE J 586 -10.48 12.89 31.96
N THR J 587 -9.80 13.87 32.54
CA THR J 587 -8.55 14.38 31.93
C THR J 587 -7.44 13.34 31.84
N THR J 588 -7.32 12.51 32.86
CA THR J 588 -6.26 11.51 32.89
C THR J 588 -6.49 10.45 31.84
N PHE J 589 -7.74 10.01 31.70
CA PHE J 589 -8.10 9.06 30.67
C PHE J 589 -7.76 9.64 29.28
N GLY J 590 -8.05 10.93 29.08
CA GLY J 590 -7.75 11.59 27.81
C GLY J 590 -6.27 11.61 27.47
N GLN J 591 -5.44 11.82 28.49
CA GLN J 591 -4.00 11.82 28.32
C GLN J 591 -3.53 10.46 27.85
N MSE J 592 -3.98 9.43 28.55
CA MSE J 592 -3.67 8.06 28.16
C MSE J 592 -4.17 7.80 26.75
O MSE J 592 -3.43 7.32 25.91
CB MSE J 592 -4.28 7.07 29.15
CG MSE J 592 -4.04 5.62 28.79
SE MSE J 592 -5.25 4.51 29.84
CE MSE J 592 -4.92 2.78 28.99
N ALA J 593 -5.43 8.17 26.50
CA ALA J 593 -6.06 7.91 25.21
C ALA J 593 -5.21 8.40 24.04
N LEU J 594 -4.69 9.61 24.18
CA LEU J 594 -3.86 10.22 23.15
C LEU J 594 -2.48 9.58 23.04
N GLN J 595 -1.84 9.29 24.16
CA GLN J 595 -0.52 8.68 24.15
C GLN J 595 -0.55 7.21 23.72
N TRP J 596 -1.60 6.50 24.17
CA TRP J 596 -1.89 5.15 23.72
C TRP J 596 -1.96 5.07 22.21
N ILE J 597 -2.76 5.93 21.59
CA ILE J 597 -2.93 5.91 20.14
C ILE J 597 -1.65 6.33 19.41
N GLU J 598 -0.87 7.20 20.05
CA GLU J 598 0.43 7.59 19.53
C GLU J 598 1.32 6.36 19.41
N ARG J 599 1.43 5.60 20.49
CA ARG J 599 2.18 4.35 20.51
C ARG J 599 1.68 3.41 19.41
N LYS J 600 0.35 3.28 19.31
CA LYS J 600 -0.31 2.39 18.36
C LYS J 600 -0.16 2.81 16.91
N VAL J 601 -0.01 4.12 16.67
CA VAL J 601 0.14 4.64 15.31
C VAL J 601 1.58 4.46 14.79
N ASN J 602 2.55 4.64 15.69
CA ASN J 602 3.94 4.37 15.39
C ASN J 602 4.14 2.87 15.21
N GLU J 603 3.59 2.07 16.12
CA GLU J 603 3.70 0.62 16.03
C GLU J 603 3.17 0.09 14.70
N TYR J 604 2.10 0.71 14.20
CA TYR J 604 1.51 0.30 12.93
C TYR J 604 2.33 0.82 11.77
N LEU J 605 2.56 2.13 11.74
CA LEU J 605 3.27 2.77 10.63
C LEU J 605 4.69 2.23 10.42
N ASN J 606 5.32 1.76 11.50
CA ASN J 606 6.57 1.01 11.40
C ASN J 606 6.34 -0.33 10.70
N GLU J 607 5.40 -1.11 11.21
CA GLU J 607 5.11 -2.45 10.68
C GLU J 607 4.87 -2.49 9.16
N VAL J 608 4.29 -1.40 8.64
CA VAL J 608 3.87 -1.33 7.24
C VAL J 608 4.88 -0.59 6.35
N CYS J 609 5.98 -0.18 6.95
CA CYS J 609 7.08 0.45 6.23
C CYS J 609 8.40 -0.24 6.56
N GLY J 610 8.34 -1.23 7.43
CA GLY J 610 9.51 -2.00 7.84
C GLY J 610 10.62 -1.18 8.45
N THR J 611 10.23 -0.10 9.13
CA THR J 611 11.20 0.73 9.86
C THR J 611 11.36 0.20 11.28
N GLU J 612 12.40 0.68 11.98
CA GLU J 612 12.77 0.20 13.30
C GLU J 612 12.45 1.24 14.35
N GLY J 613 11.21 1.17 14.87
CA GLY J 613 10.78 2.05 15.96
C GLY J 613 10.99 3.52 15.69
N GLU J 614 10.52 3.99 14.53
CA GLU J 614 10.62 5.40 14.18
C GLU J 614 9.38 6.14 14.65
N ALA J 615 9.58 7.39 15.07
CA ALA J 615 8.50 8.22 15.59
C ALA J 615 7.76 8.89 14.44
N PHE J 616 6.58 8.36 14.13
CA PHE J 616 5.73 8.94 13.09
C PHE J 616 4.89 10.11 13.63
N VAL J 617 4.36 9.94 14.84
CA VAL J 617 3.63 11.01 15.50
C VAL J 617 4.65 12.06 15.92
N LEU J 618 4.54 13.24 15.32
CA LEU J 618 5.48 14.28 15.60
C LEU J 618 4.99 15.21 16.70
N TYR J 619 3.68 15.27 16.87
CA TYR J 619 3.04 16.21 17.80
C TYR J 619 1.63 15.78 18.17
N GLY J 620 1.33 15.84 19.46
CA GLY J 620 0.02 15.49 19.96
C GLY J 620 -0.47 16.54 20.94
N ASP J 621 -1.62 17.14 20.63
CA ASP J 621 -2.17 18.22 21.44
C ASP J 621 -3.62 17.93 21.89
N THR J 622 -3.74 17.44 23.13
CA THR J 622 -5.02 17.13 23.79
C THR J 622 -5.91 16.08 23.13
N ASP J 623 -6.38 16.37 21.92
CA ASP J 623 -7.20 15.44 21.13
C ASP J 623 -6.68 15.20 19.71
N SER J 624 -5.56 15.84 19.38
CA SER J 624 -4.99 15.76 18.03
C SER J 624 -3.67 15.02 18.03
N ILE J 625 -3.42 14.26 16.97
CA ILE J 625 -2.07 13.80 16.62
C ILE J 625 -1.72 14.23 15.20
N TYR J 626 -0.46 14.59 14.99
CA TYR J 626 0.04 14.90 13.67
C TYR J 626 1.03 13.83 13.29
N VAL J 627 0.75 13.12 12.19
CA VAL J 627 1.62 12.04 11.75
C VAL J 627 2.45 12.43 10.51
N SER J 628 3.69 11.96 10.47
CA SER J 628 4.60 12.22 9.38
C SER J 628 4.36 11.18 8.29
N ALA J 629 4.09 11.63 7.08
CA ALA J 629 3.79 10.72 5.97
C ALA J 629 4.95 10.60 4.98
N ASP J 630 6.08 11.25 5.30
CA ASP J 630 7.29 11.17 4.50
C ASP J 630 7.68 9.74 4.13
N LYS J 631 7.66 8.85 5.13
CA LYS J 631 7.97 7.44 4.90
C LYS J 631 6.88 6.72 4.13
N ILE J 632 5.66 7.25 4.19
CA ILE J 632 4.56 6.65 3.45
C ILE J 632 4.67 7.09 2.01
N ILE J 633 4.88 8.39 1.80
CA ILE J 633 5.04 8.96 0.47
C ILE J 633 6.14 8.22 -0.30
N ASP J 634 7.30 8.10 0.34
CA ASP J 634 8.50 7.49 -0.24
C ASP J 634 8.31 6.02 -0.61
N LYS J 635 7.38 5.35 0.07
CA LYS J 635 7.05 3.97 -0.23
C LYS J 635 6.30 3.84 -1.57
N VAL J 636 6.37 4.88 -2.39
CA VAL J 636 5.87 4.86 -3.77
C VAL J 636 6.84 5.60 -4.69
N GLY J 637 7.22 6.80 -4.29
CA GLY J 637 8.10 7.64 -5.09
C GLY J 637 7.43 8.94 -5.44
N GLU J 638 8.00 10.02 -4.91
CA GLU J 638 7.52 11.37 -5.14
C GLU J 638 7.39 11.70 -6.62
N SER J 639 8.01 10.87 -7.46
CA SER J 639 7.98 11.06 -8.92
C SER J 639 6.92 10.21 -9.62
N LYS J 640 6.42 9.18 -8.93
CA LYS J 640 5.39 8.32 -9.50
C LYS J 640 4.01 8.98 -9.59
N PHE J 641 3.86 10.15 -8.98
CA PHE J 641 2.58 10.84 -8.91
C PHE J 641 2.38 11.85 -10.05
N ARG J 642 1.20 11.86 -10.65
CA ARG J 642 0.87 12.82 -11.71
C ARG J 642 1.07 14.25 -11.21
N ASP J 643 0.33 14.62 -10.17
CA ASP J 643 0.38 15.97 -9.61
C ASP J 643 0.17 15.95 -8.10
N THR J 644 0.20 17.14 -7.49
CA THR J 644 -0.01 17.27 -6.04
C THR J 644 -1.22 16.48 -5.60
N ASN J 645 -2.31 16.65 -6.32
CA ASN J 645 -3.57 16.03 -5.99
C ASN J 645 -3.53 14.50 -5.96
N HIS J 646 -2.59 13.93 -6.72
CA HIS J 646 -2.43 12.49 -6.81
C HIS J 646 -1.96 11.90 -5.47
N TRP J 647 -0.93 12.50 -4.87
CA TRP J 647 -0.46 12.02 -3.56
C TRP J 647 -1.41 12.38 -2.42
N VAL J 648 -2.16 13.46 -2.57
CA VAL J 648 -3.18 13.86 -1.61
C VAL J 648 -4.29 12.81 -1.61
N ASP J 649 -4.66 12.35 -2.79
CA ASP J 649 -5.58 11.21 -2.95
C ASP J 649 -5.04 9.96 -2.27
N PHE J 650 -3.78 9.65 -2.54
CA PHE J 650 -3.12 8.48 -2.00
C PHE J 650 -3.09 8.48 -0.47
N LEU J 651 -2.76 9.63 0.11
CA LEU J 651 -2.65 9.74 1.56
C LEU J 651 -4.02 9.67 2.22
N ASP J 652 -4.99 10.34 1.60
CA ASP J 652 -6.39 10.26 2.01
C ASP J 652 -6.87 8.81 2.04
N LYS J 653 -6.58 8.08 0.96
CA LYS J 653 -6.99 6.69 0.82
C LYS J 653 -6.30 5.81 1.86
N PHE J 654 -5.03 6.09 2.11
CA PHE J 654 -4.26 5.36 3.11
C PHE J 654 -4.86 5.54 4.52
N ALA J 655 -5.26 6.77 4.83
CA ALA J 655 -5.86 7.10 6.12
C ALA J 655 -7.20 6.39 6.28
N ARG J 656 -8.02 6.43 5.23
CA ARG J 656 -9.34 5.80 5.26
C ARG J 656 -9.25 4.29 5.38
N GLU J 657 -8.47 3.67 4.49
CA GLU J 657 -8.51 2.23 4.30
C GLU J 657 -7.54 1.42 5.16
N ARG J 658 -6.52 2.07 5.70
CA ARG J 658 -5.49 1.34 6.46
C ARG J 658 -5.31 1.85 7.89
N MSE J 659 -5.16 3.18 8.03
CA MSE J 659 -4.85 3.81 9.30
C MSE J 659 -6.02 3.82 10.26
O MSE J 659 -5.88 3.41 11.40
CB MSE J 659 -4.37 5.24 9.09
CG MSE J 659 -2.94 5.35 8.64
SE MSE J 659 -2.06 6.94 9.36
CE MSE J 659 -2.09 6.43 11.26
N GLU J 660 -7.16 4.31 9.78
CA GLU J 660 -8.37 4.40 10.61
C GLU J 660 -8.78 3.05 11.21
N PRO J 661 -8.81 1.96 10.41
CA PRO J 661 -9.12 0.64 10.97
C PRO J 661 -8.11 0.22 12.05
N ALA J 662 -6.83 0.54 11.81
CA ALA J 662 -5.76 0.26 12.78
C ALA J 662 -5.94 1.10 14.05
N ILE J 663 -6.25 2.38 13.89
CA ILE J 663 -6.51 3.27 15.02
C ILE J 663 -7.66 2.69 15.85
N ASP J 664 -8.71 2.27 15.16
CA ASP J 664 -9.91 1.71 15.79
C ASP J 664 -9.64 0.41 16.56
N ARG J 665 -8.89 -0.50 15.95
CA ARG J 665 -8.43 -1.71 16.65
C ARG J 665 -7.73 -1.32 17.94
N GLY J 666 -6.85 -0.33 17.84
CA GLY J 666 -6.05 0.16 18.95
C GLY J 666 -6.88 0.68 20.13
N PHE J 667 -7.94 1.43 19.81
CA PHE J 667 -8.83 1.97 20.83
C PHE J 667 -9.73 0.91 21.43
N ARG J 668 -10.22 -0.01 20.58
CA ARG J 668 -11.06 -1.12 21.02
C ARG J 668 -10.34 -1.98 22.04
N GLU J 669 -9.01 -1.95 21.95
CA GLU J 669 -8.13 -2.72 22.81
C GLU J 669 -7.94 -2.02 24.14
N MSE J 670 -7.82 -0.69 24.09
CA MSE J 670 -7.72 0.16 25.28
C MSE J 670 -9.03 0.13 26.05
O MSE J 670 -9.05 0.09 27.27
CB MSE J 670 -7.39 1.60 24.87
CG MSE J 670 -7.03 2.52 26.02
SE MSE J 670 -7.03 4.44 25.54
CE MSE J 670 -8.94 4.69 25.19
N CYS J 671 -10.14 0.17 25.30
CA CYS J 671 -11.47 0.07 25.88
C CYS J 671 -11.57 -1.19 26.74
N GLU J 672 -11.25 -2.34 26.16
CA GLU J 672 -11.25 -3.59 26.91
C GLU J 672 -10.29 -3.54 28.10
N TYR J 673 -9.16 -2.88 27.89
CA TYR J 673 -8.11 -2.77 28.90
C TYR J 673 -8.64 -2.04 30.13
N MSE J 674 -9.26 -0.87 29.90
CA MSE J 674 -9.91 -0.13 30.98
C MSE J 674 -11.29 -0.70 31.33
O MSE J 674 -11.97 -0.21 32.24
CB MSE J 674 -10.02 1.35 30.62
CG MSE J 674 -8.74 2.18 30.76
SE MSE J 674 -7.81 2.07 32.50
CE MSE J 674 -6.33 0.96 31.90
N ASN J 675 -11.71 -1.74 30.60
CA ASN J 675 -12.99 -2.44 30.82
C ASN J 675 -14.22 -1.54 30.74
N ASN J 676 -14.22 -0.64 29.76
CA ASN J 676 -15.21 0.42 29.65
C ASN J 676 -16.59 -0.06 29.24
N LYS J 677 -17.60 0.80 29.38
CA LYS J 677 -18.96 0.53 28.93
C LYS J 677 -19.10 0.47 27.41
N GLN J 678 -18.54 1.46 26.72
CA GLN J 678 -18.63 1.56 25.27
C GLN J 678 -17.35 2.07 24.66
N HIS J 679 -17.00 1.53 23.51
CA HIS J 679 -15.90 2.07 22.73
C HIS J 679 -16.42 3.28 21.96
N LEU J 680 -16.04 4.47 22.42
CA LEU J 680 -16.49 5.72 21.79
C LEU J 680 -15.34 6.59 21.34
N MSE J 681 -14.14 6.03 21.44
CA MSE J 681 -12.95 6.73 21.00
C MSE J 681 -12.77 6.58 19.49
O MSE J 681 -12.24 5.59 19.01
CB MSE J 681 -11.73 6.22 21.74
CG MSE J 681 -10.92 7.34 22.36
SE MSE J 681 -11.60 8.02 24.07
CE MSE J 681 -13.35 8.68 23.57
N PHE J 682 -13.28 7.57 18.75
CA PHE J 682 -13.24 7.55 17.30
C PHE J 682 -12.43 8.73 16.79
N MSE J 683 -11.52 8.46 15.86
CA MSE J 683 -10.57 9.46 15.38
C MSE J 683 -10.79 9.81 13.91
O MSE J 683 -10.56 8.99 13.02
CB MSE J 683 -9.14 8.97 15.63
CG MSE J 683 -8.17 10.06 16.04
SE MSE J 683 -6.52 9.37 16.86
CE MSE J 683 -5.87 11.01 17.71
N ASP J 684 -11.27 11.03 13.66
CA ASP J 684 -11.43 11.55 12.30
C ASP J 684 -10.07 11.98 11.75
N ARG J 685 -9.79 11.61 10.50
CA ARG J 685 -8.66 12.19 9.78
C ARG J 685 -8.99 13.62 9.40
N GLU J 686 -8.11 14.55 9.78
CA GLU J 686 -8.35 15.97 9.61
C GLU J 686 -7.67 16.60 8.38
N ALA J 687 -6.41 16.97 8.52
CA ALA J 687 -5.69 17.67 7.47
C ALA J 687 -4.65 16.78 6.81
N ILE J 688 -4.55 16.91 5.49
CA ILE J 688 -3.42 16.40 4.73
C ILE J 688 -2.66 17.64 4.29
N ALA J 689 -1.42 17.75 4.74
CA ALA J 689 -0.56 18.88 4.41
C ALA J 689 0.73 18.41 3.76
N GLY J 690 1.32 19.30 2.96
CA GLY J 690 2.54 18.97 2.23
C GLY J 690 2.94 20.04 1.26
N PRO J 691 4.11 19.87 0.62
CA PRO J 691 4.50 20.82 -0.42
C PRO J 691 3.84 20.44 -1.73
N PRO J 692 3.67 21.42 -2.64
CA PRO J 692 3.17 21.14 -3.96
C PRO J 692 4.17 20.27 -4.71
N LEU J 693 3.68 19.20 -5.33
CA LEU J 693 4.55 18.26 -6.06
C LEU J 693 5.43 18.97 -7.06
N GLY J 694 6.69 18.55 -7.09
CA GLY J 694 7.71 19.10 -7.98
C GLY J 694 8.18 20.52 -7.65
N SER J 695 7.94 20.99 -6.42
CA SER J 695 8.41 22.31 -5.99
C SER J 695 9.47 22.20 -4.90
N LYS J 696 9.90 23.34 -4.36
CA LYS J 696 10.94 23.34 -3.34
C LYS J 696 10.43 23.88 -2.00
N GLY J 697 9.16 23.62 -1.71
CA GLY J 697 8.55 24.00 -0.45
C GLY J 697 8.79 22.96 0.64
N ILE J 698 8.62 23.36 1.89
CA ILE J 698 8.90 22.47 3.01
C ILE J 698 7.65 21.79 3.58
N GLY J 699 6.48 22.21 3.09
CA GLY J 699 5.22 21.60 3.49
C GLY J 699 4.75 22.11 4.83
N GLY J 700 5.53 21.83 5.88
CA GLY J 700 5.20 22.31 7.21
C GLY J 700 6.41 22.52 8.06
N PHE J 701 6.27 23.31 9.12
CA PHE J 701 7.25 23.35 10.20
C PHE J 701 6.62 23.52 11.58
N TRP J 702 7.28 22.96 12.59
CA TRP J 702 7.00 23.26 14.00
C TRP J 702 8.16 24.05 14.62
N THR J 703 7.84 25.03 15.47
CA THR J 703 8.86 25.73 16.22
C THR J 703 8.79 25.37 17.70
N GLY J 704 7.56 25.19 18.20
CA GLY J 704 7.33 24.69 19.54
C GLY J 704 5.92 24.17 19.72
N LYS J 705 5.54 23.86 20.96
CA LYS J 705 4.18 23.44 21.27
C LYS J 705 3.23 24.53 20.84
N LYS J 706 2.19 24.15 20.09
CA LYS J 706 1.15 25.07 19.66
C LYS J 706 1.70 26.19 18.78
N ARG J 707 2.88 25.97 18.22
CA ARG J 707 3.49 26.90 17.26
C ARG J 707 3.90 26.12 16.02
N TYR J 708 3.04 26.17 14.99
CA TYR J 708 3.29 25.44 13.75
C TYR J 708 2.64 26.04 12.50
N ALA J 709 3.11 25.61 11.34
CA ALA J 709 2.57 26.02 10.04
C ALA J 709 2.47 24.82 9.11
N LEU J 710 1.35 24.73 8.39
CA LEU J 710 1.11 23.62 7.48
C LEU J 710 0.53 24.11 6.17
N ASN J 711 0.89 23.44 5.09
CA ASN J 711 0.33 23.73 3.78
C ASN J 711 -0.76 22.71 3.46
N VAL J 712 -1.99 23.02 3.87
CA VAL J 712 -3.08 22.03 3.89
C VAL J 712 -3.78 21.90 2.54
N TRP J 713 -4.03 20.66 2.12
CA TRP J 713 -4.69 20.39 0.85
C TRP J 713 -6.13 19.90 1.03
N ASP J 714 -6.40 19.25 2.16
CA ASP J 714 -7.69 18.62 2.38
C ASP J 714 -8.00 18.57 3.88
N MSE J 715 -9.19 19.04 4.23
CA MSE J 715 -9.68 18.95 5.60
C MSE J 715 -10.92 18.05 5.64
O MSE J 715 -11.89 18.30 4.92
CB MSE J 715 -10.01 20.33 6.15
CG MSE J 715 -10.30 20.36 7.65
SE MSE J 715 -8.72 20.06 8.80
CE MSE J 715 -7.67 21.63 8.29
N GLU J 716 -10.85 17.02 6.47
CA GLU J 716 -12.02 16.19 6.78
C GLU J 716 -12.76 15.61 5.57
N GLY J 717 -12.09 15.54 4.43
CA GLY J 717 -12.72 15.05 3.20
C GLY J 717 -12.85 16.11 2.13
N THR J 718 -13.06 17.36 2.56
CA THR J 718 -13.22 18.50 1.66
C THR J 718 -11.91 18.89 0.99
N ARG J 719 -11.79 18.58 -0.29
CA ARG J 719 -10.61 18.95 -1.07
C ARG J 719 -10.63 20.44 -1.40
N TYR J 720 -9.63 21.16 -0.91
CA TYR J 720 -9.52 22.58 -1.19
C TYR J 720 -9.23 22.83 -2.67
N ALA J 721 -9.78 23.92 -3.20
CA ALA J 721 -9.53 24.33 -4.58
C ALA J 721 -8.15 24.94 -4.71
N GLU J 722 -7.70 25.54 -3.62
CA GLU J 722 -6.36 26.10 -3.50
C GLU J 722 -5.84 25.78 -2.11
N PRO J 723 -4.52 25.49 -2.00
CA PRO J 723 -3.92 25.14 -0.71
C PRO J 723 -4.11 26.26 0.30
N LYS J 724 -4.26 25.89 1.57
CA LYS J 724 -4.45 26.88 2.64
C LYS J 724 -3.43 26.71 3.75
N LEU J 725 -2.81 27.81 4.13
CA LEU J 725 -1.89 27.83 5.27
C LEU J 725 -2.66 27.77 6.57
N LYS J 726 -2.45 26.70 7.33
CA LYS J 726 -2.94 26.59 8.69
C LYS J 726 -1.79 26.94 9.64
N ILE J 727 -1.92 28.08 10.31
CA ILE J 727 -0.87 28.62 11.17
C ILE J 727 -1.37 28.71 12.61
N MSE J 728 -0.64 28.05 13.52
CA MSE J 728 -1.01 28.01 14.93
C MSE J 728 0.01 28.77 15.77
O MSE J 728 1.21 28.56 15.64
CB MSE J 728 -1.12 26.56 15.42
CG MSE J 728 -2.43 26.19 16.12
SE MSE J 728 -2.59 26.53 18.07
CE MSE J 728 -3.21 28.39 18.05
N GLY J 729 -0.48 29.67 16.62
CA GLY J 729 0.34 30.44 17.56
C GLY J 729 1.67 30.92 17.03
N LEU J 730 1.64 31.75 16.00
CA LEU J 730 2.85 32.41 15.53
C LEU J 730 2.66 33.93 15.59
N GLU J 731 3.75 34.66 15.41
CA GLU J 731 3.76 36.13 15.51
C GLU J 731 2.78 36.82 14.55
N THR J 732 2.22 36.05 13.62
CA THR J 732 1.21 36.55 12.70
C THR J 732 -0.13 36.80 13.41
N GLN J 733 -0.54 35.83 14.24
CA GLN J 733 -1.79 35.90 15.02
C GLN J 733 -1.78 36.92 16.17
N LYS J 734 -0.66 37.64 16.33
CA LYS J 734 -0.51 38.67 17.35
C LYS J 734 -0.98 40.03 16.83
N SER J 735 -1.58 40.83 17.72
CA SER J 735 -2.08 42.16 17.37
C SER J 735 -1.30 43.28 18.05
N SER J 736 0.02 43.21 17.97
CA SER J 736 0.91 44.22 18.53
C SER J 736 1.86 44.70 17.44
N THR J 737 2.17 43.77 16.53
CA THR J 737 2.86 44.04 15.26
C THR J 737 1.97 44.86 14.33
N PRO J 738 2.57 45.71 13.48
CA PRO J 738 1.72 46.42 12.51
C PRO J 738 1.16 45.48 11.44
N LYS J 739 0.17 45.95 10.68
CA LYS J 739 -0.54 45.12 9.71
C LYS J 739 0.37 44.60 8.58
N ALA J 740 1.16 45.50 8.00
CA ALA J 740 2.02 45.17 6.87
C ALA J 740 3.05 44.09 7.20
N VAL J 741 3.42 44.00 8.47
CA VAL J 741 4.36 42.99 8.94
C VAL J 741 3.68 41.60 8.98
N GLN J 742 2.44 41.56 9.44
CA GLN J 742 1.68 40.31 9.46
C GLN J 742 1.50 39.76 8.05
N LYS J 743 1.18 40.66 7.12
CA LYS J 743 1.12 40.31 5.70
C LYS J 743 2.45 39.76 5.17
N ALA J 744 3.57 40.29 5.67
CA ALA J 744 4.89 39.86 5.24
C ALA J 744 5.29 38.48 5.76
N LEU J 745 5.06 38.27 7.05
CA LEU J 745 5.41 37.01 7.71
C LEU J 745 4.59 35.85 7.16
N LYS J 746 3.32 36.11 6.87
CA LYS J 746 2.44 35.13 6.26
C LYS J 746 2.98 34.71 4.89
N GLU J 747 3.33 35.70 4.07
CA GLU J 747 3.97 35.46 2.77
C GLU J 747 5.25 34.65 2.92
N CYS J 748 6.05 34.98 3.94
CA CYS J 748 7.26 34.24 4.24
C CYS J 748 6.94 32.79 4.51
N ILE J 749 6.04 32.59 5.47
CA ILE J 749 5.54 31.27 5.81
C ILE J 749 5.03 30.55 4.55
N ARG J 750 4.22 31.26 3.75
CA ARG J 750 3.71 30.71 2.49
C ARG J 750 4.85 30.24 1.58
N ARG J 751 5.70 31.17 1.20
CA ARG J 751 6.83 30.88 0.31
C ARG J 751 7.66 29.72 0.86
N MSE J 752 7.96 29.74 2.15
CA MSE J 752 8.68 28.63 2.78
C MSE J 752 8.01 27.29 2.42
O MSE J 752 8.65 26.40 1.88
CB MSE J 752 8.73 28.78 4.31
CG MSE J 752 9.70 29.86 4.86
SE MSE J 752 9.64 30.02 6.83
CE MSE J 752 10.41 28.30 7.24
N LEU J 753 6.70 27.21 2.69
CA LEU J 753 5.96 25.95 2.60
C LEU J 753 5.63 25.52 1.17
N GLN J 754 5.45 26.49 0.28
CA GLN J 754 4.95 26.23 -1.07
C GLN J 754 5.99 26.36 -2.18
N GLU J 755 7.02 27.18 -1.95
CA GLU J 755 8.02 27.45 -2.97
C GLU J 755 9.44 27.19 -2.49
N GLY J 756 9.70 27.49 -1.22
CA GLY J 756 10.98 27.16 -0.59
C GLY J 756 11.94 28.29 -0.32
N GLU J 757 13.17 27.89 -0.02
CA GLU J 757 14.17 28.81 0.50
C GLU J 757 14.51 29.95 -0.45
N GLU J 758 14.81 29.62 -1.71
CA GLU J 758 15.20 30.60 -2.72
C GLU J 758 14.13 31.69 -2.85
N SER J 759 12.87 31.25 -2.85
CA SER J 759 11.71 32.12 -2.96
C SER J 759 11.56 33.06 -1.76
N LEU J 760 11.90 32.55 -0.58
CA LEU J 760 11.83 33.33 0.67
C LEU J 760 12.88 34.42 0.69
N GLN J 761 14.11 34.07 0.30
CA GLN J 761 15.23 35.02 0.25
C GLN J 761 14.96 36.13 -0.75
N GLU J 762 14.43 35.75 -1.91
CA GLU J 762 13.90 36.68 -2.90
C GLU J 762 12.96 37.66 -2.19
N TYR J 763 11.95 37.12 -1.52
CA TYR J 763 10.93 37.92 -0.83
C TYR J 763 11.51 38.75 0.31
N PHE J 764 12.44 38.16 1.07
CA PHE J 764 13.01 38.85 2.21
C PHE J 764 13.60 40.20 1.81
N LYS J 765 14.39 40.20 0.74
CA LYS J 765 14.96 41.44 0.20
C LYS J 765 13.87 42.35 -0.39
N GLU J 766 12.87 41.73 -1.01
CA GLU J 766 11.74 42.45 -1.60
C GLU J 766 11.02 43.29 -0.55
N PHE J 767 10.65 42.66 0.57
CA PHE J 767 9.93 43.35 1.64
C PHE J 767 10.79 44.40 2.34
N GLU J 768 12.10 44.15 2.35
CA GLU J 768 13.07 45.06 2.95
C GLU J 768 13.12 46.39 2.22
N LYS J 769 13.08 46.33 0.89
CA LYS J 769 12.98 47.53 0.05
C LYS J 769 11.70 48.30 0.38
N GLU J 770 10.57 47.59 0.37
CA GLU J 770 9.25 48.15 0.64
C GLU J 770 9.10 48.75 2.03
N PHE J 771 9.88 48.24 2.99
CA PHE J 771 9.76 48.64 4.39
C PHE J 771 10.18 50.10 4.63
N ARG J 772 11.30 50.50 4.02
CA ARG J 772 11.81 51.86 4.15
C ARG J 772 10.85 52.86 3.53
N GLN J 773 10.39 52.56 2.32
CA GLN J 773 9.47 53.42 1.57
C GLN J 773 8.04 53.45 2.12
N LEU J 774 7.77 52.56 3.09
CA LEU J 774 6.46 52.46 3.72
C LEU J 774 6.19 53.63 4.67
N ASN J 775 4.94 53.77 5.10
CA ASN J 775 4.52 54.89 5.96
C ASN J 775 4.05 54.47 7.36
N TYR J 776 4.00 55.44 8.28
CA TYR J 776 3.52 55.27 9.66
C TYR J 776 2.35 54.29 9.80
N ILE J 777 1.44 54.34 8.82
CA ILE J 777 0.19 53.56 8.84
C ILE J 777 0.37 52.18 9.47
N SER J 778 1.23 51.36 8.89
CA SER J 778 1.55 50.06 9.47
C SER J 778 3.01 50.02 9.94
N ILE J 779 3.32 50.90 10.89
CA ILE J 779 4.66 50.96 11.50
C ILE J 779 4.62 51.65 12.87
N ASP J 867 15.98 55.07 10.51
CA ASP J 867 15.72 54.52 11.84
C ASP J 867 14.91 53.22 11.79
N TYR J 868 14.55 52.80 10.58
CA TYR J 868 13.72 51.63 10.33
C TYR J 868 14.39 50.32 10.79
N THR J 869 15.71 50.34 10.93
CA THR J 869 16.48 49.11 11.21
C THR J 869 16.03 48.37 12.47
N VAL J 870 15.76 49.11 13.55
CA VAL J 870 15.23 48.49 14.77
C VAL J 870 13.76 48.07 14.63
N LEU J 871 13.00 48.84 13.85
CA LEU J 871 11.59 48.53 13.58
C LEU J 871 11.51 47.19 12.86
N LEU J 872 12.28 47.06 11.78
CA LEU J 872 12.35 45.85 10.97
C LEU J 872 12.97 44.66 11.71
N GLU J 873 13.88 44.94 12.64
CA GLU J 873 14.51 43.87 13.41
C GLU J 873 13.63 43.38 14.56
N LYS J 874 13.03 44.32 15.28
CA LYS J 874 12.11 44.00 16.37
C LYS J 874 10.86 43.27 15.85
N THR J 875 10.19 43.88 14.87
CA THR J 875 8.91 43.37 14.38
C THR J 875 9.03 42.23 13.37
N PHE J 876 10.04 42.26 12.50
CA PHE J 876 10.11 41.31 11.39
C PHE J 876 11.19 40.22 11.46
N ILE J 877 12.47 40.58 11.61
CA ILE J 877 13.53 39.56 11.56
C ILE J 877 13.50 38.61 12.76
N LYS J 878 13.25 39.17 13.95
CA LYS J 878 13.17 38.37 15.18
C LYS J 878 12.21 37.19 15.02
N PRO J 879 10.93 37.45 14.69
CA PRO J 879 9.99 36.36 14.45
C PRO J 879 10.46 35.43 13.34
N LEU J 880 10.74 36.00 12.18
CA LEU J 880 11.13 35.24 10.99
C LEU J 880 12.26 34.25 11.26
N GLU J 881 13.30 34.70 11.99
CA GLU J 881 14.46 33.85 12.29
C GLU J 881 14.04 32.67 13.17
N GLY J 882 13.00 32.89 13.97
CA GLY J 882 12.38 31.81 14.73
C GLY J 882 11.88 30.72 13.80
N PHE J 883 11.09 31.12 12.80
CA PHE J 883 10.55 30.17 11.83
C PHE J 883 11.69 29.48 11.08
N THR J 884 12.60 30.29 10.53
CA THR J 884 13.66 29.81 9.64
C THR J 884 14.63 28.84 10.31
N SER J 885 14.99 29.13 11.56
CA SER J 885 15.93 28.29 12.29
C SER J 885 15.29 26.92 12.52
N ALA J 886 14.01 26.95 12.92
CA ALA J 886 13.23 25.73 13.12
C ALA J 886 13.12 24.94 11.82
N ALA J 887 12.84 25.66 10.73
CA ALA J 887 12.68 25.05 9.41
C ALA J 887 14.00 24.53 8.86
N LYS J 888 15.10 24.97 9.49
CA LYS J 888 16.47 24.74 9.02
C LYS J 888 16.67 25.42 7.67
N LEU J 889 16.18 26.66 7.57
CA LEU J 889 16.24 27.45 6.35
C LEU J 889 16.93 28.78 6.60
N ASP J 890 17.17 29.52 5.53
CA ASP J 890 17.77 30.83 5.62
C ASP J 890 16.99 31.87 4.85
N TYR J 891 16.79 33.03 5.47
CA TYR J 891 16.15 34.15 4.80
C TYR J 891 17.21 35.03 4.14
N GLU J 892 18.48 34.65 4.33
CA GLU J 892 19.61 35.33 3.69
C GLU J 892 20.64 34.33 3.23
N LYS J 893 21.20 34.56 2.05
CA LYS J 893 22.30 33.76 1.53
C LYS J 893 23.51 33.90 2.45
N LYS J 894 24.29 32.82 2.56
CA LYS J 894 25.57 32.87 3.30
C LYS J 894 26.64 31.92 2.73
N ALA J 895 27.87 32.08 3.22
CA ALA J 895 29.01 31.28 2.77
C ALA J 895 29.10 29.94 3.50
N SER J 896 29.00 29.95 4.83
CA SER J 896 29.13 28.72 5.64
C SER J 896 28.12 28.65 6.78
N LEU J 897 27.67 27.43 7.07
CA LEU J 897 26.56 27.20 7.99
C LEU J 897 26.95 26.64 9.37
N PHE J 898 27.27 27.55 10.29
CA PHE J 898 27.44 27.18 11.69
C PHE J 898 26.07 27.14 12.37
N ASP J 899 25.76 25.97 12.95
CA ASP J 899 24.52 25.72 13.68
C ASP J 899 23.26 26.02 12.87
N MSE K 1 12.66 40.64 -50.10
CA MSE K 1 11.33 40.13 -49.63
C MSE K 1 11.33 39.89 -48.12
O MSE K 1 12.23 39.23 -47.60
CB MSE K 1 10.96 38.85 -50.38
CG MSE K 1 9.64 38.23 -49.94
SE MSE K 1 9.58 36.29 -50.23
CE MSE K 1 9.30 36.30 -52.18
N LYS K 2 10.32 40.44 -47.45
CA LYS K 2 10.12 40.22 -46.02
C LYS K 2 9.80 38.76 -45.72
N GLU K 3 10.30 38.28 -44.58
CA GLU K 3 10.23 36.86 -44.23
C GLU K 3 8.91 36.48 -43.59
N PHE K 4 8.49 35.24 -43.84
CA PHE K 4 7.27 34.70 -43.24
C PHE K 4 7.35 33.19 -43.03
N TYR K 5 6.62 32.71 -42.02
CA TYR K 5 6.67 31.29 -41.64
C TYR K 5 5.78 30.42 -42.49
N LEU K 6 5.97 29.11 -42.36
CA LEU K 6 5.12 28.13 -43.01
C LEU K 6 4.49 27.25 -41.95
N THR K 7 5.31 26.48 -41.26
CA THR K 7 4.83 25.64 -40.17
C THR K 7 5.77 25.74 -38.99
N VAL K 8 5.18 25.90 -37.81
CA VAL K 8 5.93 25.90 -36.56
C VAL K 8 5.52 24.67 -35.76
N GLU K 9 6.45 24.10 -35.00
CA GLU K 9 6.17 22.93 -34.16
C GLU K 9 6.99 22.94 -32.90
N GLN K 10 6.47 22.30 -31.84
CA GLN K 10 7.18 22.21 -30.58
C GLN K 10 7.43 20.77 -30.13
N ILE K 11 8.71 20.41 -30.06
CA ILE K 11 9.15 19.11 -29.57
C ILE K 11 10.16 19.31 -28.42
N GLY K 12 9.84 18.75 -27.25
CA GLY K 12 10.66 18.95 -26.05
C GLY K 12 10.87 20.43 -25.80
N ASP K 13 12.12 20.88 -25.95
CA ASP K 13 12.47 22.28 -25.80
C ASP K 13 12.81 22.89 -27.16
N SER K 14 12.56 22.13 -28.21
CA SER K 14 12.81 22.59 -29.58
C SER K 14 11.57 23.14 -30.26
N ILE K 15 11.71 24.31 -30.87
CA ILE K 15 10.75 24.79 -31.85
C ILE K 15 11.32 24.52 -33.24
N PHE K 16 10.63 23.69 -34.00
CA PHE K 16 11.00 23.43 -35.38
C PHE K 16 10.15 24.29 -36.30
N GLU K 17 10.79 25.26 -36.95
CA GLU K 17 10.09 26.11 -37.90
C GLU K 17 10.44 25.74 -39.34
N ARG K 18 9.46 25.88 -40.22
CA ARG K 18 9.70 25.94 -41.66
C ARG K 18 9.34 27.36 -42.10
N TYR K 19 10.23 28.00 -42.85
CA TYR K 19 10.02 29.39 -43.24
C TYR K 19 10.59 29.72 -44.61
N ILE K 20 10.14 30.86 -45.13
CA ILE K 20 10.65 31.43 -46.36
C ILE K 20 11.57 32.58 -45.99
N ASP K 21 12.81 32.53 -46.50
CA ASP K 21 13.85 33.49 -46.12
C ASP K 21 13.77 34.82 -46.88
N SER K 22 14.81 35.64 -46.73
CA SER K 22 14.92 36.92 -47.42
C SER K 22 14.75 36.78 -48.94
N ASN K 23 15.51 35.86 -49.50
CA ASN K 23 15.62 35.70 -50.96
C ASN K 23 14.45 34.93 -51.60
N GLY K 24 13.60 34.33 -50.77
CA GLY K 24 12.42 33.59 -51.24
C GLY K 24 12.51 32.07 -51.15
N ARG K 25 13.58 31.54 -50.57
CA ARG K 25 13.81 30.09 -50.51
C ARG K 25 13.20 29.46 -49.25
N GLU K 26 12.83 28.17 -49.36
CA GLU K 26 12.28 27.42 -48.22
C GLU K 26 13.41 26.88 -47.35
N ARG K 27 13.44 27.31 -46.09
CA ARG K 27 14.48 26.88 -45.16
C ARG K 27 13.84 26.27 -43.90
N THR K 28 14.65 25.56 -43.12
CA THR K 28 14.18 24.90 -41.89
C THR K 28 15.19 25.00 -40.73
N ARG K 29 14.70 25.43 -39.57
CA ARG K 29 15.54 25.59 -38.38
C ARG K 29 14.95 24.96 -37.12
N GLU K 30 15.84 24.62 -36.18
CA GLU K 30 15.46 24.14 -34.86
C GLU K 30 15.92 25.13 -33.79
N VAL K 31 14.97 25.85 -33.20
CA VAL K 31 15.31 26.88 -32.22
C VAL K 31 14.96 26.40 -30.81
N GLU K 32 15.96 26.44 -29.92
CA GLU K 32 15.72 26.24 -28.48
C GLU K 32 15.20 27.57 -27.95
N TYR K 33 13.90 27.75 -28.10
CA TYR K 33 13.24 29.02 -27.82
C TYR K 33 13.15 29.29 -26.32
N LYS K 34 13.67 30.45 -25.90
CA LYS K 34 13.62 30.87 -24.50
C LYS K 34 12.38 31.74 -24.24
N PRO K 35 11.31 31.14 -23.67
CA PRO K 35 10.04 31.83 -23.48
C PRO K 35 10.00 32.72 -22.26
N SER K 36 9.13 33.73 -22.30
CA SER K 36 8.89 34.61 -21.16
C SER K 36 7.48 34.40 -20.62
N LEU K 37 7.37 34.44 -19.31
CA LEU K 37 6.08 34.46 -18.65
C LEU K 37 6.08 35.60 -17.65
N PHE K 38 4.99 35.77 -16.89
CA PHE K 38 4.87 36.93 -16.02
C PHE K 38 4.22 36.58 -14.69
N ALA K 39 4.54 37.36 -13.67
CA ALA K 39 3.97 37.20 -12.36
C ALA K 39 3.60 38.57 -11.81
N HIS K 40 2.67 38.59 -10.86
CA HIS K 40 2.27 39.84 -10.23
C HIS K 40 3.34 40.28 -9.24
N CYS K 41 3.81 41.50 -9.42
CA CYS K 41 4.86 42.06 -8.58
C CYS K 41 4.38 43.36 -7.97
N PRO K 42 4.96 43.76 -6.81
CA PRO K 42 4.42 44.91 -6.09
C PRO K 42 4.81 46.24 -6.73
N GLU K 43 4.09 47.30 -6.36
CA GLU K 43 4.30 48.66 -6.88
C GLU K 43 5.76 49.11 -6.98
N SER K 44 6.61 48.57 -6.11
CA SER K 44 8.02 48.93 -6.04
C SER K 44 8.75 48.68 -7.36
N GLN K 45 8.61 47.47 -7.89
CA GLN K 45 9.37 47.02 -9.06
C GLN K 45 8.70 47.38 -10.37
N ALA K 46 8.03 48.54 -10.40
CA ALA K 46 7.33 49.04 -11.60
C ALA K 46 8.22 48.92 -12.83
N THR K 47 7.88 47.97 -13.70
CA THR K 47 8.63 47.67 -14.92
C THR K 47 7.94 48.31 -16.12
N LYS K 48 8.06 47.69 -17.29
CA LYS K 48 7.29 48.13 -18.47
C LYS K 48 6.08 47.23 -18.73
N TYR K 49 5.98 46.14 -17.97
CA TYR K 49 4.93 45.12 -18.18
C TYR K 49 3.74 45.29 -17.25
N PHE K 50 2.54 45.26 -17.85
CA PHE K 50 1.29 45.45 -17.11
C PHE K 50 0.21 44.48 -17.58
N ASP K 51 -0.61 44.02 -16.65
CA ASP K 51 -1.77 43.21 -17.02
C ASP K 51 -2.94 44.09 -17.48
N ILE K 52 -4.00 43.46 -17.98
CA ILE K 52 -5.16 44.20 -18.54
C ILE K 52 -5.93 44.97 -17.48
N TYR K 53 -5.67 44.63 -16.22
CA TYR K 53 -6.31 45.30 -15.09
C TYR K 53 -5.47 46.46 -14.56
N GLY K 54 -4.33 46.73 -15.21
CA GLY K 54 -3.46 47.85 -14.84
C GLY K 54 -2.30 47.49 -13.93
N LYS K 55 -2.45 46.36 -13.22
CA LYS K 55 -1.45 45.87 -12.26
C LYS K 55 -0.09 45.64 -12.92
N PRO K 56 1.00 45.96 -12.20
CA PRO K 56 2.37 45.78 -12.72
C PRO K 56 2.81 44.32 -12.69
N CYS K 57 3.61 43.93 -13.67
CA CYS K 57 4.03 42.55 -13.84
C CYS K 57 5.54 42.42 -14.02
N THR K 58 6.10 41.32 -13.52
CA THR K 58 7.52 41.04 -13.70
C THR K 58 7.71 39.90 -14.70
N ARG K 59 8.70 40.04 -15.58
CA ARG K 59 8.91 39.12 -16.70
C ARG K 59 9.91 38.01 -16.40
N LYS K 60 9.40 36.83 -16.04
CA LYS K 60 10.23 35.68 -15.77
C LYS K 60 10.68 34.98 -17.06
N LEU K 61 11.97 35.06 -17.37
CA LEU K 61 12.52 34.39 -18.54
C LEU K 61 12.93 32.96 -18.17
N PHE K 62 13.15 32.11 -19.17
CA PHE K 62 13.40 30.69 -18.95
C PHE K 62 14.47 30.10 -19.86
N ALA K 63 15.29 29.22 -19.30
CA ALA K 63 16.35 28.54 -20.05
C ALA K 63 15.78 27.69 -21.18
N ASN K 64 14.56 27.20 -20.99
CA ASN K 64 13.87 26.42 -22.00
C ASN K 64 12.36 26.48 -21.79
N MSE K 65 11.63 25.63 -22.50
CA MSE K 65 10.18 25.67 -22.47
C MSE K 65 9.58 24.67 -21.49
O MSE K 65 8.46 24.86 -21.03
CB MSE K 65 9.61 25.42 -23.85
CG MSE K 65 9.98 26.48 -24.83
SE MSE K 65 8.99 26.21 -26.45
CE MSE K 65 9.81 24.56 -27.09
N ARG K 66 10.33 23.63 -21.17
CA ARG K 66 9.88 22.70 -20.15
C ARG K 66 9.85 23.43 -18.81
N ASP K 67 10.86 24.26 -18.56
CA ASP K 67 10.95 25.03 -17.33
C ASP K 67 9.81 26.00 -17.20
N ALA K 68 9.37 26.56 -18.33
CA ALA K 68 8.26 27.50 -18.37
C ALA K 68 6.92 26.80 -18.15
N SER K 69 6.78 25.60 -18.73
CA SER K 69 5.55 24.84 -18.56
C SER K 69 5.44 24.29 -17.13
N GLN K 70 6.55 23.79 -16.59
CA GLN K 70 6.61 23.35 -15.20
C GLN K 70 6.26 24.48 -14.28
N TRP K 71 6.79 25.66 -14.57
CA TRP K 71 6.52 26.87 -13.79
C TRP K 71 5.04 27.22 -13.78
N ILE K 72 4.37 27.05 -14.92
CA ILE K 72 2.93 27.29 -15.01
C ILE K 72 2.14 26.32 -14.13
N LYS K 73 2.35 25.02 -14.35
CA LYS K 73 1.60 23.99 -13.62
C LYS K 73 1.95 24.02 -12.13
N ARG K 74 3.13 24.56 -11.81
CA ARG K 74 3.54 24.80 -10.44
C ARG K 74 2.78 25.99 -9.87
N MSE K 75 2.85 27.11 -10.57
CA MSE K 75 2.21 28.37 -10.18
C MSE K 75 0.70 28.24 -10.04
O MSE K 75 0.10 28.85 -9.14
CB MSE K 75 2.53 29.44 -11.22
CG MSE K 75 2.46 30.86 -10.71
SE MSE K 75 3.92 31.24 -9.48
CE MSE K 75 3.93 33.19 -9.63
N GLU K 76 0.08 27.48 -10.93
CA GLU K 76 -1.36 27.24 -10.87
C GLU K 76 -1.75 26.28 -9.74
N ASP K 77 -0.78 25.46 -9.31
CA ASP K 77 -1.00 24.49 -8.24
C ASP K 77 -1.19 25.18 -6.90
N ILE K 78 -0.45 26.27 -6.68
CA ILE K 78 -0.59 27.06 -5.46
C ILE K 78 -1.51 28.25 -5.69
N GLY K 79 -2.23 28.24 -6.81
CA GLY K 79 -3.27 29.22 -7.07
C GLY K 79 -2.82 30.62 -7.45
N LEU K 80 -1.52 30.84 -7.60
CA LEU K 80 -1.03 32.13 -8.06
C LEU K 80 -1.08 32.23 -9.58
N GLU K 81 -1.41 33.41 -10.09
CA GLU K 81 -1.64 33.58 -11.52
C GLU K 81 -0.36 33.47 -12.34
N ALA K 82 -0.43 32.74 -13.46
CA ALA K 82 0.67 32.57 -14.37
C ALA K 82 0.40 33.31 -15.68
N LEU K 83 0.77 34.59 -15.71
CA LEU K 83 0.43 35.47 -16.83
C LEU K 83 1.30 35.27 -18.07
N GLY K 84 0.74 35.57 -19.24
CA GLY K 84 1.45 35.49 -20.51
C GLY K 84 1.04 34.28 -21.35
N MSE K 85 1.58 34.22 -22.57
CA MSE K 85 1.22 33.18 -23.53
C MSE K 85 1.75 31.79 -23.16
O MSE K 85 2.94 31.53 -23.31
CB MSE K 85 1.72 33.58 -24.93
CG MSE K 85 1.31 32.64 -26.05
SE MSE K 85 -0.64 32.54 -26.26
CE MSE K 85 -1.04 30.82 -25.48
N ASP K 86 0.88 30.90 -22.70
CA ASP K 86 1.29 29.54 -22.34
C ASP K 86 1.60 28.60 -23.53
N ASP K 87 1.08 28.95 -24.72
CA ASP K 87 1.35 28.21 -25.96
C ASP K 87 2.52 28.87 -26.66
N PHE K 88 3.70 28.30 -26.49
CA PHE K 88 4.95 28.97 -26.87
C PHE K 88 5.20 29.09 -28.37
N LYS K 89 4.54 28.25 -29.16
CA LYS K 89 4.56 28.38 -30.61
C LYS K 89 3.99 29.73 -31.02
N LEU K 90 2.88 30.10 -30.39
CA LEU K 90 2.29 31.41 -30.61
C LEU K 90 3.26 32.51 -30.21
N ALA K 91 3.90 32.35 -29.04
CA ALA K 91 4.88 33.31 -28.53
C ALA K 91 6.06 33.46 -29.49
N TYR K 92 6.58 32.33 -29.93
CA TYR K 92 7.63 32.30 -30.92
C TYR K 92 7.25 33.13 -32.14
N LEU K 93 6.17 32.75 -32.81
CA LEU K 93 5.72 33.42 -34.03
C LEU K 93 5.62 34.92 -33.83
N SER K 94 5.17 35.32 -32.64
CA SER K 94 5.04 36.73 -32.33
C SER K 94 6.41 37.40 -32.34
N ASP K 95 7.33 36.86 -31.54
CA ASP K 95 8.71 37.35 -31.48
C ASP K 95 9.39 37.35 -32.84
N THR K 96 9.46 36.16 -33.44
CA THR K 96 10.14 35.95 -34.73
C THR K 96 9.61 36.84 -35.85
N TYR K 97 8.34 37.23 -35.77
CA TYR K 97 7.70 38.05 -36.77
C TYR K 97 6.99 39.22 -36.12
N ASN K 98 7.79 40.22 -35.72
CA ASN K 98 7.29 41.37 -34.96
C ASN K 98 6.61 42.44 -35.83
N TYR K 99 5.99 42.00 -36.93
CA TYR K 99 5.38 42.90 -37.91
C TYR K 99 4.18 42.27 -38.60
N GLU K 100 3.29 43.10 -39.14
CA GLU K 100 2.19 42.65 -39.98
C GLU K 100 2.73 41.87 -41.18
N ILE K 101 2.36 40.60 -41.24
CA ILE K 101 2.91 39.66 -42.24
C ILE K 101 2.38 39.90 -43.66
N LYS K 102 3.32 39.97 -44.61
CA LYS K 102 3.00 39.89 -46.02
C LYS K 102 3.57 38.58 -46.57
N TYR K 103 2.69 37.73 -47.09
CA TYR K 103 3.11 36.42 -47.60
C TYR K 103 2.97 36.33 -49.11
N ASP K 104 3.57 35.30 -49.68
CA ASP K 104 3.51 35.06 -51.10
C ASP K 104 3.07 33.63 -51.31
N HIS K 105 1.79 33.45 -51.65
CA HIS K 105 1.21 32.13 -51.82
C HIS K 105 2.01 31.26 -52.80
N THR K 106 2.80 31.93 -53.65
CA THR K 106 3.60 31.24 -54.68
C THR K 106 4.78 30.52 -54.06
N LYS K 107 5.20 30.97 -52.87
CA LYS K 107 6.23 30.31 -52.10
C LYS K 107 5.69 29.16 -51.25
N ILE K 108 4.40 29.24 -50.89
CA ILE K 108 3.73 28.24 -50.07
C ILE K 108 3.42 27.01 -50.88
N ARG K 109 3.97 25.88 -50.44
CA ARG K 109 3.80 24.61 -51.12
C ARG K 109 2.51 23.95 -50.65
N VAL K 110 1.50 23.96 -51.51
CA VAL K 110 0.24 23.30 -51.19
C VAL K 110 0.14 21.99 -51.96
N ALA K 111 0.11 20.89 -51.23
CA ALA K 111 -0.10 19.59 -51.84
C ALA K 111 -1.54 19.20 -51.67
N ASN K 112 -2.11 18.69 -52.76
CA ASN K 112 -3.50 18.37 -52.84
C ASN K 112 -3.56 16.98 -53.45
N PHE K 113 -3.49 15.95 -52.61
CA PHE K 113 -3.35 14.58 -53.11
C PHE K 113 -4.54 13.66 -52.82
N ASP K 114 -4.53 12.47 -53.42
CA ASP K 114 -5.57 11.45 -53.23
C ASP K 114 -5.04 10.09 -53.67
N ILE K 115 -5.36 9.07 -52.88
CA ILE K 115 -4.92 7.70 -53.14
C ILE K 115 -6.07 6.79 -53.59
N GLU K 116 -5.72 5.60 -54.07
CA GLU K 116 -6.71 4.58 -54.42
C GLU K 116 -6.23 3.25 -53.90
N VAL K 117 -7.15 2.47 -53.36
CA VAL K 117 -6.84 1.15 -52.81
C VAL K 117 -7.93 0.16 -53.23
N THR K 118 -7.52 -0.90 -53.92
CA THR K 118 -8.42 -2.00 -54.25
C THR K 118 -8.53 -2.90 -53.02
N SER K 119 -9.76 -3.21 -52.61
CA SER K 119 -9.99 -3.97 -51.39
C SER K 119 -11.28 -4.80 -51.47
N PRO K 120 -11.13 -6.13 -51.61
CA PRO K 120 -12.26 -7.05 -51.67
C PRO K 120 -13.03 -7.20 -50.36
N ASP K 121 -12.32 -7.41 -49.26
CA ASP K 121 -12.97 -7.81 -47.99
C ASP K 121 -13.61 -6.66 -47.20
N GLY K 122 -14.07 -5.66 -47.95
CA GLY K 122 -14.73 -4.49 -47.37
C GLY K 122 -14.02 -3.19 -47.68
N PHE K 123 -14.25 -2.20 -46.83
CA PHE K 123 -13.62 -0.89 -46.96
C PHE K 123 -12.22 -0.95 -46.36
N PRO K 124 -11.20 -0.49 -47.12
CA PRO K 124 -9.80 -0.57 -46.69
C PRO K 124 -9.50 0.26 -45.45
N GLU K 125 -9.67 -0.34 -44.28
CA GLU K 125 -9.32 0.30 -43.02
C GLU K 125 -7.93 0.95 -43.08
N PRO K 126 -7.85 2.26 -42.85
CA PRO K 126 -6.54 2.93 -42.82
C PRO K 126 -5.85 2.63 -41.51
N SER K 127 -6.65 2.24 -40.53
CA SER K 127 -6.16 1.90 -39.21
C SER K 127 -5.21 0.71 -39.31
N GLN K 128 -5.43 -0.12 -40.33
CA GLN K 128 -4.63 -1.33 -40.56
C GLN K 128 -3.89 -1.37 -41.89
N ALA K 129 -4.59 -1.05 -42.98
CA ALA K 129 -4.03 -1.00 -44.34
C ALA K 129 -3.47 -2.34 -44.82
N LYS K 130 -4.36 -3.31 -45.03
CA LYS K 130 -3.98 -4.64 -45.51
C LYS K 130 -4.11 -4.78 -47.03
N HIS K 131 -3.95 -3.68 -47.76
CA HIS K 131 -4.03 -3.72 -49.23
C HIS K 131 -3.11 -2.70 -49.90
N PRO K 132 -2.46 -3.10 -51.01
CA PRO K 132 -1.58 -2.22 -51.77
C PRO K 132 -2.24 -0.92 -52.21
N ILE K 133 -1.53 0.18 -51.98
CA ILE K 133 -1.94 1.49 -52.48
C ILE K 133 -1.64 1.52 -53.97
N ASP K 134 -2.59 1.10 -54.78
CA ASP K 134 -2.35 0.95 -56.23
C ASP K 134 -2.71 2.17 -57.06
N ALA K 135 -2.64 3.36 -56.47
CA ALA K 135 -2.73 4.63 -57.21
C ALA K 135 -2.60 5.83 -56.29
N ILE K 136 -1.89 6.85 -56.75
CA ILE K 136 -1.71 8.09 -56.00
C ILE K 136 -1.58 9.26 -56.96
N THR K 137 -2.47 10.24 -56.82
CA THR K 137 -2.33 11.47 -57.60
C THR K 137 -2.01 12.57 -56.60
N HIS K 138 -0.98 13.36 -56.94
CA HIS K 138 -0.42 14.34 -56.03
C HIS K 138 -0.18 15.64 -56.78
N TYR K 139 -1.02 16.63 -56.51
CA TYR K 139 -0.87 17.92 -57.17
C TYR K 139 -0.03 18.86 -56.33
N ASP K 140 1.07 19.33 -56.90
CA ASP K 140 1.94 20.27 -56.23
C ASP K 140 1.55 21.68 -56.63
N SER K 141 1.29 22.53 -55.65
CA SER K 141 0.95 23.93 -55.90
C SER K 141 2.06 24.68 -56.66
N ILE K 142 3.32 24.45 -56.26
CA ILE K 142 4.47 25.19 -56.79
C ILE K 142 4.82 24.78 -58.23
N ASP K 143 4.93 23.46 -58.42
CA ASP K 143 5.16 22.89 -59.74
C ASP K 143 3.97 23.15 -60.66
N ASP K 144 2.77 23.19 -60.09
CA ASP K 144 1.52 23.23 -60.84
C ASP K 144 1.45 22.00 -61.74
N ARG K 145 1.67 20.84 -61.13
CA ARG K 145 1.71 19.57 -61.86
C ARG K 145 1.09 18.46 -61.02
N PHE K 146 0.40 17.55 -61.70
CA PHE K 146 -0.20 16.38 -61.05
C PHE K 146 0.77 15.23 -61.18
N TYR K 147 1.30 14.78 -60.06
CA TYR K 147 2.22 13.65 -60.09
C TYR K 147 1.45 12.36 -59.86
N VAL K 148 1.19 11.64 -60.95
CA VAL K 148 0.46 10.37 -60.87
C VAL K 148 1.42 9.21 -60.60
N PHE K 149 1.04 8.34 -59.69
CA PHE K 149 1.88 7.21 -59.31
C PHE K 149 1.17 5.89 -59.54
N ASP K 150 1.04 5.54 -60.81
CA ASP K 150 0.35 4.31 -61.25
C ASP K 150 1.13 3.04 -60.90
N LEU K 151 0.41 2.00 -60.52
CA LEU K 151 1.00 0.73 -60.18
C LEU K 151 0.43 -0.31 -61.12
N LEU K 152 1.31 -1.03 -61.80
CA LEU K 152 0.88 -1.96 -62.84
C LEU K 152 0.56 -3.37 -62.34
N ASN K 153 1.29 -3.87 -61.35
CA ASN K 153 1.12 -5.25 -60.91
C ASN K 153 0.97 -5.37 -59.40
N SER K 154 -0.15 -5.95 -58.97
CA SER K 154 -0.50 -6.02 -57.55
C SER K 154 -1.04 -7.40 -57.15
N PRO K 155 -1.08 -7.70 -55.84
CA PRO K 155 -1.61 -8.98 -55.34
C PRO K 155 -3.02 -9.28 -55.83
N TYR K 156 -3.62 -8.34 -56.57
CA TYR K 156 -4.95 -8.53 -57.12
C TYR K 156 -4.98 -8.48 -58.65
N GLY K 157 -4.27 -7.52 -59.23
CA GLY K 157 -4.29 -7.32 -60.68
C GLY K 157 -2.97 -7.04 -61.37
N ASN K 158 -3.00 -7.10 -62.70
CA ASN K 158 -1.87 -6.73 -63.54
C ASN K 158 -2.40 -5.87 -64.69
N VAL K 159 -1.90 -4.65 -64.81
CA VAL K 159 -2.50 -3.65 -65.70
C VAL K 159 -1.49 -2.99 -66.63
N GLU K 160 -2.02 -2.34 -67.67
CA GLU K 160 -1.20 -1.62 -68.63
C GLU K 160 -1.12 -0.12 -68.33
N GLU K 161 0.01 0.47 -68.69
CA GLU K 161 0.29 1.88 -68.46
C GLU K 161 -0.82 2.79 -68.97
N TRP K 162 -1.51 3.43 -68.02
CA TRP K 162 -2.48 4.48 -68.29
C TRP K 162 -2.01 5.34 -69.46
N SER K 163 -2.93 5.67 -70.37
CA SER K 163 -2.57 6.39 -71.58
C SER K 163 -3.30 7.71 -71.69
N ILE K 164 -2.53 8.81 -71.60
CA ILE K 164 -3.07 10.17 -71.74
C ILE K 164 -3.73 10.40 -73.11
N GLU K 165 -3.46 9.48 -74.05
CA GLU K 165 -4.08 9.46 -75.37
C GLU K 165 -5.61 9.50 -75.30
N ILE K 166 -6.16 8.52 -74.58
CA ILE K 166 -7.61 8.37 -74.41
C ILE K 166 -8.22 9.47 -73.53
N ALA K 167 -7.38 10.08 -72.69
CA ALA K 167 -7.83 11.05 -71.68
C ALA K 167 -8.56 12.27 -72.22
N ALA K 168 -7.92 12.99 -73.15
CA ALA K 168 -8.48 14.21 -73.73
C ALA K 168 -9.70 13.94 -74.63
N LYS K 169 -9.84 12.68 -75.05
CA LYS K 169 -11.00 12.23 -75.81
C LYS K 169 -12.24 12.22 -74.92
N LEU K 170 -13.40 12.38 -75.56
CA LEU K 170 -14.66 12.55 -74.85
C LEU K 170 -15.31 11.21 -74.46
N GLN K 171 -16.11 11.23 -73.39
CA GLN K 171 -16.90 10.07 -72.96
C GLN K 171 -17.65 9.41 -74.12
N GLU K 172 -18.14 10.24 -75.03
CA GLU K 172 -18.84 9.81 -76.25
C GLU K 172 -17.94 9.06 -77.22
N GLN K 173 -16.69 9.49 -77.33
CA GLN K 173 -15.70 8.81 -78.16
C GLN K 173 -14.91 7.76 -77.37
N GLY K 174 -15.48 7.30 -76.25
CA GLY K 174 -14.82 6.31 -75.40
C GLY K 174 -13.55 6.81 -74.72
N GLY K 175 -13.55 8.10 -74.38
CA GLY K 175 -12.40 8.74 -73.73
C GLY K 175 -12.42 8.65 -72.22
N ASP K 176 -11.89 9.69 -71.58
CA ASP K 176 -11.84 9.75 -70.12
C ASP K 176 -12.40 11.07 -69.60
N GLU K 177 -12.48 12.05 -70.49
CA GLU K 177 -13.01 13.39 -70.19
C GLU K 177 -12.20 14.19 -69.18
N VAL K 178 -10.88 13.96 -69.16
CA VAL K 178 -9.96 14.78 -68.38
C VAL K 178 -9.86 16.13 -69.07
N PRO K 179 -10.20 17.22 -68.36
CA PRO K 179 -10.21 18.58 -68.93
C PRO K 179 -8.91 18.97 -69.62
N SER K 180 -9.02 19.79 -70.66
CA SER K 180 -7.86 20.19 -71.45
C SER K 180 -6.87 21.07 -70.68
N GLU K 181 -7.31 21.64 -69.55
CA GLU K 181 -6.46 22.54 -68.77
C GLU K 181 -5.38 21.80 -67.99
N ILE K 182 -5.51 20.48 -67.89
CA ILE K 182 -4.58 19.68 -67.08
C ILE K 182 -3.97 18.47 -67.80
N ILE K 183 -4.12 18.41 -69.12
CA ILE K 183 -3.48 17.35 -69.91
C ILE K 183 -1.96 17.50 -69.90
N ASP K 184 -1.50 18.72 -70.16
CA ASP K 184 -0.08 19.03 -70.24
C ASP K 184 0.56 19.12 -68.85
N LYS K 185 -0.27 19.08 -67.82
CA LYS K 185 0.18 19.20 -66.43
C LYS K 185 0.28 17.86 -65.70
N ILE K 186 -0.06 16.77 -66.38
CA ILE K 186 0.08 15.43 -65.79
C ILE K 186 1.47 14.88 -66.04
N ILE K 187 2.11 14.40 -64.97
CA ILE K 187 3.40 13.73 -65.07
C ILE K 187 3.21 12.28 -64.64
N TYR K 188 3.21 11.38 -65.61
CA TYR K 188 2.85 9.98 -65.39
C TYR K 188 4.02 9.11 -64.96
N MSE K 189 3.79 8.26 -63.95
CA MSE K 189 4.81 7.39 -63.39
C MSE K 189 4.30 5.99 -63.06
O MSE K 189 3.65 5.79 -62.03
CB MSE K 189 5.42 8.00 -62.14
CG MSE K 189 6.48 9.02 -62.39
SE MSE K 189 6.82 10.04 -60.78
CE MSE K 189 5.24 11.18 -60.81
N PRO K 190 4.59 5.00 -63.93
CA PRO K 190 4.21 3.61 -63.71
C PRO K 190 5.25 2.84 -62.88
N PHE K 191 4.78 1.85 -62.12
CA PHE K 191 5.65 1.07 -61.24
C PHE K 191 5.25 -0.39 -61.31
N ASP K 192 6.23 -1.28 -61.17
CA ASP K 192 5.97 -2.72 -61.24
C ASP K 192 5.77 -3.30 -59.83
N ASN K 193 6.26 -2.59 -58.83
CA ASN K 193 6.28 -3.07 -57.46
C ASN K 193 5.68 -2.04 -56.51
N GLU K 194 4.87 -2.49 -55.55
CA GLU K 194 4.26 -1.59 -54.56
C GLU K 194 5.34 -1.02 -53.63
N LYS K 195 6.27 -1.89 -53.21
CA LYS K 195 7.38 -1.49 -52.35
C LYS K 195 8.20 -0.39 -53.03
N GLU K 196 8.41 -0.53 -54.33
CA GLU K 196 9.12 0.49 -55.09
C GLU K 196 8.27 1.74 -55.29
N LEU K 197 6.95 1.53 -55.40
CA LEU K 197 5.96 2.62 -55.60
C LEU K 197 5.97 3.59 -54.43
N LEU K 198 5.92 3.06 -53.22
CA LEU K 198 5.84 3.85 -52.01
C LEU K 198 7.12 4.64 -51.76
N MSE K 199 8.27 3.97 -51.85
CA MSE K 199 9.57 4.61 -51.65
C MSE K 199 9.78 5.81 -52.55
O MSE K 199 10.23 6.87 -52.11
CB MSE K 199 10.71 3.61 -51.85
CG MSE K 199 10.99 2.71 -50.65
SE MSE K 199 11.38 3.69 -49.01
CE MSE K 199 13.07 4.54 -49.52
N GLU K 200 9.47 5.63 -53.84
CA GLU K 200 9.66 6.68 -54.83
C GLU K 200 8.76 7.86 -54.49
N TYR K 201 7.55 7.57 -54.01
CA TYR K 201 6.63 8.59 -53.51
C TYR K 201 7.16 9.19 -52.21
N LEU K 202 7.68 8.34 -51.33
CA LEU K 202 8.24 8.76 -50.05
C LEU K 202 9.44 9.69 -50.22
N ASN K 203 10.27 9.42 -51.22
CA ASN K 203 11.40 10.29 -51.50
C ASN K 203 10.98 11.50 -52.33
N PHE K 204 9.93 11.35 -53.13
CA PHE K 204 9.28 12.44 -53.85
C PHE K 204 8.68 13.41 -52.83
N TRP K 205 8.19 12.85 -51.73
CA TRP K 205 7.63 13.59 -50.61
C TRP K 205 8.72 14.43 -49.95
N GLN K 206 9.89 13.82 -49.73
CA GLN K 206 11.05 14.49 -49.13
C GLN K 206 11.54 15.63 -50.02
N GLN K 207 11.50 15.40 -51.33
CA GLN K 207 11.89 16.42 -52.30
C GLN K 207 10.86 17.54 -52.35
N LYS K 208 9.59 17.17 -52.23
CA LYS K 208 8.48 18.13 -52.35
C LYS K 208 7.56 18.14 -51.12
N THR K 209 8.15 18.11 -49.92
CA THR K 209 7.39 18.06 -48.66
C THR K 209 6.38 19.18 -48.58
N PRO K 210 5.09 18.81 -48.48
CA PRO K 210 3.97 19.77 -48.49
C PRO K 210 3.90 20.63 -47.23
N VAL K 211 3.65 21.92 -47.41
CA VAL K 211 3.41 22.84 -46.31
C VAL K 211 1.96 22.73 -45.84
N ILE K 212 1.02 22.97 -46.77
CA ILE K 212 -0.40 22.69 -46.55
C ILE K 212 -0.77 21.41 -47.27
N LEU K 213 -1.13 20.39 -46.51
CA LEU K 213 -1.64 19.15 -47.10
C LEU K 213 -3.17 19.19 -47.16
N THR K 214 -3.72 19.01 -48.38
CA THR K 214 -5.18 19.03 -48.57
C THR K 214 -5.72 17.97 -49.55
N GLY K 215 -7.03 17.98 -49.75
CA GLY K 215 -7.72 16.96 -50.52
C GLY K 215 -9.06 16.66 -49.88
N TRP K 216 -9.65 15.52 -50.26
CA TRP K 216 -10.97 15.14 -49.78
C TRP K 216 -10.88 13.91 -48.91
N ASN K 217 -11.14 14.07 -47.62
CA ASN K 217 -11.02 12.98 -46.64
C ASN K 217 -9.58 12.56 -46.30
N VAL K 218 -8.62 13.45 -46.55
CA VAL K 218 -7.21 13.09 -46.39
C VAL K 218 -6.83 12.82 -44.94
N GLU K 219 -7.32 13.62 -44.01
CA GLU K 219 -7.03 13.39 -42.60
C GLU K 219 -7.66 12.09 -42.09
N SER K 220 -8.77 11.71 -42.69
CA SER K 220 -9.52 10.53 -42.28
C SER K 220 -9.07 9.28 -43.02
N PHE K 221 -8.64 9.42 -44.26
CA PHE K 221 -8.25 8.26 -45.06
C PHE K 221 -6.80 8.26 -45.57
N ALA K 222 -6.55 9.02 -46.64
CA ALA K 222 -5.28 8.97 -47.37
C ALA K 222 -4.01 9.08 -46.50
N ILE K 223 -3.96 10.08 -45.61
CA ILE K 223 -2.78 10.28 -44.76
C ILE K 223 -2.53 9.06 -43.86
N PRO K 224 -3.48 8.73 -42.97
CA PRO K 224 -3.20 7.58 -42.10
C PRO K 224 -3.20 6.24 -42.82
N TYR K 225 -3.63 6.20 -44.08
CA TYR K 225 -3.52 4.97 -44.83
C TYR K 225 -2.10 4.84 -45.37
N VAL K 226 -1.61 5.92 -45.98
CA VAL K 226 -0.24 5.96 -46.46
C VAL K 226 0.68 5.68 -45.29
N TYR K 227 0.54 6.44 -44.21
CA TYR K 227 1.40 6.29 -43.04
C TYR K 227 1.48 4.85 -42.53
N ASN K 228 0.32 4.27 -42.23
CA ASN K 228 0.26 2.93 -41.67
C ASN K 228 0.65 1.81 -42.64
N ARG K 229 0.54 2.07 -43.94
CA ARG K 229 0.96 1.10 -44.94
C ARG K 229 2.48 1.07 -45.03
N ILE K 230 3.08 2.26 -45.15
CA ILE K 230 4.54 2.40 -45.18
C ILE K 230 5.15 1.83 -43.90
N LYS K 231 4.48 2.06 -42.78
CA LYS K 231 4.91 1.50 -41.50
C LYS K 231 4.88 -0.03 -41.51
N ASN K 232 3.77 -0.59 -41.96
CA ASN K 232 3.60 -2.05 -41.98
C ASN K 232 4.49 -2.76 -43.00
N ILE K 233 5.05 -2.01 -43.93
CA ILE K 233 5.89 -2.58 -45.00
C ILE K 233 7.38 -2.28 -44.77
N PHE K 234 7.70 -1.02 -44.49
CA PHE K 234 9.09 -0.59 -44.33
C PHE K 234 9.53 -0.37 -42.88
N GLY K 235 8.59 -0.19 -41.97
CA GLY K 235 8.92 0.02 -40.56
C GLY K 235 8.63 1.42 -40.05
N GLU K 236 8.27 1.49 -38.77
CA GLU K 236 7.93 2.74 -38.07
C GLU K 236 8.69 3.98 -38.57
N SER K 237 10.02 3.91 -38.55
CA SER K 237 10.87 5.06 -38.86
C SER K 237 10.82 5.48 -40.32
N THR K 238 10.51 4.53 -41.20
CA THR K 238 10.37 4.85 -42.61
C THR K 238 9.10 5.66 -42.83
N ALA K 239 8.08 5.38 -42.01
CA ALA K 239 6.83 6.13 -42.07
C ALA K 239 6.99 7.56 -41.58
N LYS K 240 7.70 7.73 -40.45
CA LYS K 240 7.92 9.06 -39.85
C LYS K 240 8.60 10.05 -40.80
N ARG K 241 9.11 9.54 -41.92
CA ARG K 241 9.76 10.37 -42.94
C ARG K 241 8.76 11.32 -43.56
N LEU K 242 7.49 10.94 -43.53
CA LEU K 242 6.37 11.78 -43.98
C LEU K 242 6.32 13.11 -43.24
N SER K 243 6.94 13.14 -42.06
CA SER K 243 7.16 14.36 -41.30
C SER K 243 8.56 14.89 -41.59
N PRO K 244 8.68 16.19 -41.94
CA PRO K 244 9.98 16.82 -42.19
C PRO K 244 10.91 16.75 -40.99
N HIS K 245 10.35 16.85 -39.79
CA HIS K 245 11.12 16.72 -38.55
C HIS K 245 11.15 15.27 -38.06
N ARG K 246 10.53 14.37 -38.83
CA ARG K 246 10.43 12.95 -38.48
C ARG K 246 9.85 12.71 -37.08
N LYS K 247 8.73 13.36 -36.82
CA LYS K 247 7.97 13.14 -35.59
C LYS K 247 6.49 13.10 -35.95
N THR K 248 5.81 12.07 -35.45
CA THR K 248 4.38 11.91 -35.63
C THR K 248 3.77 11.51 -34.29
N ARG K 249 2.45 11.59 -34.21
CA ARG K 249 1.71 10.97 -33.11
C ARG K 249 0.35 10.47 -33.57
N VAL K 250 -0.08 9.36 -32.99
CA VAL K 250 -1.32 8.71 -33.38
C VAL K 250 -2.43 9.02 -32.36
N LYS K 251 -3.36 9.88 -32.77
CA LYS K 251 -4.40 10.41 -31.88
C LYS K 251 -5.74 9.68 -32.03
N VAL K 252 -6.71 10.10 -31.21
CA VAL K 252 -8.08 9.57 -31.26
C VAL K 252 -9.12 10.59 -30.76
N ILE K 253 -9.26 11.71 -31.49
CA ILE K 253 -10.18 12.81 -31.09
C ILE K 253 -11.66 12.40 -31.00
N GLU K 254 -12.40 13.07 -30.12
CA GLU K 254 -13.78 12.72 -29.80
C GLU K 254 -14.73 13.92 -29.82
N ASN K 255 -15.96 13.69 -30.32
CA ASN K 255 -16.98 14.73 -30.38
C ASN K 255 -18.12 14.48 -29.39
N MSE K 256 -18.75 13.30 -29.49
CA MSE K 256 -19.85 12.88 -28.61
C MSE K 256 -20.15 11.38 -28.73
O MSE K 256 -20.89 10.83 -27.90
CB MSE K 256 -21.15 13.68 -28.91
CG MSE K 256 -21.46 14.84 -27.95
SE MSE K 256 -22.61 14.40 -26.41
CE MSE K 256 -24.28 14.03 -27.36
N TYR K 257 -19.56 10.71 -29.73
CA TYR K 257 -19.96 9.34 -30.08
C TYR K 257 -18.85 8.28 -30.10
N GLY K 258 -17.58 8.69 -30.14
CA GLY K 258 -16.47 7.72 -30.17
C GLY K 258 -15.10 8.28 -30.51
N SER K 259 -14.26 7.43 -31.10
CA SER K 259 -12.85 7.79 -31.43
C SER K 259 -12.31 7.05 -32.66
N ARG K 260 -11.63 7.78 -33.55
CA ARG K 260 -11.06 7.23 -34.78
C ARG K 260 -9.52 7.18 -34.72
N GLU K 261 -8.87 6.91 -35.86
CA GLU K 261 -7.41 7.02 -35.95
C GLU K 261 -6.97 8.14 -36.89
N ILE K 262 -6.40 9.19 -36.31
CA ILE K 262 -5.85 10.33 -37.05
C ILE K 262 -4.33 10.44 -36.78
N ILE K 263 -3.57 10.69 -37.83
CA ILE K 263 -2.12 10.87 -37.70
C ILE K 263 -1.71 12.34 -37.86
N THR K 264 -0.94 12.83 -36.89
CA THR K 264 -0.35 14.16 -36.98
C THR K 264 1.04 14.04 -37.60
N LEU K 265 1.33 14.90 -38.57
CA LEU K 265 2.66 14.96 -39.17
C LEU K 265 3.31 16.29 -38.86
N PHE K 266 4.06 16.33 -37.76
CA PHE K 266 4.70 17.56 -37.31
C PHE K 266 5.41 18.27 -38.46
N GLY K 267 5.16 19.56 -38.62
CA GLY K 267 5.79 20.35 -39.68
C GLY K 267 4.93 20.49 -40.92
N ILE K 268 3.85 19.72 -40.99
CA ILE K 268 2.86 19.88 -42.05
C ILE K 268 1.57 20.42 -41.43
N SER K 269 0.87 21.28 -42.14
CA SER K 269 -0.42 21.78 -41.69
C SER K 269 -1.50 21.13 -42.51
N VAL K 270 -2.15 20.12 -41.93
CA VAL K 270 -3.27 19.44 -42.58
C VAL K 270 -4.54 20.30 -42.53
N LEU K 271 -5.13 20.53 -43.70
CA LEU K 271 -6.42 21.17 -43.82
C LEU K 271 -7.23 20.33 -44.80
N ASP K 272 -7.89 19.30 -44.28
CA ASP K 272 -8.75 18.44 -45.08
C ASP K 272 -9.80 19.34 -45.69
N TYR K 273 -10.04 19.18 -46.98
CA TYR K 273 -10.96 20.10 -47.63
C TYR K 273 -12.40 19.85 -47.21
N ILE K 274 -12.68 18.67 -46.68
CA ILE K 274 -14.03 18.32 -46.24
C ILE K 274 -14.39 19.16 -45.02
N ASP K 275 -13.42 19.37 -44.14
CA ASP K 275 -13.62 20.14 -42.92
C ASP K 275 -13.67 21.59 -43.29
N LEU K 276 -12.79 21.96 -44.22
CA LEU K 276 -12.69 23.31 -44.73
C LEU K 276 -13.98 23.72 -45.42
N TYR K 277 -14.56 22.78 -46.16
CA TYR K 277 -15.84 23.01 -46.81
C TYR K 277 -16.93 23.25 -45.78
N LYS K 278 -16.95 22.42 -44.73
CA LYS K 278 -17.98 22.50 -43.70
C LYS K 278 -17.89 23.79 -42.89
N LYS K 279 -16.68 24.23 -42.58
CA LYS K 279 -16.51 25.41 -41.72
C LYS K 279 -16.85 26.73 -42.43
N PHE K 280 -16.63 26.82 -43.74
CA PHE K 280 -16.77 28.10 -44.45
C PHE K 280 -17.92 28.22 -45.45
N SER K 281 -18.46 27.10 -45.91
CA SER K 281 -19.46 27.09 -46.98
C SER K 281 -20.84 27.60 -46.55
N PHE K 282 -21.14 27.45 -45.27
CA PHE K 282 -22.44 27.84 -44.69
C PHE K 282 -23.61 27.21 -45.45
N THR K 283 -23.42 25.93 -45.75
CA THR K 283 -24.42 25.07 -46.35
C THR K 283 -24.43 23.81 -45.50
N ASN K 284 -25.62 23.34 -45.12
CA ASN K 284 -25.71 22.00 -44.57
C ASN K 284 -26.24 21.08 -45.66
N GLN K 285 -25.31 20.29 -46.21
CA GLN K 285 -25.55 19.49 -47.40
C GLN K 285 -26.08 18.10 -47.04
N PRO K 286 -26.90 17.50 -47.93
CA PRO K 286 -27.37 16.13 -47.73
C PRO K 286 -26.25 15.09 -47.75
N SER K 287 -25.19 15.34 -48.51
CA SER K 287 -24.02 14.46 -48.54
C SER K 287 -22.75 15.26 -48.75
N TYR K 288 -21.70 14.87 -48.02
CA TYR K 288 -20.37 15.45 -48.16
C TYR K 288 -19.41 14.57 -48.96
N SER K 289 -19.98 13.70 -49.81
CA SER K 289 -19.20 12.92 -50.72
C SER K 289 -18.78 13.84 -51.85
N LEU K 290 -17.51 13.72 -52.27
CA LEU K 290 -16.91 14.61 -53.28
C LEU K 290 -17.76 14.79 -54.53
N ASP K 291 -18.39 13.72 -55.00
CA ASP K 291 -19.28 13.80 -56.16
C ASP K 291 -20.38 14.79 -55.91
N TYR K 292 -21.12 14.53 -54.83
CA TYR K 292 -22.27 15.34 -54.49
C TYR K 292 -21.87 16.82 -54.42
N ILE K 293 -20.74 17.07 -53.74
CA ILE K 293 -20.22 18.43 -53.59
C ILE K 293 -19.72 18.99 -54.92
N SER K 294 -19.07 18.16 -55.72
CA SER K 294 -18.65 18.54 -57.07
C SER K 294 -19.85 18.93 -57.93
N GLU K 295 -20.88 18.11 -57.87
CA GLU K 295 -22.09 18.33 -58.65
C GLU K 295 -22.74 19.62 -58.19
N PHE K 296 -22.78 19.83 -56.89
CA PHE K 296 -23.34 21.05 -56.33
C PHE K 296 -22.50 22.28 -56.66
N GLU K 297 -21.18 22.15 -56.55
CA GLU K 297 -20.28 23.30 -56.64
C GLU K 297 -19.94 23.67 -58.06
N LEU K 298 -19.55 22.68 -58.86
CA LEU K 298 -18.98 22.91 -60.18
C LEU K 298 -19.91 22.45 -61.28
N ASN K 299 -21.06 21.92 -60.87
CA ASN K 299 -22.09 21.45 -61.77
C ASN K 299 -21.62 20.34 -62.73
N VAL K 300 -20.84 19.39 -62.20
CA VAL K 300 -20.32 18.29 -63.01
C VAL K 300 -20.25 16.96 -62.25
N GLY K 301 -19.61 16.98 -61.08
CA GLY K 301 -19.38 15.76 -60.28
C GLY K 301 -18.19 14.92 -60.73
N LYS K 302 -17.84 13.91 -59.93
CA LYS K 302 -16.85 12.88 -60.32
C LYS K 302 -17.33 12.07 -61.52
N LEU K 303 -16.40 11.46 -62.25
CA LEU K 303 -16.76 10.61 -63.38
C LEU K 303 -17.52 9.35 -62.94
N LYS K 304 -18.12 8.67 -63.90
CA LYS K 304 -18.92 7.47 -63.62
C LYS K 304 -18.18 6.18 -63.96
N TYR K 305 -18.66 5.07 -63.39
CA TYR K 305 -18.16 3.73 -63.70
C TYR K 305 -19.20 2.69 -63.29
N ASP K 306 -19.35 1.67 -64.13
CA ASP K 306 -20.24 0.55 -63.82
C ASP K 306 -19.47 -0.64 -63.22
N GLY K 307 -20.08 -1.27 -62.22
CA GLY K 307 -19.39 -2.26 -61.40
C GLY K 307 -18.84 -1.61 -60.15
N PRO K 308 -18.47 -2.43 -59.14
CA PRO K 308 -17.98 -1.91 -57.86
C PRO K 308 -16.65 -1.15 -57.99
N ILE K 309 -16.24 -0.50 -56.90
CA ILE K 309 -14.93 0.15 -56.85
C ILE K 309 -13.82 -0.92 -56.83
N SER K 310 -14.10 -2.02 -56.14
CA SER K 310 -13.11 -3.08 -55.89
C SER K 310 -12.76 -3.88 -57.15
N LYS K 311 -13.26 -3.45 -58.29
CA LYS K 311 -13.14 -4.19 -59.53
C LYS K 311 -12.78 -3.28 -60.69
N LEU K 312 -12.90 -1.96 -60.47
CA LEU K 312 -12.68 -0.94 -61.50
C LEU K 312 -11.25 -0.94 -62.10
N ARG K 313 -10.25 -1.15 -61.25
CA ARG K 313 -8.88 -1.27 -61.72
C ARG K 313 -8.74 -2.47 -62.64
N GLU K 314 -9.21 -3.63 -62.16
CA GLU K 314 -9.19 -4.90 -62.88
C GLU K 314 -9.95 -4.83 -64.22
N SER K 315 -10.95 -3.95 -64.29
CA SER K 315 -11.76 -3.78 -65.49
C SER K 315 -11.21 -2.63 -66.34
N ASN K 316 -11.63 -1.40 -66.03
CA ASN K 316 -11.18 -0.23 -66.79
C ASN K 316 -10.14 0.58 -66.03
N HIS K 317 -8.93 0.04 -65.96
CA HIS K 317 -7.78 0.70 -65.34
C HIS K 317 -7.54 2.07 -65.96
N GLN K 318 -7.80 2.19 -67.26
CA GLN K 318 -7.70 3.47 -67.95
C GLN K 318 -8.58 4.56 -67.32
N ARG K 319 -9.78 4.16 -66.92
CA ARG K 319 -10.71 5.04 -66.23
C ARG K 319 -10.28 5.23 -64.78
N TYR K 320 -9.93 4.11 -64.14
CA TYR K 320 -9.53 4.08 -62.74
C TYR K 320 -8.49 5.15 -62.37
N ILE K 321 -7.45 5.25 -63.18
CA ILE K 321 -6.37 6.20 -62.95
C ILE K 321 -6.81 7.62 -63.32
N SER K 322 -7.54 7.72 -64.42
CA SER K 322 -8.10 9.00 -64.87
C SER K 322 -9.09 9.58 -63.84
N TYR K 323 -9.86 8.67 -63.24
CA TYR K 323 -10.78 8.96 -62.13
C TYR K 323 -10.04 9.68 -61.00
N ASN K 324 -8.97 9.03 -60.53
CA ASN K 324 -8.12 9.54 -59.46
C ASN K 324 -7.55 10.93 -59.72
N ILE K 325 -7.27 11.21 -60.99
CA ILE K 325 -6.75 12.52 -61.39
C ILE K 325 -7.85 13.56 -61.26
N ILE K 326 -9.02 13.27 -61.81
CA ILE K 326 -10.19 14.16 -61.67
C ILE K 326 -10.50 14.37 -60.18
N ALA K 327 -10.64 13.27 -59.44
CA ALA K 327 -10.86 13.29 -57.99
C ALA K 327 -10.02 14.38 -57.30
N VAL K 328 -8.78 14.53 -57.75
CA VAL K 328 -7.87 15.53 -57.22
C VAL K 328 -8.23 16.91 -57.78
N TYR K 329 -8.44 16.98 -59.09
CA TYR K 329 -8.71 18.25 -59.76
C TYR K 329 -10.07 18.83 -59.34
N ARG K 330 -11.03 17.94 -59.03
CA ARG K 330 -12.33 18.36 -58.52
C ARG K 330 -12.15 19.30 -57.32
N VAL K 331 -11.41 18.82 -56.32
CA VAL K 331 -11.09 19.63 -55.14
C VAL K 331 -10.43 20.94 -55.55
N LEU K 332 -9.57 20.89 -56.57
CA LEU K 332 -8.89 22.08 -57.02
C LEU K 332 -9.83 23.10 -57.65
N GLN K 333 -10.86 22.62 -58.35
CA GLN K 333 -11.86 23.53 -58.92
C GLN K 333 -12.79 24.06 -57.83
N ILE K 334 -13.14 23.20 -56.87
CA ILE K 334 -13.92 23.62 -55.70
C ILE K 334 -13.22 24.78 -55.02
N ASP K 335 -11.92 24.61 -54.75
CA ASP K 335 -11.10 25.67 -54.16
C ASP K 335 -10.95 26.87 -55.09
N ALA K 336 -10.86 26.62 -56.39
CA ALA K 336 -10.75 27.71 -57.36
C ALA K 336 -11.95 28.65 -57.23
N LYS K 337 -13.12 28.06 -57.03
CA LYS K 337 -14.35 28.79 -56.79
C LYS K 337 -14.37 29.38 -55.39
N ARG K 338 -14.28 28.52 -54.38
CA ARG K 338 -14.50 28.92 -52.99
C ARG K 338 -13.28 29.60 -52.35
N GLN K 339 -12.08 29.20 -52.78
CA GLN K 339 -10.83 29.85 -52.37
C GLN K 339 -10.57 29.71 -50.85
N PHE K 340 -10.96 28.57 -50.28
CA PHE K 340 -10.89 28.39 -48.84
C PHE K 340 -9.46 28.19 -48.36
N ILE K 341 -8.58 27.76 -49.25
CA ILE K 341 -7.18 27.60 -48.85
C ILE K 341 -6.53 28.97 -48.59
N ASN K 342 -6.78 29.92 -49.48
CA ASN K 342 -6.32 31.29 -49.29
C ASN K 342 -6.98 31.99 -48.10
N LEU K 343 -8.24 31.68 -47.84
CA LEU K 343 -8.96 32.23 -46.71
C LEU K 343 -8.24 31.84 -45.43
N SER K 344 -7.92 30.55 -45.31
CA SER K 344 -7.24 29.99 -44.15
C SER K 344 -5.85 30.58 -44.02
N LEU K 345 -5.15 30.66 -45.15
CA LEU K 345 -3.84 31.25 -45.18
C LEU K 345 -3.91 32.68 -44.65
N ASP K 346 -4.77 33.49 -45.25
CA ASP K 346 -4.89 34.89 -44.89
C ASP K 346 -5.33 35.05 -43.44
N MSE K 347 -6.05 34.05 -42.95
CA MSE K 347 -6.46 34.00 -41.56
C MSE K 347 -5.28 33.68 -40.65
O MSE K 347 -5.05 34.34 -39.65
CB MSE K 347 -7.57 32.98 -41.37
CG MSE K 347 -8.10 32.94 -39.96
SE MSE K 347 -8.83 34.67 -39.49
CE MSE K 347 -10.68 34.36 -40.11
N GLY K 348 -4.54 32.63 -41.02
CA GLY K 348 -3.41 32.17 -40.22
C GLY K 348 -2.35 33.21 -39.99
N TYR K 349 -1.98 33.94 -41.04
CA TYR K 349 -0.90 34.92 -40.95
C TYR K 349 -1.34 36.21 -40.28
N TYR K 350 -2.57 36.61 -40.52
CA TYR K 350 -3.14 37.77 -39.85
C TYR K 350 -3.05 37.63 -38.33
N ALA K 351 -3.27 36.42 -37.84
CA ALA K 351 -3.37 36.17 -36.41
C ALA K 351 -2.09 35.56 -35.84
N LYS K 352 -1.18 35.16 -36.73
CA LYS K 352 0.11 34.56 -36.36
C LYS K 352 -0.09 33.24 -35.61
N ILE K 353 -0.75 32.31 -36.27
CA ILE K 353 -1.04 30.98 -35.70
C ILE K 353 -0.57 29.92 -36.69
N GLN K 354 -0.59 28.66 -36.27
CA GLN K 354 -0.44 27.59 -37.24
C GLN K 354 -1.68 27.64 -38.09
N ILE K 355 -1.58 27.20 -39.33
CA ILE K 355 -2.70 27.35 -40.26
C ILE K 355 -3.88 26.45 -39.91
N GLN K 356 -3.61 25.27 -39.33
CA GLN K 356 -4.69 24.39 -38.84
C GLN K 356 -5.59 25.14 -37.87
N SER K 357 -5.01 26.10 -37.16
CA SER K 357 -5.69 26.78 -36.06
C SER K 357 -6.84 27.71 -36.51
N VAL K 358 -6.99 27.92 -37.80
CA VAL K 358 -8.12 28.70 -38.32
C VAL K 358 -9.47 28.03 -38.02
N PHE K 359 -9.42 26.72 -37.77
CA PHE K 359 -10.62 25.96 -37.41
C PHE K 359 -11.16 26.36 -36.04
N SER K 360 -10.27 26.77 -35.15
CA SER K 360 -10.64 27.15 -33.79
C SER K 360 -10.75 28.68 -33.63
N PRO K 361 -11.99 29.19 -33.54
CA PRO K 361 -12.23 30.59 -33.18
C PRO K 361 -11.40 31.04 -31.96
N ILE K 362 -11.53 30.33 -30.84
CA ILE K 362 -10.81 30.70 -29.62
C ILE K 362 -9.32 30.95 -29.92
N LYS K 363 -8.69 29.96 -30.53
CA LYS K 363 -7.25 30.02 -30.84
C LYS K 363 -6.90 31.20 -31.73
N THR K 364 -7.74 31.45 -32.72
CA THR K 364 -7.57 32.55 -33.66
C THR K 364 -7.69 33.90 -32.96
N TRP K 365 -8.67 34.00 -32.07
CA TRP K 365 -8.91 35.22 -31.33
C TRP K 365 -7.91 35.49 -30.19
N ASP K 366 -7.55 34.44 -29.46
CA ASP K 366 -6.53 34.54 -28.41
C ASP K 366 -5.28 35.17 -28.97
N ALA K 367 -4.81 34.64 -30.09
CA ALA K 367 -3.60 35.13 -30.74
C ALA K 367 -3.73 36.60 -31.15
N ILE K 368 -4.88 36.96 -31.75
CA ILE K 368 -5.11 38.31 -32.25
C ILE K 368 -4.99 39.32 -31.13
N ILE K 369 -5.72 39.09 -30.05
CA ILE K 369 -5.65 39.97 -28.88
C ILE K 369 -4.25 39.94 -28.26
N PHE K 370 -3.66 38.74 -28.15
CA PHE K 370 -2.31 38.61 -27.62
C PHE K 370 -1.32 39.51 -28.35
N ASN K 371 -1.11 39.25 -29.64
CA ASN K 371 -0.22 40.07 -30.47
C ASN K 371 -0.53 41.57 -30.37
N SER K 372 -1.81 41.90 -30.25
CA SER K 372 -2.21 43.28 -30.12
C SER K 372 -1.68 43.86 -28.81
N LEU K 373 -1.83 43.09 -27.73
CA LEU K 373 -1.44 43.52 -26.39
C LEU K 373 0.07 43.56 -26.21
N LYS K 374 0.78 42.60 -26.81
CA LYS K 374 2.23 42.54 -26.71
C LYS K 374 2.90 43.85 -27.13
N GLU K 375 2.47 44.42 -28.25
CA GLU K 375 3.03 45.68 -28.77
C GLU K 375 2.71 46.87 -27.85
N GLN K 376 1.75 46.69 -26.94
CA GLN K 376 1.47 47.70 -25.93
C GLN K 376 2.12 47.33 -24.61
N ASN K 377 3.05 46.37 -24.66
CA ASN K 377 3.74 45.84 -23.47
C ASN K 377 2.76 45.39 -22.40
N LYS K 378 1.67 44.79 -22.84
CA LYS K 378 0.61 44.36 -21.96
C LYS K 378 0.64 42.86 -21.85
N VAL K 379 0.13 42.36 -20.74
CA VAL K 379 0.29 40.95 -20.42
C VAL K 379 -1.06 40.23 -20.34
N ILE K 380 -1.18 39.21 -21.19
CA ILE K 380 -2.28 38.25 -21.17
C ILE K 380 -2.62 37.81 -19.75
N PRO K 381 -3.93 37.80 -19.40
CA PRO K 381 -4.39 37.14 -18.18
C PRO K 381 -4.29 35.63 -18.31
N GLN K 382 -3.96 34.93 -17.23
CA GLN K 382 -3.90 33.48 -17.27
C GLN K 382 -5.28 32.90 -17.54
N GLY K 383 -5.34 31.81 -18.30
CA GLY K 383 -6.59 31.11 -18.56
C GLY K 383 -7.00 30.20 -17.40
N ARG K 384 -8.20 30.44 -16.86
CA ARG K 384 -8.75 29.62 -15.78
C ARG K 384 -9.79 28.64 -16.28
N SER K 385 -9.99 27.56 -15.53
CA SER K 385 -11.06 26.61 -15.81
C SER K 385 -12.35 27.05 -15.14
N HIS K 386 -13.24 27.64 -15.94
CA HIS K 386 -14.58 28.03 -15.49
C HIS K 386 -15.56 26.86 -15.71
N PRO K 387 -16.52 26.66 -14.79
CA PRO K 387 -17.48 25.56 -15.01
C PRO K 387 -18.49 25.89 -16.12
N VAL K 388 -18.91 24.87 -16.87
CA VAL K 388 -19.90 25.04 -17.94
C VAL K 388 -21.26 25.36 -17.31
N GLN K 389 -21.60 26.64 -17.32
CA GLN K 389 -22.83 27.15 -16.72
C GLN K 389 -23.69 27.84 -17.80
N PRO K 390 -24.91 27.32 -18.05
CA PRO K 390 -25.77 27.86 -19.11
C PRO K 390 -26.20 29.29 -18.80
N TYR K 391 -26.51 30.06 -19.85
CA TYR K 391 -26.89 31.46 -19.70
C TYR K 391 -27.96 31.86 -20.73
N PRO K 392 -28.68 32.97 -20.49
CA PRO K 392 -29.77 33.40 -21.38
C PRO K 392 -29.30 33.94 -22.73
N GLY K 393 -30.08 33.69 -23.78
CA GLY K 393 -29.71 34.06 -25.14
C GLY K 393 -30.52 35.19 -25.75
N ALA K 394 -30.94 34.98 -26.99
CA ALA K 394 -31.54 36.05 -27.80
C ALA K 394 -33.04 36.14 -27.59
N PHE K 395 -33.62 37.30 -27.91
CA PHE K 395 -35.05 37.46 -27.80
C PHE K 395 -35.72 36.95 -29.05
N VAL K 396 -36.76 36.13 -28.88
CA VAL K 396 -37.62 35.78 -29.99
C VAL K 396 -39.10 35.98 -29.64
N LYS K 397 -39.75 36.83 -30.44
CA LYS K 397 -41.16 37.15 -30.25
C LYS K 397 -42.02 36.07 -30.85
N GLU K 398 -43.03 35.64 -30.10
CA GLU K 398 -44.04 34.71 -30.59
C GLU K 398 -44.95 35.41 -31.60
N PRO K 399 -44.81 35.09 -32.90
CA PRO K 399 -45.71 35.76 -33.84
C PRO K 399 -47.06 35.07 -33.81
N ILE K 400 -48.10 35.77 -34.25
CA ILE K 400 -49.43 35.19 -34.39
C ILE K 400 -49.51 34.52 -35.78
N PRO K 401 -49.66 33.20 -35.81
CA PRO K 401 -49.78 32.51 -37.10
C PRO K 401 -50.83 33.22 -37.96
N ASN K 402 -50.39 33.76 -39.09
CA ASN K 402 -51.27 34.47 -40.01
C ASN K 402 -50.60 34.69 -41.36
N ARG K 403 -51.39 35.09 -42.35
CA ARG K 403 -50.88 35.77 -43.54
C ARG K 403 -50.50 37.17 -43.13
N TYR K 404 -49.58 37.78 -43.86
CA TYR K 404 -49.13 39.14 -43.63
C TYR K 404 -48.79 39.78 -44.98
N LYS K 405 -49.63 40.70 -45.42
CA LYS K 405 -49.61 41.24 -46.76
C LYS K 405 -48.39 42.09 -47.07
N TYR K 406 -48.11 43.10 -46.24
CA TYR K 406 -47.00 44.00 -46.50
C TYR K 406 -46.07 44.03 -45.32
N VAL K 407 -44.80 43.72 -45.58
CA VAL K 407 -43.82 43.64 -44.51
C VAL K 407 -42.55 44.35 -44.91
N MSE K 408 -42.03 45.16 -43.99
CA MSE K 408 -40.66 45.59 -44.04
C MSE K 408 -39.92 45.10 -42.80
O MSE K 408 -40.43 45.19 -41.68
CB MSE K 408 -40.53 47.12 -44.19
CG MSE K 408 -41.73 47.95 -43.76
SE MSE K 408 -41.43 49.85 -44.23
CE MSE K 408 -40.21 49.58 -45.75
N SER K 409 -38.72 44.58 -43.02
CA SER K 409 -37.89 44.10 -41.92
C SER K 409 -36.73 45.03 -41.66
N PHE K 410 -36.28 45.05 -40.41
CA PHE K 410 -35.19 45.92 -39.98
C PHE K 410 -34.20 45.13 -39.12
N ASP K 411 -32.90 45.24 -39.42
CA ASP K 411 -31.87 44.50 -38.65
C ASP K 411 -30.81 45.38 -38.00
N LEU K 412 -30.33 44.98 -36.83
CA LEU K 412 -29.19 45.65 -36.23
C LEU K 412 -27.90 45.11 -36.83
N THR K 413 -27.03 46.02 -37.30
CA THR K 413 -25.72 45.63 -37.83
C THR K 413 -24.88 45.01 -36.72
N SER K 414 -24.23 43.88 -37.03
CA SER K 414 -23.34 43.19 -36.08
C SER K 414 -23.74 43.38 -34.62
N LEU K 415 -24.95 42.95 -34.27
CA LEU K 415 -25.53 43.25 -32.98
C LEU K 415 -24.56 43.07 -31.80
N TYR K 416 -24.18 41.83 -31.55
CA TYR K 416 -23.35 41.50 -30.39
C TYR K 416 -22.00 42.21 -30.40
N PRO K 417 -21.26 42.16 -31.53
CA PRO K 417 -20.05 42.97 -31.60
C PRO K 417 -20.35 44.43 -31.27
N SER K 418 -21.44 44.96 -31.80
CA SER K 418 -21.85 46.35 -31.55
C SER K 418 -22.15 46.63 -30.09
N ILE K 419 -22.83 45.69 -29.44
CA ILE K 419 -23.14 45.78 -28.01
C ILE K 419 -21.86 45.90 -27.18
N ILE K 420 -20.87 45.07 -27.50
CA ILE K 420 -19.59 45.06 -26.81
C ILE K 420 -18.93 46.43 -26.93
N ARG K 421 -18.91 46.97 -28.14
CA ARG K 421 -18.38 48.31 -28.35
C ARG K 421 -19.19 49.40 -27.63
N GLN K 422 -20.53 49.28 -27.68
CA GLN K 422 -21.46 50.23 -27.05
C GLN K 422 -21.31 50.31 -25.54
N VAL K 423 -21.51 49.16 -24.91
CA VAL K 423 -21.52 49.05 -23.46
C VAL K 423 -20.09 49.07 -22.92
N ASN K 424 -19.13 48.86 -23.83
CA ASN K 424 -17.70 48.72 -23.48
C ASN K 424 -17.50 47.51 -22.58
N ILE K 425 -17.91 46.34 -23.06
CA ILE K 425 -17.86 45.12 -22.27
C ILE K 425 -16.51 44.41 -22.39
N SER K 426 -15.91 44.13 -21.23
CA SER K 426 -14.61 43.48 -21.16
C SER K 426 -14.38 42.93 -19.75
N PRO K 427 -13.48 41.94 -19.59
CA PRO K 427 -13.15 41.43 -18.25
C PRO K 427 -12.64 42.52 -17.32
N GLU K 428 -11.84 43.44 -17.87
CA GLU K 428 -11.23 44.52 -17.11
C GLU K 428 -12.14 45.71 -16.82
N THR K 429 -13.14 45.93 -17.67
CA THR K 429 -14.03 47.07 -17.51
C THR K 429 -15.20 46.84 -16.55
N ILE K 430 -15.40 45.59 -16.10
CA ILE K 430 -16.37 45.30 -15.04
C ILE K 430 -16.10 46.23 -13.85
N ALA K 431 -16.99 47.20 -13.66
CA ALA K 431 -16.81 48.25 -12.66
C ALA K 431 -17.68 48.07 -11.40
N GLY K 432 -18.71 47.22 -11.48
CA GLY K 432 -19.52 46.93 -10.31
C GLY K 432 -20.90 46.39 -10.64
N THR K 433 -21.85 46.68 -9.78
CA THR K 433 -23.22 46.20 -9.95
C THR K 433 -24.21 47.35 -9.80
N PHE K 434 -25.45 47.10 -10.17
CA PHE K 434 -26.59 47.90 -9.74
C PHE K 434 -27.76 46.97 -9.49
N LYS K 435 -28.71 47.41 -8.65
CA LYS K 435 -29.93 46.64 -8.39
C LYS K 435 -30.78 46.57 -9.67
N VAL K 436 -31.05 45.36 -10.13
CA VAL K 436 -31.69 45.14 -11.43
C VAL K 436 -33.20 44.97 -11.32
N ALA K 437 -33.92 45.79 -12.09
CA ALA K 437 -35.38 45.67 -12.21
C ALA K 437 -35.69 44.64 -13.31
N PRO K 438 -36.97 44.22 -13.43
CA PRO K 438 -37.30 43.29 -14.51
C PRO K 438 -37.03 43.92 -15.87
N LEU K 439 -36.68 43.09 -16.84
CA LEU K 439 -36.36 43.54 -18.20
C LEU K 439 -37.50 44.39 -18.77
N HIS K 440 -38.73 43.91 -18.55
CA HIS K 440 -39.96 44.63 -18.91
C HIS K 440 -39.91 46.10 -18.47
N ASP K 441 -39.39 46.35 -17.27
CA ASP K 441 -39.35 47.70 -16.71
C ASP K 441 -38.25 48.57 -17.31
N TYR K 442 -37.19 47.95 -17.84
CA TYR K 442 -36.21 48.68 -18.60
C TYR K 442 -36.69 48.90 -20.03
N ILE K 443 -37.35 47.89 -20.58
CA ILE K 443 -37.92 47.96 -21.92
C ILE K 443 -38.88 49.15 -22.01
N ASN K 444 -39.71 49.28 -20.98
CA ASN K 444 -40.70 50.35 -20.92
C ASN K 444 -40.20 51.71 -20.40
N ALA K 445 -38.93 51.78 -20.02
CA ALA K 445 -38.33 52.98 -19.43
C ALA K 445 -39.00 53.41 -18.12
N VAL K 446 -39.52 52.44 -17.38
CA VAL K 446 -40.16 52.66 -16.09
C VAL K 446 -39.14 52.63 -14.95
N ALA K 447 -38.13 51.78 -15.09
CA ALA K 447 -37.06 51.67 -14.10
C ALA K 447 -36.14 52.88 -14.14
N GLU K 448 -35.32 53.02 -13.10
CA GLU K 448 -34.48 54.20 -12.92
C GLU K 448 -33.10 54.03 -13.55
N ARG K 449 -32.66 55.07 -14.27
CA ARG K 449 -31.32 55.11 -14.87
C ARG K 449 -30.29 54.52 -13.91
N PRO K 450 -29.62 53.43 -14.32
CA PRO K 450 -28.86 52.61 -13.39
C PRO K 450 -27.58 53.26 -12.87
N SER K 451 -26.96 54.11 -13.70
CA SER K 451 -25.74 54.83 -13.31
C SER K 451 -25.63 56.14 -14.09
N ASP K 452 -24.89 57.09 -13.53
CA ASP K 452 -24.65 58.37 -14.20
C ASP K 452 -23.21 58.47 -14.65
N VAL K 453 -22.38 57.55 -14.17
CA VAL K 453 -20.95 57.56 -14.46
C VAL K 453 -20.49 56.36 -15.28
N TYR K 454 -21.20 55.23 -15.13
CA TYR K 454 -20.80 53.99 -15.79
C TYR K 454 -21.72 53.59 -16.94
N SER K 455 -21.18 52.79 -17.86
CA SER K 455 -21.95 52.18 -18.95
C SER K 455 -22.57 50.90 -18.44
N CYS K 456 -23.82 50.63 -18.78
CA CYS K 456 -24.57 49.57 -18.12
C CYS K 456 -25.35 48.62 -19.04
N SER K 457 -25.69 47.45 -18.48
CA SER K 457 -26.48 46.43 -19.15
C SER K 457 -27.54 45.94 -18.16
N PRO K 458 -28.80 45.82 -18.62
CA PRO K 458 -29.94 45.49 -17.75
C PRO K 458 -29.88 44.10 -17.08
N ASN K 459 -28.74 43.42 -17.16
CA ASN K 459 -28.51 42.22 -16.35
C ASN K 459 -27.88 42.60 -15.00
N GLY K 460 -27.62 43.89 -14.82
CA GLY K 460 -27.12 44.43 -13.56
C GLY K 460 -25.62 44.64 -13.54
N MSE K 461 -25.04 44.94 -14.70
CA MSE K 461 -23.59 45.09 -14.82
C MSE K 461 -23.19 46.49 -15.22
O MSE K 461 -23.85 47.13 -16.03
CB MSE K 461 -23.03 44.06 -15.81
CG MSE K 461 -22.97 42.64 -15.24
SE MSE K 461 -21.60 42.44 -13.85
CE MSE K 461 -22.49 41.12 -12.73
N MSE K 462 -22.10 46.97 -14.64
CA MSE K 462 -21.58 48.31 -14.92
C MSE K 462 -20.16 48.26 -15.48
O MSE K 462 -19.36 47.42 -15.08
CB MSE K 462 -21.62 49.19 -13.66
CG MSE K 462 -23.00 49.34 -13.03
SE MSE K 462 -23.11 50.80 -11.72
CE MSE K 462 -21.78 50.16 -10.43
N TYR K 463 -19.85 49.17 -16.40
CA TYR K 463 -18.56 49.18 -17.07
C TYR K 463 -17.98 50.59 -17.17
N TYR K 464 -16.68 50.71 -16.94
CA TYR K 464 -15.98 51.98 -17.05
C TYR K 464 -16.18 52.58 -18.44
N LYS K 465 -16.21 53.91 -18.51
CA LYS K 465 -16.36 54.62 -19.78
C LYS K 465 -15.11 55.44 -20.05
N ASP K 466 -14.23 55.51 -19.05
CA ASP K 466 -12.97 56.23 -19.12
C ASP K 466 -12.12 55.68 -20.27
N ARG K 467 -11.59 54.48 -20.08
CA ARG K 467 -10.71 53.85 -21.04
C ARG K 467 -11.48 52.93 -21.99
N ASP K 468 -10.77 52.40 -22.99
CA ASP K 468 -11.30 51.38 -23.88
C ASP K 468 -11.06 49.99 -23.31
N GLY K 469 -12.10 49.16 -23.31
CA GLY K 469 -11.93 47.75 -22.95
C GLY K 469 -11.06 47.09 -23.98
N VAL K 470 -10.29 46.10 -23.57
CA VAL K 470 -9.40 45.39 -24.48
C VAL K 470 -10.22 44.77 -25.61
N VAL K 471 -11.22 43.97 -25.27
CA VAL K 471 -12.10 43.35 -26.26
C VAL K 471 -12.70 44.38 -27.25
N PRO K 472 -13.44 45.40 -26.75
CA PRO K 472 -13.97 46.46 -27.61
C PRO K 472 -12.96 47.10 -28.57
N THR K 473 -11.72 47.27 -28.13
CA THR K 473 -10.67 47.86 -28.97
C THR K 473 -10.30 46.89 -30.10
N GLU K 474 -10.28 45.60 -29.78
CA GLU K 474 -9.94 44.57 -30.75
C GLU K 474 -11.00 44.42 -31.83
N ILE K 475 -12.25 44.29 -31.41
CA ILE K 475 -13.32 44.13 -32.36
C ILE K 475 -13.42 45.36 -33.26
N THR K 476 -13.25 46.57 -32.69
CA THR K 476 -13.20 47.79 -33.49
C THR K 476 -12.03 47.75 -34.48
N LYS K 477 -10.85 47.35 -34.02
CA LYS K 477 -9.69 47.15 -34.90
C LYS K 477 -10.05 46.27 -36.09
N VAL K 478 -10.75 45.18 -35.84
CA VAL K 478 -11.17 44.27 -36.89
C VAL K 478 -12.24 44.95 -37.77
N PHE K 479 -13.20 45.60 -37.12
CA PHE K 479 -14.32 46.27 -37.79
C PHE K 479 -13.82 47.30 -38.81
N ASN K 480 -13.01 48.25 -38.35
CA ASN K 480 -12.43 49.26 -39.23
C ASN K 480 -11.66 48.64 -40.40
N GLN K 481 -10.97 47.53 -40.13
CA GLN K 481 -10.19 46.84 -41.17
C GLN K 481 -11.06 46.15 -42.21
N ARG K 482 -12.24 45.68 -41.79
CA ARG K 482 -13.23 45.16 -42.72
C ARG K 482 -13.50 46.22 -43.78
N LYS K 483 -13.89 47.42 -43.33
CA LYS K 483 -14.15 48.56 -44.21
C LYS K 483 -12.91 48.97 -45.04
N GLU K 484 -11.74 48.90 -44.41
CA GLU K 484 -10.50 49.19 -45.11
C GLU K 484 -10.34 48.27 -46.32
N HIS K 485 -10.33 46.96 -46.07
CA HIS K 485 -10.10 45.96 -47.11
C HIS K 485 -11.27 45.79 -48.07
N LYS K 486 -12.49 46.02 -47.59
CA LYS K 486 -13.66 46.10 -48.47
C LYS K 486 -13.53 47.31 -49.40
N GLY K 487 -12.81 48.35 -48.94
CA GLY K 487 -12.52 49.52 -49.75
C GLY K 487 -11.57 49.19 -50.87
N TYR K 488 -10.40 48.66 -50.51
CA TYR K 488 -9.36 48.27 -51.47
C TYR K 488 -9.92 47.36 -52.55
N MSE K 489 -10.90 46.55 -52.18
CA MSE K 489 -11.51 45.57 -53.05
C MSE K 489 -12.45 46.22 -54.06
O MSE K 489 -12.45 45.84 -55.24
CB MSE K 489 -12.28 44.56 -52.21
CG MSE K 489 -12.77 43.35 -52.94
SE MSE K 489 -14.52 42.82 -52.25
CE MSE K 489 -14.18 42.92 -50.33
N LEU K 490 -13.23 47.20 -53.62
CA LEU K 490 -14.11 47.95 -54.51
C LEU K 490 -13.33 48.94 -55.38
N ALA K 491 -12.19 49.40 -54.88
CA ALA K 491 -11.33 50.31 -55.62
C ALA K 491 -10.53 49.59 -56.71
N ALA K 492 -10.21 48.32 -56.48
CA ALA K 492 -9.45 47.52 -57.44
C ALA K 492 -10.35 46.77 -58.42
N GLN K 493 -11.65 46.76 -58.13
CA GLN K 493 -12.64 46.22 -59.05
C GLN K 493 -12.94 47.26 -60.13
N ARG K 494 -13.25 48.48 -59.68
CA ARG K 494 -13.51 49.61 -60.58
C ARG K 494 -12.25 50.04 -61.33
N ASN K 495 -11.09 50.00 -60.66
CA ASN K 495 -9.81 50.30 -61.29
C ASN K 495 -9.35 49.15 -62.19
N GLY K 496 -10.19 48.11 -62.26
CA GLY K 496 -10.01 47.03 -63.23
C GLY K 496 -10.80 47.32 -64.48
N GLU K 497 -11.95 47.99 -64.29
CA GLU K 497 -12.82 48.42 -65.39
C GLU K 497 -12.16 49.48 -66.28
N ILE K 498 -11.30 50.29 -65.69
CA ILE K 498 -10.53 51.31 -66.42
C ILE K 498 -9.50 50.68 -67.36
N ILE K 499 -8.83 49.62 -66.89
CA ILE K 499 -7.88 48.88 -67.72
C ILE K 499 -8.61 47.93 -68.68
N LYS K 500 -9.88 47.65 -68.38
CA LYS K 500 -10.72 46.79 -69.24
C LYS K 500 -11.14 47.49 -70.54
N GLU K 501 -11.06 48.82 -70.56
CA GLU K 501 -11.33 49.61 -71.76
C GLU K 501 -10.09 49.79 -72.64
N ALA K 502 -8.95 49.28 -72.18
CA ALA K 502 -7.70 49.32 -72.95
C ALA K 502 -6.82 48.12 -72.63
N LEU K 514 4.56 49.88 -65.53
CA LEU K 514 4.00 51.07 -64.89
C LEU K 514 3.56 50.75 -63.47
N ASP K 515 4.27 51.33 -62.50
CA ASP K 515 4.01 51.04 -61.09
C ASP K 515 2.99 52.01 -60.46
N VAL K 516 1.80 51.49 -60.22
CA VAL K 516 0.74 52.20 -59.50
C VAL K 516 0.09 51.24 -58.50
N ASP K 517 -0.27 51.74 -57.33
CA ASP K 517 -0.95 50.93 -56.32
C ASP K 517 -2.37 50.59 -56.77
N TYR K 518 -2.61 49.29 -56.95
CA TYR K 518 -3.89 48.78 -57.48
C TYR K 518 -5.07 49.00 -56.53
N ARG K 519 -4.77 49.29 -55.27
CA ARG K 519 -5.80 49.49 -54.24
C ARG K 519 -6.40 50.89 -54.27
N PHE K 520 -5.87 51.73 -55.14
CA PHE K 520 -6.32 53.12 -55.28
C PHE K 520 -6.51 53.50 -56.75
N ASP K 521 -7.67 54.10 -57.06
CA ASP K 521 -8.06 54.46 -58.43
C ASP K 521 -7.01 55.32 -59.13
N ASP K 524 -6.04 60.10 -62.21
CA ASP K 524 -6.11 60.75 -63.51
C ASP K 524 -4.73 61.11 -64.09
N GLU K 525 -3.85 61.63 -63.23
CA GLU K 525 -2.54 62.15 -63.67
C GLU K 525 -1.66 61.12 -64.35
N ILE K 526 -1.05 60.22 -63.57
CA ILE K 526 -0.26 59.12 -64.11
C ILE K 526 -1.17 57.90 -64.36
N LYS K 527 -2.48 58.12 -64.27
CA LYS K 527 -3.49 57.08 -64.51
C LYS K 527 -3.98 57.11 -65.97
N GLU K 528 -4.43 58.28 -66.42
CA GLU K 528 -4.83 58.47 -67.82
C GLU K 528 -3.61 58.52 -68.76
N LYS K 529 -2.42 58.62 -68.16
CA LYS K 529 -1.15 58.59 -68.89
C LYS K 529 -0.95 57.29 -69.68
N ILE K 530 -1.76 56.28 -69.37
CA ILE K 530 -1.65 54.98 -70.03
C ILE K 530 -2.89 54.69 -70.90
N LYS K 531 -2.84 55.17 -72.14
CA LYS K 531 -3.89 54.92 -73.12
C LYS K 531 -3.56 53.65 -73.92
N LYS K 532 -2.27 53.45 -74.19
CA LYS K 532 -1.76 52.24 -74.85
C LYS K 532 -0.23 52.18 -74.68
N LEU K 533 0.24 52.46 -73.46
CA LEU K 533 1.68 52.55 -73.16
C LEU K 533 2.50 51.41 -73.75
N SER K 534 2.01 50.18 -73.57
CA SER K 534 2.60 48.99 -74.17
C SER K 534 1.49 48.04 -74.63
N ALA K 535 1.88 46.96 -75.29
CA ALA K 535 0.94 45.96 -75.78
C ALA K 535 0.66 44.86 -74.73
N LYS K 536 1.73 44.29 -74.19
CA LYS K 536 1.63 43.25 -73.15
C LYS K 536 1.70 43.84 -71.74
N SER K 537 1.16 45.05 -71.57
CA SER K 537 1.15 45.73 -70.27
C SER K 537 -0.22 46.33 -69.96
N LEU K 538 -0.98 46.66 -70.99
CA LEU K 538 -2.34 47.18 -70.82
C LEU K 538 -3.34 46.06 -70.53
N ASN K 539 -2.80 44.89 -70.19
CA ASN K 539 -3.57 43.75 -69.70
C ASN K 539 -2.86 42.99 -68.58
N GLU K 540 -1.54 43.19 -68.49
CA GLU K 540 -0.72 42.58 -67.43
C GLU K 540 -0.77 43.43 -66.16
N MSE K 541 -1.39 44.60 -66.26
CA MSE K 541 -1.69 45.45 -65.11
C MSE K 541 -3.08 45.13 -64.56
O MSE K 541 -3.41 45.51 -63.44
CB MSE K 541 -1.58 46.93 -65.45
CG MSE K 541 -0.14 47.46 -65.48
SE MSE K 541 -0.01 49.41 -65.29
CE MSE K 541 -0.80 49.61 -63.51
N LEU K 542 -3.89 44.47 -65.38
CA LEU K 542 -5.20 43.97 -64.96
C LEU K 542 -5.04 42.69 -64.13
N PHE K 543 -4.08 41.86 -64.51
CA PHE K 543 -3.73 40.66 -63.75
C PHE K 543 -3.06 41.03 -62.42
N ARG K 544 -2.31 42.12 -62.42
CA ARG K 544 -1.71 42.68 -61.21
C ARG K 544 -2.78 43.22 -60.25
N ALA K 545 -3.83 43.82 -60.83
CA ALA K 545 -4.95 44.39 -60.06
C ALA K 545 -6.01 43.36 -59.67
N GLN K 546 -6.09 42.27 -60.44
CA GLN K 546 -7.00 41.15 -60.13
C GLN K 546 -6.50 40.38 -58.90
N ARG K 547 -5.20 40.07 -58.90
CA ARG K 547 -4.55 39.44 -57.76
C ARG K 547 -4.56 40.35 -56.52
N THR K 548 -4.95 41.61 -56.73
CA THR K 548 -5.08 42.58 -55.64
C THR K 548 -6.50 42.56 -55.05
N GLU K 549 -7.50 42.57 -55.93
CA GLU K 549 -8.91 42.59 -55.49
C GLU K 549 -9.41 41.25 -54.93
N VAL K 550 -8.73 40.16 -55.30
CA VAL K 550 -9.00 38.85 -54.74
C VAL K 550 -8.43 38.79 -53.32
N ALA K 551 -7.25 39.38 -53.13
CA ALA K 551 -6.64 39.54 -51.83
C ALA K 551 -7.47 40.47 -50.92
N GLY K 552 -8.15 41.42 -51.53
CA GLY K 552 -9.03 42.34 -50.81
C GLY K 552 -10.28 41.65 -50.30
N MSE K 553 -10.86 40.77 -51.13
CA MSE K 553 -12.05 39.99 -50.76
C MSE K 553 -11.74 39.04 -49.61
O MSE K 553 -12.52 38.90 -48.66
CB MSE K 553 -12.55 39.20 -51.99
CG MSE K 553 -13.81 38.37 -51.74
SE MSE K 553 -15.46 39.44 -51.71
CE MSE K 553 -15.70 39.63 -53.65
N THR K 554 -10.58 38.39 -49.72
CA THR K 554 -10.13 37.40 -48.76
C THR K 554 -9.93 38.03 -47.38
N ALA K 555 -9.20 39.14 -47.34
CA ALA K 555 -9.01 39.90 -46.10
C ALA K 555 -10.32 40.39 -45.49
N GLN K 556 -11.23 40.84 -46.34
CA GLN K 556 -12.53 41.35 -45.90
C GLN K 556 -13.42 40.25 -45.33
N ILE K 557 -13.55 39.14 -46.04
CA ILE K 557 -14.30 37.99 -45.53
C ILE K 557 -13.77 37.52 -44.18
N ASN K 558 -12.45 37.34 -44.08
CA ASN K 558 -11.79 36.97 -42.83
C ASN K 558 -12.18 37.85 -41.65
N ARG K 559 -12.22 39.15 -41.89
CA ARG K 559 -12.59 40.12 -40.86
C ARG K 559 -14.06 39.98 -40.47
N LYS K 560 -14.92 39.73 -41.45
CA LYS K 560 -16.34 39.43 -41.17
C LYS K 560 -16.43 38.18 -40.30
N LEU K 561 -15.71 37.13 -40.71
CA LEU K 561 -15.71 35.85 -40.00
C LEU K 561 -15.23 35.97 -38.55
N LEU K 562 -14.23 36.82 -38.34
CA LEU K 562 -13.72 37.13 -37.01
C LEU K 562 -14.78 37.85 -36.18
N ILE K 563 -15.26 38.98 -36.70
CA ILE K 563 -16.31 39.73 -36.03
C ILE K 563 -17.39 38.76 -35.53
N ASN K 564 -17.88 37.91 -36.44
CA ASN K 564 -18.99 37.01 -36.10
C ASN K 564 -18.62 35.87 -35.17
N SER K 565 -17.35 35.48 -35.15
CA SER K 565 -16.93 34.38 -34.28
C SER K 565 -16.61 34.84 -32.86
N LEU K 566 -16.30 36.12 -32.70
CA LEU K 566 -15.88 36.68 -31.40
C LEU K 566 -16.80 36.32 -30.25
N TYR K 567 -18.10 36.54 -30.42
CA TYR K 567 -19.05 36.29 -29.33
C TYR K 567 -19.03 34.83 -28.92
N GLY K 568 -18.89 33.94 -29.91
CA GLY K 568 -18.84 32.50 -29.67
C GLY K 568 -17.74 32.12 -28.71
N ALA K 569 -16.59 32.76 -28.87
CA ALA K 569 -15.47 32.57 -27.98
C ALA K 569 -15.74 33.14 -26.58
N LEU K 570 -16.30 34.36 -26.54
CA LEU K 570 -16.62 35.02 -25.26
C LEU K 570 -17.66 34.23 -24.45
N GLY K 571 -18.38 33.35 -25.13
CA GLY K 571 -19.31 32.44 -24.47
C GLY K 571 -18.72 31.07 -24.21
N ASN K 572 -17.44 30.90 -24.50
CA ASN K 572 -16.76 29.62 -24.30
C ASN K 572 -15.84 29.68 -23.08
N VAL K 573 -16.02 28.74 -22.16
CA VAL K 573 -15.29 28.71 -20.87
C VAL K 573 -13.75 28.53 -20.98
N TRP K 574 -13.31 27.99 -22.13
CA TRP K 574 -11.89 27.83 -22.41
C TRP K 574 -11.25 29.11 -22.94
N PHE K 575 -12.08 30.10 -23.24
CA PHE K 575 -11.59 31.35 -23.80
C PHE K 575 -11.00 32.23 -22.72
N ARG K 576 -9.75 32.61 -22.91
CA ARG K 576 -8.99 33.42 -21.97
C ARG K 576 -9.77 34.62 -21.41
N TYR K 577 -10.76 35.11 -22.15
CA TYR K 577 -11.49 36.30 -21.73
C TYR K 577 -12.96 36.05 -21.42
N TYR K 578 -13.30 34.78 -21.23
CA TYR K 578 -14.64 34.40 -20.83
C TYR K 578 -15.02 35.05 -19.51
N ASP K 579 -16.25 35.54 -19.44
CA ASP K 579 -16.87 35.99 -18.18
C ASP K 579 -18.37 35.80 -18.30
N LEU K 580 -18.91 34.84 -17.54
CA LEU K 580 -20.32 34.54 -17.57
C LEU K 580 -21.17 35.78 -17.34
N ARG K 581 -20.64 36.72 -16.56
CA ARG K 581 -21.32 37.98 -16.29
C ARG K 581 -21.27 38.89 -17.52
N ASN K 582 -20.11 38.99 -18.15
CA ASN K 582 -19.96 39.70 -19.43
C ASN K 582 -20.80 39.06 -20.52
N ALA K 583 -20.85 37.72 -20.52
CA ALA K 583 -21.64 36.98 -21.50
C ALA K 583 -23.12 37.36 -21.40
N THR K 584 -23.65 37.30 -20.18
CA THR K 584 -25.05 37.61 -19.91
C THR K 584 -25.36 39.09 -20.14
N ALA K 585 -24.35 39.93 -19.97
CA ALA K 585 -24.48 41.36 -20.24
C ALA K 585 -24.85 41.58 -21.69
N ILE K 586 -24.13 40.89 -22.58
CA ILE K 586 -24.29 41.06 -24.02
C ILE K 586 -25.69 40.67 -24.47
N THR K 587 -26.10 39.44 -24.15
CA THR K 587 -27.38 38.91 -24.64
C THR K 587 -28.56 39.65 -24.05
N THR K 588 -28.48 40.00 -22.77
CA THR K 588 -29.57 40.72 -22.15
C THR K 588 -29.66 42.16 -22.67
N PHE K 589 -28.54 42.80 -22.90
CA PHE K 589 -28.57 44.10 -23.56
C PHE K 589 -29.29 44.01 -24.90
N GLY K 590 -29.10 42.90 -25.61
CA GLY K 590 -29.75 42.67 -26.89
C GLY K 590 -31.22 42.35 -26.78
N GLN K 591 -31.58 41.53 -25.79
CA GLN K 591 -32.97 41.26 -25.49
C GLN K 591 -33.72 42.54 -25.20
N MSE K 592 -33.10 43.41 -24.41
CA MSE K 592 -33.67 44.70 -24.07
C MSE K 592 -33.86 45.54 -25.32
O MSE K 592 -34.95 46.04 -25.58
CB MSE K 592 -32.78 45.46 -23.08
CG MSE K 592 -33.46 46.67 -22.39
SE MSE K 592 -32.23 47.93 -21.48
CE MSE K 592 -31.26 48.60 -23.04
N ALA K 593 -32.81 45.62 -26.12
CA ALA K 593 -32.75 46.53 -27.27
C ALA K 593 -33.74 46.19 -28.38
N LEU K 594 -33.99 44.90 -28.58
CA LEU K 594 -34.91 44.48 -29.62
C LEU K 594 -36.34 44.77 -29.21
N GLN K 595 -36.64 44.65 -27.92
CA GLN K 595 -37.96 44.93 -27.38
C GLN K 595 -38.19 46.41 -27.15
N TRP K 596 -37.10 47.15 -26.99
CA TRP K 596 -37.14 48.60 -26.84
C TRP K 596 -37.59 49.23 -28.15
N ILE K 597 -36.91 48.86 -29.24
CA ILE K 597 -37.21 49.44 -30.54
C ILE K 597 -38.50 48.88 -31.13
N GLU K 598 -38.98 47.77 -30.59
CA GLU K 598 -40.30 47.25 -30.96
C GLU K 598 -41.37 48.21 -30.44
N ARG K 599 -41.22 48.57 -29.18
CA ARG K 599 -42.08 49.57 -28.52
C ARG K 599 -41.96 50.91 -29.22
N LYS K 600 -40.73 51.34 -29.51
CA LYS K 600 -40.50 52.62 -30.18
C LYS K 600 -41.11 52.70 -31.58
N VAL K 601 -41.04 51.60 -32.33
CA VAL K 601 -41.62 51.54 -33.67
C VAL K 601 -43.15 51.47 -33.59
N ASN K 602 -43.65 50.64 -32.67
CA ASN K 602 -45.10 50.54 -32.41
C ASN K 602 -45.70 51.89 -32.00
N GLU K 603 -44.93 52.70 -31.27
CA GLU K 603 -45.37 54.01 -30.83
C GLU K 603 -45.39 54.97 -32.01
N TYR K 604 -44.29 55.04 -32.75
CA TYR K 604 -44.17 55.96 -33.87
C TYR K 604 -45.14 55.65 -34.99
N LEU K 605 -45.44 54.37 -35.21
CA LEU K 605 -46.33 54.02 -36.30
C LEU K 605 -47.80 54.17 -35.95
N ASN K 606 -48.11 54.06 -34.66
CA ASN K 606 -49.44 54.39 -34.18
C ASN K 606 -49.69 55.88 -34.28
N GLU K 607 -48.60 56.64 -34.15
CA GLU K 607 -48.63 58.09 -34.22
C GLU K 607 -48.86 58.59 -35.64
N VAL K 608 -48.19 57.97 -36.63
CA VAL K 608 -48.38 58.40 -38.03
C VAL K 608 -49.48 57.63 -38.78
N CYS K 609 -50.43 57.07 -38.01
CA CYS K 609 -51.56 56.34 -38.57
C CYS K 609 -52.83 56.66 -37.78
N GLY K 610 -52.72 57.61 -36.85
CA GLY K 610 -53.82 58.02 -36.00
C GLY K 610 -54.51 56.88 -35.27
N THR K 611 -53.83 55.73 -35.21
CA THR K 611 -54.32 54.55 -34.48
C THR K 611 -53.82 54.53 -33.04
N GLU K 612 -54.35 53.60 -32.25
CA GLU K 612 -53.82 53.33 -30.92
C GLU K 612 -53.94 51.86 -30.50
N GLY K 613 -52.86 51.34 -29.90
CA GLY K 613 -52.81 49.95 -29.45
C GLY K 613 -52.62 48.94 -30.57
N GLU K 614 -52.33 49.43 -31.77
CA GLU K 614 -52.05 48.56 -32.90
C GLU K 614 -50.62 48.04 -32.87
N ALA K 615 -50.50 46.71 -32.93
CA ALA K 615 -49.21 46.01 -32.97
C ALA K 615 -48.66 46.04 -34.38
N PHE K 616 -47.68 46.90 -34.62
CA PHE K 616 -47.10 47.03 -35.94
C PHE K 616 -46.00 46.02 -36.18
N VAL K 617 -45.10 45.91 -35.19
CA VAL K 617 -44.05 44.89 -35.20
C VAL K 617 -44.66 43.50 -35.01
N LEU K 618 -44.56 42.67 -36.04
CA LEU K 618 -45.23 41.38 -36.03
C LEU K 618 -44.33 40.25 -35.53
N TYR K 619 -43.01 40.44 -35.65
CA TYR K 619 -42.06 39.40 -35.30
C TYR K 619 -40.65 39.93 -35.08
N GLY K 620 -39.99 39.39 -34.07
CA GLY K 620 -38.64 39.80 -33.73
C GLY K 620 -37.79 38.62 -33.31
N ASP K 621 -36.56 38.58 -33.81
CA ASP K 621 -35.69 37.44 -33.63
C ASP K 621 -34.26 37.95 -33.47
N THR K 622 -33.74 37.82 -32.26
CA THR K 622 -32.42 38.32 -31.86
C THR K 622 -32.09 39.78 -32.24
N ASP K 623 -31.94 40.04 -33.54
CA ASP K 623 -31.55 41.36 -34.02
C ASP K 623 -32.50 41.91 -35.09
N SER K 624 -33.59 41.19 -35.33
CA SER K 624 -34.45 41.45 -36.49
C SER K 624 -35.84 41.89 -36.10
N ILE K 625 -36.35 42.88 -36.81
CA ILE K 625 -37.71 43.35 -36.58
C ILE K 625 -38.50 43.30 -37.86
N TYR K 626 -39.77 42.92 -37.76
CA TYR K 626 -40.62 42.73 -38.91
C TYR K 626 -41.90 43.52 -38.72
N VAL K 627 -41.99 44.63 -39.46
CA VAL K 627 -43.08 45.58 -39.30
C VAL K 627 -44.14 45.35 -40.37
N SER K 628 -45.40 45.35 -39.97
CA SER K 628 -46.50 45.31 -40.90
C SER K 628 -46.71 46.67 -41.55
N ALA K 629 -46.78 46.71 -42.87
CA ALA K 629 -46.94 47.98 -43.58
C ALA K 629 -48.34 48.12 -44.19
N ASP K 630 -49.25 47.24 -43.80
CA ASP K 630 -50.62 47.30 -44.30
C ASP K 630 -51.25 48.69 -44.13
N LYS K 631 -51.21 49.22 -42.91
CA LYS K 631 -51.80 50.53 -42.60
C LYS K 631 -51.09 51.65 -43.32
N ILE K 632 -49.79 51.45 -43.59
CA ILE K 632 -48.98 52.46 -44.25
C ILE K 632 -49.34 52.49 -45.72
N ILE K 633 -49.59 51.30 -46.28
CA ILE K 633 -50.03 51.19 -47.65
C ILE K 633 -51.45 51.73 -47.76
N ASP K 634 -52.29 51.33 -46.81
CA ASP K 634 -53.71 51.70 -46.81
C ASP K 634 -54.00 53.18 -46.56
N LYS K 635 -53.13 53.87 -45.82
CA LYS K 635 -53.33 55.30 -45.60
C LYS K 635 -53.13 56.05 -46.90
N VAL K 636 -52.21 55.56 -47.72
CA VAL K 636 -51.98 56.08 -49.04
C VAL K 636 -53.12 55.58 -49.92
N GLY K 637 -53.41 54.28 -49.83
CA GLY K 637 -54.39 53.63 -50.70
C GLY K 637 -53.70 52.97 -51.87
N GLU K 638 -54.04 51.70 -52.13
CA GLU K 638 -53.41 50.92 -53.19
C GLU K 638 -53.67 51.48 -54.57
N SER K 639 -54.83 52.11 -54.73
CA SER K 639 -55.20 52.73 -55.99
C SER K 639 -54.24 53.83 -56.43
N LYS K 640 -53.53 54.43 -55.47
CA LYS K 640 -52.50 55.42 -55.78
C LYS K 640 -51.29 54.85 -56.56
N PHE K 641 -51.19 53.53 -56.64
CA PHE K 641 -49.98 52.88 -57.17
C PHE K 641 -50.16 52.30 -58.57
N ARG K 642 -49.23 52.64 -59.46
CA ARG K 642 -49.26 52.18 -60.85
C ARG K 642 -48.90 50.69 -60.99
N ASP K 643 -47.70 50.34 -60.55
CA ASP K 643 -47.18 49.01 -60.58
C ASP K 643 -46.63 48.70 -59.20
N THR K 644 -46.25 47.43 -58.98
CA THR K 644 -45.68 47.02 -57.70
C THR K 644 -44.51 47.92 -57.32
N ASN K 645 -43.66 48.20 -58.30
CA ASN K 645 -42.43 48.93 -58.06
C ASN K 645 -42.65 50.31 -57.44
N HIS K 646 -43.85 50.86 -57.65
CA HIS K 646 -44.23 52.13 -57.05
C HIS K 646 -44.40 52.05 -55.54
N TRP K 647 -45.20 51.10 -55.05
CA TRP K 647 -45.35 50.93 -53.60
C TRP K 647 -44.07 50.47 -52.91
N VAL K 648 -43.20 49.81 -53.65
CA VAL K 648 -41.91 49.40 -53.11
C VAL K 648 -41.04 50.66 -52.92
N ASP K 649 -41.04 51.53 -53.92
CA ASP K 649 -40.36 52.82 -53.84
C ASP K 649 -40.92 53.68 -52.71
N PHE K 650 -42.24 53.67 -52.57
CA PHE K 650 -42.88 54.40 -51.49
C PHE K 650 -42.47 53.87 -50.12
N LEU K 651 -42.46 52.56 -49.98
CA LEU K 651 -42.09 51.96 -48.70
C LEU K 651 -40.62 52.15 -48.39
N ASP K 652 -39.78 52.03 -49.41
CA ASP K 652 -38.36 52.35 -49.29
C ASP K 652 -38.23 53.76 -48.76
N LYS K 653 -38.73 54.74 -49.53
CA LYS K 653 -38.68 56.17 -49.18
C LYS K 653 -39.22 56.44 -47.78
N PHE K 654 -40.34 55.79 -47.44
CA PHE K 654 -40.91 55.92 -46.11
C PHE K 654 -39.91 55.48 -45.06
N ALA K 655 -39.34 54.30 -45.23
CA ALA K 655 -38.46 53.72 -44.22
C ALA K 655 -37.21 54.56 -43.91
N ARG K 656 -36.57 55.10 -44.94
CA ARG K 656 -35.31 55.83 -44.72
C ARG K 656 -35.51 57.25 -44.20
N GLU K 657 -36.48 57.96 -44.77
CA GLU K 657 -36.71 59.37 -44.43
C GLU K 657 -37.58 59.55 -43.20
N ARG K 658 -38.29 58.50 -42.82
CA ARG K 658 -39.34 58.61 -41.82
C ARG K 658 -39.08 57.70 -40.64
N MSE K 659 -38.73 56.44 -40.91
CA MSE K 659 -38.66 55.41 -39.90
C MSE K 659 -37.31 55.31 -39.24
O MSE K 659 -37.22 55.25 -38.02
CB MSE K 659 -38.99 54.05 -40.49
CG MSE K 659 -40.41 53.93 -40.90
SE MSE K 659 -41.02 52.23 -40.25
CE MSE K 659 -40.83 52.58 -38.32
N GLU K 660 -36.27 55.27 -40.06
CA GLU K 660 -34.92 55.17 -39.56
C GLU K 660 -34.60 56.29 -38.56
N PRO K 661 -34.89 57.57 -38.91
CA PRO K 661 -34.68 58.64 -37.93
C PRO K 661 -35.51 58.47 -36.65
N ALA K 662 -36.69 57.88 -36.76
CA ALA K 662 -37.48 57.57 -35.56
C ALA K 662 -36.82 56.47 -34.74
N ILE K 663 -36.15 55.55 -35.45
CA ILE K 663 -35.44 54.42 -34.85
C ILE K 663 -34.12 54.88 -34.19
N ASP K 664 -33.31 55.64 -34.93
CA ASP K 664 -32.03 56.15 -34.42
C ASP K 664 -32.24 57.11 -33.26
N ARG K 665 -33.28 57.94 -33.37
CA ARG K 665 -33.76 58.80 -32.29
C ARG K 665 -34.13 57.95 -31.06
N GLY K 666 -34.70 56.76 -31.30
CA GLY K 666 -35.17 55.89 -30.23
C GLY K 666 -34.09 55.13 -29.48
N PHE K 667 -32.98 54.87 -30.18
CA PHE K 667 -31.86 54.14 -29.59
C PHE K 667 -30.95 55.07 -28.80
N ARG K 668 -30.85 56.31 -29.27
CA ARG K 668 -30.08 57.36 -28.57
C ARG K 668 -30.65 57.65 -27.18
N GLU K 669 -31.98 57.62 -27.06
CA GLU K 669 -32.63 57.71 -25.76
C GLU K 669 -32.22 56.51 -24.89
N MSE K 670 -32.10 55.35 -25.51
CA MSE K 670 -31.78 54.12 -24.79
C MSE K 670 -30.31 54.11 -24.40
O MSE K 670 -29.95 53.63 -23.32
CB MSE K 670 -32.11 52.90 -25.63
CG MSE K 670 -32.21 51.62 -24.83
SE MSE K 670 -31.86 50.03 -25.92
CE MSE K 670 -30.12 50.51 -26.69
N CYS K 671 -29.47 54.64 -25.28
CA CYS K 671 -28.05 54.80 -25.01
C CYS K 671 -27.83 55.65 -23.75
N GLU K 672 -28.60 56.74 -23.65
CA GLU K 672 -28.51 57.64 -22.50
C GLU K 672 -29.08 56.95 -21.28
N TYR K 673 -30.16 56.20 -21.48
CA TYR K 673 -30.81 55.44 -20.43
C TYR K 673 -29.86 54.45 -19.77
N MSE K 674 -29.03 53.77 -20.56
CA MSE K 674 -27.97 52.91 -19.99
C MSE K 674 -26.64 53.65 -19.78
O MSE K 674 -25.66 53.06 -19.33
CB MSE K 674 -27.73 51.66 -20.84
CG MSE K 674 -28.90 50.69 -20.97
SE MSE K 674 -29.81 50.17 -19.34
CE MSE K 674 -28.41 49.32 -18.35
N ASN K 675 -26.62 54.94 -20.12
CA ASN K 675 -25.42 55.78 -20.00
C ASN K 675 -24.21 55.16 -20.73
N ASN K 676 -24.50 54.54 -21.88
CA ASN K 676 -23.48 53.78 -22.59
C ASN K 676 -22.41 54.63 -23.22
N LYS K 677 -21.25 54.01 -23.45
CA LYS K 677 -20.06 54.70 -23.89
C LYS K 677 -20.24 55.31 -25.28
N GLN K 678 -20.91 54.59 -26.17
CA GLN K 678 -21.08 55.06 -27.54
C GLN K 678 -22.32 54.46 -28.16
N HIS K 679 -23.07 55.29 -28.89
CA HIS K 679 -24.25 54.86 -29.62
C HIS K 679 -23.88 54.12 -30.92
N LEU K 680 -24.10 52.81 -30.92
CA LEU K 680 -23.78 51.94 -32.06
C LEU K 680 -24.88 50.90 -32.35
N MSE K 681 -26.11 51.24 -31.96
CA MSE K 681 -27.30 50.45 -32.33
C MSE K 681 -27.85 50.98 -33.64
O MSE K 681 -28.85 51.70 -33.67
CB MSE K 681 -28.37 50.52 -31.25
CG MSE K 681 -27.94 50.02 -29.89
SE MSE K 681 -27.34 48.17 -29.96
CE MSE K 681 -29.07 47.32 -29.76
N PHE K 682 -27.19 50.64 -34.74
CA PHE K 682 -27.65 51.10 -36.04
C PHE K 682 -28.45 49.99 -36.68
N MSE K 683 -29.70 50.32 -36.94
CA MSE K 683 -30.64 49.41 -37.54
C MSE K 683 -30.74 49.75 -39.03
O MSE K 683 -30.68 50.93 -39.41
CB MSE K 683 -31.98 49.53 -36.83
CG MSE K 683 -32.99 48.46 -37.14
SE MSE K 683 -34.04 48.00 -35.54
CE MSE K 683 -33.49 46.12 -35.41
N ASP K 684 -30.88 48.73 -39.87
CA ASP K 684 -30.92 48.89 -41.32
C ASP K 684 -32.13 48.19 -41.89
N ARG K 685 -32.74 48.82 -42.89
CA ARG K 685 -33.88 48.25 -43.56
C ARG K 685 -33.38 47.08 -44.39
N GLU K 686 -33.95 45.91 -44.15
CA GLU K 686 -33.61 44.74 -44.94
C GLU K 686 -34.59 44.59 -46.06
N ALA K 687 -35.68 43.87 -45.80
CA ALA K 687 -36.60 43.46 -46.84
C ALA K 687 -37.82 44.36 -46.95
N ILE K 688 -38.30 44.52 -48.19
CA ILE K 688 -39.63 45.03 -48.47
C ILE K 688 -40.36 43.90 -49.16
N ALA K 689 -41.44 43.43 -48.55
CA ALA K 689 -42.18 42.31 -49.08
C ALA K 689 -43.68 42.57 -49.20
N GLY K 690 -44.29 41.96 -50.21
CA GLY K 690 -45.72 41.99 -50.38
C GLY K 690 -46.14 41.29 -51.64
N PRO K 691 -47.46 41.27 -51.93
CA PRO K 691 -47.96 40.62 -53.13
C PRO K 691 -47.70 41.47 -54.35
N PRO K 692 -47.61 40.86 -55.53
CA PRO K 692 -47.61 41.64 -56.77
C PRO K 692 -48.86 42.51 -56.81
N LEU K 693 -48.71 43.78 -57.18
CA LEU K 693 -49.85 44.69 -57.22
C LEU K 693 -50.89 44.22 -58.21
N GLY K 694 -52.11 44.02 -57.73
CA GLY K 694 -53.20 43.54 -58.56
C GLY K 694 -53.50 42.06 -58.37
N SER K 695 -52.62 41.37 -57.65
CA SER K 695 -52.71 39.91 -57.48
C SER K 695 -53.54 39.46 -56.28
N LYS K 696 -53.83 38.17 -56.25
CA LYS K 696 -54.50 37.52 -55.13
C LYS K 696 -53.50 36.85 -54.20
N GLY K 697 -52.22 37.19 -54.35
CA GLY K 697 -51.17 36.66 -53.49
C GLY K 697 -51.30 37.21 -52.08
N ILE K 698 -51.00 36.38 -51.09
CA ILE K 698 -51.05 36.83 -49.71
C ILE K 698 -49.83 37.60 -49.23
N GLY K 699 -48.80 37.68 -50.07
CA GLY K 699 -47.60 38.44 -49.75
C GLY K 699 -46.59 37.73 -48.84
N GLY K 700 -47.06 37.31 -47.67
CA GLY K 700 -46.17 36.64 -46.70
C GLY K 700 -46.94 35.95 -45.60
N PHE K 701 -46.30 34.98 -44.94
CA PHE K 701 -46.92 34.34 -43.76
C PHE K 701 -45.92 33.95 -42.67
N TRP K 702 -46.44 33.75 -41.47
CA TRP K 702 -45.69 33.21 -40.34
C TRP K 702 -46.44 31.99 -39.82
N THR K 703 -45.74 30.90 -39.52
CA THR K 703 -46.42 29.76 -38.93
C THR K 703 -46.15 29.71 -37.42
N GLY K 704 -45.02 30.28 -37.02
CA GLY K 704 -44.60 30.24 -35.64
C GLY K 704 -43.22 30.83 -35.57
N LYS K 705 -42.53 30.66 -34.44
CA LYS K 705 -41.19 31.18 -34.31
C LYS K 705 -40.28 30.60 -35.38
N LYS K 706 -39.36 31.44 -35.87
CA LYS K 706 -38.30 31.02 -36.79
C LYS K 706 -38.80 30.47 -38.11
N ARG K 707 -40.09 30.60 -38.37
CA ARG K 707 -40.70 29.92 -39.51
C ARG K 707 -41.65 30.82 -40.27
N TYR K 708 -41.25 31.16 -41.49
CA TYR K 708 -42.01 32.10 -42.28
C TYR K 708 -41.50 32.24 -43.69
N ALA K 709 -42.31 32.85 -44.55
CA ALA K 709 -41.96 33.13 -45.93
C ALA K 709 -42.34 34.56 -46.30
N LEU K 710 -41.54 35.19 -47.16
CA LEU K 710 -41.79 36.58 -47.57
C LEU K 710 -41.48 36.78 -49.06
N ASN K 711 -42.38 37.46 -49.76
CA ASN K 711 -42.15 37.82 -51.15
C ASN K 711 -41.38 39.15 -51.26
N VAL K 712 -40.06 39.06 -51.19
CA VAL K 712 -39.20 40.24 -51.15
C VAL K 712 -38.93 40.81 -52.53
N TRP K 713 -39.18 42.12 -52.65
CA TRP K 713 -38.97 42.88 -53.87
C TRP K 713 -37.67 43.67 -53.82
N ASP K 714 -37.21 43.94 -52.60
CA ASP K 714 -36.04 44.77 -52.37
C ASP K 714 -35.32 44.36 -51.08
N MSE K 715 -34.05 44.00 -51.21
CA MSE K 715 -33.22 43.78 -50.02
C MSE K 715 -32.16 44.88 -49.96
O MSE K 715 -31.39 45.06 -50.91
CB MSE K 715 -32.55 42.40 -50.06
CG MSE K 715 -31.79 42.01 -48.78
SE MSE K 715 -32.95 41.57 -47.24
CE MSE K 715 -33.85 39.97 -47.95
N GLU K 716 -32.14 45.60 -48.85
CA GLU K 716 -31.08 46.55 -48.54
C GLU K 716 -30.74 47.56 -49.63
N GLY K 717 -31.73 47.89 -50.47
CA GLY K 717 -31.51 48.81 -51.56
C GLY K 717 -31.48 48.12 -52.91
N THR K 718 -31.07 46.86 -52.94
CA THR K 718 -31.09 46.07 -54.17
C THR K 718 -32.53 45.78 -54.59
N ARG K 719 -32.86 46.14 -55.82
CA ARG K 719 -34.21 45.99 -56.34
C ARG K 719 -34.25 44.88 -57.37
N TYR K 720 -34.79 43.74 -56.98
CA TYR K 720 -34.88 42.57 -57.86
C TYR K 720 -35.80 42.82 -59.04
N ALA K 721 -35.38 42.35 -60.22
CA ALA K 721 -36.21 42.48 -61.43
C ALA K 721 -37.37 41.49 -61.36
N GLU K 722 -37.20 40.48 -60.52
CA GLU K 722 -38.23 39.50 -60.24
C GLU K 722 -38.27 39.26 -58.73
N PRO K 723 -39.48 39.13 -58.15
CA PRO K 723 -39.59 38.95 -56.70
C PRO K 723 -38.83 37.70 -56.22
N LYS K 724 -38.14 37.84 -55.09
CA LYS K 724 -37.37 36.73 -54.56
C LYS K 724 -37.93 36.23 -53.24
N LEU K 725 -38.32 34.96 -53.22
CA LEU K 725 -38.79 34.31 -52.01
C LEU K 725 -37.73 34.36 -50.93
N LYS K 726 -38.14 34.74 -49.74
CA LYS K 726 -37.27 34.68 -48.57
C LYS K 726 -37.99 33.84 -47.55
N ILE K 727 -37.45 32.64 -47.32
CA ILE K 727 -38.05 31.66 -46.45
C ILE K 727 -37.07 31.26 -45.36
N MSE K 728 -37.49 31.42 -44.10
CA MSE K 728 -36.73 30.98 -42.95
C MSE K 728 -37.39 29.77 -42.28
O MSE K 728 -38.61 29.74 -42.11
CB MSE K 728 -36.62 32.08 -41.90
CG MSE K 728 -35.94 33.35 -42.37
SE MSE K 728 -34.15 33.11 -43.08
CE MSE K 728 -34.47 33.60 -44.96
N GLY K 729 -36.59 28.79 -41.89
CA GLY K 729 -37.06 27.66 -41.06
C GLY K 729 -37.91 26.58 -41.71
N LEU K 730 -38.68 26.94 -42.73
CA LEU K 730 -39.62 26.01 -43.35
C LEU K 730 -38.92 24.85 -44.05
N GLU K 731 -39.63 23.74 -44.23
CA GLU K 731 -38.97 22.48 -44.61
C GLU K 731 -38.35 22.57 -45.98
N THR K 732 -38.69 23.64 -46.67
CA THR K 732 -38.12 23.97 -47.96
C THR K 732 -36.63 24.31 -47.79
N GLN K 733 -36.24 24.56 -46.55
CA GLN K 733 -34.90 25.04 -46.20
C GLN K 733 -34.08 24.00 -45.46
N LYS K 734 -34.63 22.81 -45.26
CA LYS K 734 -33.95 21.78 -44.50
C LYS K 734 -33.42 20.67 -45.39
N SER K 735 -32.14 20.33 -45.20
CA SER K 735 -31.47 19.28 -45.92
C SER K 735 -32.14 17.93 -45.76
N SER K 736 -32.91 17.78 -44.67
CA SER K 736 -33.64 16.55 -44.42
C SER K 736 -34.83 16.39 -45.35
N THR K 737 -35.25 17.48 -45.99
CA THR K 737 -36.41 17.45 -46.88
C THR K 737 -35.99 16.98 -48.26
N PRO K 738 -36.71 16.00 -48.83
CA PRO K 738 -36.36 15.49 -50.18
C PRO K 738 -36.23 16.61 -51.22
N LYS K 739 -35.33 16.44 -52.18
CA LYS K 739 -35.01 17.52 -53.14
C LYS K 739 -36.20 17.99 -53.97
N ALA K 740 -37.00 17.06 -54.46
CA ALA K 740 -38.19 17.42 -55.23
C ALA K 740 -39.21 18.14 -54.33
N VAL K 741 -39.23 17.76 -53.06
CA VAL K 741 -40.19 18.29 -52.12
C VAL K 741 -39.86 19.73 -51.69
N GLN K 742 -38.58 20.08 -51.59
CA GLN K 742 -38.21 21.47 -51.37
C GLN K 742 -38.73 22.27 -52.55
N LYS K 743 -38.42 21.81 -53.76
CA LYS K 743 -38.84 22.51 -54.96
C LYS K 743 -40.35 22.66 -54.98
N ALA K 744 -41.06 21.60 -54.62
CA ALA K 744 -42.50 21.57 -54.69
C ALA K 744 -43.13 22.48 -53.64
N LEU K 745 -42.60 22.41 -52.43
CA LEU K 745 -43.07 23.25 -51.34
C LEU K 745 -42.80 24.72 -51.62
N LYS K 746 -41.64 24.99 -52.22
CA LYS K 746 -41.26 26.35 -52.60
C LYS K 746 -42.19 26.90 -53.69
N GLU K 747 -42.60 26.04 -54.63
CA GLU K 747 -43.55 26.46 -55.66
C GLU K 747 -44.87 26.77 -55.02
N CYS K 748 -45.30 25.90 -54.10
CA CYS K 748 -46.45 26.14 -53.26
C CYS K 748 -46.33 27.50 -52.57
N ILE K 749 -45.31 27.68 -51.73
CA ILE K 749 -45.08 28.99 -51.11
C ILE K 749 -45.17 30.12 -52.14
N ARG K 750 -44.46 30.00 -53.26
CA ARG K 750 -44.45 31.04 -54.28
C ARG K 750 -45.87 31.40 -54.68
N ARG K 751 -46.69 30.38 -54.93
CA ARG K 751 -48.06 30.60 -55.38
C ARG K 751 -48.91 31.23 -54.29
N MSE K 752 -48.74 30.74 -53.07
CA MSE K 752 -49.42 31.32 -51.93
C MSE K 752 -49.12 32.81 -51.94
O MSE K 752 -50.03 33.64 -51.96
CB MSE K 752 -48.93 30.68 -50.62
CG MSE K 752 -49.44 29.25 -50.34
SE MSE K 752 -48.84 28.53 -48.59
CE MSE K 752 -49.75 29.81 -47.43
N LEU K 753 -47.84 33.15 -51.99
CA LEU K 753 -47.40 34.52 -51.82
C LEU K 753 -47.69 35.43 -53.01
N GLN K 754 -47.61 34.89 -54.23
CA GLN K 754 -47.73 35.71 -55.43
C GLN K 754 -49.06 35.60 -56.21
N GLU K 755 -49.81 34.53 -55.98
CA GLU K 755 -50.91 34.22 -56.89
C GLU K 755 -52.24 33.82 -56.25
N GLY K 756 -52.19 33.43 -54.98
CA GLY K 756 -53.41 33.17 -54.24
C GLY K 756 -53.82 31.71 -54.17
N GLU K 757 -54.96 31.49 -53.53
CA GLU K 757 -55.47 30.18 -53.17
C GLU K 757 -55.65 29.26 -54.36
N GLU K 758 -56.26 29.77 -55.42
CA GLU K 758 -56.62 28.93 -56.56
C GLU K 758 -55.39 28.41 -57.31
N SER K 759 -54.40 29.28 -57.46
CA SER K 759 -53.12 28.91 -58.08
C SER K 759 -52.43 27.80 -57.30
N LEU K 760 -52.50 27.90 -55.97
CA LEU K 760 -51.92 26.95 -55.06
C LEU K 760 -52.62 25.60 -55.17
N GLN K 761 -53.94 25.64 -55.22
CA GLN K 761 -54.75 24.41 -55.32
C GLN K 761 -54.47 23.68 -56.63
N GLU K 762 -54.26 24.45 -57.71
CA GLU K 762 -53.88 23.89 -59.01
C GLU K 762 -52.59 23.10 -58.89
N TYR K 763 -51.52 23.74 -58.43
CA TYR K 763 -50.23 23.09 -58.35
C TYR K 763 -50.22 21.84 -57.44
N PHE K 764 -51.00 21.89 -56.36
CA PHE K 764 -51.10 20.75 -55.46
C PHE K 764 -51.68 19.53 -56.17
N LYS K 765 -52.64 19.77 -57.06
CA LYS K 765 -53.20 18.68 -57.85
C LYS K 765 -52.14 18.19 -58.80
N GLU K 766 -51.43 19.13 -59.44
CA GLU K 766 -50.34 18.80 -60.34
C GLU K 766 -49.27 17.91 -59.71
N PHE K 767 -48.79 18.29 -58.51
CA PHE K 767 -47.68 17.59 -57.87
C PHE K 767 -48.07 16.19 -57.43
N GLU K 768 -49.21 16.07 -56.77
CA GLU K 768 -49.75 14.76 -56.41
C GLU K 768 -49.80 13.81 -57.61
N LYS K 769 -50.26 14.32 -58.74
CA LYS K 769 -50.40 13.55 -59.95
C LYS K 769 -49.05 13.09 -60.49
N GLU K 770 -48.02 13.92 -60.35
CA GLU K 770 -46.70 13.58 -60.87
C GLU K 770 -45.79 12.88 -59.87
N PHE K 771 -46.15 12.94 -58.59
CA PHE K 771 -45.28 12.46 -57.51
C PHE K 771 -44.69 11.08 -57.73
N ARG K 772 -45.51 10.08 -58.07
CA ARG K 772 -44.99 8.73 -58.27
C ARG K 772 -44.01 8.56 -59.44
N GLN K 773 -43.91 9.56 -60.31
CA GLN K 773 -42.99 9.48 -61.45
C GLN K 773 -41.58 9.98 -61.10
N LEU K 774 -41.45 10.70 -59.99
CA LEU K 774 -40.19 11.35 -59.68
C LEU K 774 -39.13 10.32 -59.31
N ASN K 775 -37.87 10.62 -59.65
CA ASN K 775 -36.78 9.74 -59.28
C ASN K 775 -36.77 9.54 -57.76
N TYR K 776 -36.52 8.31 -57.32
CA TYR K 776 -36.57 7.98 -55.89
C TYR K 776 -35.60 8.78 -55.02
N ILE K 777 -34.43 9.15 -55.55
CA ILE K 777 -33.45 9.90 -54.77
C ILE K 777 -33.90 11.34 -54.54
N SER K 778 -34.65 11.88 -55.50
CA SER K 778 -35.20 13.22 -55.37
C SER K 778 -36.38 13.25 -54.40
N ILE K 779 -36.93 12.09 -54.04
CA ILE K 779 -38.05 12.06 -53.07
C ILE K 779 -37.74 11.39 -51.74
N ALA K 780 -36.50 10.97 -51.56
CA ALA K 780 -36.09 10.37 -50.30
C ALA K 780 -35.69 11.44 -49.31
N SER K 781 -36.06 11.24 -48.03
CA SER K 781 -35.62 12.11 -46.95
C SER K 781 -34.14 11.89 -46.61
N VAL K 782 -33.53 12.90 -45.99
CA VAL K 782 -32.18 12.76 -45.48
C VAL K 782 -32.16 12.85 -43.95
N SER K 783 -31.22 12.13 -43.33
CA SER K 783 -30.98 12.20 -41.90
C SER K 783 -29.53 11.82 -41.58
N SER K 784 -29.10 12.17 -40.37
CA SER K 784 -27.77 11.79 -39.86
C SER K 784 -27.81 10.45 -39.14
N ALA K 785 -26.75 9.68 -39.30
CA ALA K 785 -26.64 8.37 -38.67
C ALA K 785 -25.88 8.42 -37.35
N ASN K 786 -26.45 9.07 -36.35
CA ASN K 786 -25.83 9.12 -35.04
C ASN K 786 -26.31 8.01 -34.12
N ASN K 787 -25.36 7.36 -33.46
CA ASN K 787 -25.64 6.37 -32.44
C ASN K 787 -26.26 5.08 -32.97
N ILE K 788 -25.85 4.65 -34.15
CA ILE K 788 -26.36 3.40 -34.70
C ILE K 788 -26.23 2.29 -33.66
N ALA K 789 -25.01 2.11 -33.12
CA ALA K 789 -24.72 1.10 -32.09
C ALA K 789 -25.72 1.12 -30.93
N LYS K 790 -25.84 2.28 -30.29
CA LYS K 790 -26.75 2.49 -29.15
C LYS K 790 -28.15 1.89 -29.34
N TYR K 791 -28.57 1.76 -30.59
CA TYR K 791 -29.94 1.33 -30.88
C TYR K 791 -30.03 0.00 -31.59
N ASP K 792 -28.87 -0.58 -31.91
CA ASP K 792 -28.77 -1.85 -32.61
C ASP K 792 -28.75 -3.00 -31.62
N VAL K 793 -29.74 -3.89 -31.69
CA VAL K 793 -29.78 -5.05 -30.79
C VAL K 793 -29.97 -6.34 -31.59
N GLY K 794 -28.86 -7.02 -31.84
CA GLY K 794 -28.86 -8.24 -32.63
C GLY K 794 -29.23 -7.95 -34.07
N GLY K 795 -28.97 -6.71 -34.50
CA GLY K 795 -29.30 -6.29 -35.86
C GLY K 795 -30.73 -5.79 -35.98
N PHE K 796 -31.34 -5.50 -34.84
CA PHE K 796 -32.72 -5.00 -34.81
C PHE K 796 -32.87 -3.75 -33.95
N PRO K 797 -33.87 -2.93 -34.27
CA PRO K 797 -34.21 -1.76 -33.47
C PRO K 797 -34.34 -2.05 -31.98
N GLY K 798 -33.71 -1.22 -31.16
CA GLY K 798 -33.86 -1.31 -29.71
C GLY K 798 -34.92 -0.36 -29.16
N PRO K 799 -35.13 -0.37 -27.83
CA PRO K 799 -36.05 0.59 -27.21
C PRO K 799 -35.67 2.04 -27.54
N LYS K 800 -36.68 2.82 -27.96
CA LYS K 800 -36.55 4.24 -28.30
C LYS K 800 -35.82 4.53 -29.61
N CYS K 801 -35.71 3.50 -30.46
CA CYS K 801 -34.96 3.59 -31.72
C CYS K 801 -35.53 4.60 -32.71
N PRO K 802 -34.78 5.68 -33.00
CA PRO K 802 -35.18 6.64 -34.04
C PRO K 802 -35.53 5.99 -35.38
N PHE K 803 -36.31 6.70 -36.18
CA PHE K 803 -36.84 6.17 -37.42
C PHE K 803 -35.73 5.83 -38.41
N HIS K 804 -34.85 6.81 -38.64
CA HIS K 804 -33.80 6.72 -39.64
C HIS K 804 -32.79 5.67 -39.23
N ILE K 805 -32.51 5.58 -37.93
CA ILE K 805 -31.69 4.52 -37.35
C ILE K 805 -32.32 3.14 -37.61
N ARG K 806 -33.64 3.03 -37.41
CA ARG K 806 -34.39 1.84 -37.78
C ARG K 806 -34.23 1.56 -39.27
N GLY K 807 -34.22 2.61 -40.08
CA GLY K 807 -34.01 2.44 -41.51
C GLY K 807 -32.65 1.83 -41.76
N ILE K 808 -31.65 2.30 -41.03
CA ILE K 808 -30.26 1.92 -41.24
C ILE K 808 -30.08 0.46 -40.84
N LEU K 809 -30.63 0.09 -39.69
CA LEU K 809 -30.64 -1.30 -39.25
C LEU K 809 -31.36 -2.23 -40.24
N THR K 810 -32.43 -1.74 -40.87
CA THR K 810 -33.09 -2.51 -41.92
C THR K 810 -32.14 -2.79 -43.09
N TYR K 811 -31.39 -1.78 -43.46
CA TYR K 811 -30.44 -1.87 -44.56
C TYR K 811 -29.31 -2.84 -44.23
N ASN K 812 -28.67 -2.63 -43.08
CA ASN K 812 -27.60 -3.49 -42.58
C ASN K 812 -27.95 -4.97 -42.62
N ARG K 813 -29.18 -5.31 -42.23
CA ARG K 813 -29.64 -6.70 -42.32
C ARG K 813 -29.64 -7.14 -43.76
N ALA K 814 -30.41 -6.44 -44.60
CA ALA K 814 -30.47 -6.73 -46.04
C ALA K 814 -29.08 -6.74 -46.68
N ILE K 815 -28.07 -6.31 -45.91
CA ILE K 815 -26.71 -6.10 -46.42
C ILE K 815 -25.73 -7.16 -45.91
N LYS K 816 -25.99 -7.66 -44.70
CA LYS K 816 -25.15 -8.68 -44.06
C LYS K 816 -24.86 -9.85 -45.00
N GLY K 817 -23.58 -10.05 -45.31
CA GLY K 817 -23.17 -11.14 -46.18
C GLY K 817 -22.66 -10.67 -47.53
N ASN K 818 -22.84 -9.39 -47.80
CA ASN K 818 -22.22 -8.77 -48.95
C ASN K 818 -21.40 -7.56 -48.54
N ILE K 819 -20.10 -7.78 -48.43
CA ILE K 819 -19.18 -6.74 -47.97
C ILE K 819 -18.84 -5.73 -49.09
N ASP K 820 -19.23 -6.05 -50.33
CA ASP K 820 -19.13 -5.12 -51.48
C ASP K 820 -20.15 -3.98 -51.40
N ALA K 821 -21.27 -4.26 -50.75
CA ALA K 821 -22.34 -3.27 -50.56
C ALA K 821 -21.89 -2.13 -49.65
N PRO K 822 -22.22 -0.88 -50.03
CA PRO K 822 -21.78 0.31 -49.31
C PRO K 822 -22.23 0.32 -47.85
N GLN K 823 -21.26 0.50 -46.94
CA GLN K 823 -21.56 0.55 -45.51
C GLN K 823 -22.12 1.91 -45.10
N VAL K 824 -23.00 1.90 -44.11
CA VAL K 824 -23.49 3.13 -43.50
C VAL K 824 -22.59 3.41 -42.33
N VAL K 825 -21.78 4.46 -42.45
CA VAL K 825 -20.82 4.77 -41.40
C VAL K 825 -21.48 5.65 -40.36
N GLU K 826 -21.37 5.24 -39.10
CA GLU K 826 -21.73 6.05 -37.95
C GLU K 826 -21.31 7.51 -38.13
N GLY K 827 -22.27 8.41 -38.03
CA GLY K 827 -21.99 9.85 -38.13
C GLY K 827 -22.17 10.47 -39.51
N GLU K 828 -22.14 9.66 -40.57
CA GLU K 828 -22.43 10.15 -41.92
C GLU K 828 -23.95 10.38 -42.09
N LYS K 829 -24.36 10.81 -43.29
CA LYS K 829 -25.76 11.07 -43.60
C LYS K 829 -26.40 9.98 -44.47
N VAL K 830 -27.66 9.66 -44.21
CA VAL K 830 -28.37 8.62 -44.96
C VAL K 830 -29.65 9.12 -45.63
N TYR K 831 -29.98 8.55 -46.78
CA TYR K 831 -31.31 8.67 -47.36
C TYR K 831 -32.29 7.75 -46.64
N VAL K 832 -33.56 8.18 -46.55
CA VAL K 832 -34.57 7.40 -45.85
C VAL K 832 -35.83 7.31 -46.70
N LEU K 833 -36.31 6.09 -46.88
CA LEU K 833 -37.57 5.84 -47.57
C LEU K 833 -38.47 4.95 -46.75
N PRO K 834 -39.76 5.31 -46.63
CA PRO K 834 -40.68 4.41 -45.95
C PRO K 834 -41.02 3.23 -46.86
N LEU K 835 -41.37 2.09 -46.26
CA LEU K 835 -41.73 0.91 -47.04
C LEU K 835 -43.10 0.38 -46.66
N ARG K 836 -43.82 -0.12 -47.66
CA ARG K 836 -45.15 -0.67 -47.42
C ARG K 836 -45.12 -1.97 -46.61
N GLU K 837 -46.25 -2.29 -45.98
CA GLU K 837 -46.36 -3.48 -45.12
C GLU K 837 -46.13 -4.78 -45.88
N GLY K 838 -45.64 -5.78 -45.15
CA GLY K 838 -45.40 -7.11 -45.73
C GLY K 838 -44.28 -7.12 -46.76
N ASN K 839 -43.34 -6.18 -46.61
CA ASN K 839 -42.23 -6.07 -47.52
C ASN K 839 -41.06 -6.98 -47.11
N PRO K 840 -40.21 -7.37 -48.09
CA PRO K 840 -39.14 -8.34 -47.82
C PRO K 840 -38.10 -7.90 -46.82
N PHE K 841 -38.14 -6.63 -46.40
CA PHE K 841 -37.05 -6.07 -45.59
C PHE K 841 -37.21 -6.14 -44.09
N GLY K 842 -38.41 -6.41 -43.61
CA GLY K 842 -38.58 -6.51 -42.18
C GLY K 842 -39.54 -5.47 -41.65
N ASP K 843 -39.11 -4.21 -41.60
CA ASP K 843 -40.04 -3.16 -41.12
C ASP K 843 -40.26 -1.96 -42.03
N LYS K 844 -40.71 -0.87 -41.40
CA LYS K 844 -41.48 0.18 -42.07
C LYS K 844 -40.65 1.17 -42.90
N CYS K 845 -39.34 1.12 -42.79
CA CYS K 845 -38.49 2.00 -43.56
C CYS K 845 -37.12 1.41 -43.84
N ILE K 846 -36.43 2.00 -44.81
CA ILE K 846 -35.05 1.67 -45.12
C ILE K 846 -34.24 2.96 -45.26
N ALA K 847 -32.95 2.88 -44.93
CA ALA K 847 -32.04 3.99 -45.15
C ALA K 847 -30.76 3.48 -45.84
N TRP K 848 -30.01 4.39 -46.48
CA TRP K 848 -28.76 4.04 -47.16
C TRP K 848 -27.89 5.29 -47.36
N PRO K 849 -26.57 5.12 -47.55
CA PRO K 849 -25.65 6.28 -47.47
C PRO K 849 -25.99 7.35 -48.50
N SER K 850 -26.07 8.59 -48.04
CA SER K 850 -26.56 9.69 -48.88
C SER K 850 -25.64 10.08 -50.04
N GLY K 851 -26.27 10.56 -51.11
CA GLY K 851 -25.56 10.99 -52.32
C GLY K 851 -25.19 9.82 -53.23
N THR K 852 -25.73 8.63 -52.90
CA THR K 852 -25.41 7.44 -53.65
C THR K 852 -26.68 6.77 -54.13
N GLU K 853 -26.57 5.97 -55.19
CA GLU K 853 -27.67 5.11 -55.61
C GLU K 853 -27.67 3.89 -54.70
N ILE K 854 -28.85 3.47 -54.26
CA ILE K 854 -28.95 2.29 -53.41
C ILE K 854 -28.38 1.07 -54.14
N THR K 855 -27.54 0.30 -53.43
CA THR K 855 -26.85 -0.86 -54.02
C THR K 855 -27.81 -1.72 -54.82
N ASP K 856 -27.33 -2.21 -55.96
CA ASP K 856 -28.15 -2.94 -56.91
C ASP K 856 -28.80 -4.21 -56.38
N LEU K 857 -28.11 -4.85 -55.42
CA LEU K 857 -28.63 -6.04 -54.76
C LEU K 857 -30.08 -5.83 -54.29
N ILE K 858 -30.36 -4.68 -53.70
CA ILE K 858 -31.66 -4.41 -53.09
C ILE K 858 -32.46 -3.29 -53.78
N LYS K 859 -31.81 -2.62 -54.75
CA LYS K 859 -32.43 -1.48 -55.45
C LYS K 859 -33.82 -1.73 -56.01
N ASP K 860 -34.03 -2.88 -56.63
CA ASP K 860 -35.32 -3.19 -57.25
C ASP K 860 -36.46 -3.37 -56.23
N ASP K 861 -36.16 -4.00 -55.09
CA ASP K 861 -37.17 -4.17 -54.04
C ASP K 861 -37.54 -2.86 -53.38
N VAL K 862 -36.53 -2.08 -53.01
CA VAL K 862 -36.75 -0.73 -52.51
C VAL K 862 -37.63 0.07 -53.45
N LEU K 863 -37.42 -0.08 -54.75
CA LEU K 863 -38.27 0.61 -55.72
C LEU K 863 -39.71 0.07 -55.79
N HIS K 864 -39.93 -1.16 -55.36
CA HIS K 864 -41.25 -1.77 -55.46
C HIS K 864 -42.03 -1.67 -54.14
N TRP K 865 -41.32 -1.41 -53.05
CA TRP K 865 -41.92 -1.44 -51.72
C TRP K 865 -42.01 -0.10 -51.02
N MSE K 866 -41.57 0.95 -51.71
CA MSE K 866 -41.70 2.33 -51.28
C MSE K 866 -43.14 2.73 -51.03
O MSE K 866 -44.00 2.56 -51.90
CB MSE K 866 -41.21 3.24 -52.37
CG MSE K 866 -39.76 3.26 -52.59
SE MSE K 866 -39.52 4.66 -53.90
CE MSE K 866 -39.85 3.65 -55.54
N ASP K 867 -43.40 3.30 -49.86
CA ASP K 867 -44.73 3.80 -49.59
C ASP K 867 -44.86 5.24 -50.03
N TYR K 868 -45.24 5.44 -51.30
CA TYR K 868 -45.39 6.78 -51.88
C TYR K 868 -46.42 7.61 -51.11
N THR K 869 -47.56 7.00 -50.83
CA THR K 869 -48.60 7.65 -50.04
C THR K 869 -48.02 8.24 -48.76
N VAL K 870 -47.35 7.39 -47.99
CA VAL K 870 -46.80 7.82 -46.70
C VAL K 870 -45.73 8.88 -46.89
N LEU K 871 -44.97 8.75 -47.97
CA LEU K 871 -43.86 9.65 -48.26
C LEU K 871 -44.36 11.05 -48.66
N LEU K 872 -45.43 11.08 -49.45
CA LEU K 872 -46.04 12.33 -49.87
C LEU K 872 -46.72 12.99 -48.68
N GLU K 873 -47.39 12.17 -47.87
CA GLU K 873 -48.09 12.65 -46.69
C GLU K 873 -47.10 13.23 -45.66
N LYS K 874 -45.99 12.53 -45.43
CA LYS K 874 -45.03 12.92 -44.42
C LYS K 874 -44.16 14.10 -44.79
N THR K 875 -43.93 14.29 -46.08
CA THR K 875 -42.97 15.30 -46.52
C THR K 875 -43.59 16.49 -47.26
N PHE K 876 -44.73 16.27 -47.92
CA PHE K 876 -45.36 17.33 -48.69
C PHE K 876 -46.66 17.84 -48.07
N ILE K 877 -47.65 16.97 -47.95
CA ILE K 877 -48.94 17.35 -47.41
C ILE K 877 -48.82 17.94 -46.00
N LYS K 878 -48.35 17.16 -45.03
CA LYS K 878 -48.22 17.64 -43.63
C LYS K 878 -47.59 19.05 -43.50
N PRO K 879 -46.41 19.29 -44.11
CA PRO K 879 -45.81 20.62 -44.07
C PRO K 879 -46.61 21.72 -44.77
N LEU K 880 -47.32 21.36 -45.84
CA LEU K 880 -48.16 22.33 -46.54
C LEU K 880 -49.38 22.69 -45.68
N GLU K 881 -49.99 21.69 -45.06
CA GLU K 881 -51.05 21.91 -44.07
C GLU K 881 -50.59 22.92 -43.05
N GLY K 882 -49.34 22.78 -42.60
CA GLY K 882 -48.75 23.72 -41.68
C GLY K 882 -48.77 25.13 -42.24
N PHE K 883 -48.39 25.27 -43.50
CA PHE K 883 -48.26 26.59 -44.10
C PHE K 883 -49.64 27.19 -44.24
N THR K 884 -50.53 26.43 -44.87
CA THR K 884 -51.81 26.95 -45.33
C THR K 884 -52.74 27.15 -44.15
N SER K 885 -52.58 26.31 -43.15
CA SER K 885 -53.33 26.44 -41.90
C SER K 885 -53.00 27.78 -41.26
N ALA K 886 -51.73 28.15 -41.29
CA ALA K 886 -51.28 29.39 -40.67
C ALA K 886 -51.81 30.61 -41.41
N ALA K 887 -52.01 30.48 -42.71
CA ALA K 887 -52.24 31.63 -43.57
C ALA K 887 -53.70 31.77 -43.99
N LYS K 888 -54.54 30.96 -43.34
CA LYS K 888 -55.97 30.88 -43.63
C LYS K 888 -56.21 30.61 -45.11
N LEU K 889 -55.51 29.62 -45.64
CA LEU K 889 -55.71 29.18 -47.03
C LEU K 889 -56.06 27.71 -47.10
N ASP K 890 -56.60 27.30 -48.24
CA ASP K 890 -56.89 25.91 -48.53
C ASP K 890 -56.11 25.48 -49.75
N TYR K 891 -55.38 24.37 -49.63
CA TYR K 891 -54.65 23.83 -50.78
C TYR K 891 -55.53 22.89 -51.56
N GLU K 892 -56.76 22.74 -51.09
CA GLU K 892 -57.73 21.89 -51.73
C GLU K 892 -59.01 22.69 -51.87
N LYS K 893 -59.65 22.62 -53.03
CA LYS K 893 -60.86 23.41 -53.26
C LYS K 893 -61.97 22.95 -52.34
N LYS K 894 -62.56 23.91 -51.62
CA LYS K 894 -63.67 23.64 -50.71
C LYS K 894 -64.96 24.27 -51.23
N ALA K 895 -66.09 23.62 -50.97
CA ALA K 895 -67.37 24.01 -51.54
C ALA K 895 -67.81 25.41 -51.12
N SER K 896 -68.41 26.13 -52.07
CA SER K 896 -68.86 27.50 -51.85
C SER K 896 -70.30 27.71 -52.33
N LEU K 897 -70.91 28.80 -51.91
CA LEU K 897 -72.18 29.24 -52.46
C LEU K 897 -72.01 29.51 -53.96
N PHE K 898 -72.88 28.90 -54.77
CA PHE K 898 -72.81 29.06 -56.24
C PHE K 898 -74.18 29.35 -56.86
N LYS L 2 83.67 3.77 5.20
CA LYS L 2 84.35 3.35 3.93
C LYS L 2 84.01 1.91 3.52
N GLU L 3 84.01 0.99 4.49
CA GLU L 3 83.71 -0.43 4.22
C GLU L 3 82.64 -0.99 5.16
N PHE L 4 82.01 -2.10 4.73
CA PHE L 4 80.96 -2.76 5.51
C PHE L 4 81.16 -4.28 5.60
N TYR L 5 80.39 -4.93 6.47
CA TYR L 5 80.57 -6.34 6.80
C TYR L 5 79.57 -7.29 6.13
N LEU L 6 79.98 -8.54 5.94
CA LEU L 6 79.11 -9.57 5.38
C LEU L 6 78.43 -10.42 6.47
N THR L 7 79.21 -11.28 7.13
CA THR L 7 78.67 -12.16 8.17
C THR L 7 79.57 -12.27 9.39
N VAL L 8 79.04 -11.86 10.54
CA VAL L 8 79.76 -11.93 11.82
C VAL L 8 79.12 -12.99 12.71
N GLU L 9 79.94 -13.88 13.27
CA GLU L 9 79.43 -15.00 14.07
C GLU L 9 80.49 -15.63 14.98
N GLN L 10 80.18 -15.68 16.28
CA GLN L 10 81.07 -16.24 17.30
C GLN L 10 81.20 -17.76 17.17
N ILE L 11 82.42 -18.21 16.91
CA ILE L 11 82.74 -19.64 16.86
C ILE L 11 83.85 -19.97 17.87
N GLY L 12 83.46 -20.57 18.98
CA GLY L 12 84.39 -20.87 20.07
C GLY L 12 84.84 -19.62 20.80
N ASP L 13 86.04 -19.67 21.35
CA ASP L 13 86.61 -18.58 22.15
C ASP L 13 86.92 -17.31 21.36
N SER L 14 86.92 -17.42 20.04
CA SER L 14 87.20 -16.31 19.14
C SER L 14 86.00 -16.00 18.26
N ILE L 15 86.03 -14.86 17.57
CA ILE L 15 85.02 -14.55 16.56
C ILE L 15 85.64 -14.51 15.15
N PHE L 16 84.98 -15.20 14.21
CA PHE L 16 85.43 -15.27 12.83
C PHE L 16 84.37 -14.69 11.91
N GLU L 17 84.76 -13.69 11.13
CA GLU L 17 83.81 -12.95 10.31
C GLU L 17 84.30 -12.63 8.90
N ARG L 18 83.35 -12.47 7.98
CA ARG L 18 83.63 -12.14 6.58
C ARG L 18 83.18 -10.71 6.28
N TYR L 19 83.96 -10.01 5.48
CA TYR L 19 83.68 -8.61 5.14
C TYR L 19 84.44 -8.14 3.90
N ILE L 20 83.89 -7.14 3.22
CA ILE L 20 84.59 -6.46 2.12
C ILE L 20 85.37 -5.25 2.65
N ASP L 21 86.50 -4.96 2.03
CA ASP L 21 87.29 -3.77 2.37
C ASP L 21 87.00 -2.59 1.43
N SER L 22 87.89 -1.60 1.40
CA SER L 22 87.70 -0.40 0.58
C SER L 22 87.78 -0.64 -0.95
N ASN L 23 88.20 -1.85 -1.33
CA ASN L 23 88.20 -2.25 -2.75
C ASN L 23 87.25 -3.42 -3.06
N GLY L 24 86.59 -3.96 -2.02
CA GLY L 24 85.52 -4.94 -2.19
C GLY L 24 85.96 -6.38 -2.40
N ARG L 25 86.31 -7.05 -1.32
CA ARG L 25 86.68 -8.47 -1.36
C ARG L 25 86.23 -9.19 -0.10
N GLU L 26 85.45 -10.27 -0.28
CA GLU L 26 84.86 -11.01 0.84
C GLU L 26 85.88 -11.96 1.52
N ARG L 27 86.92 -11.36 2.09
CA ARG L 27 87.97 -12.07 2.80
C ARG L 27 87.49 -12.61 4.16
N THR L 28 88.19 -13.62 4.66
CA THR L 28 87.90 -14.21 5.97
C THR L 28 89.01 -13.94 6.98
N ARG L 29 88.67 -13.98 8.27
CA ARG L 29 89.60 -13.71 9.36
C ARG L 29 89.16 -14.46 10.63
N GLU L 30 89.99 -14.42 11.67
CA GLU L 30 89.60 -14.98 12.96
C GLU L 30 90.04 -14.05 14.11
N VAL L 31 90.35 -12.81 13.78
CA VAL L 31 90.85 -11.84 14.77
C VAL L 31 89.88 -11.69 15.95
N GLU L 32 90.29 -12.28 17.07
CA GLU L 32 89.45 -12.35 18.28
C GLU L 32 89.17 -10.99 18.91
N TYR L 33 88.20 -10.97 19.82
CA TYR L 33 87.71 -9.74 20.43
C TYR L 33 88.13 -9.66 21.88
N LYS L 34 88.55 -8.47 22.29
CA LYS L 34 88.84 -8.17 23.70
C LYS L 34 87.68 -7.36 24.27
N PRO L 35 86.66 -8.07 24.82
CA PRO L 35 85.42 -7.40 25.20
C PRO L 35 85.56 -6.63 26.51
N SER L 36 84.71 -5.61 26.67
CA SER L 36 84.68 -4.82 27.89
C SER L 36 83.29 -4.80 28.49
N LEU L 37 83.12 -5.48 29.62
CA LEU L 37 81.88 -5.41 30.39
C LEU L 37 82.06 -4.35 31.48
N PHE L 38 81.09 -4.24 32.40
CA PHE L 38 81.14 -3.21 33.45
C PHE L 38 80.62 -3.70 34.80
N ALA L 39 81.02 -2.99 35.85
CA ALA L 39 80.55 -3.25 37.21
C ALA L 39 80.44 -1.93 37.97
N HIS L 40 79.61 -1.91 39.02
CA HIS L 40 79.36 -0.72 39.81
C HIS L 40 80.55 -0.34 40.70
N CYS L 41 80.55 0.92 41.15
CA CYS L 41 81.53 1.44 42.11
C CYS L 41 81.02 2.73 42.75
N PRO L 42 81.48 3.04 43.98
CA PRO L 42 81.05 4.28 44.63
C PRO L 42 81.79 5.52 44.11
N GLU L 43 81.40 6.69 44.62
CA GLU L 43 82.00 7.98 44.25
C GLU L 43 83.54 7.99 44.34
N SER L 44 84.09 7.18 45.25
CA SER L 44 85.53 7.10 45.53
C SER L 44 86.40 7.05 44.26
N GLN L 45 86.36 5.93 43.54
CA GLN L 45 87.02 5.81 42.24
C GLN L 45 86.02 6.07 41.13
N ALA L 46 86.23 7.17 40.41
CA ALA L 46 85.31 7.60 39.35
C ALA L 46 86.06 8.04 38.10
N THR L 47 85.67 7.50 36.95
CA THR L 47 86.28 7.84 35.68
C THR L 47 85.24 8.38 34.68
N LYS L 48 85.09 7.70 33.56
CA LYS L 48 84.22 8.17 32.47
C LYS L 48 82.81 7.58 32.48
N TYR L 49 82.65 6.42 33.12
CA TYR L 49 81.45 5.61 32.95
C TYR L 49 80.40 5.73 34.04
N PHE L 50 79.17 6.01 33.61
CA PHE L 50 77.99 6.03 34.48
C PHE L 50 76.90 5.18 33.85
N ASP L 51 76.07 4.56 34.68
CA ASP L 51 74.91 3.81 34.17
C ASP L 51 73.79 4.77 33.76
N ILE L 52 72.63 4.21 33.40
CA ILE L 52 71.48 5.02 33.01
C ILE L 52 70.88 5.81 34.19
N TYR L 53 71.14 5.33 35.41
CA TYR L 53 70.62 5.96 36.62
C TYR L 53 71.49 7.14 37.08
N GLY L 54 72.76 7.13 36.67
CA GLY L 54 73.70 8.20 37.03
C GLY L 54 74.66 7.80 38.14
N LYS L 55 74.89 6.50 38.29
CA LYS L 55 75.77 5.93 39.32
C LYS L 55 77.10 5.50 38.70
N PRO L 56 78.21 5.62 39.47
CA PRO L 56 79.55 5.40 38.91
C PRO L 56 79.85 3.95 38.52
N CYS L 57 80.68 3.78 37.48
CA CYS L 57 81.07 2.46 36.99
C CYS L 57 82.55 2.42 36.59
N THR L 58 83.04 1.22 36.25
CA THR L 58 84.43 1.03 35.79
C THR L 58 84.50 -0.06 34.74
N ARG L 59 85.40 0.13 33.77
CA ARG L 59 85.59 -0.81 32.67
C ARG L 59 86.37 -2.05 33.11
N LYS L 60 86.12 -3.17 32.43
CA LYS L 60 86.77 -4.44 32.72
C LYS L 60 87.14 -5.13 31.41
N LEU L 61 88.43 -5.29 31.17
CA LEU L 61 88.93 -5.94 29.95
C LEU L 61 89.00 -7.46 30.06
N PHE L 62 88.99 -8.12 28.92
CA PHE L 62 89.06 -9.59 28.84
C PHE L 62 89.88 -10.04 27.62
N ALA L 63 90.41 -11.27 27.69
CA ALA L 63 91.15 -11.84 26.57
C ALA L 63 90.20 -12.42 25.53
N ASN L 64 89.59 -13.56 25.86
CA ASN L 64 88.62 -14.22 24.98
C ASN L 64 87.17 -14.04 25.44
N MSE L 65 86.23 -14.53 24.64
CA MSE L 65 84.79 -14.46 24.94
C MSE L 65 84.45 -15.19 26.23
O MSE L 65 83.75 -14.66 27.09
CB MSE L 65 83.96 -15.05 23.79
CG MSE L 65 84.36 -14.61 22.39
SE MSE L 65 83.50 -12.96 21.79
CE MSE L 65 84.54 -11.67 22.82
N ARG L 66 84.95 -16.43 26.34
CA ARG L 66 84.67 -17.32 27.47
C ARG L 66 85.23 -16.77 28.78
N ASP L 67 86.30 -15.99 28.69
CA ASP L 67 86.88 -15.35 29.86
C ASP L 67 86.00 -14.18 30.36
N ALA L 68 85.13 -13.69 29.48
CA ALA L 68 84.19 -12.63 29.80
C ALA L 68 82.81 -13.16 30.20
N SER L 69 82.38 -14.24 29.54
CA SER L 69 81.08 -14.85 29.79
C SER L 69 81.01 -15.52 31.16
N GLN L 70 82.04 -16.28 31.50
CA GLN L 70 82.16 -16.90 32.83
C GLN L 70 82.18 -15.83 33.93
N TRP L 71 82.78 -14.67 33.63
CA TRP L 71 82.73 -13.52 34.52
C TRP L 71 81.29 -13.06 34.70
N ILE L 72 80.56 -12.97 33.58
CA ILE L 72 79.15 -12.54 33.58
C ILE L 72 78.30 -13.53 34.36
N LYS L 73 78.51 -14.82 34.12
CA LYS L 73 77.78 -15.88 34.83
C LYS L 73 78.02 -15.84 36.35
N ARG L 74 79.28 -15.64 36.75
CA ARG L 74 79.66 -15.62 38.17
C ARG L 74 79.12 -14.38 38.88
N MSE L 75 79.21 -13.23 38.23
CA MSE L 75 78.69 -11.97 38.77
C MSE L 75 77.18 -12.01 38.96
O MSE L 75 76.65 -11.45 39.93
CB MSE L 75 79.08 -10.80 37.85
CG MSE L 75 80.49 -10.24 38.10
SE MSE L 75 80.58 -9.11 39.70
CE MSE L 75 82.39 -8.41 39.47
N GLU L 76 76.48 -12.66 38.03
CA GLU L 76 75.04 -12.88 38.16
C GLU L 76 74.72 -13.93 39.21
N ASP L 77 75.50 -15.01 39.24
CA ASP L 77 75.32 -16.07 40.22
C ASP L 77 75.47 -15.56 41.65
N ILE L 78 76.39 -14.63 41.88
CA ILE L 78 76.49 -13.98 43.20
C ILE L 78 75.38 -12.95 43.40
N GLY L 79 75.03 -12.24 42.32
CA GLY L 79 73.95 -11.26 42.35
C GLY L 79 74.38 -9.81 42.14
N LEU L 80 75.62 -9.61 41.72
CA LEU L 80 76.17 -8.26 41.48
C LEU L 80 75.94 -7.84 40.02
N GLU L 81 75.30 -6.69 39.84
CA GLU L 81 74.84 -6.24 38.53
C GLU L 81 75.96 -6.24 37.48
N ALA L 82 75.70 -6.93 36.37
CA ALA L 82 76.64 -6.98 35.25
C ALA L 82 76.25 -5.97 34.17
N LEU L 83 76.70 -4.73 34.35
CA LEU L 83 76.46 -3.66 33.38
C LEU L 83 77.29 -3.90 32.12
N GLY L 84 76.82 -3.37 30.99
CA GLY L 84 77.50 -3.58 29.71
C GLY L 84 76.74 -4.51 28.78
N MSE L 85 77.32 -4.79 27.61
CA MSE L 85 76.62 -5.54 26.58
C MSE L 85 76.85 -7.05 26.68
O MSE L 85 77.99 -7.50 26.68
CB MSE L 85 77.01 -5.03 25.19
CG MSE L 85 75.84 -4.90 24.24
SE MSE L 85 75.12 -6.62 23.64
CE MSE L 85 73.29 -6.05 23.27
N ASP L 86 75.75 -7.81 26.75
CA ASP L 86 75.79 -9.27 26.93
C ASP L 86 76.23 -10.06 25.69
N ASP L 87 75.58 -9.81 24.55
CA ASP L 87 75.95 -10.46 23.29
C ASP L 87 77.15 -9.76 22.65
N PHE L 88 78.29 -10.45 22.64
CA PHE L 88 79.56 -9.86 22.21
C PHE L 88 79.59 -9.43 20.74
N LYS L 89 78.96 -10.23 19.88
CA LYS L 89 78.92 -9.93 18.45
C LYS L 89 78.49 -8.49 18.18
N LEU L 90 77.52 -8.01 18.95
CA LEU L 90 77.02 -6.64 18.82
C LEU L 90 78.05 -5.60 19.25
N ALA L 91 78.73 -5.86 20.37
CA ALA L 91 79.77 -4.96 20.88
C ALA L 91 80.95 -4.86 19.93
N TYR L 92 81.25 -5.95 19.22
CA TYR L 92 82.32 -5.98 18.23
C TYR L 92 82.04 -5.03 17.07
N LEU L 93 80.83 -5.11 16.54
CA LEU L 93 80.39 -4.28 15.42
C LEU L 93 80.34 -2.82 15.82
N SER L 94 80.02 -2.56 17.09
CA SER L 94 79.93 -1.21 17.60
C SER L 94 81.30 -0.54 17.73
N ASP L 95 82.31 -1.34 18.04
CA ASP L 95 83.69 -0.85 18.13
C ASP L 95 84.39 -0.82 16.77
N THR L 96 84.12 -1.82 15.93
CA THR L 96 84.70 -1.88 14.59
C THR L 96 84.06 -0.84 13.66
N TYR L 97 82.80 -0.48 13.92
CA TYR L 97 82.07 0.43 13.05
C TYR L 97 81.31 1.51 13.82
N ASN L 98 82.04 2.36 14.55
CA ASN L 98 81.43 3.47 15.27
C ASN L 98 81.24 4.72 14.40
N TYR L 99 80.40 4.56 13.37
CA TYR L 99 80.06 5.62 12.42
C TYR L 99 78.85 5.18 11.60
N GLU L 100 78.24 6.12 10.88
CA GLU L 100 77.12 5.83 9.99
C GLU L 100 77.60 4.95 8.82
N ILE L 101 77.40 3.65 8.97
CA ILE L 101 77.92 2.66 8.02
C ILE L 101 77.08 2.55 6.75
N LYS L 102 77.65 3.01 5.65
CA LYS L 102 77.00 2.96 4.34
C LYS L 102 77.33 1.66 3.59
N TYR L 103 76.42 1.25 2.71
CA TYR L 103 76.55 -0.02 1.99
C TYR L 103 76.22 0.09 0.50
N ASP L 104 76.91 -0.70 -0.31
CA ASP L 104 76.60 -0.82 -1.73
C ASP L 104 75.86 -2.14 -1.96
N HIS L 105 74.60 -2.03 -2.41
CA HIS L 105 73.72 -3.19 -2.62
C HIS L 105 74.18 -4.10 -3.78
N THR L 106 75.45 -3.97 -4.14
CA THR L 106 76.05 -4.75 -5.23
C THR L 106 77.42 -5.31 -4.84
N LYS L 107 77.58 -5.61 -3.56
CA LYS L 107 78.84 -6.18 -3.05
C LYS L 107 78.63 -7.52 -2.35
N ILE L 108 77.66 -7.57 -1.43
CA ILE L 108 77.35 -8.77 -0.65
C ILE L 108 76.68 -9.86 -1.50
N ARG L 109 77.30 -11.03 -1.56
CA ARG L 109 76.85 -12.15 -2.41
C ARG L 109 75.53 -12.76 -1.94
N VAL L 110 74.43 -12.08 -2.28
CA VAL L 110 73.09 -12.50 -1.88
C VAL L 110 72.56 -13.62 -2.78
N ALA L 111 72.99 -14.85 -2.49
CA ALA L 111 72.63 -16.02 -3.28
C ALA L 111 71.14 -16.36 -3.18
N ASN L 112 70.67 -17.17 -4.14
CA ASN L 112 69.27 -17.59 -4.21
C ASN L 112 69.21 -19.04 -4.68
N PHE L 113 68.39 -19.85 -4.02
CA PHE L 113 68.34 -21.29 -4.31
C PHE L 113 66.95 -21.92 -4.21
N ASP L 114 66.76 -23.00 -4.96
CA ASP L 114 65.59 -23.88 -4.86
C ASP L 114 65.98 -25.28 -5.34
N ILE L 115 65.75 -26.28 -4.49
CA ILE L 115 66.14 -27.65 -4.79
C ILE L 115 64.97 -28.47 -5.35
N GLU L 116 65.28 -29.66 -5.87
CA GLU L 116 64.28 -30.58 -6.40
C GLU L 116 64.64 -32.04 -6.11
N VAL L 117 63.62 -32.87 -5.93
CA VAL L 117 63.79 -34.31 -5.71
C VAL L 117 62.58 -35.08 -6.24
N THR L 118 62.82 -36.32 -6.66
CA THR L 118 61.76 -37.17 -7.21
C THR L 118 61.54 -38.38 -6.29
N SER L 119 60.72 -38.17 -5.26
CA SER L 119 60.43 -39.19 -4.26
C SER L 119 59.15 -39.99 -4.59
N PRO L 120 59.13 -41.30 -4.26
CA PRO L 120 57.98 -42.17 -4.50
C PRO L 120 56.65 -41.69 -3.88
N ASP L 121 56.69 -41.27 -2.60
CA ASP L 121 55.47 -40.89 -1.88
C ASP L 121 55.58 -39.61 -1.06
N GLY L 122 54.68 -38.66 -1.33
CA GLY L 122 54.57 -37.40 -0.59
C GLY L 122 55.76 -36.47 -0.70
N PHE L 123 55.74 -35.41 0.13
CA PHE L 123 56.88 -34.51 0.25
C PHE L 123 57.97 -35.20 1.07
N PRO L 124 59.15 -35.42 0.46
CA PRO L 124 60.22 -36.20 1.09
C PRO L 124 60.77 -35.54 2.36
N GLU L 125 60.73 -36.29 3.47
CA GLU L 125 61.23 -35.84 4.77
C GLU L 125 62.51 -35.02 4.64
N PRO L 126 62.47 -33.74 5.07
CA PRO L 126 63.61 -32.83 4.98
C PRO L 126 64.74 -33.19 5.95
N SER L 127 64.71 -34.42 6.47
CA SER L 127 65.73 -34.90 7.40
C SER L 127 66.46 -36.12 6.82
N GLN L 128 65.76 -36.91 6.00
CA GLN L 128 66.36 -38.06 5.32
C GLN L 128 66.28 -37.91 3.81
N ALA L 129 67.42 -38.13 3.15
CA ALA L 129 67.51 -38.08 1.69
C ALA L 129 67.60 -39.49 1.09
N LYS L 130 66.58 -40.30 1.36
CA LYS L 130 66.48 -41.67 0.83
C LYS L 130 66.47 -41.71 -0.70
N HIS L 131 66.08 -40.59 -1.30
CA HIS L 131 66.14 -40.38 -2.75
C HIS L 131 67.04 -39.18 -3.07
N PRO L 132 68.04 -39.37 -3.95
CA PRO L 132 69.02 -38.32 -4.28
C PRO L 132 68.39 -37.07 -4.87
N ILE L 133 69.04 -35.93 -4.68
CA ILE L 133 68.58 -34.66 -5.21
C ILE L 133 68.53 -34.70 -6.73
N ASP L 134 67.33 -34.54 -7.28
CA ASP L 134 67.12 -34.55 -8.73
C ASP L 134 67.81 -33.37 -9.41
N ALA L 135 67.66 -32.18 -8.82
CA ALA L 135 68.28 -30.96 -9.33
C ALA L 135 68.27 -29.83 -8.30
N ILE L 136 69.14 -28.85 -8.50
CA ILE L 136 69.20 -27.67 -7.62
C ILE L 136 69.55 -26.44 -8.44
N THR L 137 68.67 -25.44 -8.41
CA THR L 137 68.89 -24.19 -9.14
C THR L 137 69.54 -23.16 -8.22
N HIS L 138 70.60 -22.53 -8.71
CA HIS L 138 71.42 -21.64 -7.89
C HIS L 138 71.69 -20.29 -8.57
N TYR L 139 71.00 -19.24 -8.12
CA TYR L 139 71.24 -17.89 -8.61
C TYR L 139 72.20 -17.12 -7.71
N ASP L 140 73.14 -16.43 -8.34
CA ASP L 140 74.15 -15.62 -7.65
C ASP L 140 73.93 -14.15 -8.04
N SER L 141 73.65 -13.31 -7.05
CA SER L 141 73.25 -11.91 -7.30
C SER L 141 74.36 -11.06 -7.92
N ILE L 142 75.59 -11.22 -7.42
CA ILE L 142 76.74 -10.52 -7.99
C ILE L 142 77.16 -11.10 -9.34
N ASP L 143 77.11 -12.43 -9.45
CA ASP L 143 77.46 -13.13 -10.69
C ASP L 143 76.33 -13.08 -11.73
N ASP L 144 75.21 -12.45 -11.35
CA ASP L 144 74.05 -12.22 -12.24
C ASP L 144 73.69 -13.42 -13.15
N ARG L 145 73.79 -14.62 -12.60
CA ARG L 145 73.53 -15.84 -13.36
C ARG L 145 72.87 -16.94 -12.52
N PHE L 146 71.89 -17.62 -13.12
CA PHE L 146 71.23 -18.76 -12.50
C PHE L 146 71.94 -20.05 -12.89
N TYR L 147 73.02 -20.36 -12.19
CA TYR L 147 73.83 -21.56 -12.43
C TYR L 147 73.06 -22.83 -12.08
N VAL L 148 72.55 -23.51 -13.10
CA VAL L 148 71.69 -24.69 -12.92
C VAL L 148 72.46 -26.01 -12.90
N PHE L 149 72.34 -26.73 -11.79
CA PHE L 149 72.95 -28.05 -11.62
C PHE L 149 71.89 -29.11 -11.88
N ASP L 150 72.24 -30.10 -12.72
CA ASP L 150 71.29 -31.11 -13.16
C ASP L 150 71.85 -32.51 -13.08
N LEU L 151 71.03 -33.46 -12.63
CA LEU L 151 71.40 -34.87 -12.60
C LEU L 151 70.68 -35.65 -13.69
N LEU L 152 71.44 -36.49 -14.39
CA LEU L 152 70.93 -37.24 -15.53
C LEU L 152 70.68 -38.73 -15.21
N ASN L 153 71.09 -39.14 -14.02
CA ASN L 153 71.05 -40.56 -13.62
C ASN L 153 70.67 -40.77 -12.15
N SER L 154 69.59 -41.51 -11.93
CA SER L 154 69.04 -41.74 -10.58
C SER L 154 68.66 -43.21 -10.36
N PRO L 155 68.22 -43.55 -9.13
CA PRO L 155 67.58 -44.86 -8.93
C PRO L 155 66.17 -44.91 -9.55
N TYR L 156 65.56 -43.74 -9.73
CA TYR L 156 64.19 -43.62 -10.26
C TYR L 156 64.05 -42.48 -11.28
N GLY L 157 64.92 -42.47 -12.29
CA GLY L 157 64.87 -41.45 -13.35
C GLY L 157 66.19 -41.17 -14.02
N ASN L 158 66.43 -41.86 -15.14
CA ASN L 158 67.65 -41.67 -15.94
C ASN L 158 67.35 -41.23 -17.37
N VAL L 159 67.44 -39.92 -17.62
CA VAL L 159 67.12 -39.34 -18.93
C VAL L 159 68.09 -38.22 -19.34
N GLU L 160 67.90 -37.69 -20.55
CA GLU L 160 68.75 -36.64 -21.12
C GLU L 160 68.62 -35.29 -20.40
N GLU L 161 69.23 -34.24 -20.97
CA GLU L 161 69.30 -32.92 -20.32
C GLU L 161 68.17 -31.97 -20.74
N TRP L 162 68.20 -30.76 -20.18
CA TRP L 162 67.24 -29.70 -20.52
C TRP L 162 67.79 -28.80 -21.62
N SER L 163 67.15 -28.84 -22.79
CA SER L 163 67.58 -28.05 -23.94
C SER L 163 67.08 -26.61 -23.85
N ILE L 164 68.04 -25.67 -23.83
CA ILE L 164 67.75 -24.24 -23.64
C ILE L 164 66.94 -23.60 -24.78
N GLU L 165 66.92 -24.26 -25.94
CA GLU L 165 66.14 -23.81 -27.10
C GLU L 165 64.65 -23.77 -26.81
N ILE L 166 64.22 -24.55 -25.81
CA ILE L 166 62.84 -24.55 -25.35
C ILE L 166 62.53 -23.26 -24.59
N ALA L 167 62.08 -22.25 -25.33
CA ALA L 167 61.72 -20.94 -24.78
C ALA L 167 60.52 -20.34 -25.51
N ALA L 168 59.92 -19.30 -24.91
CA ALA L 168 58.73 -18.60 -25.43
C ALA L 168 57.49 -19.51 -25.53
N GLY L 174 53.79 -24.14 -28.38
CA GLY L 174 54.93 -23.28 -28.09
C GLY L 174 56.04 -23.98 -27.31
N GLY L 175 56.85 -23.17 -26.63
CA GLY L 175 57.97 -23.68 -25.83
C GLY L 175 57.72 -23.70 -24.33
N ASP L 176 58.80 -23.83 -23.56
CA ASP L 176 58.72 -23.93 -22.09
C ASP L 176 58.41 -22.61 -21.40
N GLU L 177 58.22 -21.55 -22.20
CA GLU L 177 57.78 -20.22 -21.75
C GLU L 177 58.76 -19.50 -20.80
N VAL L 178 60.05 -19.80 -20.95
CA VAL L 178 61.11 -19.18 -20.14
C VAL L 178 61.22 -17.68 -20.44
N PRO L 179 61.19 -16.84 -19.38
CA PRO L 179 61.27 -15.37 -19.51
C PRO L 179 62.48 -14.89 -20.31
N SER L 180 62.31 -13.76 -21.00
CA SER L 180 63.34 -13.19 -21.86
C SER L 180 64.61 -12.81 -21.11
N GLU L 181 64.45 -12.17 -19.95
CA GLU L 181 65.57 -11.67 -19.14
C GLU L 181 66.43 -12.80 -18.58
N ILE L 182 65.78 -13.85 -18.09
CA ILE L 182 66.47 -14.99 -17.48
C ILE L 182 67.21 -15.86 -18.49
N ILE L 183 66.57 -16.10 -19.64
CA ILE L 183 67.08 -16.99 -20.69
C ILE L 183 68.54 -16.73 -21.06
N ASP L 184 68.91 -15.46 -21.15
CA ASP L 184 70.27 -15.05 -21.50
C ASP L 184 71.27 -15.31 -20.38
N LYS L 185 70.87 -15.04 -19.13
CA LYS L 185 71.75 -15.15 -17.97
C LYS L 185 71.95 -16.58 -17.45
N ILE L 186 71.20 -17.53 -18.00
CA ILE L 186 71.24 -18.93 -17.57
C ILE L 186 72.57 -19.62 -17.90
N ILE L 187 72.98 -20.52 -17.01
CA ILE L 187 74.18 -21.34 -17.21
C ILE L 187 73.89 -22.78 -16.81
N TYR L 188 74.31 -23.73 -17.64
CA TYR L 188 73.89 -25.12 -17.49
C TYR L 188 75.01 -26.10 -17.14
N MSE L 189 74.70 -27.03 -16.24
CA MSE L 189 75.65 -28.03 -15.75
C MSE L 189 74.99 -29.38 -15.48
O MSE L 189 74.41 -29.59 -14.41
CB MSE L 189 76.31 -27.55 -14.45
CG MSE L 189 77.36 -26.49 -14.61
SE MSE L 189 78.11 -26.06 -12.87
CE MSE L 189 79.18 -27.67 -12.56
N PRO L 190 75.08 -30.32 -16.45
CA PRO L 190 74.62 -31.70 -16.22
C PRO L 190 75.52 -32.46 -15.24
N PHE L 191 75.11 -33.66 -14.86
CA PHE L 191 75.92 -34.52 -13.99
C PHE L 191 75.63 -35.99 -14.25
N ASP L 192 76.70 -36.81 -14.20
CA ASP L 192 76.62 -38.23 -14.53
C ASP L 192 76.27 -39.09 -13.31
N ASN L 193 77.23 -39.26 -12.40
CA ASN L 193 77.01 -39.98 -11.16
C ASN L 193 76.20 -39.14 -10.19
N GLU L 194 75.39 -39.80 -9.36
CA GLU L 194 74.59 -39.10 -8.34
C GLU L 194 75.49 -38.53 -7.25
N LYS L 195 76.56 -39.27 -6.92
CA LYS L 195 77.57 -38.81 -5.95
C LYS L 195 78.41 -37.66 -6.50
N GLU L 196 78.47 -37.55 -7.84
CA GLU L 196 79.22 -36.49 -8.51
C GLU L 196 78.51 -35.13 -8.45
N LEU L 197 77.19 -35.15 -8.56
CA LEU L 197 76.36 -33.93 -8.54
C LEU L 197 76.40 -33.20 -7.20
N LEU L 198 76.54 -33.95 -6.11
CA LEU L 198 76.65 -33.38 -4.76
C LEU L 198 78.10 -33.01 -4.40
N MSE L 199 79.05 -33.78 -4.91
CA MSE L 199 80.49 -33.54 -4.64
C MSE L 199 81.03 -32.33 -5.40
O MSE L 199 82.05 -31.75 -5.00
CB MSE L 199 81.32 -34.79 -4.96
N GLU L 200 80.39 -31.96 -6.50
CA GLU L 200 80.73 -30.75 -7.24
C GLU L 200 79.98 -29.53 -6.69
N TYR L 201 78.83 -29.77 -6.08
CA TYR L 201 77.96 -28.71 -5.56
C TYR L 201 78.47 -28.03 -4.29
N LEU L 202 78.94 -28.85 -3.33
CA LEU L 202 79.54 -28.33 -2.10
C LEU L 202 80.89 -27.68 -2.36
N ASN L 203 81.57 -28.14 -3.42
CA ASN L 203 82.82 -27.56 -3.90
C ASN L 203 82.56 -26.38 -4.86
N PHE L 204 81.28 -26.11 -5.09
CA PHE L 204 80.85 -24.88 -5.75
C PHE L 204 80.49 -23.84 -4.70
N TRP L 205 79.96 -24.31 -3.57
CA TRP L 205 79.53 -23.45 -2.46
C TRP L 205 80.65 -22.55 -1.94
N GLN L 206 81.86 -23.10 -1.80
CA GLN L 206 83.04 -22.32 -1.44
C GLN L 206 83.35 -21.26 -2.48
N GLN L 207 83.41 -21.67 -3.75
CA GLN L 207 83.70 -20.78 -4.87
C GLN L 207 82.65 -19.67 -5.00
N LYS L 208 81.39 -20.00 -4.73
CA LYS L 208 80.31 -19.02 -4.74
C LYS L 208 80.38 -18.11 -3.51
N THR L 209 80.51 -18.74 -2.33
CA THR L 209 80.54 -18.06 -1.03
C THR L 209 79.33 -17.14 -0.82
N PRO L 210 78.20 -17.71 -0.35
CA PRO L 210 76.97 -16.93 -0.17
C PRO L 210 76.98 -16.12 1.12
N VAL L 211 76.65 -14.83 1.00
CA VAL L 211 76.54 -13.94 2.17
C VAL L 211 75.12 -13.93 2.71
N ILE L 212 74.15 -13.90 1.80
CA ILE L 212 72.74 -14.02 2.14
C ILE L 212 72.18 -15.23 1.39
N LEU L 213 71.65 -16.20 2.14
CA LEU L 213 71.10 -17.43 1.55
C LEU L 213 69.57 -17.44 1.59
N THR L 214 68.95 -16.92 0.53
CA THR L 214 67.49 -16.81 0.45
C THR L 214 66.89 -17.80 -0.56
N GLY L 215 65.56 -17.79 -0.65
CA GLY L 215 64.82 -18.75 -1.47
C GLY L 215 63.67 -19.33 -0.67
N TRP L 216 62.55 -19.59 -1.35
CA TRP L 216 61.30 -20.04 -0.71
C TRP L 216 61.52 -21.24 0.21
N ASN L 217 61.11 -21.08 1.47
CA ASN L 217 61.40 -22.03 2.56
C ASN L 217 62.66 -22.91 2.39
N VAL L 218 63.80 -22.24 2.28
CA VAL L 218 65.11 -22.89 2.24
C VAL L 218 65.45 -23.42 3.63
N GLU L 219 65.15 -22.60 4.64
CA GLU L 219 65.38 -22.93 6.04
C GLU L 219 64.62 -24.19 6.44
N SER L 220 63.52 -24.46 5.74
CA SER L 220 62.64 -25.56 6.07
C SER L 220 62.90 -26.81 5.22
N PHE L 221 63.33 -26.61 3.98
CA PHE L 221 63.48 -27.73 3.04
C PHE L 221 64.86 -27.82 2.40
N ALA L 222 65.23 -26.81 1.62
CA ALA L 222 66.45 -26.84 0.79
C ALA L 222 67.74 -27.04 1.58
N ILE L 223 68.01 -26.13 2.52
CA ILE L 223 69.24 -26.16 3.33
C ILE L 223 69.43 -27.49 4.08
N PRO L 224 68.45 -27.91 4.91
CA PRO L 224 68.60 -29.15 5.68
C PRO L 224 68.72 -30.42 4.84
N TYR L 225 68.05 -30.46 3.69
CA TYR L 225 68.01 -31.66 2.85
C TYR L 225 69.35 -31.96 2.17
N VAL L 226 70.00 -30.92 1.65
CA VAL L 226 71.33 -31.08 1.03
C VAL L 226 72.39 -31.45 2.07
N TYR L 227 72.22 -30.94 3.29
CA TYR L 227 73.09 -31.23 4.41
C TYR L 227 73.12 -32.74 4.69
N ASN L 228 71.95 -33.32 4.92
CA ASN L 228 71.83 -34.75 5.27
C ASN L 228 72.00 -35.71 4.09
N ARG L 229 71.96 -35.16 2.88
CA ARG L 229 72.25 -35.93 1.68
C ARG L 229 73.73 -36.26 1.59
N ILE L 230 74.57 -35.29 1.96
CA ILE L 230 76.02 -35.47 2.01
C ILE L 230 76.43 -36.18 3.30
N LYS L 231 75.82 -35.77 4.42
CA LYS L 231 76.15 -36.29 5.75
C LYS L 231 75.90 -37.80 5.89
N ASN L 232 74.99 -38.33 5.09
CA ASN L 232 74.65 -39.75 5.12
C ASN L 232 74.95 -40.47 3.81
N ILE L 233 75.77 -39.83 2.97
CA ILE L 233 76.26 -40.42 1.71
C ILE L 233 77.73 -40.09 1.44
N PHE L 234 78.33 -39.30 2.32
CA PHE L 234 79.75 -38.94 2.23
C PHE L 234 80.40 -38.82 3.61
N GLY L 235 79.63 -38.35 4.60
CA GLY L 235 80.12 -38.19 5.97
C GLY L 235 79.70 -36.86 6.58
N GLU L 236 79.48 -36.85 7.89
CA GLU L 236 78.99 -35.65 8.58
C GLU L 236 80.08 -34.59 8.76
N SER L 237 81.32 -35.03 8.93
CA SER L 237 82.46 -34.12 9.02
C SER L 237 82.69 -33.45 7.66
N THR L 238 82.59 -34.26 6.60
CA THR L 238 82.70 -33.79 5.22
C THR L 238 81.31 -33.45 4.64
N ALA L 239 80.65 -32.48 5.28
CA ALA L 239 79.33 -31.99 4.86
C ALA L 239 79.04 -30.57 5.39
N LYS L 240 80.03 -29.98 6.06
CA LYS L 240 79.92 -28.61 6.58
C LYS L 240 80.60 -27.61 5.63
N ARG L 241 80.81 -28.04 4.39
CA ARG L 241 81.47 -27.24 3.35
C ARG L 241 80.67 -26.01 2.91
N LEU L 242 79.36 -26.02 3.19
CA LEU L 242 78.50 -24.87 2.92
C LEU L 242 78.80 -23.74 3.91
N SER L 243 79.10 -24.11 5.15
CA SER L 243 79.53 -23.15 6.15
C SER L 243 80.96 -22.70 5.84
N PRO L 244 81.15 -21.41 5.52
CA PRO L 244 82.48 -20.90 5.16
C PRO L 244 83.50 -21.06 6.27
N HIS L 245 83.01 -21.12 7.51
CA HIS L 245 83.85 -21.30 8.70
C HIS L 245 83.94 -22.79 9.06
N ARG L 246 83.21 -23.63 8.31
CA ARG L 246 83.19 -25.09 8.47
C ARG L 246 82.60 -25.60 9.78
N LYS L 247 81.60 -24.89 10.30
CA LYS L 247 80.89 -25.29 11.52
C LYS L 247 79.37 -25.19 11.35
N THR L 248 78.65 -26.16 11.91
CA THR L 248 77.18 -26.20 11.82
C THR L 248 76.52 -26.89 13.01
N ARG L 249 75.31 -26.44 13.34
CA ARG L 249 74.53 -27.01 14.44
C ARG L 249 73.05 -27.10 14.08
N VAL L 250 72.54 -28.33 14.06
CA VAL L 250 71.12 -28.58 13.74
C VAL L 250 70.24 -28.54 14.99
N LYS L 251 69.11 -27.84 14.88
CA LYS L 251 68.14 -27.73 15.96
C LYS L 251 66.75 -28.21 15.53
N VAL L 252 65.72 -27.79 16.26
CA VAL L 252 64.33 -28.14 15.93
C VAL L 252 63.38 -26.99 16.31
N ILE L 253 62.77 -26.37 15.30
CA ILE L 253 61.95 -25.17 15.51
C ILE L 253 60.49 -25.45 15.90
N GLU L 254 60.06 -24.77 16.96
CA GLU L 254 58.66 -24.76 17.39
C GLU L 254 58.13 -23.33 17.36
N ASN L 255 57.50 -22.95 16.24
CA ASN L 255 56.93 -21.61 16.08
C ASN L 255 55.58 -21.49 16.80
N MSE L 256 54.68 -22.43 16.50
CA MSE L 256 53.42 -22.57 17.20
C MSE L 256 53.18 -24.05 17.50
O MSE L 256 52.17 -24.43 18.09
CB MSE L 256 52.27 -21.99 16.37
N TYR L 257 54.13 -24.87 17.07
CA TYR L 257 54.02 -26.32 17.14
C TYR L 257 55.16 -26.93 17.96
N GLY L 258 55.82 -27.95 17.41
CA GLY L 258 56.88 -28.67 18.12
C GLY L 258 58.08 -29.03 17.26
N SER L 259 58.05 -30.23 16.68
CA SER L 259 59.19 -30.80 15.97
C SER L 259 59.27 -30.39 14.50
N ARG L 260 60.42 -29.83 14.13
CA ARG L 260 60.72 -29.44 12.75
C ARG L 260 62.25 -29.41 12.52
N GLU L 261 62.68 -28.79 11.41
CA GLU L 261 64.09 -28.75 11.06
C GLU L 261 64.68 -27.33 11.00
N ILE L 262 65.85 -27.15 11.61
CA ILE L 262 66.60 -25.90 11.57
C ILE L 262 68.10 -26.12 11.78
N ILE L 263 68.83 -26.22 10.67
CA ILE L 263 70.29 -26.39 10.73
C ILE L 263 71.00 -25.04 10.65
N THR L 264 71.47 -24.56 11.79
CA THR L 264 72.21 -23.30 11.87
C THR L 264 73.66 -23.48 11.41
N LEU L 265 73.95 -22.96 10.23
CA LEU L 265 75.28 -23.05 9.62
C LEU L 265 76.15 -21.87 10.05
N PHE L 266 77.08 -22.13 10.96
CA PHE L 266 77.95 -21.08 11.51
C PHE L 266 78.84 -20.49 10.42
N GLY L 267 78.74 -19.17 10.24
CA GLY L 267 79.55 -18.44 9.28
C GLY L 267 78.78 -17.76 8.16
N ILE L 268 77.54 -18.18 7.96
CA ILE L 268 76.70 -17.66 6.87
C ILE L 268 75.37 -17.12 7.40
N SER L 269 74.99 -15.94 6.91
CA SER L 269 73.73 -15.29 7.29
C SER L 269 72.57 -15.78 6.44
N VAL L 270 71.66 -16.54 7.06
CA VAL L 270 70.47 -17.04 6.38
C VAL L 270 69.27 -16.12 6.61
N LEU L 271 68.55 -15.82 5.53
CA LEU L 271 67.36 -14.99 5.61
C LEU L 271 66.35 -15.52 4.59
N ASP L 272 65.44 -16.37 5.07
CA ASP L 272 64.43 -17.01 4.23
C ASP L 272 63.41 -15.99 3.74
N TYR L 273 62.97 -16.15 2.49
CA TYR L 273 62.11 -15.17 1.85
C TYR L 273 60.63 -15.26 2.28
N ILE L 274 60.21 -16.46 2.69
CA ILE L 274 58.85 -16.67 3.19
C ILE L 274 58.58 -15.88 4.48
N ASP L 275 59.62 -15.76 5.31
CA ASP L 275 59.56 -14.99 6.56
C ASP L 275 59.76 -13.50 6.29
N LEU L 276 60.53 -13.20 5.24
CA LEU L 276 60.73 -11.82 4.79
C LEU L 276 59.45 -11.29 4.15
N TYR L 277 58.66 -12.20 3.59
CA TYR L 277 57.35 -11.88 3.00
C TYR L 277 56.34 -11.43 4.04
N LYS L 278 56.23 -12.21 5.12
CA LYS L 278 55.28 -11.92 6.20
C LYS L 278 55.65 -10.67 7.00
N LYS L 279 56.94 -10.51 7.30
CA LYS L 279 57.40 -9.42 8.17
C LYS L 279 57.70 -8.12 7.43
N PHE L 280 56.91 -7.83 6.39
CA PHE L 280 57.03 -6.60 5.63
C PHE L 280 55.69 -6.18 5.04
N SER L 281 55.05 -7.13 4.35
CA SER L 281 53.75 -6.90 3.71
C SER L 281 52.64 -6.72 4.73
N PHE L 282 52.67 -7.57 5.76
CA PHE L 282 51.70 -7.56 6.87
C PHE L 282 50.27 -7.98 6.48
N THR L 283 50.10 -8.48 5.26
CA THR L 283 48.79 -8.90 4.75
C THR L 283 48.42 -10.34 5.09
N ASN L 284 47.18 -10.55 5.52
CA ASN L 284 46.67 -11.87 5.84
C ASN L 284 46.35 -12.69 4.58
N GLN L 285 47.39 -12.97 3.81
CA GLN L 285 47.28 -13.71 2.55
C GLN L 285 46.71 -15.12 2.76
N PRO L 286 45.78 -15.55 1.88
CA PRO L 286 45.08 -16.82 2.02
C PRO L 286 46.00 -18.04 2.10
N SER L 287 47.04 -18.04 1.27
CA SER L 287 47.97 -19.17 1.18
C SER L 287 49.41 -18.68 1.14
N TYR L 288 50.32 -19.49 1.68
CA TYR L 288 51.74 -19.14 1.68
C TYR L 288 52.60 -20.22 1.00
N SER L 289 52.34 -20.40 -0.30
CA SER L 289 53.17 -21.25 -1.15
C SER L 289 53.74 -20.43 -2.29
N LEU L 290 54.76 -20.97 -2.95
CA LEU L 290 55.45 -20.27 -4.04
C LEU L 290 54.52 -20.04 -5.24
N ASP L 291 53.62 -20.98 -5.47
CA ASP L 291 52.63 -20.87 -6.55
C ASP L 291 51.56 -19.81 -6.25
N TYR L 292 51.10 -19.78 -5.00
CA TYR L 292 49.99 -18.91 -4.59
C TYR L 292 50.38 -17.44 -4.36
N ILE L 293 51.53 -17.23 -3.72
CA ILE L 293 52.01 -15.86 -3.42
C ILE L 293 52.49 -15.13 -4.68
N SER L 294 52.99 -15.89 -5.65
CA SER L 294 53.49 -15.34 -6.91
C SER L 294 52.42 -14.54 -7.66
N GLU L 295 51.29 -15.19 -7.94
CA GLU L 295 50.20 -14.59 -8.72
C GLU L 295 49.54 -13.37 -8.07
N PHE L 296 49.75 -13.22 -6.75
CA PHE L 296 49.16 -12.12 -5.99
C PHE L 296 49.64 -10.74 -6.45
N GLU L 297 50.95 -10.61 -6.62
CA GLU L 297 51.54 -9.33 -7.01
C GLU L 297 52.08 -9.35 -8.45
N LEU L 298 52.57 -10.51 -8.89
CA LEU L 298 53.12 -10.66 -10.24
C LEU L 298 52.06 -10.87 -11.32
N ASN L 299 50.86 -11.27 -10.90
CA ASN L 299 49.71 -11.53 -11.79
C ASN L 299 49.94 -12.64 -12.83
N VAL L 300 50.99 -13.44 -12.63
CA VAL L 300 51.29 -14.54 -13.54
C VAL L 300 51.04 -15.90 -12.87
N GLY L 301 51.88 -16.24 -11.89
CA GLY L 301 51.81 -17.54 -11.22
C GLY L 301 52.97 -18.44 -11.58
N LYS L 302 52.68 -19.71 -11.86
CA LYS L 302 53.69 -20.68 -12.29
C LYS L 302 53.10 -21.71 -13.25
N LEU L 303 53.97 -22.32 -14.07
CA LEU L 303 53.55 -23.29 -15.07
C LEU L 303 53.09 -24.60 -14.45
N LYS L 304 51.84 -24.97 -14.73
CA LYS L 304 51.29 -26.22 -14.22
C LYS L 304 52.02 -27.40 -14.85
N TYR L 305 52.47 -28.32 -14.01
CA TYR L 305 53.19 -29.51 -14.47
C TYR L 305 52.29 -30.40 -15.33
N ASP L 306 52.90 -31.08 -16.30
CA ASP L 306 52.18 -32.02 -17.17
C ASP L 306 51.82 -33.31 -16.41
N GLY L 307 51.17 -33.12 -15.26
CA GLY L 307 50.85 -34.20 -14.32
C GLY L 307 51.12 -33.79 -12.88
N PRO L 308 51.65 -34.73 -12.06
CA PRO L 308 52.02 -34.44 -10.69
C PRO L 308 53.48 -33.96 -10.54
N ILE L 309 53.87 -33.58 -9.33
CA ILE L 309 55.24 -33.16 -9.02
C ILE L 309 56.18 -34.35 -8.88
N SER L 310 55.61 -35.54 -8.66
CA SER L 310 56.37 -36.78 -8.48
C SER L 310 56.66 -37.50 -9.81
N LYS L 311 55.98 -37.07 -10.88
CA LYS L 311 56.17 -37.67 -12.20
C LYS L 311 56.58 -36.66 -13.27
N LEU L 312 56.73 -35.40 -12.86
CA LEU L 312 57.06 -34.29 -13.77
C LEU L 312 58.41 -34.48 -14.48
N ARG L 313 59.44 -34.87 -13.74
CA ARG L 313 60.77 -35.06 -14.31
C ARG L 313 60.88 -36.36 -15.12
N GLU L 314 60.24 -37.41 -14.62
CA GLU L 314 60.27 -38.73 -15.26
C GLU L 314 59.77 -38.70 -16.70
N SER L 315 58.72 -37.92 -16.96
CA SER L 315 58.20 -37.72 -18.31
C SER L 315 58.80 -36.46 -18.93
N ASN L 316 57.98 -35.41 -19.08
CA ASN L 316 58.42 -34.14 -19.68
C ASN L 316 59.50 -33.44 -18.85
N HIS L 317 60.75 -33.86 -19.06
CA HIS L 317 61.90 -33.41 -18.26
C HIS L 317 62.33 -31.98 -18.58
N GLN L 318 62.28 -31.60 -19.86
CA GLN L 318 62.74 -30.28 -20.32
C GLN L 318 61.89 -29.12 -19.80
N ARG L 319 60.91 -29.42 -18.94
CA ARG L 319 60.06 -28.42 -18.31
C ARG L 319 60.13 -28.53 -16.79
N TYR L 320 60.36 -29.75 -16.30
CA TYR L 320 60.44 -30.03 -14.86
C TYR L 320 61.76 -29.53 -14.26
N ILE L 321 62.77 -29.40 -15.11
CA ILE L 321 64.04 -28.80 -14.72
C ILE L 321 63.92 -27.28 -14.87
N SER L 322 63.15 -26.85 -15.87
CA SER L 322 62.82 -25.44 -16.05
C SER L 322 61.80 -24.96 -15.02
N TYR L 323 61.25 -25.90 -14.26
CA TYR L 323 60.31 -25.60 -13.18
C TYR L 323 61.00 -25.01 -11.95
N ASN L 324 62.26 -25.39 -11.74
CA ASN L 324 63.08 -24.82 -10.67
C ASN L 324 63.75 -23.50 -11.06
N ILE L 325 64.03 -23.37 -12.36
CA ILE L 325 64.58 -22.15 -12.92
C ILE L 325 63.48 -21.08 -12.93
N ILE L 326 62.25 -21.52 -13.16
CA ILE L 326 61.09 -20.63 -13.11
C ILE L 326 60.83 -20.22 -11.66
N ALA L 327 61.14 -21.12 -10.73
CA ALA L 327 60.91 -20.92 -9.31
C ALA L 327 61.78 -19.81 -8.70
N VAL L 328 63.10 -19.94 -8.84
CA VAL L 328 64.05 -18.98 -8.28
C VAL L 328 63.88 -17.57 -8.81
N TYR L 329 63.62 -17.45 -10.12
CA TYR L 329 63.47 -16.15 -10.75
C TYR L 329 62.18 -15.44 -10.35
N ARG L 330 61.14 -16.23 -10.09
CA ARG L 330 59.89 -15.70 -9.56
C ARG L 330 60.13 -14.95 -8.25
N VAL L 331 60.98 -15.51 -7.40
CA VAL L 331 61.35 -14.90 -6.12
C VAL L 331 62.12 -13.58 -6.31
N LEU L 332 62.98 -13.54 -7.33
CA LEU L 332 63.82 -12.36 -7.64
C LEU L 332 63.02 -11.13 -8.03
N GLN L 333 61.98 -11.33 -8.85
CA GLN L 333 61.10 -10.26 -9.30
C GLN L 333 60.44 -9.58 -8.11
N ILE L 334 60.04 -10.39 -7.13
CA ILE L 334 59.42 -9.90 -5.91
C ILE L 334 60.38 -9.01 -5.12
N ASP L 335 61.68 -9.31 -5.18
CA ASP L 335 62.67 -8.53 -4.44
C ASP L 335 62.91 -7.14 -5.04
N ALA L 336 62.72 -7.02 -6.35
CA ALA L 336 62.71 -5.72 -7.01
C ALA L 336 61.38 -5.02 -6.72
N LYS L 337 60.32 -5.82 -6.69
CA LYS L 337 58.97 -5.32 -6.42
C LYS L 337 58.79 -4.99 -4.93
N ARG L 338 58.50 -6.02 -4.13
CA ARG L 338 58.25 -5.88 -2.69
C ARG L 338 59.48 -5.40 -1.88
N GLN L 339 60.64 -5.34 -2.54
CA GLN L 339 61.84 -4.69 -2.01
C GLN L 339 62.24 -5.21 -0.62
N PHE L 340 62.28 -6.54 -0.48
CA PHE L 340 62.56 -7.17 0.80
C PHE L 340 64.05 -7.08 1.18
N ILE L 341 64.88 -7.93 0.57
CA ILE L 341 66.30 -8.05 0.90
C ILE L 341 66.97 -6.72 1.27
N ASN L 342 66.73 -5.69 0.45
CA ASN L 342 67.35 -4.38 0.62
C ASN L 342 66.98 -3.68 1.94
N LEU L 343 65.74 -3.88 2.39
CA LEU L 343 65.25 -3.29 3.65
C LEU L 343 65.97 -3.87 4.86
N SER L 344 66.13 -5.20 4.86
CA SER L 344 66.78 -5.91 5.97
C SER L 344 68.28 -5.64 6.02
N LEU L 345 68.91 -5.44 4.86
CA LEU L 345 70.31 -5.06 4.81
C LEU L 345 70.48 -3.67 5.40
N ASP L 346 69.64 -2.74 4.96
CA ASP L 346 69.63 -1.37 5.46
C ASP L 346 69.49 -1.35 6.98
N MSE L 347 68.65 -2.24 7.49
CA MSE L 347 68.40 -2.38 8.92
C MSE L 347 69.65 -2.85 9.68
O MSE L 347 70.05 -2.25 10.68
CB MSE L 347 67.24 -3.34 9.17
CG MSE L 347 66.82 -3.44 10.63
SE MSE L 347 65.91 -1.82 11.22
CE MSE L 347 64.06 -2.47 11.08
N GLY L 348 70.26 -3.94 9.18
CA GLY L 348 71.45 -4.52 9.79
C GLY L 348 72.63 -3.57 9.89
N TYR L 349 72.60 -2.51 9.08
CA TYR L 349 73.65 -1.49 9.12
C TYR L 349 73.27 -0.27 9.95
N TYR L 350 72.01 0.19 9.83
CA TYR L 350 71.52 1.28 10.67
C TYR L 350 71.64 0.86 12.14
N ALA L 351 71.00 -0.25 12.48
CA ALA L 351 71.22 -0.89 13.77
C ALA L 351 72.47 -1.74 13.65
N LYS L 352 73.53 -1.34 14.35
CA LYS L 352 74.78 -2.07 14.35
C LYS L 352 74.58 -3.44 15.00
N ILE L 353 74.05 -4.37 14.20
CA ILE L 353 73.69 -5.70 14.66
C ILE L 353 73.65 -6.67 13.49
N GLN L 354 73.44 -7.95 13.81
CA GLN L 354 73.48 -9.04 12.82
C GLN L 354 72.63 -8.76 11.60
N ILE L 355 73.04 -9.33 10.47
CA ILE L 355 72.32 -9.17 9.20
C ILE L 355 70.95 -9.87 9.19
N GLN L 356 70.83 -10.95 9.95
CA GLN L 356 69.57 -11.71 10.05
C GLN L 356 68.71 -11.35 11.26
N SER L 357 69.32 -10.75 12.28
CA SER L 357 68.60 -10.35 13.49
C SER L 357 67.65 -9.18 13.25
N VAL L 358 67.29 -9.00 11.98
CA VAL L 358 66.29 -8.01 11.59
C VAL L 358 64.89 -8.47 12.00
N PHE L 359 64.71 -9.79 12.11
CA PHE L 359 63.45 -10.40 12.55
C PHE L 359 63.14 -10.08 14.01
N SER L 360 64.18 -9.97 14.82
CA SER L 360 64.04 -9.67 16.25
C SER L 360 63.99 -8.16 16.48
N PRO L 361 62.82 -7.63 16.87
CA PRO L 361 62.72 -6.22 17.25
C PRO L 361 63.34 -5.99 18.63
N ILE L 362 63.68 -7.09 19.30
CA ILE L 362 64.40 -7.05 20.57
C ILE L 362 65.86 -6.69 20.25
N LYS L 363 66.52 -7.57 19.49
CA LYS L 363 67.91 -7.40 19.10
C LYS L 363 68.17 -6.08 18.38
N THR L 364 67.25 -5.71 17.49
CA THR L 364 67.33 -4.47 16.73
C THR L 364 67.38 -3.27 17.67
N TRP L 365 66.30 -3.05 18.43
CA TRP L 365 66.24 -1.94 19.38
C TRP L 365 67.32 -2.04 20.46
N ASP L 366 67.70 -3.27 20.80
CA ASP L 366 68.80 -3.54 21.74
C ASP L 366 70.11 -2.91 21.27
N ALA L 367 70.37 -3.00 19.96
CA ALA L 367 71.56 -2.42 19.35
C ALA L 367 71.47 -0.89 19.31
N ILE L 368 70.37 -0.39 18.74
CA ILE L 368 70.16 1.05 18.53
C ILE L 368 70.40 1.85 19.81
N ILE L 369 69.87 1.35 20.91
CA ILE L 369 69.94 2.02 22.20
C ILE L 369 71.29 1.76 22.89
N PHE L 370 71.94 0.65 22.53
CA PHE L 370 73.30 0.36 22.98
C PHE L 370 74.28 1.33 22.33
N ASN L 371 74.27 1.39 21.01
CA ASN L 371 75.10 2.32 20.23
C ASN L 371 74.89 3.77 20.63
N SER L 372 73.66 4.11 21.02
CA SER L 372 73.32 5.47 21.43
C SER L 372 73.94 5.86 22.77
N LEU L 373 74.15 4.88 23.64
CA LEU L 373 74.76 5.11 24.95
C LEU L 373 76.29 5.00 24.93
N LYS L 374 76.82 4.20 24.00
CA LYS L 374 78.26 4.06 23.80
C LYS L 374 78.84 5.29 23.09
N GLU L 375 78.11 6.39 23.15
CA GLU L 375 78.52 7.65 22.54
C GLU L 375 78.75 8.69 23.64
N GLN L 376 78.05 8.51 24.76
CA GLN L 376 78.04 9.47 25.85
C GLN L 376 78.76 8.93 27.09
N ASN L 377 79.50 7.83 26.91
CA ASN L 377 80.15 7.11 28.00
C ASN L 377 79.15 6.67 29.08
N LYS L 378 78.05 6.09 28.63
CA LYS L 378 77.02 5.57 29.51
C LYS L 378 76.95 4.05 29.39
N VAL L 379 76.97 3.37 30.54
CA VAL L 379 76.91 1.91 30.58
C VAL L 379 75.47 1.42 30.64
N ILE L 380 75.15 0.42 29.83
CA ILE L 380 73.78 -0.11 29.75
C ILE L 380 73.47 -1.07 30.91
N PRO L 381 72.28 -0.93 31.52
CA PRO L 381 71.87 -1.72 32.67
C PRO L 381 71.98 -3.23 32.46
N GLN L 382 72.17 -3.96 33.55
CA GLN L 382 72.30 -5.42 33.53
C GLN L 382 71.02 -6.07 33.03
N GLY L 383 71.11 -6.72 31.87
CA GLY L 383 69.95 -7.33 31.22
C GLY L 383 69.31 -8.47 32.00
N ARG L 384 68.49 -8.12 32.99
CA ARG L 384 67.80 -9.10 33.83
C ARG L 384 66.46 -9.52 33.22
N SER L 385 66.15 -10.81 33.31
CA SER L 385 64.91 -11.35 32.75
C SER L 385 63.82 -11.42 33.82
N HIS L 386 62.61 -11.03 33.43
CA HIS L 386 61.48 -10.90 34.36
C HIS L 386 60.49 -12.07 34.27
N PRO L 387 59.59 -12.21 35.26
CA PRO L 387 58.54 -13.22 35.19
C PRO L 387 57.46 -12.88 34.15
N VAL L 388 57.03 -13.89 33.40
CA VAL L 388 55.98 -13.70 32.39
C VAL L 388 54.67 -13.28 33.07
N GLN L 389 54.11 -12.15 32.63
CA GLN L 389 52.83 -11.67 33.13
C GLN L 389 52.08 -10.93 32.01
N PRO L 390 51.07 -11.61 31.40
CA PRO L 390 50.35 -11.06 30.25
C PRO L 390 49.27 -10.07 30.68
N TYR L 391 49.49 -8.80 30.35
CA TYR L 391 48.56 -7.73 30.66
C TYR L 391 47.67 -7.42 29.46
N PRO L 392 46.40 -7.03 29.70
CA PRO L 392 45.48 -6.66 28.62
C PRO L 392 45.85 -5.33 27.96
N GLY L 393 45.34 -5.10 26.76
CA GLY L 393 45.64 -3.89 25.99
C GLY L 393 44.54 -2.85 26.04
N ALA L 394 44.62 -1.88 25.13
CA ALA L 394 43.59 -0.85 24.97
C ALA L 394 42.24 -1.49 24.63
N PHE L 395 41.17 -0.93 25.18
CA PHE L 395 39.88 -1.60 25.20
C PHE L 395 39.09 -1.53 23.89
N VAL L 396 38.52 -2.67 23.51
CA VAL L 396 37.53 -2.72 22.46
C VAL L 396 36.18 -2.53 23.12
N LYS L 397 35.61 -1.34 22.95
CA LYS L 397 34.28 -1.06 23.47
C LYS L 397 33.24 -1.58 22.47
N GLU L 398 32.40 -2.51 22.95
CA GLU L 398 31.38 -3.15 22.12
C GLU L 398 30.27 -2.18 21.72
N PRO L 399 30.08 -1.95 20.41
CA PRO L 399 29.09 -1.02 19.88
C PRO L 399 27.70 -1.65 19.77
N ILE L 400 26.66 -0.81 19.70
CA ILE L 400 25.31 -1.32 19.43
C ILE L 400 25.21 -1.72 17.95
N PRO L 401 24.96 -3.03 17.70
CA PRO L 401 24.92 -3.54 16.34
C PRO L 401 23.78 -2.90 15.55
N ASN L 402 24.12 -1.89 14.76
CA ASN L 402 23.12 -1.20 13.94
C ASN L 402 23.70 -0.56 12.69
N ARG L 403 22.81 -0.05 11.84
CA ARG L 403 23.16 0.79 10.71
C ARG L 403 23.63 2.15 11.21
N TYR L 404 24.58 2.75 10.49
CA TYR L 404 25.07 4.08 10.80
C TYR L 404 25.22 4.88 9.52
N LYS L 405 24.21 5.70 9.23
CA LYS L 405 24.18 6.52 8.01
C LYS L 405 25.50 7.26 7.76
N TYR L 406 25.79 8.23 8.60
CA TYR L 406 26.99 9.05 8.44
C TYR L 406 27.95 8.80 9.59
N VAL L 407 29.13 8.29 9.25
CA VAL L 407 30.12 7.87 10.23
C VAL L 407 31.50 8.47 9.95
N MSE L 408 32.12 8.98 11.01
CA MSE L 408 33.43 9.61 10.95
C MSE L 408 34.38 8.84 11.88
O MSE L 408 34.00 8.48 13.00
CB MSE L 408 33.30 11.05 11.44
CG MSE L 408 34.55 11.90 11.32
SE MSE L 408 34.35 13.35 10.04
CE MSE L 408 32.83 14.29 10.84
N SER L 409 35.60 8.61 11.41
CA SER L 409 36.58 7.83 12.17
C SER L 409 37.84 8.62 12.52
N PHE L 410 38.48 8.23 13.63
CA PHE L 410 39.67 8.91 14.13
C PHE L 410 40.70 7.92 14.65
N ASP L 411 41.98 8.21 14.43
CA ASP L 411 43.07 7.50 15.09
C ASP L 411 44.31 8.38 15.31
N LEU L 412 44.91 8.27 16.49
CA LEU L 412 46.06 9.09 16.88
C LEU L 412 47.34 8.57 16.24
N THR L 413 48.16 9.48 15.73
CA THR L 413 49.38 9.11 15.02
C THR L 413 50.43 8.53 15.99
N SER L 414 50.92 7.33 15.64
CA SER L 414 51.94 6.61 16.40
C SER L 414 51.66 6.60 17.91
N LEU L 415 50.53 6.01 18.29
CA LEU L 415 50.02 6.12 19.67
C LEU L 415 51.02 5.72 20.74
N TYR L 416 51.34 4.43 20.81
CA TYR L 416 52.16 3.88 21.89
C TYR L 416 53.53 4.56 22.07
N PRO L 417 54.34 4.67 20.99
CA PRO L 417 55.61 5.40 21.12
C PRO L 417 55.45 6.86 21.55
N SER L 418 54.32 7.48 21.21
CA SER L 418 54.05 8.87 21.57
C SER L 418 53.73 9.05 23.04
N ILE L 419 53.13 8.02 23.64
CA ILE L 419 52.82 8.02 25.08
C ILE L 419 54.12 8.20 25.87
N ILE L 420 55.11 7.37 25.55
CA ILE L 420 56.40 7.37 26.22
C ILE L 420 57.10 8.71 26.04
N ARG L 421 56.97 9.30 24.85
CA ARG L 421 57.54 10.62 24.57
C ARG L 421 56.92 11.73 25.41
N GLN L 422 55.59 11.77 25.47
CA GLN L 422 54.88 12.83 26.18
C GLN L 422 54.98 12.68 27.70
N VAL L 423 54.72 11.46 28.19
CA VAL L 423 54.70 11.19 29.63
C VAL L 423 56.13 11.12 30.22
N ASN L 424 57.09 10.76 29.39
CA ASN L 424 58.50 10.61 29.80
C ASN L 424 58.70 9.34 30.62
N ILE L 425 58.62 8.19 29.94
CA ILE L 425 58.71 6.88 30.59
C ILE L 425 59.99 6.13 30.20
N SER L 426 60.84 5.88 31.19
CA SER L 426 62.08 5.14 31.01
C SER L 426 62.53 4.59 32.37
N PRO L 427 63.22 3.42 32.36
CA PRO L 427 63.71 2.76 33.56
C PRO L 427 64.15 3.68 34.71
N GLU L 428 64.77 4.80 34.37
CA GLU L 428 65.39 5.67 35.37
C GLU L 428 64.58 6.91 35.76
N THR L 429 63.53 7.21 34.99
CA THR L 429 62.71 8.41 35.25
C THR L 429 61.55 8.16 36.22
N ILE L 430 61.45 6.94 36.73
CA ILE L 430 60.49 6.61 37.77
C ILE L 430 60.82 7.43 39.02
N ALA L 431 59.85 8.22 39.48
CA ALA L 431 60.04 9.08 40.65
C ALA L 431 59.32 8.56 41.89
N GLY L 432 58.23 7.81 41.68
CA GLY L 432 57.44 7.26 42.78
C GLY L 432 56.04 6.86 42.39
N THR L 433 55.10 7.10 43.29
CA THR L 433 53.69 6.72 43.11
C THR L 433 52.73 7.75 43.69
N PHE L 434 51.44 7.49 43.55
CA PHE L 434 50.40 8.28 44.23
C PHE L 434 49.21 7.41 44.68
N LYS L 435 48.17 8.07 45.20
CA LYS L 435 46.92 7.40 45.56
C LYS L 435 46.28 6.83 44.31
N VAL L 436 46.34 5.50 44.19
CA VAL L 436 45.87 4.77 43.00
C VAL L 436 44.35 4.93 42.81
N ALA L 437 43.94 6.08 42.29
CA ALA L 437 42.52 6.41 42.12
C ALA L 437 41.95 5.67 40.91
N PRO L 438 40.69 5.18 41.02
CA PRO L 438 40.05 4.37 39.97
C PRO L 438 40.12 5.03 38.59
N LEU L 439 40.25 4.21 37.55
CA LEU L 439 40.38 4.69 36.18
C LEU L 439 39.19 5.57 35.77
N HIS L 440 37.98 5.09 36.04
CA HIS L 440 36.74 5.80 35.70
C HIS L 440 36.75 7.25 36.16
N ASP L 441 37.20 7.46 37.40
CA ASP L 441 37.33 8.81 37.96
C ASP L 441 38.29 9.70 37.16
N TYR L 442 39.36 9.10 36.63
CA TYR L 442 40.33 9.83 35.82
C TYR L 442 39.77 10.16 34.46
N ILE L 443 39.03 9.22 33.89
CA ILE L 443 38.34 9.41 32.61
C ILE L 443 37.45 10.65 32.69
N ASN L 444 36.71 10.75 33.79
CA ASN L 444 35.77 11.84 34.01
C ASN L 444 36.41 13.10 34.61
N ALA L 445 37.59 12.94 35.19
CA ALA L 445 38.30 14.00 35.93
C ALA L 445 37.60 14.35 37.26
N VAL L 446 36.93 13.38 37.85
CA VAL L 446 36.26 13.52 39.15
C VAL L 446 37.28 13.42 40.30
N ALA L 447 38.28 12.56 40.12
CA ALA L 447 39.37 12.42 41.08
C ALA L 447 40.33 13.60 40.97
N GLU L 448 41.01 13.90 42.08
CA GLU L 448 41.94 15.03 42.15
C GLU L 448 43.20 14.78 41.32
N ARG L 449 43.86 15.88 40.95
CA ARG L 449 45.14 15.84 40.24
C ARG L 449 46.17 15.05 41.05
N PRO L 450 46.73 13.98 40.45
CA PRO L 450 47.65 13.07 41.14
C PRO L 450 48.96 13.72 41.61
N SER L 451 49.56 14.59 40.78
CA SER L 451 50.78 15.30 41.16
C SER L 451 50.98 16.60 40.39
N ASP L 452 51.62 17.56 41.06
CA ASP L 452 51.92 18.89 40.51
C ASP L 452 53.41 19.02 40.15
N VAL L 453 54.23 18.14 40.72
CA VAL L 453 55.68 18.20 40.56
C VAL L 453 56.21 17.21 39.52
N TYR L 454 55.44 16.16 39.23
CA TYR L 454 55.91 15.07 38.37
C TYR L 454 54.95 14.76 37.22
N SER L 455 55.44 13.99 36.24
CA SER L 455 54.61 13.49 35.13
C SER L 455 53.96 12.16 35.52
N CYS L 456 52.64 12.07 35.34
CA CYS L 456 51.86 10.98 35.93
C CYS L 456 51.08 10.13 34.95
N SER L 457 50.81 8.89 35.36
CA SER L 457 50.05 7.92 34.57
C SER L 457 48.92 7.31 35.40
N PRO L 458 47.72 7.16 34.79
CA PRO L 458 46.49 6.73 35.48
C PRO L 458 46.56 5.35 36.15
N ASN L 459 47.66 4.63 35.96
CA ASN L 459 47.84 3.33 36.60
C ASN L 459 48.31 3.46 38.05
N GLY L 460 49.01 4.55 38.35
CA GLY L 460 49.55 4.79 39.69
C GLY L 460 51.02 5.16 39.68
N MSE L 461 51.54 5.51 38.51
CA MSE L 461 52.97 5.80 38.33
C MSE L 461 53.29 7.30 38.22
O MSE L 461 52.47 8.08 37.74
CB MSE L 461 53.52 5.08 37.10
CG MSE L 461 53.86 3.61 37.30
SE MSE L 461 54.92 3.23 38.90
CE MSE L 461 53.54 2.32 39.95
N MSE L 462 54.50 7.67 38.66
CA MSE L 462 55.02 9.04 38.52
C MSE L 462 56.35 9.03 37.77
O MSE L 462 57.11 8.05 37.83
CB MSE L 462 55.17 9.72 39.88
CG MSE L 462 53.90 9.80 40.72
SE MSE L 462 53.89 11.24 42.04
CE MSE L 462 55.54 10.83 43.00
N TYR L 463 56.65 10.13 37.08
CA TYR L 463 57.87 10.26 36.27
C TYR L 463 58.50 11.64 36.34
N TYR L 464 59.82 11.69 36.18
CA TYR L 464 60.59 12.94 36.29
C TYR L 464 60.30 13.95 35.18
N LYS L 465 60.45 15.23 35.52
CA LYS L 465 60.22 16.33 34.58
C LYS L 465 61.44 17.25 34.46
N ASP L 466 62.38 17.12 35.40
CA ASP L 466 63.57 17.97 35.48
C ASP L 466 64.60 17.69 34.37
N ARG L 467 64.62 16.45 33.89
CA ARG L 467 65.52 16.02 32.83
C ARG L 467 64.94 14.79 32.14
N ASP L 468 64.90 14.83 30.81
CA ASP L 468 64.34 13.73 30.01
C ASP L 468 65.25 12.49 29.97
N GLY L 469 64.63 11.34 29.72
CA GLY L 469 65.29 10.05 29.85
C GLY L 469 65.61 9.33 28.56
N VAL L 470 66.28 8.18 28.68
CA VAL L 470 66.80 7.44 27.55
C VAL L 470 65.74 7.07 26.49
N VAL L 471 64.71 6.34 26.92
CA VAL L 471 63.67 5.82 26.00
C VAL L 471 62.92 6.93 25.26
N PRO L 472 62.46 7.98 25.97
CA PRO L 472 61.89 9.12 25.26
C PRO L 472 62.90 9.79 24.32
N THR L 473 64.10 10.05 24.84
CA THR L 473 65.14 10.73 24.06
C THR L 473 65.85 9.78 23.07
N GLU L 474 65.26 8.61 22.87
CA GLU L 474 65.74 7.66 21.86
C GLU L 474 64.79 7.55 20.69
N ILE L 475 63.51 7.41 20.99
CA ILE L 475 62.46 7.34 19.97
C ILE L 475 62.23 8.70 19.31
N THR L 476 62.40 9.78 20.08
CA THR L 476 62.39 11.14 19.55
C THR L 476 63.42 11.29 18.41
N LYS L 477 64.63 10.79 18.65
CA LYS L 477 65.70 10.80 17.64
C LYS L 477 65.36 9.93 16.44
N VAL L 478 64.53 8.90 16.65
CA VAL L 478 64.09 8.04 15.56
C VAL L 478 63.09 8.77 14.67
N PHE L 479 62.14 9.47 15.31
CA PHE L 479 61.16 10.29 14.59
C PHE L 479 61.81 11.47 13.87
N ASN L 480 62.82 12.07 14.50
CA ASN L 480 63.59 13.15 13.88
C ASN L 480 64.54 12.67 12.77
N GLN L 481 64.36 11.40 12.39
CA GLN L 481 65.09 10.82 11.26
C GLN L 481 64.12 10.33 10.19
N ARG L 482 62.89 10.00 10.61
CA ARG L 482 61.83 9.58 9.69
C ARG L 482 61.41 10.75 8.80
N LYS L 483 61.08 11.89 9.43
CA LYS L 483 60.76 13.11 8.69
C LYS L 483 61.98 13.66 7.93
N GLU L 484 63.18 13.33 8.43
CA GLU L 484 64.44 13.70 7.77
C GLU L 484 64.63 12.89 6.50
N HIS L 485 64.42 11.58 6.57
CA HIS L 485 64.54 10.71 5.41
C HIS L 485 63.34 10.82 4.47
N LYS L 486 62.23 11.34 4.99
CA LYS L 486 61.05 11.67 4.18
C LYS L 486 61.32 12.95 3.39
N GLY L 487 61.93 13.93 4.05
CA GLY L 487 62.35 15.18 3.40
C GLY L 487 63.55 14.97 2.50
N TYR L 488 64.31 13.90 2.76
CA TYR L 488 65.45 13.52 1.91
C TYR L 488 65.02 12.58 0.78
N MSE L 489 63.72 12.35 0.66
CA MSE L 489 63.15 11.49 -0.37
C MSE L 489 62.50 12.34 -1.47
O MSE L 489 62.37 11.90 -2.62
CB MSE L 489 62.13 10.55 0.26
CG MSE L 489 62.10 9.12 -0.30
SE MSE L 489 60.53 8.71 -1.40
CE MSE L 489 59.12 9.67 -0.42
N LEU L 490 62.11 13.57 -1.11
CA LEU L 490 61.58 14.56 -2.05
C LEU L 490 62.72 15.35 -2.70
N ALA L 491 63.95 14.88 -2.51
CA ALA L 491 65.15 15.61 -2.93
C ALA L 491 65.91 14.94 -4.07
N ALA L 492 65.86 13.60 -4.13
CA ALA L 492 66.52 12.84 -5.18
C ALA L 492 65.53 12.33 -6.24
N GLN L 493 64.24 12.32 -5.88
CA GLN L 493 63.17 11.98 -6.81
C GLN L 493 62.69 13.21 -7.59
N ARG L 494 62.82 14.39 -6.97
CA ARG L 494 62.47 15.66 -7.61
C ARG L 494 63.59 16.16 -8.52
N ASN L 495 64.83 16.09 -8.03
CA ASN L 495 66.01 16.43 -8.82
C ASN L 495 66.39 15.32 -9.79
N GLY L 496 65.87 14.11 -9.54
CA GLY L 496 66.01 13.00 -10.45
C GLY L 496 65.16 13.20 -11.69
N GLU L 497 63.97 13.77 -11.50
CA GLU L 497 63.06 14.12 -12.59
C GLU L 497 63.63 15.27 -13.43
N ILE L 498 64.38 16.16 -12.78
CA ILE L 498 65.08 17.25 -13.46
C ILE L 498 66.15 16.71 -14.41
N ILE L 499 66.82 15.64 -13.98
CA ILE L 499 67.86 14.98 -14.78
C ILE L 499 67.29 14.33 -16.04
N LYS L 500 66.00 14.03 -16.04
CA LYS L 500 65.31 13.44 -17.19
C LYS L 500 65.00 14.48 -18.28
N GLU L 501 64.98 15.75 -17.89
CA GLU L 501 64.72 16.85 -18.83
C GLU L 501 65.91 17.10 -19.76
N ALA L 502 67.09 16.65 -19.35
CA ALA L 502 68.30 16.77 -20.15
C ALA L 502 68.40 15.64 -21.17
N PRO L 513 80.06 11.68 -15.80
CA PRO L 513 79.46 11.70 -14.46
C PRO L 513 79.44 13.10 -13.85
N LEU L 514 78.59 13.29 -12.84
CA LEU L 514 78.49 14.56 -12.10
C LEU L 514 79.44 14.58 -10.90
N ASP L 515 79.58 15.75 -10.27
CA ASP L 515 80.49 15.93 -9.13
C ASP L 515 79.79 16.43 -7.85
N VAL L 516 78.49 16.71 -7.94
CA VAL L 516 77.71 17.23 -6.80
C VAL L 516 76.97 16.10 -6.05
N ASP L 517 76.49 16.43 -4.85
CA ASP L 517 75.79 15.45 -3.99
C ASP L 517 74.34 15.27 -4.43
N TYR L 518 73.99 14.01 -4.75
CA TYR L 518 72.65 13.66 -5.24
C TYR L 518 71.58 13.55 -4.14
N ARG L 519 71.94 13.99 -2.94
CA ARG L 519 71.02 14.06 -1.81
C ARG L 519 70.45 15.47 -1.66
N PHE L 520 71.09 16.43 -2.33
CA PHE L 520 70.68 17.83 -2.28
C PHE L 520 69.41 18.10 -3.11
N ASP L 521 68.47 18.82 -2.51
CA ASP L 521 67.18 19.12 -3.12
C ASP L 521 67.33 20.12 -4.28
N ASP L 524 71.29 25.82 -8.29
CA ASP L 524 71.34 26.96 -9.18
C ASP L 524 72.55 26.91 -10.10
N GLU L 525 73.74 27.01 -9.51
CA GLU L 525 75.02 26.97 -10.25
C GLU L 525 75.26 25.61 -10.87
N ILE L 526 75.08 24.55 -10.07
CA ILE L 526 75.23 23.18 -10.54
C ILE L 526 73.96 22.68 -11.25
N LYS L 527 72.84 23.36 -11.01
CA LYS L 527 71.56 23.04 -11.63
C LYS L 527 71.48 23.44 -13.11
N GLU L 528 72.62 23.84 -13.67
CA GLU L 528 72.75 24.16 -15.09
C GLU L 528 73.92 23.40 -15.73
N LYS L 529 74.77 22.82 -14.88
CA LYS L 529 75.91 22.03 -15.33
C LYS L 529 75.49 20.64 -15.81
N ILE L 530 74.45 20.09 -15.17
CA ILE L 530 73.91 18.78 -15.52
C ILE L 530 73.12 18.80 -16.84
N LYS L 531 72.51 19.95 -17.13
CA LYS L 531 71.68 20.13 -18.33
C LYS L 531 72.45 19.82 -19.63
N LYS L 532 73.64 20.40 -19.76
CA LYS L 532 74.53 20.10 -20.87
C LYS L 532 75.79 19.40 -20.36
N LEU L 533 75.61 18.16 -19.89
CA LEU L 533 76.71 17.39 -19.32
C LEU L 533 77.41 16.52 -20.36
N SER L 534 76.69 15.53 -20.89
CA SER L 534 77.19 14.63 -21.94
C SER L 534 76.04 13.85 -22.58
N ALA L 535 76.38 12.84 -23.38
CA ALA L 535 75.38 11.97 -24.00
C ALA L 535 74.95 10.84 -23.07
N LYS L 536 75.90 9.97 -22.74
CA LYS L 536 75.65 8.82 -21.85
C LYS L 536 75.81 9.18 -20.37
N SER L 537 76.73 10.11 -20.08
CA SER L 537 77.00 10.53 -18.70
C SER L 537 75.83 11.26 -18.04
N LEU L 538 75.00 11.90 -18.86
CA LEU L 538 73.77 12.54 -18.37
C LEU L 538 72.78 11.48 -17.88
N ASN L 539 72.70 10.37 -18.62
CA ASN L 539 71.84 9.24 -18.27
C ASN L 539 72.46 8.31 -17.22
N GLU L 540 73.79 8.23 -17.21
CA GLU L 540 74.51 7.44 -16.20
C GLU L 540 74.48 8.14 -14.85
N MSE L 541 74.46 9.47 -14.89
CA MSE L 541 74.30 10.28 -13.68
C MSE L 541 72.86 10.22 -13.20
O MSE L 541 72.58 10.36 -12.00
CB MSE L 541 74.71 11.73 -13.94
N LEU L 542 71.93 10.03 -14.15
CA LEU L 542 70.50 9.92 -13.85
C LEU L 542 70.15 8.63 -13.11
N PHE L 543 70.73 7.51 -13.56
CA PHE L 543 70.54 6.22 -12.89
C PHE L 543 71.18 6.23 -11.50
N ARG L 544 72.37 6.85 -11.40
CA ARG L 544 73.08 7.01 -10.15
C ARG L 544 72.28 7.85 -9.14
N ALA L 545 71.67 8.93 -9.62
CA ALA L 545 70.83 9.78 -8.78
C ALA L 545 69.46 9.14 -8.52
N GLN L 546 69.09 8.15 -9.35
CA GLN L 546 67.85 7.40 -9.17
C GLN L 546 67.97 6.41 -8.00
N ARG L 547 69.15 5.79 -7.88
CA ARG L 547 69.43 4.81 -6.82
C ARG L 547 69.53 5.46 -5.44
N THR L 548 69.74 6.77 -5.41
CA THR L 548 69.76 7.54 -4.17
C THR L 548 68.35 7.90 -3.69
N GLU L 549 67.39 7.90 -4.62
CA GLU L 549 66.00 8.26 -4.33
C GLU L 549 65.25 7.18 -3.55
N VAL L 550 65.49 5.93 -3.93
CA VAL L 550 64.94 4.77 -3.24
C VAL L 550 65.75 4.45 -1.97
N ALA L 551 66.99 4.91 -1.93
CA ALA L 551 67.88 4.73 -0.77
C ALA L 551 67.33 5.45 0.47
N GLY L 552 66.89 6.69 0.29
CA GLY L 552 66.24 7.46 1.36
C GLY L 552 64.80 7.03 1.60
N MSE L 553 64.33 6.09 0.79
CA MSE L 553 63.00 5.50 0.95
C MSE L 553 63.09 4.16 1.68
O MSE L 553 62.26 3.84 2.53
CB MSE L 553 62.31 5.32 -0.40
CG MSE L 553 60.82 5.06 -0.30
SE MSE L 553 60.08 4.13 -1.85
CE MSE L 553 60.35 5.49 -3.23
N THR L 554 64.12 3.38 1.34
CA THR L 554 64.38 2.09 1.97
C THR L 554 64.92 2.28 3.40
N ALA L 555 64.88 3.52 3.87
CA ALA L 555 65.27 3.86 5.23
C ALA L 555 64.16 4.57 6.00
N GLN L 556 63.39 5.41 5.31
CA GLN L 556 62.31 6.19 5.94
C GLN L 556 61.13 5.32 6.41
N ILE L 557 60.86 4.26 5.66
CA ILE L 557 59.86 3.27 6.06
C ILE L 557 60.49 2.26 7.01
N ASN L 558 61.77 1.98 6.80
CA ASN L 558 62.55 1.07 7.64
C ASN L 558 62.70 1.63 9.05
N ARG L 559 62.76 2.95 9.17
CA ARG L 559 62.76 3.64 10.46
C ARG L 559 61.39 3.52 11.11
N LYS L 560 60.34 3.56 10.30
CA LYS L 560 58.96 3.44 10.77
C LYS L 560 58.62 2.03 11.22
N LEU L 561 59.28 1.05 10.62
CA LEU L 561 59.11 -0.36 10.97
C LEU L 561 59.68 -0.65 12.37
N LEU L 562 60.66 0.15 12.79
CA LEU L 562 61.25 0.03 14.12
C LEU L 562 60.54 0.94 15.13
N ILE L 563 60.10 2.11 14.67
CA ILE L 563 59.45 3.11 15.53
C ILE L 563 58.14 2.60 16.12
N ASN L 564 57.48 1.68 15.40
CA ASN L 564 56.27 1.04 15.87
C ASN L 564 56.56 -0.18 16.72
N SER L 565 57.58 -0.94 16.33
CA SER L 565 57.95 -2.20 17.01
C SER L 565 58.61 -1.99 18.39
N LEU L 566 58.72 -0.73 18.82
CA LEU L 566 59.25 -0.39 20.13
C LEU L 566 58.41 -0.99 21.25
N TYR L 567 57.10 -0.77 21.19
CA TYR L 567 56.18 -1.36 22.15
C TYR L 567 56.22 -2.88 22.08
N GLY L 568 56.35 -3.42 20.87
CA GLY L 568 56.51 -4.85 20.66
C GLY L 568 57.63 -5.42 21.51
N ALA L 569 58.68 -4.62 21.69
CA ALA L 569 59.84 -4.99 22.50
C ALA L 569 59.61 -4.74 24.00
N LEU L 570 59.10 -3.55 24.33
CA LEU L 570 58.83 -3.17 25.73
C LEU L 570 57.70 -4.00 26.35
N GLY L 571 57.12 -4.91 25.56
CA GLY L 571 56.14 -5.86 26.06
C GLY L 571 56.68 -7.28 26.08
N ASN L 572 57.99 -7.41 25.88
CA ASN L 572 58.66 -8.71 25.90
C ASN L 572 59.67 -8.77 27.04
N VAL L 573 59.77 -9.95 27.67
CA VAL L 573 60.64 -10.15 28.84
C VAL L 573 62.14 -10.26 28.50
N TRP L 574 62.44 -10.61 27.25
CA TRP L 574 63.83 -10.75 26.80
C TRP L 574 64.52 -9.39 26.61
N PHE L 575 63.75 -8.31 26.70
CA PHE L 575 64.26 -6.97 26.48
C PHE L 575 64.93 -6.42 27.74
N ARG L 576 66.11 -5.83 27.56
CA ARG L 576 66.95 -5.44 28.69
C ARG L 576 66.49 -4.14 29.36
N TYR L 577 65.68 -3.36 28.65
CA TYR L 577 65.10 -2.13 29.21
C TYR L 577 63.64 -2.36 29.59
N TYR L 578 63.21 -3.62 29.52
CA TYR L 578 61.84 -4.00 29.83
C TYR L 578 61.51 -3.79 31.30
N ASP L 579 60.40 -3.08 31.53
CA ASP L 579 59.80 -2.94 32.85
C ASP L 579 58.29 -3.09 32.68
N LEU L 580 57.69 -3.92 33.52
CA LEU L 580 56.24 -4.14 33.48
C LEU L 580 55.44 -2.93 33.98
N ARG L 581 55.89 -2.32 35.08
CA ARG L 581 55.24 -1.11 35.60
C ARG L 581 55.26 0.02 34.57
N ASN L 582 56.30 0.05 33.75
CA ASN L 582 56.39 0.95 32.62
C ASN L 582 55.39 0.61 31.51
N ALA L 583 55.24 -0.69 31.24
CA ALA L 583 54.30 -1.16 30.21
C ALA L 583 52.85 -0.83 30.59
N THR L 584 52.53 -1.00 31.87
CA THR L 584 51.21 -0.65 32.41
C THR L 584 50.96 0.83 32.17
N ALA L 585 51.87 1.66 32.67
CA ALA L 585 51.79 3.11 32.55
C ALA L 585 51.56 3.62 31.12
N ILE L 586 52.00 2.85 30.13
CA ILE L 586 51.78 3.22 28.73
C ILE L 586 50.35 2.91 28.32
N THR L 587 50.00 1.62 28.36
CA THR L 587 48.71 1.15 27.87
C THR L 587 47.56 1.76 28.66
N THR L 588 47.76 1.88 29.97
CA THR L 588 46.76 2.49 30.86
C THR L 588 46.54 3.95 30.52
N PHE L 589 47.60 4.62 30.08
CA PHE L 589 47.47 6.01 29.65
C PHE L 589 46.62 6.09 28.39
N GLY L 590 46.87 5.19 27.44
CA GLY L 590 46.05 5.09 26.23
C GLY L 590 44.60 4.73 26.53
N GLN L 591 44.42 3.80 27.46
CA GLN L 591 43.12 3.41 28.00
C GLN L 591 42.34 4.62 28.53
N MSE L 592 43.03 5.48 29.27
CA MSE L 592 42.43 6.69 29.83
C MSE L 592 42.17 7.74 28.76
O MSE L 592 41.10 8.34 28.72
CB MSE L 592 43.32 7.28 30.95
CG MSE L 592 42.74 8.51 31.63
SE MSE L 592 44.06 9.59 32.59
CE MSE L 592 45.20 10.09 31.09
N ALA L 593 43.16 7.94 27.88
CA ALA L 593 43.11 8.98 26.86
C ALA L 593 41.97 8.80 25.86
N LEU L 594 41.78 7.57 25.39
CA LEU L 594 40.78 7.29 24.37
C LEU L 594 39.36 7.49 24.90
N GLN L 595 39.11 6.94 26.08
CA GLN L 595 37.82 7.11 26.77
C GLN L 595 37.63 8.55 27.24
N TRP L 596 38.74 9.23 27.52
CA TRP L 596 38.73 10.66 27.83
C TRP L 596 38.23 11.44 26.62
N ILE L 597 38.79 11.17 25.44
CA ILE L 597 38.39 11.88 24.24
C ILE L 597 37.02 11.39 23.72
N GLU L 598 36.69 10.14 24.01
CA GLU L 598 35.35 9.60 23.74
C GLU L 598 34.32 10.32 24.61
N ARG L 599 34.71 10.62 25.85
CA ARG L 599 33.90 11.41 26.76
C ARG L 599 33.83 12.87 26.30
N LYS L 600 35.00 13.46 26.03
CA LYS L 600 35.09 14.88 25.71
C LYS L 600 34.50 15.25 24.34
N VAL L 601 34.58 14.33 23.38
CA VAL L 601 33.96 14.56 22.07
C VAL L 601 32.43 14.49 22.16
N ASN L 602 31.94 13.49 22.87
CA ASN L 602 30.50 13.32 23.11
C ASN L 602 29.88 14.53 23.79
N GLU L 603 30.59 15.11 24.75
CA GLU L 603 30.17 16.34 25.42
C GLU L 603 30.20 17.53 24.49
N TYR L 604 31.15 17.52 23.55
CA TYR L 604 31.33 18.61 22.61
C TYR L 604 30.26 18.62 21.52
N LEU L 605 29.98 17.46 20.94
CA LEU L 605 28.99 17.34 19.88
C LEU L 605 27.54 17.49 20.36
N ASN L 606 27.31 17.19 21.64
CA ASN L 606 26.01 17.39 22.27
C ASN L 606 25.59 18.87 22.30
N GLU L 607 26.51 19.74 22.69
CA GLU L 607 26.21 21.17 22.77
C GLU L 607 26.24 21.87 21.40
N VAL L 608 27.05 21.35 20.48
CA VAL L 608 27.13 21.89 19.12
C VAL L 608 25.85 21.58 18.34
N CYS L 609 25.21 20.46 18.67
CA CYS L 609 23.92 20.08 18.10
C CYS L 609 22.77 20.61 18.95
N GLY L 610 22.87 20.42 20.26
CA GLY L 610 21.86 20.92 21.20
C GLY L 610 21.49 19.95 22.30
N THR L 611 21.55 18.65 21.99
CA THR L 611 21.11 17.59 22.91
C THR L 611 22.01 17.44 24.13
N GLU L 612 21.66 16.50 25.00
CA GLU L 612 22.47 16.16 26.16
C GLU L 612 22.29 14.68 26.52
N GLY L 613 23.38 13.92 26.43
CA GLY L 613 23.37 12.49 26.75
C GLY L 613 23.53 11.60 25.54
N GLU L 614 22.76 11.90 24.49
CA GLU L 614 22.78 11.14 23.23
C GLU L 614 24.18 11.02 22.66
N ALA L 615 24.57 9.78 22.36
CA ALA L 615 25.95 9.45 22.03
C ALA L 615 26.32 9.62 20.56
N PHE L 616 27.53 10.11 20.31
CA PHE L 616 28.07 10.29 18.97
C PHE L 616 29.20 9.30 18.75
N VAL L 617 30.04 9.13 19.77
CA VAL L 617 31.06 8.08 19.78
C VAL L 617 30.35 6.73 19.80
N LEU L 618 30.59 5.94 18.75
CA LEU L 618 29.88 4.70 18.56
C LEU L 618 30.76 3.47 18.73
N TYR L 619 32.06 3.63 18.47
CA TYR L 619 32.98 2.49 18.53
C TYR L 619 34.42 2.87 18.88
N GLY L 620 34.93 2.25 19.95
CA GLY L 620 36.32 2.40 20.37
C GLY L 620 37.19 1.25 19.90
N ASP L 621 38.20 1.57 19.10
CA ASP L 621 39.11 0.58 18.51
C ASP L 621 40.56 0.92 18.85
N THR L 622 41.01 0.41 20.00
CA THR L 622 42.39 0.60 20.53
C THR L 622 42.99 2.02 20.44
N ASP L 623 43.10 2.54 19.22
CA ASP L 623 43.59 3.88 18.95
C ASP L 623 42.61 4.62 18.02
N SER L 624 41.46 4.01 17.77
CA SER L 624 40.50 4.56 16.82
C SER L 624 39.14 4.87 17.44
N ILE L 625 38.66 6.08 17.20
CA ILE L 625 37.32 6.50 17.61
C ILE L 625 36.39 6.48 16.40
N TYR L 626 35.08 6.29 16.65
CA TYR L 626 34.07 6.29 15.60
C TYR L 626 32.86 7.13 15.97
N VAL L 627 32.79 8.33 15.39
CA VAL L 627 31.71 9.26 15.68
C VAL L 627 30.64 9.29 14.58
N SER L 628 29.39 9.45 14.99
CA SER L 628 28.25 9.48 14.09
C SER L 628 27.92 10.91 13.68
N ALA L 629 27.99 11.18 12.39
CA ALA L 629 27.67 12.51 11.86
C ALA L 629 26.16 12.69 11.64
N ASP L 630 25.36 11.82 12.25
CA ASP L 630 23.90 11.85 12.13
C ASP L 630 23.30 13.19 12.55
N LYS L 631 23.37 13.50 13.84
CA LYS L 631 22.85 14.75 14.38
C LYS L 631 23.54 15.97 13.76
N ILE L 632 24.82 15.82 13.45
CA ILE L 632 25.60 16.87 12.80
C ILE L 632 24.98 17.25 11.46
N ILE L 633 24.80 16.24 10.61
CA ILE L 633 24.26 16.45 9.26
C ILE L 633 22.77 16.85 9.30
N ASP L 634 22.05 16.37 10.31
CA ASP L 634 20.62 16.62 10.47
C ASP L 634 20.31 18.03 10.96
N LYS L 635 21.23 18.62 11.72
CA LYS L 635 21.06 19.98 12.21
C LYS L 635 21.22 21.01 11.09
N VAL L 636 22.13 20.72 10.15
CA VAL L 636 22.35 21.58 8.99
C VAL L 636 21.36 21.24 7.86
N GLY L 637 20.77 20.04 7.93
CA GLY L 637 19.76 19.61 6.97
C GLY L 637 20.37 19.00 5.71
N GLU L 638 19.82 17.86 5.29
CA GLU L 638 20.31 17.14 4.12
C GLU L 638 19.97 17.83 2.79
N SER L 639 18.80 18.47 2.74
CA SER L 639 18.34 19.19 1.54
C SER L 639 19.25 20.37 1.17
N LYS L 640 20.09 20.77 2.12
CA LYS L 640 21.09 21.81 1.89
C LYS L 640 22.15 21.35 0.88
N PHE L 641 22.58 20.10 0.98
CA PHE L 641 23.68 19.58 0.18
C PHE L 641 23.33 19.35 -1.28
N ARG L 642 24.13 19.94 -2.16
CA ARG L 642 23.86 19.90 -3.61
C ARG L 642 24.09 18.51 -4.23
N ASP L 643 25.25 17.89 -3.95
CA ASP L 643 25.51 16.49 -4.32
C ASP L 643 26.53 15.81 -3.40
N THR L 644 26.64 14.49 -3.53
CA THR L 644 27.46 13.65 -2.66
C THR L 644 28.91 14.13 -2.46
N ASN L 645 29.69 14.19 -3.54
CA ASN L 645 31.11 14.54 -3.45
C ASN L 645 31.37 16.04 -3.18
N HIS L 646 30.38 16.66 -2.56
CA HIS L 646 30.46 18.04 -2.10
C HIS L 646 29.83 18.07 -0.70
N TRP L 647 28.99 17.06 -0.45
CA TRP L 647 28.43 16.78 0.87
C TRP L 647 29.53 16.38 1.86
N VAL L 648 30.62 15.81 1.33
CA VAL L 648 31.75 15.36 2.14
C VAL L 648 32.64 16.53 2.61
N ASP L 649 32.67 17.62 1.84
CA ASP L 649 33.47 18.80 2.20
C ASP L 649 33.01 19.48 3.48
N PHE L 650 31.71 19.40 3.76
CA PHE L 650 31.13 19.90 5.01
C PHE L 650 31.72 19.15 6.20
N LEU L 651 31.72 17.82 6.12
CA LEU L 651 32.26 16.98 7.19
C LEU L 651 33.79 17.03 7.23
N ASP L 652 34.40 17.19 6.06
CA ASP L 652 35.85 17.38 5.95
C ASP L 652 36.29 18.63 6.71
N LYS L 653 35.54 19.73 6.53
CA LYS L 653 35.83 21.00 7.20
C LYS L 653 35.42 20.97 8.67
N PHE L 654 34.18 20.53 8.93
CA PHE L 654 33.61 20.50 10.28
C PHE L 654 34.48 19.78 11.31
N ALA L 655 35.11 18.68 10.87
CA ALA L 655 36.01 17.91 11.74
C ALA L 655 37.36 18.60 11.92
N ARG L 656 37.87 19.18 10.83
CA ARG L 656 39.18 19.82 10.82
C ARG L 656 39.16 21.16 11.54
N GLU L 657 38.22 22.02 11.18
CA GLU L 657 38.18 23.39 11.68
C GLU L 657 37.56 23.55 13.08
N ARG L 658 36.70 22.61 13.47
CA ARG L 658 35.95 22.72 14.72
C ARG L 658 36.11 21.55 15.71
N MSE L 659 36.23 20.33 15.19
CA MSE L 659 36.34 19.14 16.04
C MSE L 659 37.76 18.86 16.52
O MSE L 659 38.00 18.75 17.73
CB MSE L 659 35.77 17.89 15.35
CG MSE L 659 34.27 17.82 15.34
SE MSE L 659 33.61 15.99 15.50
CE MSE L 659 34.34 15.24 13.87
N GLU L 660 38.70 18.75 15.59
CA GLU L 660 40.08 18.43 15.93
C GLU L 660 40.72 19.41 16.94
N PRO L 661 40.49 20.74 16.77
CA PRO L 661 41.04 21.65 17.78
C PRO L 661 40.34 21.53 19.14
N ALA L 662 39.10 21.04 19.14
CA ALA L 662 38.38 20.82 20.38
C ALA L 662 38.93 19.60 21.11
N ILE L 663 39.47 18.66 20.33
CA ILE L 663 40.18 17.50 20.86
C ILE L 663 41.55 17.91 21.39
N ASP L 664 42.17 18.86 20.69
CA ASP L 664 43.49 19.39 21.06
C ASP L 664 43.41 20.15 22.37
N ARG L 665 42.32 20.88 22.57
CA ARG L 665 42.04 21.56 23.84
C ARG L 665 41.69 20.54 24.91
N GLY L 666 41.21 19.38 24.48
CA GLY L 666 40.85 18.28 25.38
C GLY L 666 42.05 17.44 25.77
N PHE L 667 43.05 17.38 24.89
CA PHE L 667 44.30 16.69 25.19
C PHE L 667 45.20 17.59 26.04
N ARG L 668 45.21 18.88 25.72
CA ARG L 668 45.99 19.86 26.46
C ARG L 668 45.45 20.00 27.88
N GLU L 669 44.13 19.95 28.02
CA GLU L 669 43.47 19.94 29.33
C GLU L 669 43.75 18.65 30.09
N MSE L 670 44.22 17.63 29.38
CA MSE L 670 44.64 16.37 29.99
C MSE L 670 46.15 16.41 30.29
O MSE L 670 46.64 15.70 31.17
CB MSE L 670 44.29 15.20 29.07
CG MSE L 670 44.44 13.80 29.70
SE MSE L 670 43.90 12.33 28.52
CE MSE L 670 44.95 12.78 26.94
N CYS L 671 46.87 17.25 29.54
CA CYS L 671 48.32 17.37 29.71
C CYS L 671 48.68 18.17 30.96
N GLU L 672 47.86 19.16 31.29
CA GLU L 672 48.00 19.92 32.54
C GLU L 672 47.53 19.08 33.72
N TYR L 673 46.54 18.23 33.46
CA TYR L 673 45.92 17.37 34.45
C TYR L 673 46.83 16.23 34.91
N MSE L 674 47.56 15.64 33.95
CA MSE L 674 48.51 14.57 34.25
C MSE L 674 49.92 15.11 34.47
O MSE L 674 50.80 14.38 34.92
CB MSE L 674 48.51 13.52 33.12
CG MSE L 674 47.23 12.71 32.99
SE MSE L 674 46.88 11.60 34.55
CE MSE L 674 45.73 12.78 35.59
N ASN L 675 50.11 16.38 34.15
CA ASN L 675 51.37 17.11 34.35
C ASN L 675 52.58 16.47 33.66
N ASN L 676 52.52 16.35 32.34
CA ASN L 676 53.54 15.65 31.57
C ASN L 676 54.64 16.58 31.00
N LYS L 677 55.59 15.99 30.28
CA LYS L 677 56.74 16.74 29.74
C LYS L 677 56.34 17.74 28.65
N GLN L 678 56.02 17.24 27.46
CA GLN L 678 55.49 18.08 26.38
C GLN L 678 54.46 17.31 25.53
N HIS L 679 53.34 17.98 25.27
CA HIS L 679 52.22 17.44 24.49
C HIS L 679 52.71 16.88 23.14
N LEU L 680 52.61 15.56 22.99
CA LEU L 680 53.07 14.89 21.77
C LEU L 680 52.08 13.81 21.30
N MSE L 681 50.79 14.08 21.49
CA MSE L 681 49.76 13.10 21.17
C MSE L 681 48.65 13.69 20.29
O MSE L 681 47.52 13.93 20.74
CB MSE L 681 49.20 12.51 22.47
CG MSE L 681 48.36 11.25 22.30
SE MSE L 681 47.93 10.42 24.02
CE MSE L 681 47.68 12.03 25.10
N PHE L 682 48.99 13.92 19.03
CA PHE L 682 48.05 14.46 18.04
C PHE L 682 47.18 13.34 17.44
N MSE L 683 45.86 13.54 17.49
CA MSE L 683 44.89 12.65 16.86
C MSE L 683 44.63 13.07 15.41
O MSE L 683 44.70 14.25 15.08
CB MSE L 683 43.58 12.65 17.67
CG MSE L 683 42.63 11.49 17.36
SE MSE L 683 41.16 11.32 18.65
CE MSE L 683 40.25 13.02 18.29
N ASP L 684 44.32 12.09 14.55
CA ASP L 684 44.04 12.36 13.14
C ASP L 684 42.71 11.77 12.65
N ARG L 685 42.04 12.54 11.79
CA ARG L 685 40.79 12.11 11.15
C ARG L 685 41.08 11.19 9.97
N GLU L 686 40.35 10.08 9.90
CA GLU L 686 40.61 9.09 8.85
C GLU L 686 39.46 8.90 7.87
N ALA L 687 38.40 8.23 8.31
CA ALA L 687 37.30 7.90 7.42
C ALA L 687 36.10 8.82 7.59
N ILE L 688 35.53 9.22 6.45
CA ILE L 688 34.20 9.81 6.39
C ILE L 688 33.40 8.95 5.44
N ALA L 689 32.43 8.22 5.99
CA ALA L 689 31.64 7.30 5.19
C ALA L 689 30.16 7.66 5.21
N GLY L 690 29.41 7.03 4.30
CA GLY L 690 27.98 7.26 4.19
C GLY L 690 27.44 6.88 2.83
N PRO L 691 26.13 7.06 2.62
CA PRO L 691 25.53 6.77 1.32
C PRO L 691 25.73 7.92 0.33
N PRO L 692 25.63 7.62 -0.98
CA PRO L 692 25.52 8.71 -1.93
C PRO L 692 24.19 9.46 -1.75
N LEU L 693 24.22 10.79 -1.89
CA LEU L 693 23.06 11.66 -1.63
C LEU L 693 21.79 11.20 -2.34
N GLY L 694 20.67 11.27 -1.63
CA GLY L 694 19.36 11.00 -2.21
C GLY L 694 18.97 9.54 -2.25
N SER L 695 19.90 8.68 -2.67
CA SER L 695 19.65 7.25 -2.81
C SER L 695 19.33 6.58 -1.47
N LYS L 696 18.66 5.43 -1.55
CA LYS L 696 18.20 4.71 -0.35
C LYS L 696 19.32 3.91 0.32
N GLY L 697 20.57 4.35 0.12
CA GLY L 697 21.74 3.69 0.70
C GLY L 697 21.84 3.81 2.20
N ILE L 698 22.43 2.80 2.84
CA ILE L 698 22.59 2.79 4.30
C ILE L 698 23.93 3.41 4.73
N GLY L 699 25.02 3.05 4.05
CA GLY L 699 26.33 3.64 4.31
C GLY L 699 27.01 3.29 5.62
N GLY L 700 27.15 2.00 5.91
CA GLY L 700 27.94 1.54 7.04
C GLY L 700 27.13 0.89 8.15
N PHE L 701 27.65 -0.22 8.67
CA PHE L 701 27.03 -0.93 9.81
C PHE L 701 28.03 -1.70 10.68
N TRP L 702 27.54 -2.17 11.83
CA TRP L 702 28.34 -2.88 12.81
C TRP L 702 27.61 -4.16 13.25
N THR L 703 28.36 -5.25 13.39
CA THR L 703 27.81 -6.49 13.95
C THR L 703 28.38 -6.69 15.34
N GLY L 704 29.62 -6.21 15.52
CA GLY L 704 30.35 -6.31 16.76
C GLY L 704 31.69 -5.62 16.62
N LYS L 705 32.59 -5.87 17.57
CA LYS L 705 33.91 -5.23 17.58
C LYS L 705 34.82 -5.76 16.47
N LYS L 706 35.45 -4.82 15.75
CA LYS L 706 36.35 -5.12 14.63
C LYS L 706 35.65 -5.82 13.47
N ARG L 707 34.37 -6.15 13.67
CA ARG L 707 33.53 -6.68 12.62
C ARG L 707 32.53 -5.60 12.18
N TYR L 708 32.88 -4.90 11.10
CA TYR L 708 32.08 -3.81 10.56
C TYR L 708 32.37 -3.62 9.07
N ALA L 709 31.68 -2.66 8.45
CA ALA L 709 31.87 -2.35 7.03
C ALA L 709 31.46 -0.92 6.73
N LEU L 710 32.37 -0.15 6.13
CA LEU L 710 32.11 1.25 5.78
C LEU L 710 32.63 1.55 4.39
N ASN L 711 31.80 2.17 3.54
CA ASN L 711 32.28 2.64 2.24
C ASN L 711 32.93 4.01 2.35
N VAL L 712 34.26 4.03 2.36
CA VAL L 712 35.03 5.25 2.57
C VAL L 712 34.91 6.21 1.40
N TRP L 713 34.55 7.45 1.72
CA TRP L 713 34.52 8.52 0.71
C TRP L 713 35.87 9.21 0.60
N ASP L 714 36.54 9.41 1.74
CA ASP L 714 37.92 9.88 1.74
C ASP L 714 38.73 9.36 2.95
N MSE L 715 40.04 9.25 2.74
CA MSE L 715 40.96 8.72 3.74
C MSE L 715 42.16 9.64 3.95
O MSE L 715 43.06 9.70 3.10
CB MSE L 715 41.43 7.32 3.34
CG MSE L 715 40.74 6.21 4.11
SE MSE L 715 41.42 6.18 5.93
CE MSE L 715 43.21 5.47 5.54
N GLU L 716 42.17 10.35 5.08
CA GLU L 716 43.17 11.38 5.37
C GLU L 716 43.28 12.42 4.25
N GLY L 717 42.12 12.78 3.66
CA GLY L 717 42.07 13.72 2.56
C GLY L 717 42.35 13.08 1.20
N THR L 718 41.75 11.92 0.96
CA THR L 718 41.87 11.22 -0.32
C THR L 718 40.48 11.05 -0.92
N ARG L 719 40.01 12.11 -1.59
CA ARG L 719 38.68 12.11 -2.20
C ARG L 719 38.63 11.18 -3.42
N TYR L 720 38.26 9.93 -3.18
CA TYR L 720 38.17 8.93 -4.25
C TYR L 720 37.20 9.40 -5.33
N ALA L 721 37.56 9.15 -6.59
CA ALA L 721 36.70 9.50 -7.73
C ALA L 721 35.35 8.79 -7.65
N GLU L 722 35.37 7.53 -7.22
CA GLU L 722 34.16 6.79 -6.87
C GLU L 722 34.38 6.02 -5.57
N PRO L 723 33.32 5.83 -4.75
CA PRO L 723 33.47 5.28 -3.40
C PRO L 723 34.04 3.87 -3.34
N LYS L 724 35.26 3.74 -2.85
CA LYS L 724 35.85 2.43 -2.62
C LYS L 724 35.40 1.92 -1.25
N LEU L 725 35.04 0.64 -1.21
CA LEU L 725 34.52 0.02 0.00
C LEU L 725 35.64 -0.48 0.91
N LYS L 726 35.51 -0.19 2.20
CA LYS L 726 36.49 -0.59 3.18
C LYS L 726 35.83 -1.50 4.22
N ILE L 727 36.02 -2.80 4.03
CA ILE L 727 35.47 -3.81 4.94
C ILE L 727 36.56 -4.35 5.88
N MSE L 728 36.16 -4.77 7.07
CA MSE L 728 37.08 -5.34 8.05
C MSE L 728 36.38 -6.38 8.91
O MSE L 728 35.22 -6.22 9.28
CB MSE L 728 37.66 -4.23 8.94
N GLY L 729 37.09 -7.46 9.20
CA GLY L 729 36.58 -8.50 10.11
C GLY L 729 35.56 -9.44 9.50
N LEU L 730 34.59 -8.87 8.79
CA LEU L 730 33.48 -9.61 8.20
C LEU L 730 33.92 -10.71 7.23
N GLU L 731 32.99 -11.62 6.91
CA GLU L 731 33.24 -12.78 6.04
C GLU L 731 33.80 -12.50 4.63
N THR L 732 33.78 -11.24 4.20
CA THR L 732 34.39 -10.84 2.92
C THR L 732 35.89 -11.09 2.98
N GLN L 733 36.51 -10.68 4.08
CA GLN L 733 37.92 -10.95 4.33
C GLN L 733 38.04 -12.25 5.10
N LYS L 734 37.84 -13.37 4.40
CA LYS L 734 38.02 -14.70 4.97
C LYS L 734 38.58 -15.64 3.90
N SER L 735 39.72 -16.27 4.22
CA SER L 735 40.37 -17.23 3.32
C SER L 735 39.59 -18.54 3.21
N SER L 736 38.56 -18.68 4.04
CA SER L 736 37.70 -19.86 4.04
C SER L 736 36.53 -19.71 3.08
N THR L 737 36.14 -18.46 2.83
CA THR L 737 35.00 -18.15 1.97
C THR L 737 35.35 -18.32 0.49
N PRO L 738 34.56 -19.14 -0.24
CA PRO L 738 34.66 -19.36 -1.69
C PRO L 738 34.77 -18.04 -2.47
N LYS L 739 35.68 -17.99 -3.44
CA LYS L 739 35.94 -16.76 -4.19
C LYS L 739 34.76 -16.35 -5.10
N ALA L 740 33.78 -17.22 -5.24
CA ALA L 740 32.52 -16.89 -5.89
C ALA L 740 31.64 -16.13 -4.91
N VAL L 741 31.54 -16.68 -3.69
CA VAL L 741 30.77 -16.08 -2.61
C VAL L 741 31.44 -14.79 -2.14
N GLN L 742 32.77 -14.80 -2.12
CA GLN L 742 33.54 -13.61 -1.72
C GLN L 742 33.13 -12.38 -2.51
N LYS L 743 33.33 -12.41 -3.83
CA LYS L 743 32.99 -11.27 -4.70
C LYS L 743 31.48 -11.01 -4.76
N ALA L 744 30.70 -11.91 -4.16
CA ALA L 744 29.23 -11.80 -4.13
C ALA L 744 28.74 -10.97 -2.94
N LEU L 745 29.15 -11.36 -1.73
CA LEU L 745 28.79 -10.58 -0.54
C LEU L 745 29.63 -9.30 -0.45
N LYS L 746 30.77 -9.30 -1.13
CA LYS L 746 31.53 -8.07 -1.37
C LYS L 746 30.62 -7.12 -2.14
N GLU L 747 29.90 -7.67 -3.12
CA GLU L 747 28.92 -6.90 -3.89
C GLU L 747 27.68 -6.57 -3.06
N CYS L 748 27.28 -7.50 -2.18
CA CYS L 748 26.12 -7.28 -1.31
C CYS L 748 26.31 -6.02 -0.49
N ILE L 749 27.27 -6.06 0.43
CA ILE L 749 27.62 -4.92 1.27
C ILE L 749 27.71 -3.63 0.45
N ARG L 750 28.35 -3.70 -0.72
CA ARG L 750 28.49 -2.55 -1.62
C ARG L 750 27.16 -1.84 -1.88
N ARG L 751 26.17 -2.59 -2.36
CA ARG L 751 24.84 -2.02 -2.64
C ARG L 751 23.96 -1.94 -1.41
N MSE L 752 24.21 -2.81 -0.43
CA MSE L 752 23.57 -2.75 0.89
C MSE L 752 23.79 -1.35 1.50
O MSE L 752 22.91 -0.83 2.18
CB MSE L 752 24.13 -3.84 1.82
CG MSE L 752 23.46 -3.99 3.18
SE MSE L 752 23.96 -5.64 4.14
CE MSE L 752 23.45 -5.16 5.95
N LEU L 753 24.95 -0.77 1.22
CA LEU L 753 25.31 0.55 1.73
C LEU L 753 25.01 1.69 0.75
N GLN L 754 25.07 1.39 -0.54
CA GLN L 754 24.94 2.41 -1.58
C GLN L 754 23.55 2.54 -2.15
N GLU L 755 22.94 1.41 -2.47
CA GLU L 755 21.70 1.39 -3.26
C GLU L 755 20.43 1.21 -2.44
N GLY L 756 20.45 0.26 -1.50
CA GLY L 756 19.33 0.04 -0.59
C GLY L 756 18.82 -1.39 -0.52
N GLU L 757 17.85 -1.61 0.37
CA GLU L 757 17.24 -2.94 0.58
C GLU L 757 16.69 -3.52 -0.73
N GLU L 758 16.18 -2.64 -1.58
CA GLU L 758 15.63 -3.02 -2.89
C GLU L 758 16.67 -3.68 -3.80
N SER L 759 17.84 -3.04 -3.92
CA SER L 759 18.91 -3.55 -4.76
C SER L 759 19.55 -4.81 -4.17
N LEU L 760 19.49 -4.94 -2.86
CA LEU L 760 19.93 -6.15 -2.18
C LEU L 760 19.04 -7.33 -2.61
N GLN L 761 17.73 -7.09 -2.63
CA GLN L 761 16.77 -8.08 -3.12
C GLN L 761 17.03 -8.50 -4.57
N GLU L 762 17.32 -7.53 -5.42
CA GLU L 762 17.48 -7.79 -6.86
C GLU L 762 18.79 -8.53 -7.17
N TYR L 763 19.80 -8.30 -6.35
CA TYR L 763 21.08 -9.01 -6.50
C TYR L 763 21.03 -10.37 -5.83
N PHE L 764 20.45 -10.42 -4.63
CA PHE L 764 20.30 -11.68 -3.91
C PHE L 764 19.49 -12.66 -4.73
N LYS L 765 18.50 -12.15 -5.46
CA LYS L 765 17.69 -12.96 -6.36
C LYS L 765 18.47 -13.30 -7.63
N GLU L 766 19.23 -12.33 -8.15
CA GLU L 766 20.05 -12.54 -9.36
C GLU L 766 21.17 -13.56 -9.12
N PHE L 767 21.65 -13.63 -7.89
CA PHE L 767 22.77 -14.51 -7.56
C PHE L 767 22.34 -15.95 -7.30
N GLU L 768 21.11 -16.15 -6.82
CA GLU L 768 20.55 -17.50 -6.62
C GLU L 768 20.63 -18.33 -7.89
N LYS L 769 20.27 -17.70 -9.02
CA LYS L 769 20.32 -18.32 -10.33
C LYS L 769 21.77 -18.60 -10.74
N GLU L 770 22.61 -17.57 -10.71
CA GLU L 770 24.03 -17.69 -11.06
C GLU L 770 24.79 -18.71 -10.21
N PHE L 771 24.36 -18.89 -8.97
CA PHE L 771 24.98 -19.84 -8.05
C PHE L 771 24.80 -21.28 -8.52
N ARG L 772 23.56 -21.66 -8.86
CA ARG L 772 23.25 -22.99 -9.36
C ARG L 772 23.97 -23.25 -10.70
N GLN L 773 24.17 -22.18 -11.46
CA GLN L 773 24.88 -22.23 -12.74
C GLN L 773 26.38 -22.00 -12.61
N LEU L 774 26.84 -21.74 -11.38
CA LEU L 774 28.27 -21.50 -11.13
C LEU L 774 29.06 -22.81 -11.13
N ASN L 775 30.37 -22.71 -11.40
CA ASN L 775 31.25 -23.87 -11.45
C ASN L 775 31.63 -24.34 -10.04
N TYR L 776 31.79 -25.66 -9.90
CA TYR L 776 32.04 -26.28 -8.59
C TYR L 776 33.27 -25.73 -7.88
N ILE L 777 34.34 -25.47 -8.65
CA ILE L 777 35.59 -24.92 -8.12
C ILE L 777 35.36 -23.61 -7.37
N SER L 778 34.53 -22.75 -7.95
CA SER L 778 34.20 -21.44 -7.38
C SER L 778 33.25 -21.56 -6.18
N ILE L 779 32.34 -22.52 -6.24
CA ILE L 779 31.36 -22.75 -5.16
C ILE L 779 31.98 -23.40 -3.93
N ALA L 780 33.13 -24.04 -4.11
CA ALA L 780 33.81 -24.76 -3.03
C ALA L 780 34.41 -23.85 -1.96
N SER L 781 34.33 -24.29 -0.71
CA SER L 781 34.89 -23.57 0.43
C SER L 781 36.24 -24.15 0.82
N VAL L 782 37.16 -23.28 1.26
CA VAL L 782 38.52 -23.69 1.60
C VAL L 782 38.80 -23.65 3.10
N SER L 783 39.74 -24.47 3.55
CA SER L 783 40.16 -24.53 4.95
C SER L 783 41.53 -25.20 5.13
N SER L 784 42.11 -25.05 6.31
CA SER L 784 43.39 -25.67 6.64
C SER L 784 43.18 -26.93 7.48
N ALA L 785 43.66 -28.07 6.96
CA ALA L 785 43.53 -29.35 7.62
C ALA L 785 44.76 -29.67 8.50
N ASN L 786 44.78 -29.10 9.70
CA ASN L 786 45.89 -29.27 10.63
C ASN L 786 45.82 -30.62 11.33
N ASN L 787 46.98 -31.28 11.43
CA ASN L 787 47.12 -32.62 12.03
C ASN L 787 46.08 -33.60 11.49
N ILE L 788 46.20 -33.92 10.20
CA ILE L 788 45.16 -34.62 9.43
C ILE L 788 44.88 -36.06 9.85
N ALA L 789 45.86 -36.95 9.65
CA ALA L 789 45.68 -38.40 9.86
C ALA L 789 45.36 -38.81 11.30
N LYS L 790 45.65 -37.91 12.25
CA LYS L 790 45.49 -38.16 13.69
C LYS L 790 44.05 -38.47 14.15
N TYR L 791 43.09 -38.31 13.24
CA TYR L 791 41.71 -38.69 13.47
C TYR L 791 41.06 -39.10 12.14
N ASP L 792 41.76 -39.97 11.41
CA ASP L 792 41.34 -40.39 10.07
C ASP L 792 41.13 -41.90 9.93
N VAL L 793 41.62 -42.68 10.90
CA VAL L 793 41.51 -44.14 10.90
C VAL L 793 40.07 -44.63 10.80
N GLY L 794 39.89 -45.86 10.34
CA GLY L 794 38.56 -46.44 10.16
C GLY L 794 38.04 -46.23 8.74
N GLY L 795 36.76 -45.91 8.62
CA GLY L 795 36.13 -45.63 7.33
C GLY L 795 35.63 -44.19 7.24
N PHE L 796 34.75 -43.83 8.17
CA PHE L 796 34.14 -42.50 8.23
C PHE L 796 34.96 -41.54 9.12
N PRO L 797 34.29 -40.54 9.70
CA PRO L 797 34.76 -39.44 10.56
C PRO L 797 35.54 -39.93 11.79
N GLY L 798 34.82 -40.41 12.79
CA GLY L 798 35.42 -40.80 14.07
C GLY L 798 35.18 -39.76 15.15
N PRO L 799 35.17 -40.20 16.42
CA PRO L 799 34.94 -39.41 17.63
C PRO L 799 35.73 -38.10 17.60
N LYS L 800 35.01 -36.98 17.65
CA LYS L 800 35.58 -35.62 17.54
C LYS L 800 36.40 -35.44 16.26
N CYS L 801 35.71 -35.09 15.18
CA CYS L 801 36.35 -34.84 13.89
C CYS L 801 35.68 -33.67 13.17
N PRO L 802 36.44 -32.58 12.96
CA PRO L 802 36.12 -31.32 12.28
C PRO L 802 35.51 -31.54 10.90
N PHE L 803 34.55 -30.68 10.53
CA PHE L 803 33.79 -30.85 9.29
C PHE L 803 34.66 -31.07 8.06
N HIS L 804 35.75 -30.31 7.96
CA HIS L 804 36.67 -30.43 6.84
C HIS L 804 37.48 -31.72 6.90
N ILE L 805 37.88 -32.10 8.11
CA ILE L 805 38.68 -33.31 8.31
C ILE L 805 37.81 -34.56 8.11
N ARG L 806 36.51 -34.38 8.18
CA ARG L 806 35.53 -35.41 7.89
C ARG L 806 35.41 -35.57 6.37
N GLY L 807 35.70 -34.48 5.65
CA GLY L 807 35.58 -34.45 4.20
C GLY L 807 36.79 -35.01 3.46
N ILE L 808 37.98 -34.72 3.97
CA ILE L 808 39.23 -35.15 3.33
C ILE L 808 39.32 -36.69 3.25
N LEU L 809 38.98 -37.37 4.33
CA LEU L 809 39.05 -38.83 4.41
C LEU L 809 38.00 -39.55 3.54
N THR L 810 36.92 -38.84 3.24
CA THR L 810 35.87 -39.34 2.35
C THR L 810 36.39 -39.42 0.91
N TYR L 811 37.28 -38.49 0.56
CA TYR L 811 38.00 -38.54 -0.72
C TYR L 811 39.05 -39.65 -0.68
N ASN L 812 39.63 -39.88 0.50
CA ASN L 812 40.61 -40.95 0.70
C ASN L 812 39.98 -42.35 0.66
N ARG L 813 38.65 -42.38 0.62
CA ARG L 813 37.90 -43.64 0.48
C ARG L 813 37.35 -43.75 -0.96
N ALA L 814 38.13 -43.24 -1.91
CA ALA L 814 37.77 -43.26 -3.34
C ALA L 814 39.01 -43.30 -4.24
N ILE L 815 40.15 -42.89 -3.67
CA ILE L 815 41.43 -42.79 -4.41
C ILE L 815 41.93 -44.14 -4.93
N PRO L 822 46.20 -39.90 -5.86
CA PRO L 822 46.05 -39.92 -4.41
C PRO L 822 46.70 -38.70 -3.73
N GLN L 823 46.44 -37.52 -4.26
CA GLN L 823 47.03 -36.27 -3.77
C GLN L 823 46.41 -35.83 -2.44
N VAL L 824 47.24 -35.73 -1.41
CA VAL L 824 46.81 -35.28 -0.07
C VAL L 824 47.99 -34.84 0.79
N VAL L 825 47.79 -33.77 1.55
CA VAL L 825 48.80 -33.27 2.48
C VAL L 825 48.32 -33.40 3.92
N GLU L 826 49.16 -33.99 4.76
CA GLU L 826 48.86 -34.21 6.18
C GLU L 826 48.90 -32.92 7.01
N GLY L 827 49.07 -31.79 6.33
CA GLY L 827 49.10 -30.49 6.97
C GLY L 827 49.43 -29.37 6.01
N GLU L 828 48.40 -28.82 5.37
CA GLU L 828 48.53 -27.68 4.44
C GLU L 828 47.22 -26.91 4.30
N LYS L 829 46.39 -27.31 3.33
CA LYS L 829 45.09 -26.69 3.05
C LYS L 829 44.23 -27.61 2.19
N VAL L 830 42.91 -27.51 2.38
CA VAL L 830 41.95 -28.32 1.61
C VAL L 830 40.74 -27.49 1.17
N TYR L 831 40.22 -27.81 -0.01
CA TYR L 831 39.00 -27.17 -0.52
C TYR L 831 37.81 -28.15 -0.45
N VAL L 832 36.96 -27.95 0.55
CA VAL L 832 35.88 -28.89 0.89
C VAL L 832 34.53 -28.54 0.28
N LEU L 833 33.76 -29.58 -0.06
CA LEU L 833 32.40 -29.43 -0.60
C LEU L 833 31.38 -30.24 0.21
N PRO L 834 30.19 -29.65 0.47
CA PRO L 834 29.14 -30.37 1.19
C PRO L 834 28.19 -31.11 0.26
N LEU L 835 27.98 -32.39 0.54
CA LEU L 835 27.12 -33.23 -0.29
C LEU L 835 25.66 -33.20 0.19
N ARG L 836 24.82 -33.97 -0.49
CA ARG L 836 23.40 -34.11 -0.15
C ARG L 836 23.20 -35.31 0.78
N GLU L 837 21.97 -35.54 1.22
CA GLU L 837 21.63 -36.67 2.10
C GLU L 837 21.80 -38.01 1.40
N GLY L 838 22.30 -39.01 2.14
CA GLY L 838 22.48 -40.36 1.63
C GLY L 838 23.20 -40.47 0.30
N ASN L 839 24.30 -39.73 0.18
CA ASN L 839 25.12 -39.73 -1.03
C ASN L 839 25.81 -41.07 -1.26
N PRO L 840 26.05 -41.44 -2.54
CA PRO L 840 26.73 -42.70 -2.86
C PRO L 840 28.22 -42.64 -2.52
N PHE L 841 28.53 -42.17 -1.31
CA PHE L 841 29.90 -42.03 -0.83
C PHE L 841 30.02 -42.48 0.62
N GLY L 842 29.25 -41.85 1.52
CA GLY L 842 29.27 -42.19 2.94
C GLY L 842 29.01 -41.02 3.87
N ASP L 843 30.02 -40.17 4.05
CA ASP L 843 29.89 -38.95 4.86
C ASP L 843 29.11 -37.86 4.12
N LYS L 844 28.66 -36.84 4.85
CA LYS L 844 27.85 -35.76 4.28
C LYS L 844 28.66 -34.73 3.47
N CYS L 845 29.99 -34.85 3.51
CA CYS L 845 30.90 -33.93 2.82
C CYS L 845 32.17 -34.60 2.29
N ILE L 846 32.77 -33.97 1.29
CA ILE L 846 34.03 -34.44 0.68
C ILE L 846 35.01 -33.27 0.54
N ALA L 847 36.29 -33.57 0.27
CA ALA L 847 37.31 -32.54 0.11
C ALA L 847 38.32 -32.81 -1.01
N TRP L 848 38.72 -31.75 -1.71
CA TRP L 848 39.76 -31.81 -2.73
C TRP L 848 40.72 -30.62 -2.57
N PRO L 849 41.93 -30.89 -2.07
CA PRO L 849 43.08 -30.02 -1.73
C PRO L 849 43.20 -28.81 -2.67
N SER L 850 43.22 -27.62 -2.08
CA SER L 850 43.15 -26.35 -2.83
C SER L 850 44.23 -26.20 -3.91
N GLY L 851 43.89 -25.46 -4.96
CA GLY L 851 44.76 -25.32 -6.12
C GLY L 851 44.45 -26.39 -7.16
N THR L 852 44.39 -27.63 -6.70
CA THR L 852 44.08 -28.77 -7.57
C THR L 852 42.59 -29.04 -7.58
N GLU L 853 42.01 -29.00 -8.79
CA GLU L 853 40.58 -29.24 -8.95
C GLU L 853 40.26 -30.73 -8.94
N ILE L 854 39.10 -31.08 -8.39
CA ILE L 854 38.70 -32.47 -8.12
C ILE L 854 38.87 -33.40 -9.33
N THR L 855 39.36 -34.61 -9.06
CA THR L 855 39.62 -35.63 -10.10
C THR L 855 38.38 -35.94 -10.92
N ASP L 856 38.53 -35.92 -12.24
CA ASP L 856 37.41 -36.10 -13.19
C ASP L 856 36.85 -37.53 -13.23
N LEU L 857 37.51 -38.44 -12.50
CA LEU L 857 37.00 -39.80 -12.30
C LEU L 857 35.79 -39.74 -11.37
N ILE L 858 35.93 -38.97 -10.29
CA ILE L 858 34.89 -38.83 -9.26
C ILE L 858 34.10 -37.53 -9.37
N LYS L 859 34.54 -36.63 -10.26
CA LYS L 859 33.93 -35.31 -10.42
C LYS L 859 32.49 -35.39 -10.95
N ASP L 860 32.26 -36.26 -11.93
CA ASP L 860 30.92 -36.44 -12.52
C ASP L 860 29.91 -36.95 -11.49
N ASP L 861 30.39 -37.71 -10.51
CA ASP L 861 29.57 -38.19 -9.41
C ASP L 861 29.12 -37.05 -8.49
N VAL L 862 30.09 -36.37 -7.89
CA VAL L 862 29.85 -35.34 -6.86
C VAL L 862 28.87 -34.26 -7.31
N LEU L 863 29.14 -33.65 -8.46
CA LEU L 863 28.35 -32.53 -9.00
C LEU L 863 26.87 -32.85 -9.22
N HIS L 864 26.56 -34.14 -9.42
CA HIS L 864 25.18 -34.62 -9.57
C HIS L 864 24.47 -34.62 -8.21
N TRP L 865 25.14 -35.17 -7.19
CA TRP L 865 24.63 -35.18 -5.82
C TRP L 865 25.27 -34.09 -4.97
N MSE L 866 25.20 -32.85 -5.44
CA MSE L 866 25.75 -31.72 -4.70
C MSE L 866 24.66 -30.83 -4.14
O MSE L 866 23.82 -30.32 -4.89
CB MSE L 866 26.73 -30.91 -5.55
CG MSE L 866 27.39 -29.76 -4.80
SE MSE L 866 28.99 -29.08 -5.68
CE MSE L 866 28.19 -28.41 -7.33
N ASP L 867 24.68 -30.64 -2.82
CA ASP L 867 23.67 -29.85 -2.14
C ASP L 867 24.01 -28.37 -2.21
N TYR L 868 23.28 -27.66 -3.06
CA TYR L 868 23.47 -26.22 -3.27
C TYR L 868 22.91 -25.39 -2.11
N THR L 869 21.86 -25.89 -1.48
CA THR L 869 21.16 -25.17 -0.40
C THR L 869 21.95 -25.14 0.91
N VAL L 870 22.52 -26.28 1.29
CA VAL L 870 23.30 -26.39 2.53
C VAL L 870 24.60 -25.60 2.44
N LEU L 871 25.14 -25.50 1.23
CA LEU L 871 26.31 -24.67 0.97
C LEU L 871 25.93 -23.21 1.14
N LEU L 872 24.76 -22.84 0.63
CA LEU L 872 24.24 -21.47 0.78
C LEU L 872 23.97 -21.06 2.23
N GLU L 873 23.14 -21.84 2.92
CA GLU L 873 22.72 -21.50 4.28
C GLU L 873 23.86 -21.53 5.31
N LYS L 874 25.08 -21.78 4.84
CA LYS L 874 26.26 -21.80 5.71
C LYS L 874 27.35 -20.83 5.28
N THR L 875 27.54 -20.68 3.98
CA THR L 875 28.64 -19.86 3.44
C THR L 875 28.19 -18.50 2.93
N PHE L 876 26.90 -18.37 2.62
CA PHE L 876 26.36 -17.13 2.06
C PHE L 876 25.19 -16.53 2.85
N ILE L 877 24.15 -17.33 3.08
CA ILE L 877 22.96 -16.84 3.79
C ILE L 877 23.26 -16.57 5.27
N LYS L 878 23.82 -17.55 5.97
CA LYS L 878 24.15 -17.39 7.39
C LYS L 878 24.92 -16.08 7.70
N PRO L 879 26.07 -15.85 7.01
CA PRO L 879 26.76 -14.58 7.26
C PRO L 879 25.98 -13.36 6.79
N LEU L 880 25.23 -13.50 5.69
CA LEU L 880 24.38 -12.41 5.20
C LEU L 880 23.20 -12.16 6.14
N GLU L 881 22.77 -13.21 6.84
CA GLU L 881 21.70 -13.10 7.85
C GLU L 881 22.20 -12.32 9.06
N GLY L 882 23.42 -12.64 9.52
CA GLY L 882 24.04 -11.94 10.63
C GLY L 882 24.34 -10.49 10.32
N PHE L 883 24.57 -10.18 9.05
CA PHE L 883 24.91 -8.84 8.59
C PHE L 883 23.65 -7.97 8.44
N THR L 884 22.66 -8.50 7.73
CA THR L 884 21.43 -7.75 7.44
C THR L 884 20.55 -7.56 8.65
N SER L 885 20.62 -8.51 9.59
CA SER L 885 19.91 -8.39 10.85
C SER L 885 20.47 -7.23 11.66
N ALA L 886 21.77 -7.00 11.54
CA ALA L 886 22.43 -5.88 12.20
C ALA L 886 21.92 -4.53 11.69
N ALA L 887 21.81 -4.37 10.37
CA ALA L 887 21.37 -3.10 9.78
C ALA L 887 19.84 -3.01 9.58
N LYS L 888 19.09 -3.75 10.40
CA LYS L 888 17.61 -3.77 10.36
C LYS L 888 17.02 -3.95 8.96
N LEU L 889 17.49 -4.97 8.25
CA LEU L 889 17.11 -5.22 6.86
C LEU L 889 16.69 -6.66 6.61
N ASP L 890 15.72 -6.83 5.70
CA ASP L 890 15.34 -8.14 5.21
C ASP L 890 15.80 -8.26 3.76
N TYR L 891 16.70 -9.20 3.50
CA TYR L 891 17.31 -9.34 2.17
C TYR L 891 16.33 -9.79 1.09
N GLU L 892 15.36 -10.61 1.48
CA GLU L 892 14.25 -11.00 0.61
C GLU L 892 13.02 -10.16 0.93
N LYS L 893 12.41 -9.60 -0.12
CA LYS L 893 11.23 -8.76 0.00
C LYS L 893 10.09 -9.46 0.74
N LYS L 894 9.65 -8.85 1.83
CA LYS L 894 8.43 -9.26 2.51
C LYS L 894 7.26 -8.53 1.85
N ALA L 895 6.08 -9.15 1.88
CA ALA L 895 4.89 -8.55 1.29
C ALA L 895 4.49 -7.25 2.01
N SER L 896 4.06 -6.27 1.23
CA SER L 896 3.63 -4.99 1.78
C SER L 896 2.18 -4.67 1.42
N LEU L 897 1.67 -3.56 1.95
CA LEU L 897 0.34 -3.05 1.61
C LEU L 897 0.36 -2.37 0.24
N PHE L 898 -0.46 -1.31 0.10
CA PHE L 898 -0.53 -0.47 -1.11
C PHE L 898 -1.13 -1.20 -2.32
N ASP L 899 -1.38 -2.50 -2.15
CA ASP L 899 -1.84 -3.37 -3.23
C ASP L 899 -3.15 -4.05 -2.83
#